data_4ZOQ
#
_entry.id   4ZOQ
#
_cell.length_a   71.040
_cell.length_b   112.780
_cell.length_c   114.770
_cell.angle_alpha   82.17
_cell.angle_beta   89.68
_cell.angle_gamma   82.85
#
_symmetry.space_group_name_H-M   'P 1'
#
loop_
_entity.id
_entity.type
_entity.pdbx_description
1 polymer 'Intracellular serine protease'
2 polymer 'Intracellular serine protease'
3 water water
#
loop_
_entity_poly.entity_id
_entity_poly.type
_entity_poly.pdbx_seq_one_letter_code
_entity_poly.pdbx_strand_id
1 'polypeptide(L)'
;MKRIYIFLLCFAVLLPVGGKTAQAKEQAGEQYLLLEHVKDKSKLLDTAEQFHIHADVIEEIGFAKVTGEKQKLAPFTKKL
AEKVGADVIEKPIANTAVNE
;
A,B,C,D,E,F,G,H
2 'polypeptide(L)'
;TESVISGSPAWGLDGILELKEYLWFAAKQTDSYRTYQIERGHPDVKVALIDSGLDLDHPDLKASVNTNGGWNYIDGKPVS
GDPTGHGTQTAGMINIIAPDVTITPYQVLDEKGGDSYNIMKAMVDAVNDGHEVINISTGSYTSLDREGKVLMKAYQRAAN
YAAKHQVLVFSSAGNKGVNLDEMRKTENKVHLPSALKHVVSVGSNMKSNNISPYSNQGREIEFTAPGGYLGETYDQDGMV
RVTDLVLTTYPKGKDNTALDQMLNIPKGYSLSYGTSLAAPQVAGTAALVISEYRERHHRKPSAKQVHHILRKSALDLGKP
GKDVIYGYGEVRAYQALKMMNKE
;
I,J,K,L,M,N,O,P
#
# COMPACT_ATOMS: atom_id res chain seq x y z
N GLU A 30 -15.45 -3.74 47.83
CA GLU A 30 -15.55 -3.24 46.47
C GLU A 30 -15.96 -1.75 46.33
N GLN A 31 -14.98 -0.89 46.03
CA GLN A 31 -15.24 0.50 45.67
C GLN A 31 -14.41 0.97 44.46
N TYR A 32 -14.58 2.23 44.07
CA TYR A 32 -13.93 2.77 42.88
C TYR A 32 -13.29 4.13 43.15
N LEU A 33 -12.17 4.38 42.48
CA LEU A 33 -11.39 5.59 42.69
C LEU A 33 -11.01 6.28 41.40
N LEU A 34 -11.09 7.60 41.40
CA LEU A 34 -10.63 8.38 40.29
C LEU A 34 -9.52 9.33 40.78
N LEU A 35 -8.29 9.10 40.36
CA LEU A 35 -7.19 10.01 40.72
C LEU A 35 -7.35 11.35 40.03
N GLU A 36 -6.92 12.42 40.69
CA GLU A 36 -6.88 13.71 40.05
C GLU A 36 -5.79 13.72 39.00
N HIS A 37 -4.75 12.92 39.23
CA HIS A 37 -3.64 12.86 38.30
C HIS A 37 -3.21 11.43 38.09
N VAL A 38 -3.13 11.05 36.83
CA VAL A 38 -2.91 9.65 36.49
C VAL A 38 -1.46 9.28 36.81
N LYS A 39 -0.58 10.27 36.96
CA LYS A 39 0.79 9.94 37.35
C LYS A 39 0.85 9.37 38.77
N ASP A 40 -0.21 9.57 39.57
CA ASP A 40 -0.21 9.04 40.93
C ASP A 40 -0.72 7.58 41.04
N LYS A 41 -0.69 6.86 39.92
CA LYS A 41 -1.11 5.47 39.93
C LYS A 41 -0.19 4.64 40.82
N SER A 42 1.12 4.91 40.71
CA SER A 42 2.16 4.27 41.52
C SER A 42 1.97 4.47 43.03
N LYS A 43 1.45 5.61 43.45
CA LYS A 43 1.42 5.90 44.88
C LYS A 43 0.13 5.26 45.38
N LEU A 44 -0.72 4.93 44.44
CA LEU A 44 -1.98 4.26 44.71
C LEU A 44 -1.79 2.78 44.94
N LEU A 45 -0.93 2.19 44.13
CA LEU A 45 -0.66 0.75 44.19
C LEU A 45 0.22 0.39 45.37
N ASP A 46 0.89 1.38 45.96
CA ASP A 46 1.72 1.14 47.14
C ASP A 46 0.93 1.28 48.41
N THR A 47 0.00 2.23 48.48
CA THR A 47 -0.92 2.29 49.59
C THR A 47 -1.83 1.04 49.61
N ALA A 48 -2.18 0.53 48.44
CA ALA A 48 -3.08 -0.62 48.37
C ALA A 48 -2.42 -1.88 48.87
N GLU A 49 -1.13 -2.01 48.62
CA GLU A 49 -0.42 -3.22 49.01
C GLU A 49 -0.10 -3.19 50.48
N GLN A 50 -0.06 -1.98 51.02
CA GLN A 50 0.25 -1.81 52.42
C GLN A 50 -1.00 -2.03 53.28
N PHE A 51 -2.14 -2.18 52.60
CA PHE A 51 -3.39 -2.48 53.28
C PHE A 51 -4.02 -3.71 52.69
N HIS A 52 -3.23 -4.56 52.05
CA HIS A 52 -3.71 -5.82 51.47
C HIS A 52 -5.06 -5.72 50.75
N ILE A 53 -5.19 -4.68 49.94
CA ILE A 53 -6.41 -4.55 49.16
C ILE A 53 -5.98 -4.54 47.71
N HIS A 54 -6.75 -5.19 46.85
CA HIS A 54 -6.38 -5.13 45.45
C HIS A 54 -7.09 -4.05 44.66
N ALA A 55 -6.22 -3.21 44.11
CA ALA A 55 -6.55 -2.07 43.29
C ALA A 55 -6.19 -2.32 41.84
N ASP A 56 -7.23 -2.30 41.01
CA ASP A 56 -7.09 -2.53 39.58
C ASP A 56 -7.26 -1.21 38.90
N VAL A 57 -6.20 -0.70 38.30
CA VAL A 57 -6.21 0.64 37.77
C VAL A 57 -6.17 0.60 36.26
N ILE A 58 -7.03 1.41 35.65
CA ILE A 58 -6.96 1.73 34.24
C ILE A 58 -6.05 2.93 34.11
N GLU A 59 -4.79 2.68 33.80
CA GLU A 59 -3.73 3.69 33.92
C GLU A 59 -3.98 4.99 33.17
N GLU A 60 -4.46 4.89 31.94
CA GLU A 60 -4.59 6.06 31.09
C GLU A 60 -5.61 7.06 31.59
N ILE A 61 -6.56 6.59 32.37
CA ILE A 61 -7.62 7.46 32.87
C ILE A 61 -7.60 7.58 34.40
N GLY A 62 -6.72 6.80 35.05
CA GLY A 62 -6.50 6.96 36.47
C GLY A 62 -7.70 6.58 37.31
N PHE A 63 -8.38 5.53 36.88
CA PHE A 63 -9.62 5.06 37.48
C PHE A 63 -9.46 3.62 37.93
N ALA A 64 -9.75 3.36 39.19
CA ALA A 64 -9.38 2.08 39.76
C ALA A 64 -10.53 1.40 40.49
N LYS A 65 -10.55 0.08 40.43
CA LYS A 65 -11.50 -0.65 41.25
C LYS A 65 -10.71 -1.27 42.41
N VAL A 66 -11.14 -0.97 43.62
CA VAL A 66 -10.42 -1.46 44.78
C VAL A 66 -11.31 -2.48 45.48
N THR A 67 -10.73 -3.65 45.73
CA THR A 67 -11.45 -4.73 46.37
C THR A 67 -10.55 -5.26 47.47
N GLY A 68 -11.15 -5.73 48.55
CA GLY A 68 -10.39 -6.25 49.66
C GLY A 68 -11.33 -6.49 50.83
N GLU A 69 -10.85 -6.29 52.06
CA GLU A 69 -11.78 -6.40 53.16
C GLU A 69 -12.24 -5.02 53.62
N LYS A 70 -13.54 -4.96 53.87
CA LYS A 70 -14.31 -3.74 54.02
C LYS A 70 -14.01 -2.88 55.25
N GLN A 71 -13.35 -3.46 56.24
CA GLN A 71 -12.89 -2.65 57.35
C GLN A 71 -11.72 -1.81 56.92
N LYS A 72 -10.93 -2.40 56.05
CA LYS A 72 -9.70 -1.78 55.59
C LYS A 72 -9.79 -0.89 54.36
N LEU A 73 -10.94 -0.89 53.68
CA LEU A 73 -11.16 0.08 52.61
C LEU A 73 -11.17 1.51 53.15
N ALA A 74 -11.72 1.72 54.34
CA ALA A 74 -11.76 3.06 54.94
C ALA A 74 -10.39 3.63 55.36
N PRO A 75 -9.53 2.83 56.04
CA PRO A 75 -8.17 3.34 56.34
C PRO A 75 -7.30 3.47 55.10
N PHE A 76 -7.65 2.70 54.05
CA PHE A 76 -6.90 2.77 52.81
C PHE A 76 -7.27 4.05 52.14
N THR A 77 -8.56 4.38 52.18
CA THR A 77 -9.04 5.63 51.64
C THR A 77 -8.52 6.80 52.42
N LYS A 78 -8.33 6.59 53.72
CA LYS A 78 -7.93 7.69 54.58
C LYS A 78 -6.44 7.98 54.57
N LYS A 79 -5.60 7.02 54.20
CA LYS A 79 -4.16 7.31 54.07
C LYS A 79 -3.75 7.49 52.63
N LEU A 80 -4.65 7.17 51.72
CA LEU A 80 -4.36 7.44 50.33
C LEU A 80 -4.67 8.92 50.15
N ALA A 81 -5.62 9.38 50.94
CA ALA A 81 -6.11 10.76 50.91
C ALA A 81 -5.11 11.76 51.48
N GLU A 82 -4.14 11.29 52.26
CA GLU A 82 -3.15 12.20 52.84
C GLU A 82 -2.01 12.53 51.88
N LYS A 83 -1.84 11.74 50.82
CA LYS A 83 -0.78 12.07 49.86
C LYS A 83 -1.28 12.38 48.47
N VAL A 84 -2.27 11.64 47.98
CA VAL A 84 -2.74 11.94 46.63
C VAL A 84 -4.22 12.28 46.62
N GLY A 85 -4.62 13.09 45.63
CA GLY A 85 -6.01 13.48 45.50
C GLY A 85 -6.79 12.49 44.66
N ALA A 86 -7.83 11.91 45.25
CA ALA A 86 -8.72 11.00 44.53
C ALA A 86 -10.16 11.12 45.05
N ASP A 87 -11.14 10.88 44.19
CA ASP A 87 -12.55 10.85 44.63
C ASP A 87 -12.95 9.38 44.65
N VAL A 88 -13.82 9.01 45.59
CA VAL A 88 -14.15 7.59 45.82
C VAL A 88 -15.62 7.28 45.57
N ILE A 89 -15.92 6.11 45.01
CA ILE A 89 -17.31 5.76 44.79
C ILE A 89 -17.67 4.48 45.51
N GLU A 90 -18.85 4.48 46.13
CA GLU A 90 -19.35 3.35 46.90
C GLU A 90 -20.44 2.60 46.14
N VAL B 4 -24.97 -8.99 -13.51
CA VAL B 4 -25.91 -9.90 -14.16
C VAL B 4 -26.66 -10.74 -13.09
N ILE B 5 -26.04 -10.96 -11.94
CA ILE B 5 -26.74 -11.55 -10.81
C ILE B 5 -27.30 -10.42 -9.96
N SER B 6 -28.50 -10.63 -9.41
CA SER B 6 -29.05 -9.68 -8.46
C SER B 6 -28.18 -9.66 -7.20
N GLY B 7 -27.96 -8.49 -6.60
CA GLY B 7 -27.13 -8.41 -5.41
C GLY B 7 -27.81 -9.09 -4.24
N SER B 8 -27.00 -9.63 -3.33
CA SER B 8 -27.55 -10.32 -2.17
C SER B 8 -26.68 -10.12 -0.92
N PRO B 9 -27.31 -10.25 0.26
CA PRO B 9 -26.63 -10.06 1.53
C PRO B 9 -25.46 -10.99 1.69
N ALA B 10 -24.44 -10.53 2.41
CA ALA B 10 -23.25 -11.34 2.66
C ALA B 10 -23.61 -12.58 3.48
N TRP B 11 -24.66 -12.48 4.29
CA TRP B 11 -25.07 -13.59 5.14
C TRP B 11 -25.52 -14.75 4.27
N GLY B 12 -25.24 -15.97 4.72
CA GLY B 12 -25.62 -17.16 4.01
C GLY B 12 -27.11 -17.38 4.03
N LEU B 13 -27.78 -16.99 5.13
CA LEU B 13 -29.25 -17.06 5.23
C LEU B 13 -29.75 -18.51 5.00
N ASP B 14 -28.84 -19.47 5.17
CA ASP B 14 -29.11 -20.88 4.90
C ASP B 14 -29.69 -21.13 3.49
N GLY B 15 -29.39 -20.24 2.55
CA GLY B 15 -29.90 -20.37 1.20
C GLY B 15 -31.38 -20.00 1.03
N ILE B 16 -32.06 -19.68 2.12
CA ILE B 16 -33.48 -19.34 2.04
C ILE B 16 -33.64 -17.91 1.52
N LEU B 17 -34.13 -17.81 0.29
CA LEU B 17 -34.17 -16.57 -0.45
C LEU B 17 -35.21 -15.58 0.18
N GLU B 18 -36.16 -16.10 0.94
CA GLU B 18 -37.21 -15.28 1.52
C GLU B 18 -36.75 -14.44 2.72
N LEU B 19 -35.58 -14.78 3.26
CA LEU B 19 -35.07 -14.03 4.39
C LEU B 19 -34.59 -12.63 3.99
N LYS B 20 -34.41 -12.40 2.69
CA LYS B 20 -34.01 -11.07 2.21
C LYS B 20 -35.05 -10.03 2.56
N GLU B 21 -36.29 -10.43 2.72
CA GLU B 21 -37.33 -9.47 3.08
C GLU B 21 -37.04 -8.74 4.42
N TYR B 22 -36.40 -9.44 5.35
CA TYR B 22 -36.13 -8.93 6.70
C TYR B 22 -34.80 -8.19 6.76
N LEU B 23 -34.10 -8.18 5.63
CA LEU B 23 -32.84 -7.47 5.49
C LEU B 23 -33.04 -6.17 4.69
N TRP B 24 -34.29 -5.69 4.67
CA TRP B 24 -34.65 -4.44 4.01
C TRP B 24 -33.74 -3.32 4.44
N PHE B 25 -33.39 -3.28 5.73
CA PHE B 25 -32.48 -2.26 6.26
C PHE B 25 -31.09 -2.37 5.60
N ALA B 26 -30.63 -3.59 5.33
CA ALA B 26 -29.29 -3.80 4.76
C ALA B 26 -29.29 -3.40 3.28
N ALA B 27 -30.36 -3.78 2.58
CA ALA B 27 -30.52 -3.39 1.18
C ALA B 27 -30.58 -1.85 1.07
N LYS B 28 -31.24 -1.21 2.03
CA LYS B 28 -31.28 0.25 2.04
C LYS B 28 -29.88 0.84 2.23
N GLN B 29 -29.17 0.37 3.25
CA GLN B 29 -27.84 0.85 3.56
C GLN B 29 -26.84 0.71 2.40
N THR B 30 -26.83 -0.46 1.76
CA THR B 30 -25.82 -0.85 0.79
C THR B 30 -26.24 -0.68 -0.67
N ASP B 31 -27.38 -0.02 -0.89
CA ASP B 31 -27.98 0.14 -2.21
C ASP B 31 -28.16 -1.24 -2.89
N SER B 32 -28.96 -2.10 -2.26
CA SER B 32 -29.13 -3.48 -2.70
C SER B 32 -27.80 -4.21 -2.87
N TYR B 33 -26.89 -4.02 -1.91
CA TYR B 33 -25.60 -4.72 -1.83
C TYR B 33 -24.62 -4.32 -2.94
N ARG B 34 -24.85 -3.20 -3.60
CA ARG B 34 -23.90 -2.72 -4.59
C ARG B 34 -22.60 -2.26 -3.94
N THR B 35 -22.67 -1.81 -2.68
CA THR B 35 -21.48 -1.34 -1.97
C THR B 35 -20.45 -2.46 -1.78
N TYR B 36 -20.89 -3.73 -1.85
CA TYR B 36 -19.94 -4.86 -1.73
C TYR B 36 -18.91 -4.84 -2.82
N GLN B 37 -19.28 -4.31 -3.98
CA GLN B 37 -18.31 -4.20 -5.08
C GLN B 37 -17.65 -2.82 -5.13
N ILE B 38 -18.07 -1.90 -4.26
CA ILE B 38 -17.44 -0.58 -4.17
C ILE B 38 -16.39 -0.62 -3.06
N GLU B 39 -16.78 -1.10 -1.89
CA GLU B 39 -15.88 -1.25 -0.77
C GLU B 39 -16.51 -2.23 0.19
N ARG B 40 -15.85 -3.37 0.31
CA ARG B 40 -16.35 -4.45 1.13
C ARG B 40 -15.71 -4.40 2.51
N GLY B 41 -14.79 -3.46 2.70
CA GLY B 41 -14.05 -3.34 3.96
C GLY B 41 -12.68 -4.02 3.95
N HIS B 42 -11.75 -3.50 4.76
CA HIS B 42 -10.42 -4.10 4.89
C HIS B 42 -10.32 -4.95 6.12
N PRO B 43 -9.79 -6.18 5.97
CA PRO B 43 -9.54 -7.02 7.14
C PRO B 43 -8.68 -6.35 8.21
N ASP B 44 -7.81 -5.41 7.84
CA ASP B 44 -6.94 -4.76 8.84
C ASP B 44 -7.49 -3.44 9.36
N VAL B 45 -8.72 -3.11 8.99
CA VAL B 45 -9.50 -2.13 9.73
C VAL B 45 -10.27 -2.90 10.81
N LYS B 46 -10.13 -2.48 12.07
CA LYS B 46 -10.69 -3.28 13.16
C LYS B 46 -11.77 -2.49 13.92
N VAL B 47 -12.91 -3.14 14.13
CA VAL B 47 -14.01 -2.57 14.90
C VAL B 47 -14.11 -3.30 16.22
N ALA B 48 -14.01 -2.57 17.31
CA ALA B 48 -14.11 -3.16 18.65
C ALA B 48 -15.58 -3.28 19.06
N LEU B 49 -15.95 -4.49 19.45
CA LEU B 49 -17.31 -4.82 19.84
C LEU B 49 -17.43 -4.91 21.35
N ILE B 50 -17.76 -3.80 22.02
CA ILE B 50 -17.89 -3.82 23.48
C ILE B 50 -19.30 -4.25 23.84
N ASP B 51 -19.47 -5.53 24.14
CA ASP B 51 -20.80 -6.09 24.19
C ASP B 51 -20.77 -7.33 25.07
N SER B 52 -21.63 -8.30 24.75
CA SER B 52 -21.83 -9.49 25.58
C SER B 52 -21.02 -10.71 25.09
N GLY B 53 -19.96 -10.45 24.34
CA GLY B 53 -19.16 -11.55 23.80
C GLY B 53 -19.52 -11.78 22.35
N LEU B 54 -19.24 -12.96 21.85
CA LEU B 54 -19.50 -13.19 20.44
C LEU B 54 -19.51 -14.66 20.14
N ASP B 55 -20.46 -15.05 19.31
CA ASP B 55 -20.54 -16.39 18.78
C ASP B 55 -19.47 -16.56 17.70
N LEU B 56 -18.29 -17.00 18.15
CA LEU B 56 -17.04 -16.98 17.38
C LEU B 56 -17.07 -17.81 16.10
N ASP B 57 -17.93 -18.82 16.07
CA ASP B 57 -17.93 -19.69 14.91
C ASP B 57 -19.23 -19.58 14.08
N HIS B 58 -19.96 -18.48 14.25
CA HIS B 58 -21.14 -18.21 13.42
C HIS B 58 -20.69 -18.13 11.96
N PRO B 59 -21.39 -18.86 11.07
CA PRO B 59 -21.00 -18.96 9.65
C PRO B 59 -20.76 -17.60 9.01
N ASP B 60 -21.56 -16.62 9.40
CA ASP B 60 -21.45 -15.29 8.81
C ASP B 60 -20.34 -14.46 9.43
N LEU B 61 -19.97 -14.75 10.68
CA LEU B 61 -19.06 -13.86 11.41
C LEU B 61 -17.63 -14.42 11.53
N LYS B 62 -17.46 -15.74 11.48
CA LYS B 62 -16.14 -16.33 11.76
C LYS B 62 -15.02 -15.83 10.84
N ALA B 63 -15.28 -15.55 9.56
CA ALA B 63 -14.21 -15.03 8.66
C ALA B 63 -13.64 -13.66 9.07
N SER B 64 -14.43 -12.88 9.79
CA SER B 64 -14.10 -11.50 10.22
C SER B 64 -13.68 -11.40 11.66
N VAL B 65 -13.96 -12.45 12.42
CA VAL B 65 -13.62 -12.43 13.83
C VAL B 65 -12.11 -12.40 13.96
N ASN B 66 -11.64 -11.46 14.79
CA ASN B 66 -10.24 -11.37 15.18
C ASN B 66 -9.74 -12.75 15.53
N THR B 67 -8.69 -13.19 14.85
CA THR B 67 -8.18 -14.55 15.03
C THR B 67 -7.71 -14.80 16.46
N ASN B 68 -7.32 -13.72 17.13
CA ASN B 68 -6.89 -13.82 18.51
C ASN B 68 -8.08 -13.84 19.45
N GLY B 69 -9.28 -13.82 18.86
CA GLY B 69 -10.51 -13.73 19.62
C GLY B 69 -10.46 -12.43 20.40
N GLY B 70 -11.02 -12.43 21.59
CA GLY B 70 -11.02 -11.22 22.39
C GLY B 70 -11.10 -11.48 23.87
N TRP B 71 -11.14 -10.41 24.65
CA TRP B 71 -11.09 -10.56 26.09
C TRP B 71 -12.46 -10.47 26.77
N ASN B 72 -12.70 -11.41 27.68
CA ASN B 72 -13.84 -11.37 28.58
C ASN B 72 -13.43 -10.73 29.92
N TYR B 73 -13.90 -9.50 30.19
CA TYR B 73 -13.49 -8.79 31.40
C TYR B 73 -14.25 -9.26 32.62
N ILE B 74 -15.31 -10.02 32.42
CA ILE B 74 -16.12 -10.49 33.53
C ILE B 74 -15.45 -11.69 34.19
N ASP B 75 -14.91 -12.59 33.37
CA ASP B 75 -14.26 -13.78 33.90
C ASP B 75 -12.74 -13.77 33.77
N GLY B 76 -12.18 -12.70 33.22
CA GLY B 76 -10.74 -12.63 33.02
C GLY B 76 -10.17 -13.71 32.12
N LYS B 77 -10.99 -14.18 31.20
CA LYS B 77 -10.60 -15.22 30.26
C LYS B 77 -10.79 -14.70 28.83
N PRO B 78 -10.14 -15.31 27.81
CA PRO B 78 -10.49 -14.94 26.44
C PRO B 78 -11.96 -15.27 26.14
N VAL B 79 -12.59 -14.53 25.23
CA VAL B 79 -14.01 -14.76 24.87
C VAL B 79 -14.19 -16.15 24.31
N SER B 80 -15.19 -16.87 24.81
CA SER B 80 -15.45 -18.24 24.34
C SER B 80 -16.82 -18.41 23.67
N GLY B 81 -17.66 -17.39 23.77
CA GLY B 81 -18.98 -17.43 23.15
C GLY B 81 -19.82 -16.25 23.54
N ASP B 82 -21.13 -16.38 23.41
CA ASP B 82 -22.05 -15.28 23.69
C ASP B 82 -23.33 -15.83 24.31
N PRO B 83 -23.41 -15.81 25.64
CA PRO B 83 -24.51 -16.43 26.36
C PRO B 83 -25.87 -15.77 26.06
N THR B 84 -25.93 -14.44 26.00
CA THR B 84 -27.20 -13.76 25.82
C THR B 84 -27.58 -13.57 24.34
N GLY B 85 -26.58 -13.50 23.47
CA GLY B 85 -26.82 -13.31 22.04
C GLY B 85 -26.75 -11.85 21.58
N HIS B 86 -26.67 -10.94 22.54
CA HIS B 86 -26.71 -9.52 22.27
C HIS B 86 -25.54 -9.02 21.43
N GLY B 87 -24.32 -9.48 21.75
CA GLY B 87 -23.13 -9.04 21.03
C GLY B 87 -23.09 -9.58 19.62
N THR B 88 -23.61 -10.78 19.44
CA THR B 88 -23.74 -11.43 18.14
C THR B 88 -24.74 -10.72 17.25
N GLN B 89 -25.82 -10.22 17.84
CA GLN B 89 -26.74 -9.44 17.03
C GLN B 89 -26.07 -8.12 16.58
N THR B 90 -25.38 -7.46 17.52
CA THR B 90 -24.67 -6.23 17.21
C THR B 90 -23.59 -6.48 16.13
N ALA B 91 -22.83 -7.55 16.30
CA ALA B 91 -21.78 -7.91 15.33
C ALA B 91 -22.32 -8.04 13.89
N GLY B 92 -23.47 -8.68 13.74
CA GLY B 92 -24.05 -8.87 12.43
C GLY B 92 -24.36 -7.55 11.76
N MET B 93 -24.70 -6.52 12.52
CA MET B 93 -25.03 -5.27 11.86
C MET B 93 -23.78 -4.60 11.31
N ILE B 94 -22.65 -4.74 12.01
CA ILE B 94 -21.40 -4.27 11.45
C ILE B 94 -21.08 -5.08 10.21
N ASN B 95 -21.23 -6.39 10.33
CA ASN B 95 -20.84 -7.29 9.25
C ASN B 95 -21.64 -7.14 7.94
N ILE B 96 -22.96 -7.00 8.05
CA ILE B 96 -23.80 -6.99 6.85
C ILE B 96 -23.47 -5.77 5.97
N ILE B 97 -23.01 -4.68 6.58
CA ILE B 97 -22.59 -3.48 5.86
C ILE B 97 -21.12 -3.54 5.41
N ALA B 98 -20.27 -4.11 6.25
CA ALA B 98 -18.84 -4.20 6.00
C ALA B 98 -18.35 -5.60 6.27
N PRO B 99 -18.60 -6.51 5.34
CA PRO B 99 -18.38 -7.93 5.63
C PRO B 99 -16.92 -8.32 5.82
N ASP B 100 -15.97 -7.51 5.38
CA ASP B 100 -14.58 -7.90 5.49
C ASP B 100 -13.78 -7.19 6.58
N VAL B 101 -14.35 -6.19 7.26
CA VAL B 101 -13.60 -5.55 8.36
C VAL B 101 -13.48 -6.52 9.51
N THR B 102 -12.42 -6.37 10.32
CA THR B 102 -12.24 -7.33 11.41
C THR B 102 -13.09 -6.90 12.60
N ILE B 103 -13.67 -7.86 13.31
CA ILE B 103 -14.48 -7.53 14.47
C ILE B 103 -13.86 -8.16 15.71
N THR B 104 -13.58 -7.36 16.73
CA THR B 104 -13.00 -7.90 17.96
C THR B 104 -13.94 -7.75 19.14
N PRO B 105 -14.32 -8.88 19.77
CA PRO B 105 -15.25 -8.83 20.91
C PRO B 105 -14.53 -8.44 22.21
N TYR B 106 -15.02 -7.40 22.88
CA TYR B 106 -14.63 -7.07 24.23
C TYR B 106 -15.82 -7.28 25.13
N GLN B 107 -15.86 -8.46 25.75
CA GLN B 107 -17.02 -8.92 26.52
C GLN B 107 -17.10 -8.27 27.90
N VAL B 108 -18.02 -7.34 28.07
CA VAL B 108 -18.19 -6.65 29.34
C VAL B 108 -19.60 -6.83 29.89
N LEU B 109 -20.41 -7.58 29.17
CA LEU B 109 -21.79 -7.86 29.57
C LEU B 109 -22.05 -9.35 29.60
N ASP B 110 -22.92 -9.76 30.51
CA ASP B 110 -23.56 -11.06 30.47
C ASP B 110 -24.96 -10.89 31.01
N GLU B 111 -25.60 -12.00 31.39
CA GLU B 111 -26.94 -11.96 31.97
C GLU B 111 -27.22 -10.85 32.99
N LYS B 112 -26.35 -10.70 34.00
CA LYS B 112 -26.67 -9.84 35.14
C LYS B 112 -26.53 -8.38 34.72
N GLY B 113 -25.77 -8.17 33.65
CA GLY B 113 -25.58 -6.85 33.10
C GLY B 113 -24.09 -6.65 32.95
N GLY B 114 -23.68 -5.41 33.14
CA GLY B 114 -22.28 -5.04 33.09
C GLY B 114 -21.97 -3.82 33.92
N ASP B 115 -20.67 -3.57 34.05
CA ASP B 115 -20.13 -2.55 34.91
C ASP B 115 -19.58 -1.46 34.00
N SER B 116 -19.81 -0.21 34.36
CA SER B 116 -19.36 0.90 33.56
C SER B 116 -17.83 0.86 33.49
N TYR B 117 -17.24 0.39 34.58
CA TYR B 117 -15.80 0.28 34.75
C TYR B 117 -15.21 -0.61 33.67
N ASN B 118 -15.79 -1.77 33.45
CA ASN B 118 -15.27 -2.63 32.38
C ASN B 118 -15.44 -2.05 30.98
N ILE B 119 -16.45 -1.19 30.79
CA ILE B 119 -16.64 -0.58 29.49
C ILE B 119 -15.47 0.36 29.22
N MET B 120 -15.12 1.14 30.23
CA MET B 120 -13.99 2.07 30.13
C MET B 120 -12.68 1.33 29.87
N LYS B 121 -12.48 0.22 30.58
CA LYS B 121 -11.26 -0.53 30.43
C LYS B 121 -11.18 -1.10 29.02
N ALA B 122 -12.31 -1.60 28.53
CA ALA B 122 -12.37 -2.12 27.17
C ALA B 122 -12.13 -1.00 26.16
N MET B 123 -12.65 0.18 26.43
CA MET B 123 -12.44 1.29 25.51
C MET B 123 -10.95 1.54 25.38
N VAL B 124 -10.28 1.63 26.52
CA VAL B 124 -8.90 1.99 26.52
C VAL B 124 -8.06 0.90 25.85
N ASP B 125 -8.35 -0.34 26.21
CA ASP B 125 -7.64 -1.46 25.60
C ASP B 125 -7.83 -1.46 24.09
N ALA B 126 -9.07 -1.27 23.67
CA ALA B 126 -9.41 -1.31 22.24
C ALA B 126 -8.61 -0.26 21.47
N VAL B 127 -8.45 0.93 22.07
CA VAL B 127 -7.62 1.99 21.50
C VAL B 127 -6.17 1.53 21.36
N ASN B 128 -5.61 1.03 22.47
CA ASN B 128 -4.21 0.59 22.51
C ASN B 128 -3.94 -0.61 21.57
N ASP B 129 -4.98 -1.36 21.23
CA ASP B 129 -4.90 -2.52 20.32
C ASP B 129 -5.06 -2.21 18.84
N GLY B 130 -5.06 -0.94 18.51
CA GLY B 130 -5.08 -0.51 17.13
C GLY B 130 -6.44 -0.51 16.43
N HIS B 131 -7.53 -0.50 17.20
CA HIS B 131 -8.89 -0.42 16.63
C HIS B 131 -9.22 1.00 16.21
N GLU B 132 -9.70 1.17 14.98
CA GLU B 132 -10.04 2.49 14.48
C GLU B 132 -11.48 2.91 14.81
N VAL B 133 -12.32 1.92 15.09
CA VAL B 133 -13.72 2.15 15.45
C VAL B 133 -14.16 1.32 16.68
N ILE B 134 -14.89 1.97 17.59
CA ILE B 134 -15.50 1.29 18.73
C ILE B 134 -17.03 1.39 18.70
N ASN B 135 -17.69 0.28 18.93
CA ASN B 135 -19.14 0.29 19.03
C ASN B 135 -19.56 -0.15 20.42
N ILE B 136 -20.35 0.69 21.10
CA ILE B 136 -20.87 0.32 22.42
C ILE B 136 -22.41 0.31 22.42
N SER B 137 -23.00 -0.86 22.18
CA SER B 137 -24.45 -0.97 22.07
C SER B 137 -25.09 -1.28 23.41
N THR B 138 -24.77 -0.45 24.39
CA THR B 138 -25.30 -0.61 25.74
C THR B 138 -25.05 0.70 26.46
N GLY B 139 -25.68 0.90 27.60
CA GLY B 139 -25.51 2.13 28.33
C GLY B 139 -26.14 2.00 29.71
N SER B 140 -25.94 3.01 30.55
CA SER B 140 -26.56 3.02 31.85
C SER B 140 -27.21 4.38 32.02
N TYR B 141 -28.29 4.42 32.80
CA TYR B 141 -28.91 5.71 33.17
C TYR B 141 -28.42 6.09 34.56
N THR B 142 -27.57 7.11 34.58
CA THR B 142 -26.80 7.45 35.77
C THR B 142 -27.25 8.74 36.41
N SER B 143 -27.56 8.69 37.71
CA SER B 143 -27.88 9.89 38.46
C SER B 143 -26.62 10.70 38.67
N LEU B 144 -26.70 11.98 38.38
CA LEU B 144 -25.54 12.84 38.53
C LEU B 144 -25.48 13.44 39.95
N ASP B 145 -25.55 12.58 40.97
CA ASP B 145 -25.17 13.00 42.31
C ASP B 145 -23.63 13.01 42.37
N ARG B 146 -23.06 13.09 43.56
CA ARG B 146 -21.60 13.18 43.71
C ARG B 146 -20.88 12.03 43.01
N GLU B 147 -21.28 10.80 43.32
CA GLU B 147 -20.62 9.63 42.76
C GLU B 147 -20.93 9.45 41.27
N GLY B 148 -22.10 9.96 40.87
CA GLY B 148 -22.51 9.99 39.48
C GLY B 148 -21.60 10.85 38.65
N LYS B 149 -21.29 12.05 39.14
CA LYS B 149 -20.43 12.94 38.40
C LYS B 149 -19.00 12.42 38.28
N VAL B 150 -18.56 11.65 39.26
CA VAL B 150 -17.22 11.08 39.22
C VAL B 150 -17.17 10.00 38.14
N LEU B 151 -18.19 9.15 38.12
CA LEU B 151 -18.31 8.12 37.07
C LEU B 151 -18.31 8.75 35.68
N MET B 152 -19.03 9.86 35.53
CA MET B 152 -19.09 10.54 34.25
C MET B 152 -17.74 11.14 33.88
N LYS B 153 -17.08 11.67 34.89
CA LYS B 153 -15.76 12.29 34.73
C LYS B 153 -14.76 11.25 34.25
N ALA B 154 -14.84 10.06 34.84
CA ALA B 154 -13.98 8.94 34.47
C ALA B 154 -14.27 8.54 33.04
N TYR B 155 -15.56 8.50 32.75
CA TYR B 155 -16.04 7.95 31.50
C TYR B 155 -15.64 8.91 30.38
N GLN B 156 -15.63 10.19 30.72
CA GLN B 156 -15.25 11.23 29.79
C GLN B 156 -13.75 11.15 29.45
N ARG B 157 -12.95 10.67 30.40
CA ARG B 157 -11.52 10.56 30.15
C ARG B 157 -11.25 9.45 29.17
N ALA B 158 -12.01 8.36 29.29
CA ALA B 158 -11.92 7.27 28.34
C ALA B 158 -12.27 7.75 26.93
N ALA B 159 -13.31 8.55 26.84
CA ALA B 159 -13.74 9.07 25.56
C ALA B 159 -12.70 10.01 24.98
N ASN B 160 -12.11 10.83 25.85
CA ASN B 160 -11.03 11.72 25.45
C ASN B 160 -9.84 10.92 24.91
N TYR B 161 -9.55 9.79 25.54
CA TYR B 161 -8.41 8.99 25.14
C TYR B 161 -8.59 8.39 23.73
N ALA B 162 -9.80 7.90 23.44
CA ALA B 162 -10.09 7.39 22.09
C ALA B 162 -9.98 8.49 21.03
N ALA B 163 -10.54 9.65 21.35
CA ALA B 163 -10.55 10.81 20.46
C ALA B 163 -9.13 11.29 20.17
N LYS B 164 -8.31 11.23 21.22
CA LYS B 164 -6.94 11.68 21.12
C LYS B 164 -6.16 10.82 20.15
N HIS B 165 -6.55 9.55 20.06
CA HIS B 165 -5.88 8.63 19.18
C HIS B 165 -6.64 8.37 17.89
N GLN B 166 -7.53 9.31 17.56
CA GLN B 166 -8.28 9.27 16.31
C GLN B 166 -9.19 8.04 16.15
N VAL B 167 -9.71 7.52 17.27
CA VAL B 167 -10.62 6.39 17.23
C VAL B 167 -12.08 6.82 17.42
N LEU B 168 -12.93 6.47 16.46
CA LEU B 168 -14.36 6.77 16.54
C LEU B 168 -15.05 5.85 17.51
N VAL B 169 -15.96 6.43 18.30
CA VAL B 169 -16.77 5.67 19.25
C VAL B 169 -18.24 5.93 18.99
N PHE B 170 -18.97 4.87 18.66
CA PHE B 170 -20.38 4.96 18.37
C PHE B 170 -21.13 4.28 19.49
N SER B 171 -22.24 4.88 19.92
CA SER B 171 -23.01 4.34 21.04
C SER B 171 -24.51 4.39 20.77
N SER B 172 -25.24 3.41 21.29
CA SER B 172 -26.70 3.42 21.16
C SER B 172 -27.32 4.47 22.08
N ALA B 173 -28.32 5.17 21.56
CA ALA B 173 -28.91 6.28 22.30
C ALA B 173 -29.85 5.79 23.41
N GLY B 174 -30.30 4.56 23.32
CA GLY B 174 -31.17 4.03 24.34
C GLY B 174 -32.60 3.90 23.90
N ASN B 175 -33.32 2.98 24.54
CA ASN B 175 -34.65 2.58 24.11
C ASN B 175 -35.80 2.97 25.05
N LYS B 176 -35.65 4.05 25.80
CA LYS B 176 -36.72 4.44 26.73
C LYS B 176 -37.81 5.34 26.13
N GLY B 177 -37.64 5.77 24.89
CA GLY B 177 -38.61 6.62 24.24
C GLY B 177 -38.76 7.95 24.95
N VAL B 178 -37.73 8.38 25.65
CA VAL B 178 -37.74 9.66 26.38
C VAL B 178 -36.81 10.68 25.70
N ASN B 179 -37.03 11.96 25.99
CA ASN B 179 -36.13 13.03 25.59
C ASN B 179 -35.02 13.12 26.60
N LEU B 180 -33.77 12.94 26.17
CA LEU B 180 -32.69 12.82 27.15
C LEU B 180 -32.40 14.15 27.86
N ASP B 181 -32.69 15.27 27.19
CA ASP B 181 -32.52 16.58 27.81
C ASP B 181 -33.57 16.80 28.91
N GLU B 182 -34.82 16.42 28.66
CA GLU B 182 -35.84 16.47 29.70
C GLU B 182 -35.52 15.49 30.83
N MET B 183 -34.89 14.37 30.49
CA MET B 183 -34.53 13.40 31.52
C MET B 183 -33.48 14.00 32.45
N ARG B 184 -32.64 14.85 31.90
CA ARG B 184 -31.59 15.45 32.68
C ARG B 184 -32.08 16.55 33.61
N LYS B 185 -32.99 17.40 33.14
CA LYS B 185 -33.50 18.51 33.95
C LYS B 185 -34.47 18.00 35.02
N THR B 186 -35.27 17.02 34.66
CA THR B 186 -36.26 16.46 35.57
C THR B 186 -35.66 15.44 36.55
N GLU B 187 -34.90 14.49 36.03
CA GLU B 187 -34.46 13.38 36.87
C GLU B 187 -32.99 13.45 37.27
N ASN B 188 -32.30 14.47 36.77
CA ASN B 188 -30.86 14.60 36.94
C ASN B 188 -30.10 13.32 36.50
N LYS B 189 -30.60 12.66 35.47
CA LYS B 189 -29.92 11.47 34.94
C LYS B 189 -29.37 11.74 33.55
N VAL B 190 -28.40 10.91 33.18
CA VAL B 190 -27.71 11.02 31.92
C VAL B 190 -27.52 9.60 31.41
N HIS B 191 -27.55 9.40 30.10
CA HIS B 191 -27.35 8.07 29.52
C HIS B 191 -25.89 7.99 29.09
N LEU B 192 -25.13 7.05 29.66
CA LEU B 192 -23.68 6.95 29.43
C LEU B 192 -23.34 5.61 28.79
N PRO B 193 -22.43 5.60 27.79
CA PRO B 193 -21.55 6.70 27.36
C PRO B 193 -22.10 7.62 26.28
N SER B 194 -23.35 7.40 25.88
CA SER B 194 -23.91 8.11 24.72
C SER B 194 -23.93 9.63 24.88
N ALA B 195 -24.05 10.10 26.13
CA ALA B 195 -24.11 11.53 26.38
C ALA B 195 -22.75 12.23 26.33
N LEU B 196 -21.66 11.44 26.39
CA LEU B 196 -20.31 11.98 26.48
C LEU B 196 -19.82 12.71 25.25
N LYS B 197 -18.97 13.70 25.45
CA LYS B 197 -18.28 14.31 24.34
C LYS B 197 -17.34 13.28 23.69
N HIS B 198 -17.20 13.37 22.36
CA HIS B 198 -16.42 12.45 21.53
C HIS B 198 -17.08 11.05 21.41
N VAL B 199 -18.26 10.88 21.96
CA VAL B 199 -19.03 9.68 21.71
C VAL B 199 -20.21 10.03 20.76
N VAL B 200 -20.35 9.28 19.68
CA VAL B 200 -21.41 9.52 18.70
C VAL B 200 -22.69 8.77 19.09
N SER B 201 -23.71 9.49 19.53
CA SER B 201 -24.94 8.85 19.98
C SER B 201 -25.89 8.54 18.80
N VAL B 202 -26.32 7.28 18.67
CA VAL B 202 -27.09 6.83 17.50
C VAL B 202 -28.50 6.31 17.87
N GLY B 203 -29.52 6.90 17.26
CA GLY B 203 -30.90 6.50 17.43
C GLY B 203 -31.37 5.57 16.32
N SER B 204 -32.62 5.13 16.40
CA SER B 204 -33.12 4.12 15.50
C SER B 204 -34.32 4.62 14.69
N ASN B 205 -34.30 4.49 13.36
CA ASN B 205 -35.47 4.84 12.59
C ASN B 205 -36.17 3.57 12.01
N MET B 206 -37.36 3.78 11.47
CA MET B 206 -38.18 2.72 10.92
C MET B 206 -37.96 2.62 9.42
N LYS B 207 -38.57 1.59 8.81
CA LYS B 207 -38.50 1.42 7.36
C LYS B 207 -39.05 2.66 6.66
N SER B 208 -40.06 3.27 7.25
CA SER B 208 -40.69 4.46 6.67
C SER B 208 -39.87 5.71 6.88
N ASN B 209 -38.80 5.58 7.67
CA ASN B 209 -37.91 6.67 8.09
C ASN B 209 -38.46 7.49 9.24
N ASN B 210 -39.67 7.17 9.71
CA ASN B 210 -40.12 7.72 10.98
C ASN B 210 -39.23 7.22 12.12
N ILE B 211 -39.09 8.00 13.18
CA ILE B 211 -38.25 7.55 14.27
C ILE B 211 -38.91 6.33 14.89
N SER B 212 -38.11 5.37 15.33
CA SER B 212 -38.65 4.25 16.10
C SER B 212 -39.20 4.85 17.38
N PRO B 213 -40.39 4.41 17.81
CA PRO B 213 -41.04 4.98 19.01
C PRO B 213 -40.20 4.89 20.27
N TYR B 214 -39.38 3.86 20.39
CA TYR B 214 -38.58 3.65 21.59
C TYR B 214 -37.31 4.50 21.58
N SER B 215 -36.99 5.05 20.43
CA SER B 215 -35.68 5.69 20.30
C SER B 215 -35.55 6.97 21.16
N ASN B 216 -34.58 6.98 22.07
CA ASN B 216 -34.28 8.17 22.86
C ASN B 216 -33.92 9.34 21.95
N GLN B 217 -34.35 10.53 22.36
CA GLN B 217 -34.19 11.75 21.58
C GLN B 217 -33.44 12.75 22.44
N GLY B 218 -32.88 13.78 21.81
CA GLY B 218 -32.15 14.81 22.53
C GLY B 218 -31.07 15.45 21.68
N ARG B 219 -30.47 16.51 22.20
CA ARG B 219 -29.44 17.24 21.47
C ARG B 219 -28.21 16.37 21.20
N GLU B 220 -28.03 15.34 22.03
CA GLU B 220 -26.89 14.41 21.89
C GLU B 220 -26.99 13.49 20.69
N ILE B 221 -28.20 13.24 20.20
CA ILE B 221 -28.38 12.35 19.04
C ILE B 221 -27.64 12.94 17.84
N GLU B 222 -26.76 12.17 17.22
CA GLU B 222 -26.03 12.67 16.06
C GLU B 222 -26.46 12.04 14.77
N PHE B 223 -26.80 10.77 14.85
CA PHE B 223 -27.23 10.04 13.68
C PHE B 223 -28.33 9.06 14.04
N THR B 224 -28.91 8.54 12.99
CA THR B 224 -29.93 7.55 13.07
C THR B 224 -29.59 6.40 12.10
N ALA B 225 -30.11 5.21 12.38
CA ALA B 225 -29.98 4.10 11.43
C ALA B 225 -31.20 3.17 11.56
N PRO B 226 -31.49 2.42 10.48
CA PRO B 226 -32.72 1.59 10.56
C PRO B 226 -32.63 0.40 11.54
N GLY B 227 -33.18 0.60 12.72
CA GLY B 227 -33.26 -0.44 13.73
C GLY B 227 -34.66 -1.02 13.92
N GLY B 228 -35.66 -0.51 13.18
CA GLY B 228 -36.95 -1.19 13.14
C GLY B 228 -37.76 -1.13 14.41
N TYR B 229 -38.94 -1.74 14.37
CA TYR B 229 -39.71 -1.95 15.58
C TYR B 229 -40.74 -3.03 15.33
N LEU B 230 -41.55 -3.31 16.33
CA LEU B 230 -42.57 -4.33 16.24
C LEU B 230 -43.67 -3.89 15.27
N GLY B 231 -43.85 -2.57 15.12
CA GLY B 231 -44.83 -2.03 14.19
C GLY B 231 -44.77 -0.53 14.25
N GLU B 232 -45.33 0.17 13.26
CA GLU B 232 -45.27 1.64 13.27
C GLU B 232 -46.11 2.21 14.38
N THR B 233 -47.24 1.55 14.63
CA THR B 233 -48.20 1.96 15.66
C THR B 233 -48.53 0.85 16.68
N TYR B 234 -47.75 -0.24 16.65
CA TYR B 234 -47.89 -1.35 17.59
C TYR B 234 -48.15 -0.91 19.02
N ASP B 235 -47.47 0.16 19.46
CA ASP B 235 -47.67 0.63 20.80
C ASP B 235 -49.12 0.98 21.04
N GLN B 236 -49.81 1.48 20.01
CA GLN B 236 -51.23 1.83 20.18
C GLN B 236 -52.21 0.76 19.75
N ASP B 237 -51.86 -0.11 18.82
CA ASP B 237 -52.90 -0.97 18.30
C ASP B 237 -52.62 -2.45 18.55
N GLY B 238 -51.45 -2.76 19.09
CA GLY B 238 -51.15 -4.15 19.43
C GLY B 238 -50.70 -5.05 18.29
N MET B 239 -50.71 -4.52 17.08
CA MET B 239 -50.36 -5.32 15.91
C MET B 239 -48.90 -5.26 15.52
N VAL B 240 -48.32 -6.43 15.29
CA VAL B 240 -46.91 -6.52 14.98
C VAL B 240 -46.79 -6.67 13.48
N ARG B 241 -45.98 -5.81 12.87
CA ARG B 241 -45.75 -5.95 11.43
C ARG B 241 -44.33 -6.42 11.34
N VAL B 242 -44.18 -7.66 10.86
CA VAL B 242 -42.92 -8.35 10.94
C VAL B 242 -41.93 -7.76 9.97
N THR B 243 -42.48 -7.03 8.99
CA THR B 243 -41.66 -6.33 8.01
C THR B 243 -41.05 -5.05 8.56
N ASP B 244 -41.48 -4.64 9.75
CA ASP B 244 -40.90 -3.48 10.43
C ASP B 244 -39.75 -3.85 11.32
N LEU B 245 -39.57 -5.15 11.55
CA LEU B 245 -38.44 -5.69 12.33
C LEU B 245 -37.21 -5.91 11.45
N VAL B 246 -36.04 -6.13 12.07
CA VAL B 246 -34.83 -6.32 11.30
C VAL B 246 -34.20 -7.66 11.61
N LEU B 247 -33.62 -8.30 10.59
CA LEU B 247 -32.95 -9.58 10.83
C LEU B 247 -31.60 -9.35 11.54
N THR B 248 -31.26 -10.26 12.44
CA THR B 248 -29.97 -10.26 13.14
C THR B 248 -29.31 -11.64 13.05
N THR B 249 -28.00 -11.64 13.11
CA THR B 249 -27.29 -12.89 13.34
C THR B 249 -27.44 -13.20 14.81
N TYR B 250 -27.76 -14.45 15.09
CA TYR B 250 -28.06 -14.90 16.44
C TYR B 250 -27.22 -16.16 16.65
N PRO B 251 -26.71 -16.39 17.89
CA PRO B 251 -25.81 -17.53 18.13
C PRO B 251 -26.40 -18.82 17.57
N LYS B 252 -25.66 -19.47 16.69
CA LYS B 252 -26.23 -20.55 15.90
C LYS B 252 -26.67 -21.73 16.78
N GLY B 253 -26.01 -21.92 17.91
CA GLY B 253 -26.37 -23.03 18.76
C GLY B 253 -27.40 -22.66 19.80
N LYS B 254 -28.04 -21.52 19.63
CA LYS B 254 -29.02 -21.03 20.60
C LYS B 254 -30.38 -21.05 19.92
N ASP B 255 -31.43 -21.43 20.64
CA ASP B 255 -32.78 -21.43 20.05
C ASP B 255 -33.26 -20.00 19.81
N ASN B 256 -33.79 -19.71 18.64
CA ASN B 256 -34.35 -18.38 18.42
C ASN B 256 -35.82 -18.40 18.84
N THR B 257 -36.54 -17.29 18.61
CA THR B 257 -37.85 -17.09 19.22
C THR B 257 -38.98 -17.77 18.47
N ALA B 258 -40.13 -17.89 19.13
CA ALA B 258 -41.34 -18.45 18.51
C ALA B 258 -41.77 -17.71 17.23
N LEU B 259 -41.59 -16.38 17.20
CA LEU B 259 -41.88 -15.59 16.01
C LEU B 259 -40.97 -16.00 14.87
N ASP B 260 -39.69 -16.21 15.19
CA ASP B 260 -38.76 -16.65 14.17
C ASP B 260 -39.18 -18.01 13.62
N GLN B 261 -39.52 -18.94 14.51
CA GLN B 261 -39.86 -20.31 14.11
C GLN B 261 -41.10 -20.28 13.23
N MET B 262 -42.08 -19.50 13.67
CA MET B 262 -43.29 -19.36 12.88
C MET B 262 -43.02 -18.81 11.48
N LEU B 263 -41.97 -18.00 11.32
CA LEU B 263 -41.64 -17.42 10.02
C LEU B 263 -40.56 -18.24 9.30
N ASN B 264 -40.25 -19.40 9.87
CA ASN B 264 -39.23 -20.33 9.36
C ASN B 264 -37.84 -19.74 9.24
N ILE B 265 -37.52 -18.85 10.18
CA ILE B 265 -36.17 -18.36 10.30
C ILE B 265 -35.33 -19.42 10.99
N PRO B 266 -34.34 -19.98 10.30
CA PRO B 266 -33.53 -21.04 10.90
C PRO B 266 -32.63 -20.48 12.00
N LYS B 267 -32.08 -21.33 12.85
CA LYS B 267 -31.19 -20.85 13.88
C LYS B 267 -29.96 -20.17 13.29
N GLY B 268 -29.43 -19.20 14.01
CA GLY B 268 -28.35 -18.39 13.48
C GLY B 268 -28.85 -17.01 13.09
N TYR B 269 -30.18 -16.85 13.05
CA TYR B 269 -30.81 -15.57 12.76
C TYR B 269 -31.99 -15.34 13.67
N SER B 270 -32.30 -14.07 13.93
CA SER B 270 -33.48 -13.70 14.72
C SER B 270 -34.00 -12.31 14.34
N LEU B 271 -35.31 -12.17 14.42
CA LEU B 271 -35.97 -10.92 14.14
C LEU B 271 -35.94 -10.09 15.41
N SER B 272 -35.53 -8.84 15.29
CA SER B 272 -35.34 -8.00 16.46
C SER B 272 -35.45 -6.52 16.11
N TYR B 273 -35.09 -5.66 17.06
CA TYR B 273 -35.12 -4.21 16.88
C TYR B 273 -34.28 -3.52 17.97
N GLY B 274 -33.95 -2.25 17.78
CA GLY B 274 -33.32 -1.47 18.82
C GLY B 274 -32.17 -0.56 18.38
N THR B 275 -31.92 0.46 19.19
CA THR B 275 -30.78 1.35 18.97
C THR B 275 -29.47 0.55 19.05
N SER B 276 -29.49 -0.57 19.75
CA SER B 276 -28.28 -1.38 19.81
C SER B 276 -27.96 -2.00 18.45
N LEU B 277 -28.95 -1.95 17.57
CA LEU B 277 -28.82 -2.46 16.23
C LEU B 277 -28.60 -1.31 15.25
N ALA B 278 -28.84 -0.08 15.70
CA ALA B 278 -28.64 1.06 14.83
C ALA B 278 -27.21 1.50 14.88
N ALA B 279 -26.68 1.62 16.11
CA ALA B 279 -25.31 2.10 16.29
C ALA B 279 -24.25 1.33 15.46
N PRO B 280 -24.29 -0.03 15.47
CA PRO B 280 -23.28 -0.75 14.70
C PRO B 280 -23.38 -0.59 13.17
N GLN B 281 -24.56 -0.20 12.66
CA GLN B 281 -24.71 0.09 11.25
C GLN B 281 -23.88 1.31 10.89
N VAL B 282 -23.87 2.30 11.77
CA VAL B 282 -23.04 3.47 11.62
C VAL B 282 -21.55 3.12 11.83
N ALA B 283 -21.26 2.30 12.85
CA ALA B 283 -19.90 1.87 13.06
C ALA B 283 -19.39 1.11 11.82
N GLY B 284 -20.25 0.22 11.28
CA GLY B 284 -19.95 -0.53 10.08
C GLY B 284 -19.70 0.38 8.91
N THR B 285 -20.53 1.41 8.79
CA THR B 285 -20.37 2.40 7.73
C THR B 285 -19.05 3.17 7.92
N ALA B 286 -18.72 3.51 9.16
CA ALA B 286 -17.45 4.20 9.43
C ALA B 286 -16.24 3.36 8.99
N ALA B 287 -16.29 2.06 9.32
CA ALA B 287 -15.24 1.13 8.92
C ALA B 287 -15.16 1.08 7.38
N LEU B 288 -16.30 1.19 6.71
CA LEU B 288 -16.25 1.20 5.25
C LEU B 288 -15.53 2.45 4.71
N VAL B 289 -15.82 3.61 5.30
CA VAL B 289 -15.20 4.87 4.87
C VAL B 289 -13.69 4.82 5.12
N ILE B 290 -13.31 4.36 6.31
CA ILE B 290 -11.90 4.24 6.62
C ILE B 290 -11.22 3.32 5.60
N SER B 291 -11.84 2.18 5.28
CA SER B 291 -11.29 1.24 4.31
C SER B 291 -11.11 1.91 2.94
N GLU B 292 -12.15 2.58 2.45
CA GLU B 292 -12.01 3.22 1.16
C GLU B 292 -10.93 4.31 1.18
N TYR B 293 -10.92 5.13 2.22
CA TYR B 293 -10.00 6.25 2.29
C TYR B 293 -8.55 5.75 2.31
N ARG B 294 -8.31 4.67 3.05
CA ARG B 294 -6.95 4.19 3.20
C ARG B 294 -6.51 3.59 1.87
N GLU B 295 -7.48 3.02 1.17
CA GLU B 295 -7.24 2.43 -0.13
C GLU B 295 -6.89 3.48 -1.18
N ARG B 296 -7.48 4.65 -1.07
CA ARG B 296 -7.29 5.66 -2.09
C ARG B 296 -6.01 6.49 -1.83
N HIS B 297 -5.63 6.67 -0.57
CA HIS B 297 -4.52 7.59 -0.24
C HIS B 297 -3.29 6.94 0.44
N HIS B 298 -3.43 5.67 0.84
CA HIS B 298 -2.52 4.96 1.74
C HIS B 298 -2.09 5.82 2.93
N ARG B 299 -3.04 6.59 3.43
CA ARG B 299 -2.90 7.34 4.65
C ARG B 299 -4.17 7.06 5.50
N LYS B 300 -4.07 7.13 6.82
CA LYS B 300 -5.29 6.99 7.62
C LYS B 300 -6.02 8.34 7.73
N PRO B 301 -7.35 8.33 7.61
CA PRO B 301 -8.08 9.58 7.79
C PRO B 301 -8.19 9.93 9.28
N SER B 302 -8.38 11.21 9.62
CA SER B 302 -8.64 11.58 11.01
C SER B 302 -10.08 11.17 11.36
N ALA B 303 -10.38 11.06 12.66
CA ALA B 303 -11.74 10.78 13.15
C ALA B 303 -12.69 11.83 12.64
N LYS B 304 -12.20 13.05 12.53
CA LYS B 304 -13.01 14.18 12.04
C LYS B 304 -13.32 14.02 10.58
N GLN B 305 -12.35 13.53 9.82
CA GLN B 305 -12.61 13.31 8.40
C GLN B 305 -13.72 12.29 8.17
N VAL B 306 -13.70 11.18 8.90
CA VAL B 306 -14.71 10.15 8.76
C VAL B 306 -16.06 10.70 9.23
N HIS B 307 -16.05 11.38 10.37
CA HIS B 307 -17.27 11.98 10.92
C HIS B 307 -17.87 12.94 9.92
N HIS B 308 -17.00 13.69 9.25
CA HIS B 308 -17.44 14.65 8.24
C HIS B 308 -18.15 13.93 7.09
N ILE B 309 -17.57 12.84 6.61
CA ILE B 309 -18.20 12.08 5.54
C ILE B 309 -19.58 11.52 5.99
N LEU B 310 -19.68 10.99 7.21
CA LEU B 310 -20.94 10.48 7.75
C LEU B 310 -21.97 11.55 7.80
N ARG B 311 -21.55 12.71 8.29
CA ARG B 311 -22.46 13.84 8.45
C ARG B 311 -23.01 14.35 7.12
N LYS B 312 -22.17 14.56 6.13
CA LYS B 312 -22.65 15.11 4.88
C LYS B 312 -23.46 14.14 4.04
N SER B 313 -23.30 12.84 4.27
CA SER B 313 -24.03 11.86 3.48
C SER B 313 -25.36 11.41 4.11
N ALA B 314 -25.60 11.86 5.33
CA ALA B 314 -26.79 11.44 6.04
C ALA B 314 -28.07 12.02 5.42
N LEU B 315 -29.14 11.25 5.44
CA LEU B 315 -30.41 11.78 5.02
C LEU B 315 -31.05 12.66 6.09
N ASP B 316 -31.20 13.94 5.78
CA ASP B 316 -31.81 14.92 6.67
C ASP B 316 -33.33 14.72 6.76
N LEU B 317 -33.75 14.16 7.89
CA LEU B 317 -35.14 13.87 8.19
C LEU B 317 -35.67 14.85 9.24
N GLY B 318 -36.98 14.87 9.44
CA GLY B 318 -37.60 15.76 10.43
C GLY B 318 -37.33 17.24 10.17
N LYS B 319 -37.17 18.03 11.22
CA LYS B 319 -36.87 19.43 10.98
C LYS B 319 -35.54 19.55 10.26
N PRO B 320 -35.48 20.47 9.29
CA PRO B 320 -34.36 20.74 8.41
C PRO B 320 -33.15 21.10 9.23
N GLY B 321 -32.18 20.22 9.27
CA GLY B 321 -30.96 20.50 10.00
C GLY B 321 -30.75 19.45 11.06
N LYS B 322 -29.87 19.76 12.00
CA LYS B 322 -29.61 18.84 13.08
C LYS B 322 -30.71 19.01 14.11
N ASP B 323 -31.56 18.01 14.21
CA ASP B 323 -32.65 18.04 15.16
C ASP B 323 -32.50 17.06 16.30
N VAL B 324 -33.37 17.24 17.28
CA VAL B 324 -33.41 16.46 18.50
C VAL B 324 -33.89 15.00 18.28
N ILE B 325 -34.52 14.73 17.14
CA ILE B 325 -35.02 13.37 16.88
C ILE B 325 -34.02 12.49 16.09
N TYR B 326 -33.50 13.03 15.00
CA TYR B 326 -32.65 12.30 14.07
C TYR B 326 -31.20 12.72 14.11
N GLY B 327 -30.85 13.75 14.87
CA GLY B 327 -29.50 14.29 14.77
C GLY B 327 -29.25 14.83 13.36
N TYR B 328 -28.07 14.59 12.80
CA TYR B 328 -27.78 15.01 11.42
C TYR B 328 -28.60 14.21 10.43
N GLY B 329 -29.21 13.11 10.88
CA GLY B 329 -30.08 12.32 10.02
C GLY B 329 -29.70 10.85 9.90
N GLU B 330 -30.31 10.18 8.93
CA GLU B 330 -30.08 8.76 8.73
C GLU B 330 -28.85 8.48 7.90
N VAL B 331 -27.94 7.71 8.50
CA VAL B 331 -26.76 7.23 7.81
C VAL B 331 -27.08 6.24 6.70
N ARG B 332 -26.46 6.42 5.54
CA ARG B 332 -26.60 5.47 4.42
C ARG B 332 -25.22 5.19 3.87
N ALA B 333 -24.77 3.95 4.05
CA ALA B 333 -23.39 3.59 3.66
C ALA B 333 -23.09 3.89 2.19
N TYR B 334 -24.01 3.57 1.27
CA TYR B 334 -23.73 3.81 -0.17
C TYR B 334 -23.58 5.30 -0.46
N GLN B 335 -24.33 6.13 0.26
CA GLN B 335 -24.23 7.56 0.07
C GLN B 335 -22.90 8.05 0.60
N ALA B 336 -22.48 7.46 1.72
CA ALA B 336 -21.19 7.79 2.33
C ALA B 336 -20.06 7.57 1.35
N LEU B 337 -20.09 6.42 0.69
CA LEU B 337 -19.04 6.05 -0.27
C LEU B 337 -19.19 6.91 -1.53
N LYS B 338 -20.44 7.22 -1.87
CA LYS B 338 -20.72 7.98 -3.08
C LYS B 338 -20.18 9.40 -2.94
N MET B 339 -20.14 9.92 -1.72
CA MET B 339 -19.57 11.26 -1.57
C MET B 339 -18.07 11.29 -1.44
N MET B 340 -17.44 10.13 -1.54
CA MET B 340 -15.99 10.09 -1.52
C MET B 340 -15.42 10.06 -2.94
N GLU C 30 12.53 -28.67 17.90
CA GLU C 30 12.05 -28.49 19.27
C GLU C 30 11.01 -27.38 19.36
N GLN C 31 9.80 -27.74 19.75
CA GLN C 31 8.77 -26.75 20.07
C GLN C 31 7.96 -27.14 21.32
N TYR C 32 7.03 -26.27 21.69
CA TYR C 32 6.23 -26.49 22.90
C TYR C 32 4.77 -26.26 22.63
N LEU C 33 3.93 -27.03 23.29
CA LEU C 33 2.47 -26.93 23.11
C LEU C 33 1.77 -26.89 24.45
N LEU C 34 0.74 -26.06 24.53
CA LEU C 34 -0.10 -25.99 25.70
C LEU C 34 -1.53 -26.33 25.32
N LEU C 35 -1.99 -27.50 25.76
CA LEU C 35 -3.37 -27.88 25.53
C LEU C 35 -4.29 -26.97 26.30
N GLU C 36 -5.48 -26.75 25.77
CA GLU C 36 -6.46 -25.97 26.52
C GLU C 36 -7.35 -26.95 27.30
N HIS C 37 -7.11 -28.25 27.10
CA HIS C 37 -7.71 -29.27 27.95
C HIS C 37 -6.73 -30.41 28.26
N VAL C 38 -6.59 -30.74 29.53
CA VAL C 38 -5.59 -31.71 29.95
C VAL C 38 -5.97 -33.15 29.57
N LYS C 39 -7.25 -33.39 29.32
CA LYS C 39 -7.71 -34.72 28.94
C LYS C 39 -7.17 -35.17 27.59
N ASP C 40 -6.71 -34.22 26.77
CA ASP C 40 -6.25 -34.55 25.42
C ASP C 40 -4.79 -34.97 25.35
N LYS C 41 -4.23 -35.44 26.46
CA LYS C 41 -2.85 -35.86 26.48
C LYS C 41 -2.63 -37.07 25.55
N SER C 42 -3.50 -38.08 25.68
CA SER C 42 -3.48 -39.28 24.82
C SER C 42 -3.69 -38.95 23.34
N LYS C 43 -4.52 -37.95 23.03
CA LYS C 43 -4.89 -37.68 21.64
C LYS C 43 -3.78 -36.94 20.95
N LEU C 44 -3.00 -36.20 21.74
CA LEU C 44 -1.84 -35.50 21.21
C LEU C 44 -0.73 -36.52 21.06
N LEU C 45 -0.68 -37.50 21.95
CA LEU C 45 0.38 -38.51 21.89
C LEU C 45 0.19 -39.49 20.74
N ASP C 46 -1.03 -39.60 20.22
CA ASP C 46 -1.26 -40.45 19.06
C ASP C 46 -1.09 -39.63 17.79
N THR C 47 -1.51 -38.37 17.80
CA THR C 47 -1.29 -37.51 16.65
C THR C 47 0.20 -37.39 16.43
N ALA C 48 0.95 -37.45 17.53
CA ALA C 48 2.38 -37.35 17.45
C ALA C 48 2.96 -38.58 16.81
N GLU C 49 2.33 -39.74 17.00
CA GLU C 49 2.92 -40.98 16.49
C GLU C 49 2.75 -41.10 14.99
N GLN C 50 1.79 -40.35 14.45
CA GLN C 50 1.50 -40.37 13.03
C GLN C 50 2.42 -39.42 12.28
N PHE C 51 3.27 -38.68 13.01
CA PHE C 51 4.23 -37.84 12.32
C PHE C 51 5.64 -38.10 12.79
N HIS C 52 5.81 -39.25 13.42
CA HIS C 52 7.11 -39.66 13.95
C HIS C 52 7.80 -38.54 14.72
N ILE C 53 7.08 -37.91 15.64
CA ILE C 53 7.73 -36.88 16.43
C ILE C 53 7.61 -37.27 17.91
N HIS C 54 8.62 -36.92 18.69
CA HIS C 54 8.60 -37.25 20.11
C HIS C 54 7.91 -36.15 20.89
N ALA C 55 6.82 -36.52 21.56
CA ALA C 55 6.06 -35.62 22.39
C ALA C 55 6.17 -36.01 23.86
N ASP C 56 6.67 -35.11 24.68
CA ASP C 56 6.80 -35.33 26.12
C ASP C 56 5.80 -34.43 26.82
N VAL C 57 4.81 -35.01 27.48
CA VAL C 57 3.72 -34.23 28.09
C VAL C 57 3.73 -34.22 29.62
N ILE C 58 3.61 -33.03 30.19
CA ILE C 58 3.33 -32.89 31.61
C ILE C 58 1.83 -32.93 31.85
N GLU C 59 1.33 -34.13 32.17
CA GLU C 59 -0.09 -34.41 32.12
C GLU C 59 -0.99 -33.49 32.93
N GLU C 60 -0.60 -33.22 34.17
CA GLU C 60 -1.48 -32.45 35.04
C GLU C 60 -1.67 -31.00 34.54
N ILE C 61 -0.73 -30.49 33.75
CA ILE C 61 -0.87 -29.10 33.27
C ILE C 61 -1.10 -29.01 31.76
N GLY C 62 -0.97 -30.12 31.05
CA GLY C 62 -1.29 -30.15 29.64
C GLY C 62 -0.30 -29.36 28.81
N PHE C 63 0.98 -29.44 29.19
CA PHE C 63 2.06 -28.72 28.55
C PHE C 63 3.10 -29.71 28.02
N ALA C 64 3.40 -29.59 26.74
CA ALA C 64 4.13 -30.64 26.07
C ALA C 64 5.33 -30.12 25.31
N LYS C 65 6.40 -30.90 25.32
CA LYS C 65 7.59 -30.57 24.55
C LYS C 65 7.72 -31.55 23.40
N VAL C 66 7.74 -31.01 22.19
CA VAL C 66 7.76 -31.85 21.00
C VAL C 66 9.07 -31.67 20.27
N THR C 67 9.70 -32.77 19.94
CA THR C 67 10.99 -32.73 19.28
C THR C 67 10.96 -33.66 18.05
N GLY C 68 11.72 -33.31 17.03
CA GLY C 68 11.76 -34.07 15.80
C GLY C 68 12.59 -33.42 14.71
N GLU C 69 12.11 -33.53 13.47
CA GLU C 69 12.73 -32.87 12.32
C GLU C 69 11.94 -31.63 11.95
N LYS C 70 12.59 -30.57 11.50
CA LYS C 70 11.92 -29.28 11.29
C LYS C 70 10.90 -29.36 10.14
N GLN C 71 10.93 -30.49 9.44
CA GLN C 71 9.95 -30.84 8.42
C GLN C 71 8.57 -31.14 9.00
N LYS C 72 8.47 -32.19 9.80
CA LYS C 72 7.18 -32.67 10.32
C LYS C 72 6.51 -31.98 11.53
N LEU C 73 7.16 -31.06 12.22
CA LEU C 73 6.49 -30.33 13.32
C LEU C 73 5.34 -29.48 12.80
N ALA C 74 5.53 -28.82 11.65
CA ALA C 74 4.47 -27.98 11.09
C ALA C 74 3.22 -28.74 10.64
N PRO C 75 3.38 -29.85 9.86
CA PRO C 75 2.15 -30.61 9.66
C PRO C 75 1.66 -31.33 10.92
N PHE C 76 2.50 -31.55 11.91
CA PHE C 76 2.03 -32.19 13.15
C PHE C 76 1.15 -31.22 13.95
N THR C 77 1.50 -29.95 13.93
CA THR C 77 0.71 -28.90 14.57
C THR C 77 -0.64 -28.68 13.90
N LYS C 78 -0.66 -28.86 12.59
CA LYS C 78 -1.86 -28.63 11.83
C LYS C 78 -2.80 -29.83 11.80
N LYS C 79 -2.29 -31.00 12.15
CA LYS C 79 -3.15 -32.17 12.18
C LYS C 79 -3.66 -32.32 13.58
N LEU C 80 -2.99 -31.66 14.52
CA LEU C 80 -3.46 -31.66 15.89
C LEU C 80 -4.50 -30.56 16.08
N ALA C 81 -4.36 -29.48 15.32
CA ALA C 81 -5.24 -28.31 15.44
C ALA C 81 -6.65 -28.56 14.91
N GLU C 82 -6.82 -29.58 14.08
CA GLU C 82 -8.16 -29.92 13.63
C GLU C 82 -8.88 -30.79 14.65
N LYS C 83 -8.15 -31.26 15.66
CA LYS C 83 -8.74 -32.15 16.65
C LYS C 83 -8.83 -31.54 18.04
N VAL C 84 -7.73 -30.96 18.50
CA VAL C 84 -7.71 -30.37 19.83
C VAL C 84 -7.23 -28.92 19.81
N GLY C 85 -7.69 -28.13 20.77
CA GLY C 85 -7.28 -26.74 20.86
C GLY C 85 -5.98 -26.66 21.63
N ALA C 86 -4.96 -26.11 20.99
CA ALA C 86 -3.68 -25.98 21.64
C ALA C 86 -3.02 -24.70 21.20
N ASP C 87 -2.15 -24.16 22.04
CA ASP C 87 -1.31 -23.01 21.64
C ASP C 87 0.10 -23.53 21.45
N VAL C 88 0.81 -22.98 20.48
CA VAL C 88 2.12 -23.50 20.13
C VAL C 88 3.18 -22.41 20.30
N ILE C 89 4.39 -22.82 20.69
CA ILE C 89 5.53 -21.94 20.86
C ILE C 89 6.69 -22.35 19.95
N VAL D 4 24.94 -25.06 78.99
CA VAL D 4 26.31 -25.46 79.27
C VAL D 4 27.24 -25.16 78.09
N ILE D 5 26.94 -25.79 76.95
CA ILE D 5 27.64 -25.57 75.69
C ILE D 5 26.93 -24.45 74.92
N SER D 6 27.67 -23.65 74.15
CA SER D 6 27.00 -22.68 73.30
C SER D 6 26.11 -23.38 72.26
N GLY D 7 25.47 -22.60 71.40
CA GLY D 7 24.70 -23.24 70.36
C GLY D 7 25.71 -23.09 69.24
N SER D 8 25.70 -24.01 68.31
CA SER D 8 26.64 -23.96 67.22
C SER D 8 26.01 -24.47 65.95
N PRO D 9 26.50 -23.99 64.79
CA PRO D 9 25.90 -24.39 63.52
C PRO D 9 25.97 -25.89 63.36
N ALA D 10 24.99 -26.43 62.66
CA ALA D 10 24.90 -27.87 62.42
C ALA D 10 26.06 -28.34 61.55
N TRP D 11 26.60 -27.45 60.72
CA TRP D 11 27.69 -27.80 59.81
C TRP D 11 28.95 -28.15 60.59
N GLY D 12 29.75 -29.09 60.06
CA GLY D 12 30.97 -29.51 60.71
C GLY D 12 32.04 -28.45 60.71
N LEU D 13 32.09 -27.68 59.62
CA LEU D 13 33.01 -26.56 59.47
C LEU D 13 34.47 -26.99 59.61
N ASP D 14 34.71 -28.28 59.47
CA ASP D 14 36.03 -28.87 59.69
C ASP D 14 36.64 -28.49 61.05
N GLY D 15 35.79 -28.22 62.03
CA GLY D 15 36.25 -27.85 63.35
C GLY D 15 36.77 -26.43 63.48
N ILE D 16 36.82 -25.71 62.36
CA ILE D 16 37.36 -24.35 62.37
C ILE D 16 36.32 -23.38 62.93
N LEU D 17 36.58 -22.88 64.14
CA LEU D 17 35.59 -22.09 64.86
C LEU D 17 35.31 -20.73 64.29
N GLU D 18 36.26 -20.18 63.54
CA GLU D 18 36.09 -18.82 63.10
C GLU D 18 35.21 -18.79 61.87
N LEU D 19 34.85 -19.96 61.36
CA LEU D 19 33.95 -20.00 60.23
C LEU D 19 32.55 -19.60 60.69
N LYS D 20 32.30 -19.67 61.99
CA LYS D 20 31.00 -19.28 62.53
C LYS D 20 30.64 -17.83 62.23
N GLU D 21 31.66 -17.00 62.04
CA GLU D 21 31.44 -15.59 61.74
C GLU D 21 30.67 -15.42 60.42
N TYR D 22 30.92 -16.30 59.46
CA TYR D 22 30.32 -16.18 58.14
C TYR D 22 28.92 -16.81 58.14
N LEU D 23 28.55 -17.37 59.29
CA LEU D 23 27.25 -17.97 59.49
C LEU D 23 26.41 -17.04 60.36
N TRP D 24 26.75 -15.75 60.34
CA TRP D 24 25.98 -14.72 61.07
C TRP D 24 24.51 -14.82 60.76
N PHE D 25 24.21 -15.05 59.49
CA PHE D 25 22.84 -15.11 59.00
C PHE D 25 22.05 -16.27 59.63
N ALA D 26 22.72 -17.41 59.84
CA ALA D 26 22.07 -18.58 60.38
C ALA D 26 21.79 -18.35 61.87
N ALA D 27 22.75 -17.73 62.53
CA ALA D 27 22.66 -17.38 63.95
C ALA D 27 21.49 -16.40 64.18
N LYS D 28 21.32 -15.50 63.23
CA LYS D 28 20.19 -14.59 63.27
C LYS D 28 18.89 -15.38 63.11
N GLN D 29 18.84 -16.23 62.09
CA GLN D 29 17.63 -17.00 61.81
C GLN D 29 17.24 -17.91 63.00
N THR D 30 18.22 -18.60 63.56
CA THR D 30 17.97 -19.65 64.53
C THR D 30 18.18 -19.18 65.98
N ASP D 31 18.36 -17.86 66.18
CA ASP D 31 18.63 -17.28 67.50
C ASP D 31 19.83 -17.96 68.16
N SER D 32 20.98 -17.86 67.48
CA SER D 32 22.19 -18.55 67.90
C SER D 32 21.96 -20.06 68.10
N TYR D 33 21.24 -20.65 67.16
CA TYR D 33 21.05 -22.09 67.04
C TYR D 33 20.19 -22.69 68.16
N ARG D 34 19.48 -21.84 68.87
CA ARG D 34 18.58 -22.31 69.91
C ARG D 34 17.40 -23.11 69.34
N THR D 35 17.02 -22.82 68.10
CA THR D 35 15.92 -23.54 67.45
C THR D 35 16.24 -25.02 67.24
N TYR D 36 17.51 -25.39 67.28
CA TYR D 36 17.89 -26.80 67.18
C TYR D 36 17.25 -27.61 68.32
N GLN D 37 17.01 -26.93 69.44
CA GLN D 37 16.36 -27.52 70.59
C GLN D 37 14.86 -27.25 70.66
N ILE D 38 14.34 -26.39 69.78
CA ILE D 38 12.90 -26.10 69.78
C ILE D 38 12.25 -26.97 68.71
N GLU D 39 12.83 -26.94 67.52
CA GLU D 39 12.37 -27.75 66.41
C GLU D 39 13.49 -27.88 65.42
N ARG D 40 13.99 -29.10 65.26
CA ARG D 40 15.12 -29.33 64.39
C ARG D 40 14.65 -29.77 62.99
N GLY D 41 13.34 -29.98 62.85
CA GLY D 41 12.71 -30.48 61.64
C GLY D 41 12.46 -31.99 61.66
N HIS D 42 11.42 -32.42 60.96
CA HIS D 42 11.07 -33.82 60.79
C HIS D 42 11.62 -34.35 59.47
N PRO D 43 12.34 -35.46 59.49
CA PRO D 43 12.81 -36.12 58.27
C PRO D 43 11.68 -36.49 57.29
N ASP D 44 10.45 -36.67 57.77
CA ASP D 44 9.41 -37.08 56.83
C ASP D 44 8.75 -35.82 56.26
N VAL D 45 9.29 -34.66 56.61
CA VAL D 45 8.96 -33.43 55.90
C VAL D 45 10.02 -33.25 54.81
N LYS D 46 9.55 -33.13 53.58
CA LYS D 46 10.48 -33.16 52.46
C LYS D 46 10.43 -31.85 51.74
N VAL D 47 11.61 -31.30 51.46
CA VAL D 47 11.70 -30.08 50.67
C VAL D 47 12.28 -30.41 49.32
N ALA D 48 11.54 -30.08 48.26
CA ALA D 48 12.03 -30.31 46.93
C ALA D 48 12.98 -29.21 46.46
N LEU D 49 14.18 -29.61 46.05
CA LEU D 49 15.23 -28.70 45.62
C LEU D 49 15.35 -28.65 44.09
N ILE D 50 14.63 -27.73 43.45
CA ILE D 50 14.66 -27.62 41.99
C ILE D 50 15.82 -26.73 41.56
N ASP D 51 16.91 -27.35 41.14
CA ASP D 51 18.18 -26.64 41.03
C ASP D 51 19.16 -27.41 40.11
N SER D 52 20.44 -27.26 40.38
CA SER D 52 21.52 -27.80 39.55
C SER D 52 22.05 -29.16 40.05
N GLY D 53 21.25 -29.87 40.84
CA GLY D 53 21.70 -31.08 41.48
C GLY D 53 22.03 -30.90 42.95
N LEU D 54 22.88 -31.79 43.49
CA LEU D 54 23.22 -31.77 44.90
C LEU D 54 24.45 -32.63 45.11
N ASP D 55 25.38 -32.16 45.96
CA ASP D 55 26.56 -32.93 46.36
C ASP D 55 26.09 -33.97 47.35
N LEU D 56 25.70 -35.13 46.87
CA LEU D 56 24.96 -36.09 47.68
C LEU D 56 25.72 -36.55 48.89
N ASP D 57 27.03 -36.54 48.83
CA ASP D 57 27.77 -37.08 49.95
C ASP D 57 28.50 -35.98 50.73
N HIS D 58 28.05 -34.73 50.57
CA HIS D 58 28.58 -33.62 51.37
C HIS D 58 28.37 -33.90 52.85
N PRO D 59 29.42 -33.79 53.66
CA PRO D 59 29.34 -34.18 55.08
C PRO D 59 28.15 -33.56 55.83
N ASP D 60 27.78 -32.33 55.50
CA ASP D 60 26.69 -31.63 56.18
C ASP D 60 25.31 -32.02 55.60
N LEU D 61 25.29 -32.49 54.36
CA LEU D 61 24.01 -32.67 53.68
C LEU D 61 23.61 -34.13 53.58
N LYS D 62 24.59 -35.03 53.70
CA LYS D 62 24.37 -36.44 53.40
C LYS D 62 23.23 -37.06 54.22
N ALA D 63 23.12 -36.73 55.51
CA ALA D 63 22.02 -37.26 56.36
C ALA D 63 20.61 -36.81 55.94
N SER D 64 20.49 -35.70 55.22
CA SER D 64 19.18 -35.16 54.87
C SER D 64 18.77 -35.55 53.48
N VAL D 65 19.72 -36.02 52.69
CA VAL D 65 19.43 -36.31 51.30
C VAL D 65 18.47 -37.46 51.20
N ASN D 66 17.40 -37.25 50.44
CA ASN D 66 16.46 -38.30 50.12
C ASN D 66 17.22 -39.57 49.71
N THR D 67 16.97 -40.66 50.41
CA THR D 67 17.73 -41.89 50.14
C THR D 67 17.44 -42.44 48.74
N ASN D 68 16.27 -42.13 48.20
CA ASN D 68 15.95 -42.52 46.85
C ASN D 68 16.56 -41.53 45.85
N GLY D 69 17.30 -40.57 46.39
CA GLY D 69 17.91 -39.51 45.61
C GLY D 69 16.82 -38.75 44.84
N GLY D 70 17.18 -38.26 43.67
CA GLY D 70 16.22 -37.52 42.90
C GLY D 70 16.56 -37.63 41.43
N TRP D 71 15.76 -36.99 40.60
CA TRP D 71 15.87 -37.13 39.17
C TRP D 71 16.58 -35.94 38.53
N ASN D 72 17.50 -36.25 37.61
CA ASN D 72 18.14 -35.28 36.72
C ASN D 72 17.33 -35.18 35.42
N TYR D 73 16.64 -34.07 35.22
CA TYR D 73 15.76 -33.96 34.07
C TYR D 73 16.51 -33.62 32.79
N ILE D 74 17.76 -33.24 32.94
CA ILE D 74 18.54 -32.90 31.76
C ILE D 74 19.06 -34.17 31.08
N ASP D 75 19.63 -35.09 31.88
CA ASP D 75 20.26 -36.28 31.34
C ASP D 75 19.37 -37.52 31.47
N GLY D 76 18.17 -37.35 32.00
CA GLY D 76 17.25 -38.47 32.15
C GLY D 76 17.78 -39.62 32.99
N LYS D 77 18.24 -39.33 34.20
CA LYS D 77 18.76 -40.37 35.08
C LYS D 77 18.79 -39.82 36.50
N PRO D 78 18.95 -40.70 37.49
CA PRO D 78 19.07 -40.14 38.84
C PRO D 78 20.28 -39.20 39.03
N VAL D 79 20.11 -38.22 39.92
CA VAL D 79 21.15 -37.26 40.26
C VAL D 79 22.36 -37.97 40.85
N SER D 80 23.54 -37.60 40.38
CA SER D 80 24.79 -38.21 40.83
C SER D 80 25.71 -37.20 41.49
N GLY D 81 25.39 -35.92 41.33
CA GLY D 81 26.21 -34.87 41.94
C GLY D 81 25.80 -33.47 41.52
N ASP D 82 26.72 -32.53 41.67
CA ASP D 82 26.44 -31.12 41.36
C ASP D 82 27.67 -30.44 40.76
N PRO D 83 27.71 -30.34 39.42
CA PRO D 83 28.86 -29.80 38.68
C PRO D 83 29.09 -28.31 38.97
N THR D 84 28.02 -27.54 39.02
CA THR D 84 28.17 -26.09 39.18
C THR D 84 28.25 -25.66 40.64
N GLY D 85 27.69 -26.47 41.53
CA GLY D 85 27.74 -26.16 42.95
C GLY D 85 26.54 -25.40 43.47
N HIS D 86 25.72 -24.90 42.56
CA HIS D 86 24.62 -24.01 42.90
C HIS D 86 23.57 -24.67 43.78
N GLY D 87 23.16 -25.90 43.45
CA GLY D 87 22.11 -26.58 44.21
C GLY D 87 22.55 -26.93 45.63
N THR D 88 23.83 -27.28 45.75
CA THR D 88 24.48 -27.53 47.03
C THR D 88 24.52 -26.28 47.93
N GLN D 89 24.75 -25.11 47.34
CA GLN D 89 24.70 -23.86 48.09
C GLN D 89 23.27 -23.56 48.55
N THR D 90 22.30 -23.81 47.67
CA THR D 90 20.89 -23.65 48.02
C THR D 90 20.44 -24.60 49.13
N ALA D 91 20.80 -25.87 48.97
CA ALA D 91 20.49 -26.89 49.95
C ALA D 91 21.03 -26.55 51.33
N GLY D 92 22.25 -26.04 51.38
CA GLY D 92 22.88 -25.71 52.65
C GLY D 92 22.10 -24.67 53.42
N MET D 93 21.39 -23.81 52.69
CA MET D 93 20.61 -22.77 53.37
C MET D 93 19.35 -23.34 53.99
N ILE D 94 18.75 -24.33 53.34
CA ILE D 94 17.65 -25.07 53.97
C ILE D 94 18.20 -25.83 55.21
N ASN D 95 19.31 -26.54 55.02
CA ASN D 95 19.85 -27.39 56.07
C ASN D 95 20.28 -26.66 57.33
N ILE D 96 20.94 -25.52 57.20
CA ILE D 96 21.45 -24.88 58.40
C ILE D 96 20.31 -24.43 59.33
N ILE D 97 19.15 -24.11 58.76
CA ILE D 97 17.99 -23.71 59.54
C ILE D 97 17.17 -24.93 60.01
N ALA D 98 17.11 -25.97 59.16
CA ALA D 98 16.34 -27.19 59.42
C ALA D 98 17.15 -28.44 59.07
N PRO D 99 18.09 -28.81 59.95
CA PRO D 99 19.11 -29.83 59.63
C PRO D 99 18.57 -31.25 59.50
N ASP D 100 17.35 -31.47 59.97
CA ASP D 100 16.76 -32.80 59.93
C ASP D 100 15.63 -32.92 58.90
N VAL D 101 15.28 -31.81 58.25
CA VAL D 101 14.27 -31.86 57.21
C VAL D 101 14.92 -32.62 56.04
N THR D 102 14.14 -33.31 55.22
CA THR D 102 14.74 -34.05 54.11
C THR D 102 14.84 -33.15 52.87
N ILE D 103 15.92 -33.32 52.11
CA ILE D 103 16.11 -32.53 50.91
C ILE D 103 16.15 -33.40 49.65
N THR D 104 15.28 -33.12 48.68
CA THR D 104 15.26 -33.91 47.47
C THR D 104 15.71 -33.10 46.24
N PRO D 105 16.78 -33.54 45.56
CA PRO D 105 17.24 -32.80 44.38
C PRO D 105 16.43 -33.13 43.14
N TYR D 106 15.89 -32.11 42.49
CA TYR D 106 15.31 -32.21 41.16
C TYR D 106 16.22 -31.41 40.23
N GLN D 107 17.17 -32.08 39.58
CA GLN D 107 18.17 -31.36 38.80
C GLN D 107 17.64 -30.85 37.45
N VAL D 108 17.40 -29.54 37.32
CA VAL D 108 16.93 -28.99 36.06
C VAL D 108 17.93 -27.96 35.52
N LEU D 109 19.05 -27.78 36.19
CA LEU D 109 20.04 -26.81 35.72
C LEU D 109 21.39 -27.47 35.49
N ASP D 110 22.11 -26.96 34.51
CA ASP D 110 23.51 -27.29 34.38
C ASP D 110 24.27 -26.04 34.02
N GLU D 111 25.48 -26.27 33.54
CA GLU D 111 26.36 -25.25 33.04
C GLU D 111 25.73 -24.23 32.06
N LYS D 112 25.04 -24.75 31.04
CA LYS D 112 24.50 -23.93 29.97
C LYS D 112 23.25 -23.19 30.46
N GLY D 113 22.67 -23.70 31.55
CA GLY D 113 21.52 -23.07 32.16
C GLY D 113 20.45 -24.12 32.39
N GLY D 114 19.19 -23.72 32.27
CA GLY D 114 18.10 -24.67 32.42
C GLY D 114 16.85 -24.24 31.68
N ASP D 115 15.90 -25.16 31.58
CA ASP D 115 14.69 -24.99 30.78
C ASP D 115 13.45 -24.84 31.67
N SER D 116 12.58 -23.89 31.32
CA SER D 116 11.37 -23.64 32.09
C SER D 116 10.46 -24.83 32.15
N TYR D 117 10.45 -25.57 31.03
CA TYR D 117 9.65 -26.77 30.90
C TYR D 117 9.99 -27.80 31.99
N ASN D 118 11.29 -28.09 32.13
CA ASN D 118 11.77 -29.04 33.14
C ASN D 118 11.52 -28.54 34.55
N ILE D 119 11.52 -27.23 34.75
CA ILE D 119 11.17 -26.69 36.06
C ILE D 119 9.73 -27.05 36.38
N MET D 120 8.85 -26.85 35.41
CA MET D 120 7.45 -27.22 35.60
C MET D 120 7.28 -28.70 35.87
N LYS D 121 8.03 -29.50 35.11
CA LYS D 121 7.95 -30.94 35.24
C LYS D 121 8.44 -31.35 36.62
N ALA D 122 9.54 -30.72 37.05
CA ALA D 122 10.07 -30.96 38.38
C ALA D 122 9.06 -30.47 39.45
N MET D 123 8.35 -29.39 39.19
CA MET D 123 7.34 -28.92 40.15
C MET D 123 6.22 -29.94 40.37
N VAL D 124 5.68 -30.45 39.27
CA VAL D 124 4.55 -31.37 39.32
C VAL D 124 4.98 -32.70 39.95
N ASP D 125 6.15 -33.21 39.58
CA ASP D 125 6.69 -34.43 40.18
C ASP D 125 6.87 -34.31 41.70
N ALA D 126 7.45 -33.19 42.11
CA ALA D 126 7.71 -32.96 43.53
C ALA D 126 6.41 -32.98 44.34
N VAL D 127 5.37 -32.36 43.79
CA VAL D 127 4.07 -32.42 44.43
C VAL D 127 3.60 -33.87 44.49
N ASN D 128 3.65 -34.55 43.34
CA ASN D 128 3.18 -35.94 43.31
C ASN D 128 4.01 -36.87 44.21
N ASP D 129 5.26 -36.52 44.46
CA ASP D 129 6.11 -37.29 45.36
C ASP D 129 5.94 -36.86 46.82
N GLY D 130 4.94 -36.03 47.10
CA GLY D 130 4.58 -35.67 48.47
C GLY D 130 5.42 -34.62 49.17
N HIS D 131 6.03 -33.72 48.41
CA HIS D 131 6.81 -32.66 49.04
C HIS D 131 5.90 -31.60 49.61
N GLU D 132 6.20 -31.16 50.82
CA GLU D 132 5.38 -30.14 51.44
C GLU D 132 5.84 -28.75 51.06
N VAL D 133 7.10 -28.63 50.68
CA VAL D 133 7.67 -27.35 50.27
C VAL D 133 8.51 -27.48 49.00
N ILE D 134 8.35 -26.53 48.08
CA ILE D 134 9.20 -26.48 46.89
C ILE D 134 10.05 -25.20 46.86
N ASN D 135 11.34 -25.37 46.60
CA ASN D 135 12.22 -24.22 46.48
C ASN D 135 12.78 -24.11 45.08
N ILE D 136 12.56 -22.96 44.43
CA ILE D 136 13.09 -22.73 43.09
C ILE D 136 13.98 -21.48 43.08
N SER D 137 15.29 -21.67 43.25
CA SER D 137 16.27 -20.58 43.34
C SER D 137 16.85 -20.21 41.96
N THR D 138 15.97 -19.94 41.01
CA THR D 138 16.38 -19.64 39.67
C THR D 138 15.20 -18.99 38.99
N GLY D 139 15.45 -18.39 37.83
CA GLY D 139 14.38 -17.74 37.11
C GLY D 139 14.82 -17.37 35.72
N SER D 140 13.84 -16.95 34.92
CA SER D 140 14.10 -16.42 33.58
C SER D 140 13.31 -15.14 33.45
N TYR D 141 13.84 -14.22 32.65
CA TYR D 141 13.14 -12.99 32.32
C TYR D 141 12.48 -13.20 30.97
N THR D 142 11.16 -13.35 30.95
CA THR D 142 10.54 -13.68 29.67
C THR D 142 9.66 -12.52 29.22
N SER D 143 9.81 -12.13 27.95
CA SER D 143 8.96 -11.14 27.34
C SER D 143 7.57 -11.71 27.17
N LEU D 144 6.58 -10.89 27.49
CA LEU D 144 5.20 -11.31 27.37
C LEU D 144 4.63 -11.03 25.96
N ASP D 145 5.32 -11.52 24.94
CA ASP D 145 4.70 -11.62 23.62
C ASP D 145 3.74 -12.81 23.64
N ARG D 146 3.24 -13.24 22.48
CA ARG D 146 2.30 -14.35 22.47
C ARG D 146 2.94 -15.61 23.06
N GLU D 147 4.14 -15.97 22.61
CA GLU D 147 4.78 -17.20 23.10
C GLU D 147 5.16 -17.10 24.57
N GLY D 148 5.43 -15.87 25.01
CA GLY D 148 5.65 -15.62 26.41
C GLY D 148 4.41 -15.86 27.26
N LYS D 149 3.27 -15.32 26.84
CA LYS D 149 2.08 -15.51 27.65
C LYS D 149 1.64 -16.96 27.73
N VAL D 150 1.97 -17.73 26.70
CA VAL D 150 1.62 -19.14 26.72
C VAL D 150 2.50 -19.86 27.76
N LEU D 151 3.79 -19.57 27.74
CA LEU D 151 4.72 -20.12 28.72
C LEU D 151 4.31 -19.79 30.18
N MET D 152 3.92 -18.54 30.43
CA MET D 152 3.46 -18.09 31.75
C MET D 152 2.14 -18.77 32.11
N LYS D 153 1.28 -18.91 31.11
CA LYS D 153 0.01 -19.57 31.33
C LYS D 153 0.24 -21.03 31.79
N ALA D 154 1.13 -21.74 31.12
CA ALA D 154 1.49 -23.10 31.55
C ALA D 154 2.19 -23.07 32.90
N TYR D 155 3.05 -22.06 33.09
CA TYR D 155 3.85 -22.02 34.30
C TYR D 155 2.90 -21.81 35.47
N GLN D 156 1.82 -21.06 35.21
CA GLN D 156 0.79 -20.78 36.21
C GLN D 156 -0.01 -22.05 36.57
N ARG D 157 -0.11 -22.98 35.63
CA ARG D 157 -0.86 -24.19 35.91
C ARG D 157 -0.11 -25.08 36.87
N ALA D 158 1.21 -25.12 36.72
CA ALA D 158 2.07 -25.78 37.68
C ALA D 158 1.95 -25.14 39.05
N ALA D 159 1.94 -23.81 39.11
CA ALA D 159 1.82 -23.16 40.42
C ALA D 159 0.45 -23.45 41.05
N ASN D 160 -0.59 -23.41 40.23
CA ASN D 160 -1.93 -23.75 40.68
C ASN D 160 -1.95 -25.18 41.17
N TYR D 161 -1.23 -26.07 40.48
CA TYR D 161 -1.20 -27.49 40.85
C TYR D 161 -0.55 -27.71 42.22
N ALA D 162 0.54 -27.00 42.51
CA ALA D 162 1.16 -27.12 43.83
C ALA D 162 0.21 -26.59 44.91
N ALA D 163 -0.41 -25.43 44.63
CA ALA D 163 -1.33 -24.78 45.55
C ALA D 163 -2.56 -25.64 45.85
N LYS D 164 -3.05 -26.34 44.82
CA LYS D 164 -4.25 -27.17 44.99
C LYS D 164 -3.97 -28.29 46.00
N HIS D 165 -2.71 -28.72 46.07
CA HIS D 165 -2.34 -29.76 47.02
C HIS D 165 -1.64 -29.23 48.26
N GLN D 166 -1.84 -27.95 48.57
CA GLN D 166 -1.28 -27.34 49.77
C GLN D 166 0.24 -27.42 49.77
N VAL D 167 0.88 -27.31 48.60
CA VAL D 167 2.36 -27.30 48.56
C VAL D 167 2.86 -25.87 48.37
N LEU D 168 3.68 -25.39 49.31
CA LEU D 168 4.27 -24.06 49.22
C LEU D 168 5.43 -24.04 48.26
N VAL D 169 5.50 -22.97 47.47
CA VAL D 169 6.58 -22.81 46.52
C VAL D 169 7.31 -21.49 46.78
N PHE D 170 8.61 -21.58 47.09
CA PHE D 170 9.40 -20.39 47.31
C PHE D 170 10.34 -20.18 46.13
N SER D 171 10.46 -18.93 45.73
CA SER D 171 11.25 -18.60 44.56
C SER D 171 12.15 -17.39 44.82
N SER D 172 13.32 -17.40 44.21
CA SER D 172 14.24 -16.28 44.34
C SER D 172 13.75 -15.10 43.49
N ALA D 173 13.80 -13.88 44.05
CA ALA D 173 13.22 -12.72 43.33
C ALA D 173 14.07 -12.25 42.12
N GLY D 174 15.35 -12.60 42.13
CA GLY D 174 16.28 -12.26 41.06
C GLY D 174 17.22 -11.13 41.47
N ASN D 175 18.37 -11.08 40.81
CA ASN D 175 19.49 -10.22 41.19
C ASN D 175 19.85 -9.07 40.26
N LYS D 176 18.89 -8.59 39.47
CA LYS D 176 19.18 -7.53 38.52
C LYS D 176 19.03 -6.14 39.15
N GLY D 177 18.62 -6.10 40.42
CA GLY D 177 18.50 -4.82 41.09
C GLY D 177 17.49 -3.89 40.44
N VAL D 178 16.48 -4.43 39.75
CA VAL D 178 15.44 -3.60 39.11
C VAL D 178 14.11 -3.70 39.84
N ASN D 179 13.24 -2.73 39.55
CA ASN D 179 11.85 -2.81 39.98
C ASN D 179 11.04 -3.61 38.95
N LEU D 180 10.46 -4.72 39.39
CA LEU D 180 9.83 -5.68 38.48
C LEU D 180 8.56 -5.15 37.83
N ASP D 181 7.89 -4.23 38.51
CA ASP D 181 6.70 -3.58 37.96
C ASP D 181 7.09 -2.61 36.84
N GLU D 182 8.12 -1.83 37.09
CA GLU D 182 8.65 -0.97 36.04
C GLU D 182 9.17 -1.80 34.89
N MET D 183 9.73 -2.96 35.20
CA MET D 183 10.24 -3.83 34.13
C MET D 183 9.08 -4.35 33.28
N ARG D 184 7.93 -4.58 33.89
CA ARG D 184 6.83 -5.12 33.12
C ARG D 184 6.19 -4.07 32.23
N LYS D 185 6.08 -2.84 32.72
CA LYS D 185 5.45 -1.80 31.90
C LYS D 185 6.39 -1.30 30.81
N THR D 186 7.68 -1.20 31.12
CA THR D 186 8.68 -0.69 30.19
C THR D 186 9.11 -1.76 29.17
N GLU D 187 9.50 -2.94 29.67
CA GLU D 187 10.13 -3.94 28.82
C GLU D 187 9.20 -5.10 28.46
N ASN D 188 7.99 -5.04 29.01
CA ASN D 188 7.04 -6.11 28.87
C ASN D 188 7.66 -7.47 29.29
N LYS D 189 8.50 -7.45 30.31
CA LYS D 189 9.07 -8.70 30.84
C LYS D 189 8.64 -9.00 32.27
N VAL D 190 8.72 -10.27 32.61
CA VAL D 190 8.29 -10.76 33.89
C VAL D 190 9.31 -11.80 34.39
N HIS D 191 9.50 -11.88 35.70
CA HIS D 191 10.45 -12.84 36.25
C HIS D 191 9.73 -14.11 36.69
N LEU D 192 10.11 -15.24 36.07
CA LEU D 192 9.39 -16.50 36.29
C LEU D 192 10.31 -17.57 36.90
N PRO D 193 9.81 -18.32 37.90
CA PRO D 193 8.40 -18.37 38.32
C PRO D 193 7.98 -17.40 39.41
N SER D 194 8.88 -16.51 39.84
CA SER D 194 8.60 -15.71 41.04
C SER D 194 7.36 -14.84 40.93
N ALA D 195 7.04 -14.39 39.74
CA ALA D 195 5.91 -13.47 39.56
C ALA D 195 4.55 -14.15 39.65
N LEU D 196 4.55 -15.48 39.55
CA LEU D 196 3.30 -16.25 39.49
C LEU D 196 2.51 -16.19 40.78
N LYS D 197 1.21 -16.27 40.62
CA LYS D 197 0.32 -16.46 41.75
C LYS D 197 0.58 -17.82 42.42
N HIS D 198 0.49 -17.88 43.74
CA HIS D 198 0.79 -19.08 44.55
C HIS D 198 2.29 -19.40 44.60
N VAL D 199 3.12 -18.55 44.01
CA VAL D 199 4.57 -18.67 44.21
C VAL D 199 5.09 -17.52 45.10
N VAL D 200 5.82 -17.85 46.15
CA VAL D 200 6.30 -16.84 47.09
C VAL D 200 7.62 -16.23 46.65
N SER D 201 7.58 -14.98 46.22
CA SER D 201 8.79 -14.34 45.72
C SER D 201 9.61 -13.80 46.87
N VAL D 202 10.88 -14.19 46.94
CA VAL D 202 11.73 -13.85 48.07
C VAL D 202 12.97 -13.07 47.67
N GLY D 203 13.16 -11.92 48.31
CA GLY D 203 14.35 -11.09 48.14
C GLY D 203 15.40 -11.27 49.21
N SER D 204 16.48 -10.52 49.07
CA SER D 204 17.61 -10.70 49.97
C SER D 204 17.98 -9.42 50.73
N ASN D 205 18.14 -9.52 52.05
CA ASN D 205 18.64 -8.36 52.80
C ASN D 205 20.08 -8.55 53.32
N MET D 206 20.65 -7.48 53.84
CA MET D 206 22.01 -7.45 54.35
C MET D 206 22.03 -7.71 55.83
N LYS D 207 23.25 -7.79 56.37
CA LYS D 207 23.47 -7.92 57.80
C LYS D 207 22.87 -6.73 58.52
N SER D 208 22.90 -5.58 57.86
CA SER D 208 22.34 -4.34 58.41
C SER D 208 20.82 -4.27 58.33
N ASN D 209 20.22 -5.25 57.65
CA ASN D 209 18.78 -5.29 57.39
C ASN D 209 18.41 -4.36 56.24
N ASN D 210 19.37 -3.60 55.70
CA ASN D 210 19.15 -2.88 54.45
C ASN D 210 18.91 -3.89 53.34
N ILE D 211 18.16 -3.50 52.31
CA ILE D 211 17.94 -4.40 51.19
C ILE D 211 19.31 -4.60 50.47
N SER D 212 19.53 -5.82 49.96
CA SER D 212 20.68 -6.05 49.11
C SER D 212 20.47 -5.24 47.85
N PRO D 213 21.51 -4.53 47.40
CA PRO D 213 21.34 -3.67 46.21
C PRO D 213 20.89 -4.45 44.99
N TYR D 214 21.31 -5.72 44.85
CA TYR D 214 20.97 -6.51 43.66
C TYR D 214 19.56 -7.06 43.68
N SER D 215 18.94 -7.03 44.86
CA SER D 215 17.67 -7.70 45.09
C SER D 215 16.55 -7.04 44.31
N ASN D 216 15.90 -7.79 43.43
CA ASN D 216 14.77 -7.23 42.70
C ASN D 216 13.67 -6.78 43.66
N GLN D 217 12.97 -5.72 43.25
CA GLN D 217 11.88 -5.15 44.01
C GLN D 217 10.60 -5.18 43.20
N GLY D 218 9.48 -4.99 43.87
CA GLY D 218 8.18 -5.00 43.20
C GLY D 218 7.08 -5.46 44.12
N ARG D 219 5.84 -5.31 43.66
CA ARG D 219 4.68 -5.70 44.45
C ARG D 219 4.69 -7.20 44.70
N GLU D 220 5.36 -7.95 43.81
CA GLU D 220 5.39 -9.41 43.93
C GLU D 220 6.21 -9.88 45.13
N ILE D 221 7.14 -9.06 45.61
CA ILE D 221 7.97 -9.43 46.74
C ILE D 221 7.16 -9.70 48.02
N GLU D 222 7.30 -10.88 48.61
CA GLU D 222 6.56 -11.17 49.85
C GLU D 222 7.44 -11.24 51.07
N PHE D 223 8.65 -11.72 50.91
CA PHE D 223 9.54 -11.83 52.04
C PHE D 223 10.97 -11.51 51.67
N THR D 224 11.79 -11.35 52.70
CA THR D 224 13.20 -11.22 52.49
C THR D 224 13.87 -12.13 53.51
N ALA D 225 15.13 -12.49 53.24
CA ALA D 225 15.95 -13.27 54.14
C ALA D 225 17.39 -12.81 53.93
N PRO D 226 18.26 -12.99 54.95
CA PRO D 226 19.62 -12.46 54.80
C PRO D 226 20.48 -13.22 53.79
N GLY D 227 20.60 -12.68 52.58
CA GLY D 227 21.46 -13.28 51.59
C GLY D 227 22.73 -12.47 51.37
N GLY D 228 22.88 -11.30 52.01
CA GLY D 228 24.18 -10.66 51.94
C GLY D 228 24.58 -10.10 50.58
N TYR D 229 25.78 -9.52 50.51
CA TYR D 229 26.33 -9.01 49.26
C TYR D 229 27.84 -8.85 49.40
N LEU D 230 28.49 -8.37 48.36
CA LEU D 230 29.93 -8.16 48.39
C LEU D 230 30.21 -6.97 49.33
N GLY D 231 29.24 -6.06 49.50
CA GLY D 231 29.38 -4.97 50.46
C GLY D 231 28.20 -4.00 50.45
N GLU D 232 27.99 -3.27 51.55
CA GLU D 232 26.86 -2.31 51.62
C GLU D 232 26.97 -1.31 50.51
N THR D 233 28.18 -0.79 50.34
CA THR D 233 28.45 0.21 49.32
C THR D 233 29.36 -0.30 48.21
N TYR D 234 29.63 -1.60 48.20
CA TYR D 234 30.49 -2.19 47.16
C TYR D 234 30.26 -1.70 45.73
N ASP D 235 28.98 -1.54 45.36
CA ASP D 235 28.60 -1.06 44.03
C ASP D 235 29.16 0.33 43.78
N GLN D 236 29.23 1.16 44.80
CA GLN D 236 29.83 2.47 44.65
C GLN D 236 31.35 2.49 44.83
N ASP D 237 31.93 1.68 45.72
CA ASP D 237 33.35 1.87 46.02
C ASP D 237 34.29 0.69 45.73
N GLY D 238 33.78 -0.40 45.17
CA GLY D 238 34.67 -1.47 44.75
C GLY D 238 35.21 -2.37 45.85
N MET D 239 34.93 -2.00 47.08
CA MET D 239 35.46 -2.76 48.19
C MET D 239 34.54 -3.87 48.67
N VAL D 240 35.10 -5.05 48.82
CA VAL D 240 34.34 -6.20 49.26
C VAL D 240 34.56 -6.30 50.78
N ARG D 241 33.45 -6.40 51.52
CA ARG D 241 33.48 -6.61 52.97
C ARG D 241 33.17 -8.10 53.12
N VAL D 242 34.11 -8.91 53.60
CA VAL D 242 33.86 -10.33 53.58
C VAL D 242 32.81 -10.67 54.65
N THR D 243 32.65 -9.78 55.64
CA THR D 243 31.62 -10.04 56.64
C THR D 243 30.19 -9.74 56.14
N ASP D 244 30.04 -9.20 54.95
CA ASP D 244 28.70 -9.00 54.39
C ASP D 244 28.21 -10.18 53.57
N LEU D 245 29.12 -11.12 53.28
CA LEU D 245 28.78 -12.32 52.52
C LEU D 245 28.27 -13.43 53.45
N VAL D 246 27.70 -14.49 52.88
CA VAL D 246 27.19 -15.62 53.66
C VAL D 246 27.94 -16.89 53.30
N LEU D 247 28.23 -17.72 54.31
CA LEU D 247 28.88 -19.00 54.06
C LEU D 247 27.85 -19.92 53.46
N THR D 248 28.29 -20.74 52.53
CA THR D 248 27.44 -21.73 51.89
C THR D 248 28.14 -23.08 51.91
N THR D 249 27.35 -24.15 51.86
CA THR D 249 27.91 -25.46 51.60
C THR D 249 28.21 -25.53 50.09
N TYR D 250 29.38 -26.06 49.76
CA TYR D 250 29.86 -26.11 48.38
C TYR D 250 30.41 -27.53 48.11
N PRO D 251 30.26 -28.06 46.87
CA PRO D 251 30.68 -29.44 46.57
C PRO D 251 32.06 -29.73 47.09
N LYS D 252 32.13 -30.80 47.88
CA LYS D 252 33.31 -31.11 48.68
C LYS D 252 34.56 -31.38 47.83
N GLY D 253 34.35 -31.93 46.64
CA GLY D 253 35.46 -32.27 45.76
C GLY D 253 35.78 -31.21 44.74
N LYS D 254 35.26 -30.00 44.98
CA LYS D 254 35.42 -28.90 44.07
C LYS D 254 36.26 -27.81 44.74
N ASP D 255 37.17 -27.21 44.00
CA ASP D 255 38.00 -26.15 44.55
C ASP D 255 37.11 -24.94 44.86
N ASN D 256 37.23 -24.34 46.03
CA ASN D 256 36.49 -23.11 46.27
C ASN D 256 37.34 -21.92 45.76
N THR D 257 36.88 -20.70 46.04
CA THR D 257 37.39 -19.49 45.38
C THR D 257 38.66 -18.91 46.00
N ALA D 258 39.29 -18.02 45.24
CA ALA D 258 40.46 -17.28 45.71
C ALA D 258 40.12 -16.55 46.99
N LEU D 259 38.89 -16.03 47.05
CA LEU D 259 38.44 -15.32 48.24
C LEU D 259 38.36 -16.28 49.41
N ASP D 260 37.86 -17.48 49.14
CA ASP D 260 37.76 -18.53 50.15
C ASP D 260 39.12 -18.97 50.67
N GLN D 261 40.07 -19.14 49.74
CA GLN D 261 41.43 -19.56 50.05
C GLN D 261 42.15 -18.55 50.91
N MET D 262 42.03 -17.28 50.53
CA MET D 262 42.63 -16.21 51.32
C MET D 262 42.12 -16.20 52.76
N LEU D 263 40.87 -16.63 52.97
CA LEU D 263 40.31 -16.65 54.32
C LEU D 263 40.46 -18.01 54.97
N ASN D 264 41.18 -18.90 54.30
CA ASN D 264 41.41 -20.27 54.76
C ASN D 264 40.10 -21.01 55.03
N ILE D 265 39.12 -20.76 54.17
CA ILE D 265 37.91 -21.53 54.15
C ILE D 265 38.16 -22.85 53.41
N PRO D 266 38.09 -23.97 54.14
CA PRO D 266 38.41 -25.28 53.57
C PRO D 266 37.36 -25.76 52.57
N LYS D 267 37.68 -26.76 51.74
CA LYS D 267 36.68 -27.28 50.81
C LYS D 267 35.44 -27.84 51.50
N GLY D 268 34.31 -27.69 50.80
CA GLY D 268 33.02 -27.98 51.32
C GLY D 268 32.29 -26.68 51.63
N TYR D 269 33.02 -25.55 51.68
CA TYR D 269 32.39 -24.25 51.95
C TYR D 269 32.86 -23.14 51.02
N SER D 270 31.99 -22.16 50.79
CA SER D 270 32.35 -21.00 49.96
C SER D 270 31.56 -19.76 50.39
N LEU D 271 32.22 -18.61 50.37
CA LEU D 271 31.57 -17.36 50.73
C LEU D 271 30.78 -16.90 49.53
N SER D 272 29.53 -16.52 49.76
CA SER D 272 28.65 -16.19 48.64
C SER D 272 27.54 -15.20 49.00
N TYR D 273 26.60 -15.00 48.08
CA TYR D 273 25.47 -14.10 48.26
C TYR D 273 24.41 -14.37 47.22
N GLY D 274 23.25 -13.79 47.41
CA GLY D 274 22.27 -13.84 46.36
C GLY D 274 20.88 -14.16 46.85
N THR D 275 19.95 -13.74 46.02
CA THR D 275 18.54 -14.01 46.18
C THR D 275 18.25 -15.51 46.17
N SER D 276 19.09 -16.27 45.49
CA SER D 276 18.95 -17.73 45.44
C SER D 276 19.31 -18.37 46.80
N LEU D 277 19.93 -17.59 47.69
CA LEU D 277 20.29 -18.08 49.02
C LEU D 277 19.29 -17.61 50.09
N ALA D 278 18.43 -16.66 49.73
CA ALA D 278 17.41 -16.15 50.64
C ALA D 278 16.17 -17.05 50.64
N ALA D 279 15.70 -17.40 49.45
CA ALA D 279 14.54 -18.27 49.31
C ALA D 279 14.65 -19.60 50.09
N PRO D 280 15.79 -20.31 49.99
CA PRO D 280 15.82 -21.57 50.72
C PRO D 280 15.76 -21.41 52.23
N GLN D 281 16.15 -20.24 52.75
CA GLN D 281 15.99 -19.98 54.16
C GLN D 281 14.51 -19.91 54.52
N VAL D 282 13.71 -19.30 53.65
CA VAL D 282 12.28 -19.19 53.92
C VAL D 282 11.69 -20.58 53.78
N ALA D 283 12.17 -21.31 52.77
CA ALA D 283 11.77 -22.69 52.59
C ALA D 283 12.11 -23.56 53.84
N GLY D 284 13.31 -23.41 54.37
CA GLY D 284 13.70 -24.12 55.57
C GLY D 284 12.83 -23.74 56.77
N THR D 285 12.54 -22.44 56.90
CA THR D 285 11.73 -21.99 58.02
C THR D 285 10.32 -22.54 57.91
N ALA D 286 9.76 -22.55 56.69
CA ALA D 286 8.45 -23.12 56.47
C ALA D 286 8.45 -24.62 56.87
N ALA D 287 9.52 -25.34 56.51
CA ALA D 287 9.67 -26.74 56.87
C ALA D 287 9.74 -26.92 58.39
N LEU D 288 10.34 -25.97 59.09
CA LEU D 288 10.35 -26.03 60.53
C LEU D 288 8.94 -25.81 61.10
N VAL D 289 8.21 -24.87 60.52
CA VAL D 289 6.88 -24.58 61.02
C VAL D 289 6.00 -25.81 60.82
N ILE D 290 6.07 -26.39 59.62
CA ILE D 290 5.33 -27.61 59.32
C ILE D 290 5.69 -28.72 60.29
N SER D 291 6.97 -28.86 60.58
CA SER D 291 7.41 -29.91 61.47
C SER D 291 6.78 -29.72 62.83
N GLU D 292 6.89 -28.52 63.37
CA GLU D 292 6.35 -28.23 64.69
C GLU D 292 4.83 -28.37 64.76
N TYR D 293 4.14 -27.84 63.75
CA TYR D 293 2.71 -27.88 63.75
C TYR D 293 2.22 -29.32 63.77
N ARG D 294 2.92 -30.17 63.03
CA ARG D 294 2.53 -31.56 62.92
C ARG D 294 2.86 -32.27 64.22
N GLU D 295 3.86 -31.75 64.92
CA GLU D 295 4.23 -32.31 66.20
C GLU D 295 3.24 -31.97 67.28
N ARG D 296 2.67 -30.77 67.19
CA ARG D 296 1.80 -30.26 68.24
C ARG D 296 0.35 -30.71 68.07
N HIS D 297 -0.10 -30.72 66.83
CA HIS D 297 -1.43 -31.15 66.49
C HIS D 297 -1.01 -32.33 65.68
N HIS D 298 -1.75 -33.40 65.58
CA HIS D 298 -1.15 -34.45 64.75
C HIS D 298 -1.81 -34.43 63.40
N ARG D 299 -1.89 -33.22 62.85
CA ARG D 299 -2.36 -33.01 61.49
C ARG D 299 -1.47 -32.02 60.74
N LYS D 300 -1.50 -32.11 59.42
CA LYS D 300 -0.73 -31.21 58.58
C LYS D 300 -1.48 -29.88 58.46
N PRO D 301 -0.76 -28.74 58.56
CA PRO D 301 -1.35 -27.40 58.39
C PRO D 301 -1.60 -27.08 56.92
N SER D 302 -2.54 -26.19 56.62
CA SER D 302 -2.74 -25.78 55.23
C SER D 302 -1.56 -24.93 54.79
N ALA D 303 -1.38 -24.78 53.48
CA ALA D 303 -0.34 -23.91 52.97
C ALA D 303 -0.53 -22.50 53.53
N LYS D 304 -1.78 -22.07 53.61
CA LYS D 304 -2.13 -20.74 54.10
C LYS D 304 -1.81 -20.57 55.58
N GLN D 305 -1.96 -21.64 56.35
CA GLN D 305 -1.59 -21.57 57.76
C GLN D 305 -0.09 -21.32 57.97
N VAL D 306 0.73 -22.00 57.19
CA VAL D 306 2.18 -21.82 57.22
C VAL D 306 2.54 -20.41 56.72
N HIS D 307 1.93 -19.96 55.63
CA HIS D 307 2.19 -18.63 55.10
C HIS D 307 1.89 -17.54 56.12
N HIS D 308 0.79 -17.74 56.85
CA HIS D 308 0.33 -16.83 57.90
C HIS D 308 1.36 -16.73 59.02
N ILE D 309 1.88 -17.87 59.43
CA ILE D 309 2.91 -17.88 60.47
C ILE D 309 4.20 -17.16 59.99
N LEU D 310 4.62 -17.40 58.75
CA LEU D 310 5.78 -16.71 58.20
C LEU D 310 5.56 -15.20 58.16
N ARG D 311 4.36 -14.82 57.72
CA ARG D 311 3.99 -13.41 57.58
C ARG D 311 3.94 -12.63 58.90
N LYS D 312 3.32 -13.22 59.93
CA LYS D 312 3.18 -12.53 61.22
C LYS D 312 4.44 -12.47 62.06
N SER D 313 5.37 -13.38 61.83
CA SER D 313 6.60 -13.35 62.58
C SER D 313 7.69 -12.57 61.87
N ALA D 314 7.40 -12.12 60.64
CA ALA D 314 8.38 -11.41 59.85
C ALA D 314 8.76 -10.04 60.43
N LEU D 315 10.02 -9.64 60.30
CA LEU D 315 10.41 -8.30 60.69
C LEU D 315 10.03 -7.22 59.67
N ASP D 316 9.18 -6.29 60.07
CA ASP D 316 8.69 -5.23 59.20
C ASP D 316 9.75 -4.18 59.02
N LEU D 317 10.37 -4.20 57.85
CA LEU D 317 11.43 -3.29 57.45
C LEU D 317 10.85 -2.33 56.44
N GLY D 318 11.61 -1.29 56.11
CA GLY D 318 11.21 -0.24 55.19
C GLY D 318 9.99 0.54 55.63
N LYS D 319 9.17 0.96 54.67
CA LYS D 319 7.95 1.68 55.00
C LYS D 319 7.10 0.68 55.76
N PRO D 320 6.36 1.15 56.78
CA PRO D 320 5.50 0.27 57.60
C PRO D 320 4.48 -0.48 56.76
N GLY D 321 4.42 -1.79 56.97
CA GLY D 321 3.51 -2.64 56.24
C GLY D 321 4.23 -3.40 55.12
N LYS D 322 3.46 -3.96 54.21
CA LYS D 322 4.01 -4.70 53.08
C LYS D 322 4.43 -3.71 52.01
N ASP D 323 5.73 -3.58 51.81
CA ASP D 323 6.27 -2.66 50.80
C ASP D 323 6.92 -3.40 49.63
N VAL D 324 7.17 -2.69 48.54
CA VAL D 324 7.73 -3.28 47.33
C VAL D 324 9.19 -3.69 47.49
N ILE D 325 9.83 -3.30 48.59
CA ILE D 325 11.22 -3.64 48.83
C ILE D 325 11.36 -4.94 49.63
N TYR D 326 10.65 -5.03 50.75
CA TYR D 326 10.82 -6.13 51.67
C TYR D 326 9.63 -7.07 51.72
N GLY D 327 8.54 -6.68 51.05
CA GLY D 327 7.29 -7.40 51.18
C GLY D 327 6.84 -7.34 52.63
N TYR D 328 6.39 -8.47 53.12
CA TYR D 328 6.00 -8.56 54.52
C TYR D 328 7.19 -8.40 55.44
N GLY D 329 8.40 -8.50 54.91
CA GLY D 329 9.56 -8.26 55.74
C GLY D 329 10.51 -9.44 55.83
N GLU D 330 11.46 -9.36 56.77
CA GLU D 330 12.47 -10.38 56.93
C GLU D 330 11.99 -11.54 57.79
N VAL D 331 12.00 -12.71 57.16
CA VAL D 331 11.65 -13.96 57.82
C VAL D 331 12.67 -14.24 58.93
N ARG D 332 12.14 -14.67 60.08
CA ARG D 332 12.95 -15.03 61.22
C ARG D 332 12.44 -16.37 61.71
N ALA D 333 13.26 -17.42 61.56
CA ALA D 333 12.82 -18.75 61.93
C ALA D 333 12.50 -18.88 63.42
N TYR D 334 13.35 -18.32 64.28
CA TYR D 334 13.14 -18.42 65.72
C TYR D 334 11.85 -17.67 66.12
N GLN D 335 11.49 -16.62 65.39
CA GLN D 335 10.24 -15.89 65.64
C GLN D 335 9.03 -16.67 65.18
N ALA D 336 9.15 -17.35 64.04
CA ALA D 336 8.04 -18.17 63.54
C ALA D 336 7.67 -19.21 64.59
N LEU D 337 8.69 -19.83 65.18
CA LEU D 337 8.48 -20.88 66.17
C LEU D 337 7.91 -20.24 67.46
N LYS D 338 8.31 -19.02 67.76
CA LYS D 338 7.85 -18.37 68.99
C LYS D 338 6.36 -18.02 68.94
N MET D 339 5.84 -17.76 67.74
CA MET D 339 4.45 -17.38 67.57
C MET D 339 3.48 -18.53 67.41
N MET D 340 3.98 -19.76 67.49
CA MET D 340 3.11 -20.93 67.46
C MET D 340 2.75 -21.40 68.87
N GLU E 30 -35.90 -25.36 -14.53
CA GLU E 30 -35.99 -26.61 -13.77
C GLU E 30 -35.59 -26.52 -12.29
N GLN E 31 -36.59 -26.43 -11.42
CA GLN E 31 -36.35 -26.59 -9.99
C GLN E 31 -37.37 -27.54 -9.40
N TYR E 32 -37.29 -27.71 -8.09
CA TYR E 32 -38.14 -28.65 -7.40
C TYR E 32 -38.75 -27.99 -6.17
N LEU E 33 -39.98 -28.40 -5.88
CA LEU E 33 -40.76 -27.79 -4.81
C LEU E 33 -41.28 -28.87 -3.88
N LEU E 34 -41.21 -28.62 -2.57
CA LEU E 34 -41.81 -29.56 -1.64
C LEU E 34 -42.87 -28.79 -0.85
N LEU E 35 -44.13 -29.12 -1.09
CA LEU E 35 -45.22 -28.51 -0.34
C LEU E 35 -45.17 -28.95 1.11
N GLU E 36 -45.62 -28.08 2.00
CA GLU E 36 -45.63 -28.40 3.42
C GLU E 36 -46.89 -29.15 3.79
N HIS E 37 -47.88 -29.09 2.90
CA HIS E 37 -49.08 -29.91 2.98
C HIS E 37 -49.43 -30.39 1.58
N VAL E 38 -49.55 -31.69 1.42
CA VAL E 38 -49.67 -32.26 0.08
C VAL E 38 -51.03 -31.93 -0.51
N LYS E 39 -51.99 -31.58 0.37
CA LYS E 39 -53.34 -31.16 -0.02
C LYS E 39 -53.36 -29.86 -0.82
N ASP E 40 -52.29 -29.06 -0.76
CA ASP E 40 -52.24 -27.80 -1.50
C ASP E 40 -51.78 -28.00 -2.95
N LYS E 41 -52.03 -29.18 -3.48
CA LYS E 41 -51.64 -29.49 -4.83
C LYS E 41 -52.38 -28.56 -5.82
N SER E 42 -53.68 -28.35 -5.59
CA SER E 42 -54.47 -27.45 -6.44
C SER E 42 -53.94 -26.02 -6.50
N LYS E 43 -53.35 -25.52 -5.41
CA LYS E 43 -53.02 -24.11 -5.37
C LYS E 43 -51.65 -23.92 -6.04
N LEU E 44 -50.95 -25.03 -6.18
CA LEU E 44 -49.71 -25.12 -6.90
C LEU E 44 -49.95 -25.13 -8.38
N LEU E 45 -51.00 -25.85 -8.78
CA LEU E 45 -51.35 -25.96 -10.17
C LEU E 45 -52.04 -24.71 -10.68
N ASP E 46 -52.61 -23.93 -9.77
CA ASP E 46 -53.24 -22.68 -10.17
C ASP E 46 -52.20 -21.58 -10.18
N THR E 47 -51.33 -21.58 -9.18
CA THR E 47 -50.22 -20.64 -9.18
C THR E 47 -49.28 -20.93 -10.38
N ALA E 48 -49.13 -22.20 -10.76
CA ALA E 48 -48.25 -22.50 -11.89
C ALA E 48 -48.86 -21.99 -13.18
N GLU E 49 -50.19 -22.01 -13.24
CA GLU E 49 -50.92 -21.59 -14.43
C GLU E 49 -50.99 -20.08 -14.54
N GLN E 50 -50.78 -19.40 -13.42
CA GLN E 50 -50.82 -17.95 -13.40
C GLN E 50 -49.46 -17.32 -13.74
N PHE E 51 -48.41 -18.15 -13.80
CA PHE E 51 -47.11 -17.63 -14.21
C PHE E 51 -46.59 -18.41 -15.40
N HIS E 52 -47.52 -19.09 -16.08
CA HIS E 52 -47.23 -19.87 -17.27
C HIS E 52 -46.02 -20.78 -17.13
N ILE E 53 -45.97 -21.55 -16.05
CA ILE E 53 -44.89 -22.53 -15.87
C ILE E 53 -45.50 -23.92 -15.67
N HIS E 54 -44.79 -24.95 -16.12
CA HIS E 54 -45.29 -26.32 -16.00
C HIS E 54 -44.93 -27.01 -14.67
N ALA E 55 -45.96 -27.45 -13.97
CA ALA E 55 -45.80 -28.15 -12.71
C ALA E 55 -46.14 -29.64 -12.80
N ASP E 56 -45.14 -30.47 -12.55
CA ASP E 56 -45.26 -31.92 -12.56
C ASP E 56 -45.22 -32.41 -11.11
N VAL E 57 -46.33 -32.92 -10.62
CA VAL E 57 -46.37 -33.24 -9.20
C VAL E 57 -46.50 -34.72 -8.90
N ILE E 58 -45.67 -35.20 -7.98
CA ILE E 58 -45.90 -36.50 -7.38
C ILE E 58 -46.86 -36.19 -6.24
N GLU E 59 -48.15 -36.33 -6.54
CA GLU E 59 -49.21 -35.79 -5.68
C GLU E 59 -49.17 -36.31 -4.24
N GLU E 60 -48.87 -37.60 -4.08
CA GLU E 60 -48.94 -38.20 -2.75
C GLU E 60 -47.89 -37.64 -1.81
N ILE E 61 -46.78 -37.15 -2.33
CA ILE E 61 -45.71 -36.67 -1.47
C ILE E 61 -45.49 -35.16 -1.58
N GLY E 62 -46.14 -34.53 -2.55
CA GLY E 62 -46.12 -33.09 -2.68
C GLY E 62 -44.78 -32.54 -3.13
N PHE E 63 -44.18 -33.26 -4.06
CA PHE E 63 -42.87 -32.91 -4.57
C PHE E 63 -43.05 -32.71 -6.05
N ALA E 64 -42.61 -31.56 -6.53
CA ALA E 64 -42.92 -31.18 -7.89
C ALA E 64 -41.68 -30.80 -8.66
N LYS E 65 -41.67 -31.11 -9.95
CA LYS E 65 -40.62 -30.62 -10.81
C LYS E 65 -41.29 -29.50 -11.58
N VAL E 66 -40.76 -28.30 -11.43
CA VAL E 66 -41.36 -27.12 -12.04
C VAL E 66 -40.41 -26.60 -13.10
N THR E 67 -40.93 -26.44 -14.30
CA THR E 67 -40.09 -26.04 -15.40
C THR E 67 -40.69 -24.93 -16.28
N GLY E 68 -39.78 -24.17 -16.86
CA GLY E 68 -40.05 -23.07 -17.75
C GLY E 68 -38.64 -22.52 -17.89
N GLU E 69 -38.47 -21.34 -18.45
CA GLU E 69 -37.13 -20.76 -18.41
C GLU E 69 -37.18 -19.72 -17.28
N LYS E 70 -36.04 -19.52 -16.62
CA LYS E 70 -35.96 -18.89 -15.30
C LYS E 70 -36.73 -17.59 -15.01
N GLN E 71 -37.23 -16.89 -16.03
CA GLN E 71 -38.19 -15.84 -15.74
C GLN E 71 -39.45 -16.61 -15.33
N LYS E 72 -40.54 -15.93 -15.05
CA LYS E 72 -41.76 -16.61 -14.60
C LYS E 72 -41.61 -17.76 -13.58
N LEU E 73 -40.40 -18.22 -13.27
CA LEU E 73 -40.25 -19.23 -12.22
C LEU E 73 -39.80 -18.53 -10.98
N ALA E 74 -39.03 -17.48 -11.16
CA ALA E 74 -38.58 -16.72 -10.02
C ALA E 74 -39.75 -16.03 -9.32
N PRO E 75 -40.59 -15.31 -10.09
CA PRO E 75 -41.77 -14.84 -9.36
C PRO E 75 -42.76 -15.96 -9.01
N PHE E 76 -42.67 -17.11 -9.67
CA PHE E 76 -43.55 -18.23 -9.35
C PHE E 76 -43.20 -18.89 -8.03
N THR E 77 -41.95 -19.32 -7.90
CA THR E 77 -41.45 -19.97 -6.70
C THR E 77 -41.47 -19.04 -5.49
N LYS E 78 -41.42 -17.74 -5.73
CA LYS E 78 -41.50 -16.81 -4.61
C LYS E 78 -42.95 -16.57 -4.22
N LYS E 79 -43.82 -16.44 -5.22
CA LYS E 79 -45.25 -16.28 -4.94
C LYS E 79 -45.91 -17.52 -4.36
N LEU E 80 -45.46 -18.69 -4.78
CA LEU E 80 -46.07 -19.89 -4.25
C LEU E 80 -45.59 -20.25 -2.86
N ALA E 81 -44.32 -19.95 -2.56
CA ALA E 81 -43.74 -20.28 -1.26
C ALA E 81 -44.25 -19.38 -0.12
N GLU E 82 -44.73 -18.19 -0.47
CA GLU E 82 -45.36 -17.31 0.52
C GLU E 82 -46.86 -17.54 0.68
N LYS E 83 -47.49 -18.16 -0.29
CA LYS E 83 -48.93 -18.34 -0.23
C LYS E 83 -49.28 -19.66 0.46
N VAL E 84 -48.53 -20.68 0.10
CA VAL E 84 -48.66 -22.01 0.69
C VAL E 84 -47.26 -22.23 1.21
N GLY E 85 -47.06 -23.13 2.15
CA GLY E 85 -45.70 -23.35 2.60
C GLY E 85 -45.00 -24.31 1.67
N ALA E 86 -43.87 -23.86 1.12
CA ALA E 86 -43.08 -24.71 0.24
C ALA E 86 -41.57 -24.51 0.41
N ASP E 87 -40.81 -25.58 0.18
CA ASP E 87 -39.36 -25.51 0.11
C ASP E 87 -38.97 -25.63 -1.36
N VAL E 88 -37.92 -24.90 -1.73
CA VAL E 88 -37.52 -24.83 -3.13
C VAL E 88 -36.09 -25.38 -3.21
N ILE E 89 -35.71 -26.00 -4.32
CA ILE E 89 -34.36 -26.53 -4.47
C ILE E 89 -33.64 -25.85 -5.64
N SER F 6 -32.28 -84.59 -6.76
CA SER F 6 -31.64 -83.45 -6.11
C SER F 6 -32.32 -82.13 -6.53
N GLY F 7 -31.78 -81.01 -6.05
CA GLY F 7 -32.33 -79.73 -6.48
C GLY F 7 -31.39 -79.14 -7.51
N SER F 8 -31.92 -78.26 -8.35
CA SER F 8 -31.09 -77.60 -9.37
C SER F 8 -31.49 -76.13 -9.52
N PRO F 9 -30.53 -75.29 -9.94
CA PRO F 9 -30.89 -73.87 -10.07
C PRO F 9 -31.99 -73.69 -11.12
N ALA F 10 -32.85 -72.71 -10.93
CA ALA F 10 -33.94 -72.51 -11.88
C ALA F 10 -33.42 -72.14 -13.30
N TRP F 11 -32.24 -71.52 -13.34
CA TRP F 11 -31.64 -71.07 -14.59
C TRP F 11 -31.19 -72.25 -15.42
N GLY F 12 -31.29 -72.10 -16.74
CA GLY F 12 -30.87 -73.11 -17.70
C GLY F 12 -29.38 -73.30 -17.86
N LEU F 13 -28.62 -72.22 -17.67
CA LEU F 13 -27.16 -72.29 -17.68
C LEU F 13 -26.54 -72.85 -18.97
N ASP F 14 -27.30 -72.81 -20.08
CA ASP F 14 -26.90 -73.41 -21.36
C ASP F 14 -26.50 -74.88 -21.22
N GLY F 15 -27.05 -75.56 -20.22
CA GLY F 15 -26.70 -76.95 -20.03
C GLY F 15 -25.34 -77.17 -19.39
N ILE F 16 -24.59 -76.09 -19.15
CA ILE F 16 -23.24 -76.22 -18.61
C ILE F 16 -23.24 -76.43 -17.07
N LEU F 17 -22.90 -77.63 -16.64
CA LEU F 17 -23.03 -78.02 -15.22
C LEU F 17 -22.02 -77.29 -14.32
N GLU F 18 -20.92 -76.82 -14.91
CA GLU F 18 -19.87 -76.24 -14.10
C GLU F 18 -20.20 -74.81 -13.68
N LEU F 19 -21.19 -74.21 -14.33
CA LEU F 19 -21.56 -72.86 -13.96
C LEU F 19 -22.23 -72.82 -12.59
N LYS F 20 -22.69 -73.98 -12.13
CA LYS F 20 -23.30 -74.09 -10.80
C LYS F 20 -22.32 -73.67 -9.69
N GLU F 21 -21.01 -73.73 -9.97
CA GLU F 21 -19.99 -73.29 -9.01
C GLU F 21 -20.17 -71.82 -8.59
N TYR F 22 -20.65 -71.01 -9.54
CA TYR F 22 -20.85 -69.60 -9.32
C TYR F 22 -22.22 -69.35 -8.72
N LEU F 23 -22.98 -70.42 -8.49
CA LEU F 23 -24.29 -70.25 -7.86
C LEU F 23 -24.33 -70.73 -6.40
N TRP F 24 -23.14 -70.84 -5.81
CA TRP F 24 -22.97 -71.21 -4.39
C TRP F 24 -23.88 -70.37 -3.47
N PHE F 25 -24.03 -69.08 -3.78
CA PHE F 25 -24.88 -68.19 -2.97
C PHE F 25 -26.35 -68.62 -3.03
N ALA F 26 -26.76 -69.07 -4.21
CA ALA F 26 -28.16 -69.43 -4.42
C ALA F 26 -28.42 -70.76 -3.73
N ALA F 27 -27.44 -71.68 -3.82
CA ALA F 27 -27.51 -72.97 -3.15
C ALA F 27 -27.60 -72.80 -1.63
N LYS F 28 -26.86 -71.85 -1.08
CA LYS F 28 -26.90 -71.55 0.35
C LYS F 28 -28.31 -71.10 0.78
N GLN F 29 -28.85 -70.14 0.04
CA GLN F 29 -30.15 -69.54 0.29
C GLN F 29 -31.33 -70.54 0.28
N THR F 30 -31.29 -71.43 -0.71
CA THR F 30 -32.39 -72.31 -1.03
C THR F 30 -32.20 -73.74 -0.51
N ASP F 31 -31.13 -73.96 0.26
CA ASP F 31 -30.77 -75.29 0.77
C ASP F 31 -30.65 -76.31 -0.38
N SER F 32 -29.74 -76.05 -1.31
CA SER F 32 -29.61 -76.82 -2.54
C SER F 32 -30.94 -76.88 -3.32
N TYR F 33 -31.63 -75.74 -3.37
CA TYR F 33 -32.82 -75.57 -4.18
C TYR F 33 -34.00 -76.39 -3.64
N ARG F 34 -33.90 -76.84 -2.38
CA ARG F 34 -35.00 -77.58 -1.77
C ARG F 34 -36.21 -76.68 -1.57
N THR F 35 -35.99 -75.38 -1.37
CA THR F 35 -37.14 -74.49 -1.15
C THR F 35 -38.07 -74.41 -2.35
N TYR F 36 -37.57 -74.78 -3.53
CA TYR F 36 -38.38 -74.79 -4.74
C TYR F 36 -39.57 -75.75 -4.57
N GLN F 37 -39.42 -76.76 -3.72
CA GLN F 37 -40.48 -77.72 -3.50
C GLN F 37 -41.34 -77.33 -2.32
N ILE F 38 -40.97 -76.25 -1.65
CA ILE F 38 -41.79 -75.70 -0.60
C ILE F 38 -42.61 -74.50 -1.08
N GLU F 39 -41.92 -73.54 -1.69
CA GLU F 39 -42.52 -72.29 -2.13
C GLU F 39 -41.64 -71.60 -3.16
N ARG F 40 -42.17 -71.42 -4.37
CA ARG F 40 -41.48 -70.75 -5.45
C ARG F 40 -41.97 -69.32 -5.54
N GLY F 41 -42.97 -68.99 -4.73
CA GLY F 41 -43.60 -67.68 -4.82
C GLY F 41 -44.84 -67.73 -5.68
N HIS F 42 -45.75 -66.78 -5.42
CA HIS F 42 -46.98 -66.62 -6.17
C HIS F 42 -46.84 -65.56 -7.26
N PRO F 43 -47.29 -65.91 -8.48
CA PRO F 43 -47.37 -64.96 -9.60
C PRO F 43 -48.15 -63.70 -9.30
N ASP F 44 -49.11 -63.74 -8.39
CA ASP F 44 -49.89 -62.52 -8.16
C ASP F 44 -49.29 -61.71 -7.02
N VAL F 45 -48.16 -62.17 -6.54
CA VAL F 45 -47.28 -61.35 -5.71
C VAL F 45 -46.29 -60.66 -6.64
N LYS F 46 -46.19 -59.35 -6.55
CA LYS F 46 -45.41 -58.62 -7.55
C LYS F 46 -44.19 -57.90 -6.93
N VAL F 47 -43.02 -58.13 -7.51
CA VAL F 47 -41.83 -57.42 -7.04
C VAL F 47 -41.46 -56.36 -8.05
N ALA F 48 -41.46 -55.12 -7.58
CA ALA F 48 -41.08 -54.01 -8.41
C ALA F 48 -39.55 -53.82 -8.42
N LEU F 49 -39.00 -53.78 -9.62
CA LEU F 49 -37.57 -53.66 -9.89
C LEU F 49 -37.25 -52.21 -10.32
N ILE F 50 -36.90 -51.35 -9.37
CA ILE F 50 -36.58 -49.96 -9.70
C ILE F 50 -35.10 -49.90 -10.08
N ASP F 51 -34.84 -49.87 -11.37
CA ASP F 51 -33.49 -50.13 -11.85
C ASP F 51 -33.28 -49.58 -13.29
N SER F 52 -32.42 -50.25 -14.05
CA SER F 52 -31.99 -49.80 -15.37
C SER F 52 -32.80 -50.43 -16.51
N GLY F 53 -34.01 -50.88 -16.20
CA GLY F 53 -34.81 -51.56 -17.20
C GLY F 53 -34.68 -53.05 -17.00
N LEU F 54 -34.91 -53.82 -18.05
CA LEU F 54 -34.94 -55.26 -17.92
C LEU F 54 -34.88 -55.89 -19.27
N ASP F 55 -34.15 -57.00 -19.39
CA ASP F 55 -34.16 -57.80 -20.61
C ASP F 55 -35.45 -58.66 -20.64
N LEU F 56 -36.54 -58.11 -21.20
CA LEU F 56 -37.89 -58.70 -20.97
C LEU F 56 -38.01 -60.14 -21.42
N ASP F 57 -37.25 -60.57 -22.42
CA ASP F 57 -37.39 -61.96 -22.88
C ASP F 57 -36.17 -62.83 -22.60
N HIS F 58 -35.42 -62.48 -21.56
CA HIS F 58 -34.37 -63.38 -21.11
C HIS F 58 -35.01 -64.75 -20.84
N PRO F 59 -34.45 -65.82 -21.39
CA PRO F 59 -35.12 -67.14 -21.26
C PRO F 59 -35.44 -67.53 -19.80
N ASP F 60 -34.57 -67.17 -18.85
CA ASP F 60 -34.76 -67.56 -17.45
C ASP F 60 -35.78 -66.65 -16.81
N LEU F 61 -35.97 -65.46 -17.37
CA LEU F 61 -36.79 -64.46 -16.70
C LEU F 61 -38.16 -64.21 -17.33
N LYS F 62 -38.31 -64.53 -18.61
CA LYS F 62 -39.52 -64.13 -19.34
C LYS F 62 -40.82 -64.65 -18.72
N ALA F 63 -40.80 -65.85 -18.16
CA ALA F 63 -42.01 -66.37 -17.52
C ALA F 63 -42.47 -65.55 -16.30
N SER F 64 -41.57 -64.81 -15.66
CA SER F 64 -41.91 -64.05 -14.44
C SER F 64 -42.15 -62.59 -14.66
N VAL F 65 -41.72 -62.08 -15.82
CA VAL F 65 -41.81 -60.65 -16.11
C VAL F 65 -43.28 -60.27 -16.26
N ASN F 66 -43.70 -59.23 -15.56
CA ASN F 66 -45.00 -58.63 -15.75
C ASN F 66 -45.34 -58.49 -17.25
N THR F 67 -46.48 -59.06 -17.66
CA THR F 67 -46.84 -59.08 -19.09
C THR F 67 -47.06 -57.68 -19.64
N ASN F 68 -47.44 -56.75 -18.77
CA ASN F 68 -47.64 -55.34 -19.11
C ASN F 68 -46.29 -54.60 -19.20
N GLY F 69 -45.18 -55.34 -19.06
CA GLY F 69 -43.85 -54.73 -19.07
C GLY F 69 -43.76 -53.70 -17.96
N GLY F 70 -43.07 -52.60 -18.21
CA GLY F 70 -42.99 -51.55 -17.22
C GLY F 70 -42.67 -50.20 -17.85
N TRP F 71 -42.59 -49.16 -17.03
CA TRP F 71 -42.38 -47.80 -17.48
C TRP F 71 -40.91 -47.33 -17.36
N ASN F 72 -40.43 -46.67 -18.41
CA ASN F 72 -39.15 -45.98 -18.41
C ASN F 72 -39.33 -44.50 -18.04
N TYR F 73 -38.89 -44.09 -16.87
CA TYR F 73 -39.18 -42.71 -16.50
C TYR F 73 -38.24 -41.73 -17.18
N ILE F 74 -37.18 -42.24 -17.79
CA ILE F 74 -36.18 -41.37 -18.42
C ILE F 74 -36.66 -40.84 -19.77
N ASP F 75 -37.26 -41.73 -20.57
CA ASP F 75 -37.72 -41.40 -21.91
C ASP F 75 -39.24 -41.26 -21.94
N GLY F 76 -39.85 -41.40 -20.76
CA GLY F 76 -41.27 -41.62 -20.70
C GLY F 76 -41.35 -43.00 -21.35
N LYS F 77 -42.45 -43.31 -22.02
CA LYS F 77 -42.67 -44.58 -22.75
C LYS F 77 -42.35 -45.90 -22.04
N PRO F 78 -42.91 -47.01 -22.55
CA PRO F 78 -42.64 -48.35 -22.03
C PRO F 78 -41.21 -48.86 -22.08
N VAL F 79 -40.87 -49.70 -21.09
CA VAL F 79 -39.58 -50.37 -21.05
C VAL F 79 -39.47 -51.26 -22.27
N SER F 80 -38.33 -51.21 -22.95
CA SER F 80 -38.10 -52.04 -24.13
C SER F 80 -36.92 -52.97 -23.92
N GLY F 81 -36.11 -52.69 -22.90
CA GLY F 81 -34.96 -53.54 -22.65
C GLY F 81 -34.10 -53.00 -21.54
N ASP F 82 -32.84 -53.44 -21.53
CA ASP F 82 -31.89 -53.09 -20.48
C ASP F 82 -30.53 -52.82 -21.10
N PRO F 83 -30.23 -51.54 -21.36
CA PRO F 83 -29.01 -51.15 -22.08
C PRO F 83 -27.73 -51.57 -21.35
N THR F 84 -27.67 -51.31 -20.04
CA THR F 84 -26.47 -51.59 -19.25
C THR F 84 -26.42 -53.00 -18.66
N GLY F 85 -27.57 -53.65 -18.50
CA GLY F 85 -27.61 -54.98 -17.94
C GLY F 85 -27.85 -55.08 -16.44
N HIS F 86 -27.80 -53.96 -15.74
CA HIS F 86 -27.88 -53.92 -14.29
C HIS F 86 -29.22 -54.40 -13.67
N GLY F 87 -30.35 -54.02 -14.27
CA GLY F 87 -31.66 -54.46 -13.79
C GLY F 87 -31.90 -55.97 -14.02
N THR F 88 -31.37 -56.48 -15.12
CA THR F 88 -31.45 -57.90 -15.43
C THR F 88 -30.67 -58.65 -14.37
N GLN F 89 -29.55 -58.08 -13.94
CA GLN F 89 -28.78 -58.76 -12.92
C GLN F 89 -29.54 -58.77 -11.60
N THR F 90 -30.11 -57.63 -11.22
CA THR F 90 -30.95 -57.57 -10.04
C THR F 90 -32.13 -58.50 -10.12
N ALA F 91 -32.79 -58.47 -11.27
CA ALA F 91 -33.95 -59.31 -11.54
C ALA F 91 -33.58 -60.78 -11.35
N GLY F 92 -32.42 -61.16 -11.84
CA GLY F 92 -31.94 -62.53 -11.71
C GLY F 92 -31.77 -62.99 -10.26
N MET F 93 -31.47 -62.07 -9.34
CA MET F 93 -31.30 -62.47 -7.93
C MET F 93 -32.63 -62.73 -7.21
N ILE F 94 -33.66 -61.97 -7.60
CA ILE F 94 -35.02 -62.21 -7.16
C ILE F 94 -35.50 -63.55 -7.65
N ASN F 95 -35.26 -63.80 -8.92
CA ASN F 95 -35.71 -65.01 -9.56
C ASN F 95 -35.10 -66.34 -9.04
N ILE F 96 -33.80 -66.37 -8.76
CA ILE F 96 -33.11 -67.61 -8.38
C ILE F 96 -33.63 -68.11 -7.01
N ILE F 97 -34.10 -67.19 -6.18
CA ILE F 97 -34.68 -67.48 -4.88
C ILE F 97 -36.19 -67.72 -5.01
N ALA F 98 -36.85 -66.93 -5.86
CA ALA F 98 -38.31 -67.01 -6.03
C ALA F 98 -38.72 -66.98 -7.50
N PRO F 99 -38.59 -68.12 -8.19
CA PRO F 99 -38.73 -68.11 -9.66
C PRO F 99 -40.14 -67.82 -10.20
N ASP F 100 -41.19 -67.89 -9.38
CA ASP F 100 -42.52 -67.72 -9.95
C ASP F 100 -43.18 -66.40 -9.55
N VAL F 101 -42.52 -65.63 -8.71
CA VAL F 101 -43.05 -64.33 -8.33
C VAL F 101 -42.97 -63.36 -9.53
N THR F 102 -43.86 -62.39 -9.61
CA THR F 102 -43.82 -61.49 -10.77
C THR F 102 -42.86 -60.35 -10.49
N ILE F 103 -42.14 -59.97 -11.55
CA ILE F 103 -41.11 -58.92 -11.54
C ILE F 103 -41.48 -57.80 -12.50
N THR F 104 -41.57 -56.59 -11.99
CA THR F 104 -41.94 -55.44 -12.81
C THR F 104 -40.83 -54.40 -12.91
N PRO F 105 -40.37 -54.10 -14.13
CA PRO F 105 -39.31 -53.09 -14.29
C PRO F 105 -39.83 -51.67 -14.24
N TYR F 106 -39.26 -50.88 -13.34
CA TYR F 106 -39.44 -49.44 -13.32
C TYR F 106 -38.10 -48.81 -13.65
N GLN F 107 -37.90 -48.46 -14.91
CA GLN F 107 -36.61 -47.97 -15.38
C GLN F 107 -36.31 -46.51 -15.02
N VAL F 108 -35.36 -46.34 -14.10
CA VAL F 108 -34.92 -45.00 -13.71
C VAL F 108 -33.41 -44.79 -13.96
N LEU F 109 -32.75 -45.79 -14.56
CA LEU F 109 -31.33 -45.66 -14.81
C LEU F 109 -30.97 -45.91 -16.26
N ASP F 110 -29.97 -45.19 -16.75
CA ASP F 110 -29.36 -45.56 -18.02
C ASP F 110 -27.87 -45.45 -17.90
N GLU F 111 -27.17 -45.48 -19.03
CA GLU F 111 -25.72 -45.34 -19.07
C GLU F 111 -25.22 -44.23 -18.16
N LYS F 112 -25.82 -43.05 -18.24
CA LYS F 112 -25.35 -41.91 -17.44
C LYS F 112 -25.71 -42.03 -15.97
N GLY F 113 -26.78 -42.76 -15.67
CA GLY F 113 -27.23 -42.89 -14.28
C GLY F 113 -28.72 -42.57 -14.21
N GLY F 114 -29.15 -41.98 -13.09
CA GLY F 114 -30.55 -41.59 -12.91
C GLY F 114 -30.79 -40.56 -11.84
N ASP F 115 -32.04 -40.08 -11.74
CA ASP F 115 -32.39 -39.00 -10.78
C ASP F 115 -33.25 -39.50 -9.61
N SER F 116 -33.04 -38.85 -8.47
CA SER F 116 -33.74 -39.14 -7.24
C SER F 116 -35.24 -38.92 -7.38
N TYR F 117 -35.58 -37.90 -8.16
CA TYR F 117 -36.96 -37.54 -8.38
C TYR F 117 -37.66 -38.73 -9.04
N ASN F 118 -37.06 -39.28 -10.08
CA ASN F 118 -37.65 -40.45 -10.75
C ASN F 118 -37.70 -41.67 -9.86
N ILE F 119 -36.74 -41.80 -8.95
CA ILE F 119 -36.81 -42.93 -8.04
C ILE F 119 -38.04 -42.81 -7.11
N MET F 120 -38.26 -41.62 -6.56
CA MET F 120 -39.42 -41.37 -5.70
C MET F 120 -40.73 -41.56 -6.47
N LYS F 121 -40.77 -41.08 -7.71
CA LYS F 121 -41.97 -41.20 -8.50
C LYS F 121 -42.27 -42.70 -8.71
N ALA F 122 -41.22 -43.48 -9.00
CA ALA F 122 -41.34 -44.93 -9.19
C ALA F 122 -41.72 -45.69 -7.90
N MET F 123 -41.26 -45.21 -6.76
CA MET F 123 -41.69 -45.82 -5.48
C MET F 123 -43.21 -45.63 -5.31
N VAL F 124 -43.68 -44.41 -5.55
CA VAL F 124 -45.09 -44.08 -5.37
C VAL F 124 -45.92 -44.85 -6.40
N ASP F 125 -45.47 -44.87 -7.65
CA ASP F 125 -46.15 -45.65 -8.69
C ASP F 125 -46.20 -47.15 -8.38
N ALA F 126 -45.09 -47.72 -7.93
CA ALA F 126 -45.05 -49.16 -7.64
C ALA F 126 -46.07 -49.50 -6.55
N VAL F 127 -46.18 -48.61 -5.57
CA VAL F 127 -47.16 -48.78 -4.52
C VAL F 127 -48.55 -48.75 -5.16
N ASN F 128 -48.83 -47.67 -5.90
CA ASN F 128 -50.13 -47.52 -6.54
C ASN F 128 -50.39 -48.60 -7.59
N ASP F 129 -49.35 -49.23 -8.15
CA ASP F 129 -49.58 -50.35 -9.07
C ASP F 129 -49.72 -51.66 -8.31
N GLY F 130 -49.76 -51.59 -6.98
CA GLY F 130 -50.05 -52.77 -6.20
C GLY F 130 -48.91 -53.73 -5.96
N HIS F 131 -47.67 -53.25 -5.97
CA HIS F 131 -46.54 -54.11 -5.64
C HIS F 131 -46.38 -54.27 -4.12
N GLU F 132 -46.15 -55.51 -3.67
CA GLU F 132 -45.90 -55.78 -2.23
C GLU F 132 -44.43 -55.63 -1.84
N VAL F 133 -43.53 -55.76 -2.82
CA VAL F 133 -42.12 -55.59 -2.55
C VAL F 133 -41.51 -54.67 -3.62
N ILE F 134 -40.71 -53.71 -3.16
CA ILE F 134 -39.92 -52.80 -4.00
C ILE F 134 -38.41 -53.01 -3.71
N ASN F 135 -37.63 -53.14 -4.77
CA ASN F 135 -36.21 -53.30 -4.65
C ASN F 135 -35.53 -52.10 -5.28
N ILE F 136 -34.62 -51.48 -4.54
CA ILE F 136 -33.87 -50.38 -5.10
C ILE F 136 -32.35 -50.67 -5.00
N SER F 137 -31.81 -51.23 -6.07
CA SER F 137 -30.41 -51.64 -6.11
C SER F 137 -29.57 -50.49 -6.66
N THR F 138 -29.72 -49.35 -6.04
CA THR F 138 -29.04 -48.16 -6.47
C THR F 138 -29.11 -47.20 -5.32
N GLY F 139 -28.29 -46.16 -5.34
CA GLY F 139 -28.34 -45.18 -4.27
C GLY F 139 -27.53 -43.96 -4.65
N SER F 140 -27.70 -42.87 -3.89
CA SER F 140 -26.91 -41.69 -4.12
C SER F 140 -26.37 -41.24 -2.77
N TYR F 141 -25.20 -40.59 -2.79
CA TYR F 141 -24.63 -39.97 -1.60
C TYR F 141 -24.98 -38.48 -1.55
N THR F 142 -25.84 -38.11 -0.62
CA THR F 142 -26.41 -36.76 -0.60
C THR F 142 -25.89 -35.89 0.54
N SER F 143 -25.40 -34.71 0.18
CA SER F 143 -24.96 -33.73 1.18
C SER F 143 -26.18 -33.15 1.88
N LEU F 144 -26.20 -33.15 3.21
CA LEU F 144 -27.38 -32.65 3.93
C LEU F 144 -27.30 -31.14 4.21
N ASP F 145 -27.06 -30.35 3.16
CA ASP F 145 -27.27 -28.92 3.24
C ASP F 145 -28.78 -28.68 3.18
N ARG F 146 -29.22 -27.45 3.01
CA ARG F 146 -30.65 -27.19 3.03
C ARG F 146 -31.40 -28.00 1.95
N GLU F 147 -30.95 -27.96 0.69
CA GLU F 147 -31.69 -28.62 -0.38
C GLU F 147 -31.56 -30.14 -0.27
N GLY F 148 -30.45 -30.57 0.32
CA GLY F 148 -30.25 -31.96 0.61
C GLY F 148 -31.26 -32.46 1.61
N LYS F 149 -31.45 -31.69 2.68
CA LYS F 149 -32.42 -32.10 3.69
C LYS F 149 -33.82 -32.07 3.14
N VAL F 150 -34.04 -31.19 2.16
CA VAL F 150 -35.34 -31.08 1.52
C VAL F 150 -35.58 -32.32 0.65
N LEU F 151 -34.57 -32.71 -0.10
CA LEU F 151 -34.64 -33.90 -0.93
C LEU F 151 -34.92 -35.16 -0.06
N MET F 152 -34.26 -35.26 1.09
CA MET F 152 -34.42 -36.42 1.97
C MET F 152 -35.83 -36.49 2.56
N LYS F 153 -36.36 -35.32 2.93
CA LYS F 153 -37.73 -35.22 3.48
C LYS F 153 -38.74 -35.69 2.46
N ALA F 154 -38.55 -35.29 1.21
CA ALA F 154 -39.40 -35.76 0.12
C ALA F 154 -39.24 -37.27 -0.03
N TYR F 155 -38.00 -37.74 0.09
CA TYR F 155 -37.75 -39.15 -0.15
C TYR F 155 -38.37 -39.99 1.01
N GLN F 156 -38.36 -39.43 2.22
CA GLN F 156 -38.95 -40.11 3.36
C GLN F 156 -40.47 -40.21 3.22
N ARG F 157 -41.09 -39.23 2.55
CA ARG F 157 -42.54 -39.24 2.39
C ARG F 157 -42.96 -40.33 1.44
N ALA F 158 -42.15 -40.51 0.40
CA ALA F 158 -42.35 -41.64 -0.49
C ALA F 158 -42.21 -42.98 0.25
N ALA F 159 -41.21 -43.09 1.12
CA ALA F 159 -41.03 -44.32 1.91
C ALA F 159 -42.20 -44.52 2.89
N ASN F 160 -42.64 -43.43 3.51
CA ASN F 160 -43.82 -43.51 4.34
C ASN F 160 -45.01 -43.99 3.54
N TYR F 161 -45.09 -43.56 2.28
CA TYR F 161 -46.21 -43.92 1.43
C TYR F 161 -46.28 -45.43 1.24
N ALA F 162 -45.12 -46.05 1.03
CA ALA F 162 -45.03 -47.50 0.89
C ALA F 162 -45.40 -48.21 2.20
N ALA F 163 -44.89 -47.71 3.31
CA ALA F 163 -45.14 -48.32 4.63
C ALA F 163 -46.65 -48.25 4.97
N LYS F 164 -47.29 -47.15 4.59
CA LYS F 164 -48.71 -47.01 4.85
C LYS F 164 -49.51 -48.08 4.09
N HIS F 165 -48.97 -48.54 2.97
CA HIS F 165 -49.62 -49.56 2.20
C HIS F 165 -49.03 -50.95 2.37
N GLN F 166 -48.31 -51.18 3.46
CA GLN F 166 -47.76 -52.51 3.74
C GLN F 166 -46.84 -53.04 2.64
N VAL F 167 -46.14 -52.12 1.98
CA VAL F 167 -45.19 -52.48 0.93
C VAL F 167 -43.76 -52.48 1.48
N LEU F 168 -43.07 -53.60 1.36
CA LEU F 168 -41.69 -53.68 1.80
C LEU F 168 -40.76 -53.02 0.78
N VAL F 169 -39.79 -52.28 1.29
CA VAL F 169 -38.79 -51.68 0.43
C VAL F 169 -37.38 -52.08 0.89
N PHE F 170 -36.65 -52.75 -0.01
CA PHE F 170 -35.29 -53.21 0.19
C PHE F 170 -34.34 -52.38 -0.70
N SER F 171 -33.20 -52.01 -0.16
CA SER F 171 -32.23 -51.17 -0.87
C SER F 171 -30.80 -51.65 -0.60
N SER F 172 -29.93 -51.46 -1.59
CA SER F 172 -28.52 -51.78 -1.44
C SER F 172 -27.86 -50.75 -0.51
N ALA F 173 -27.02 -51.21 0.42
CA ALA F 173 -26.40 -50.35 1.43
C ALA F 173 -25.26 -49.46 0.92
N GLY F 174 -24.71 -49.85 -0.22
CA GLY F 174 -23.63 -49.11 -0.86
C GLY F 174 -22.29 -49.82 -0.76
N ASN F 175 -21.39 -49.51 -1.68
CA ASN F 175 -20.14 -50.26 -1.82
C ASN F 175 -18.87 -49.47 -1.49
N LYS F 176 -18.95 -48.43 -0.68
CA LYS F 176 -17.78 -47.62 -0.42
C LYS F 176 -16.94 -48.14 0.76
N GLY F 177 -17.42 -49.20 1.41
CA GLY F 177 -16.73 -49.80 2.55
C GLY F 177 -16.63 -48.85 3.73
N VAL F 178 -17.53 -47.88 3.84
CA VAL F 178 -17.42 -46.93 4.93
C VAL F 178 -18.50 -47.16 5.99
N ASN F 179 -18.27 -46.60 7.16
CA ASN F 179 -19.29 -46.56 8.18
C ASN F 179 -20.14 -45.33 7.89
N LEU F 180 -21.44 -45.57 7.68
CA LEU F 180 -22.32 -44.53 7.20
C LEU F 180 -22.61 -43.48 8.28
N ASP F 181 -22.50 -43.89 9.54
CA ASP F 181 -22.68 -42.96 10.65
C ASP F 181 -21.50 -42.00 10.71
N GLU F 182 -20.30 -42.55 10.55
CA GLU F 182 -19.10 -41.70 10.53
C GLU F 182 -19.15 -40.80 9.31
N MET F 183 -19.71 -41.30 8.22
CA MET F 183 -19.82 -40.49 7.02
C MET F 183 -20.76 -39.30 7.32
N ARG F 184 -21.76 -39.51 8.17
CA ARG F 184 -22.66 -38.42 8.48
C ARG F 184 -22.08 -37.40 9.47
N LYS F 185 -21.35 -37.84 10.50
CA LYS F 185 -20.78 -36.87 11.44
C LYS F 185 -19.67 -36.07 10.77
N THR F 186 -18.88 -36.73 9.93
CA THR F 186 -17.76 -36.11 9.21
C THR F 186 -18.08 -35.38 7.91
N GLU F 187 -18.75 -36.05 6.98
CA GLU F 187 -18.93 -35.45 5.65
C GLU F 187 -20.34 -34.94 5.45
N ASN F 188 -21.17 -35.07 6.49
CA ASN F 188 -22.55 -34.63 6.43
C ASN F 188 -23.24 -35.21 5.19
N LYS F 189 -22.90 -36.45 4.86
CA LYS F 189 -23.55 -37.15 3.75
C LYS F 189 -24.33 -38.37 4.21
N VAL F 190 -25.29 -38.74 3.38
CA VAL F 190 -26.18 -39.82 3.69
C VAL F 190 -26.42 -40.63 2.39
N HIS F 191 -26.57 -41.94 2.51
CA HIS F 191 -26.81 -42.80 1.34
C HIS F 191 -28.30 -42.99 1.18
N LEU F 192 -28.86 -42.52 0.07
CA LEU F 192 -30.31 -42.57 -0.11
C LEU F 192 -30.64 -43.43 -1.31
N PRO F 193 -31.69 -44.27 -1.20
CA PRO F 193 -32.67 -44.28 -0.11
C PRO F 193 -32.39 -45.20 1.08
N SER F 194 -31.23 -45.86 1.14
CA SER F 194 -31.04 -46.89 2.17
C SER F 194 -31.11 -46.32 3.60
N ALA F 195 -30.77 -45.06 3.77
CA ALA F 195 -30.76 -44.47 5.11
C ALA F 195 -32.15 -44.14 5.64
N LEU F 196 -33.14 -44.11 4.76
CA LEU F 196 -34.50 -43.73 5.12
C LEU F 196 -35.18 -44.76 6.01
N LYS F 197 -36.05 -44.28 6.90
CA LYS F 197 -36.90 -45.17 7.65
C LYS F 197 -37.92 -45.88 6.74
N HIS F 198 -38.21 -47.13 7.06
CA HIS F 198 -39.07 -48.05 6.28
C HIS F 198 -38.40 -48.56 4.99
N VAL F 199 -37.17 -48.15 4.78
CA VAL F 199 -36.39 -48.73 3.71
C VAL F 199 -35.34 -49.65 4.35
N VAL F 200 -35.34 -50.91 3.92
CA VAL F 200 -34.45 -51.89 4.48
C VAL F 200 -33.10 -51.89 3.77
N SER F 201 -32.07 -51.42 4.47
CA SER F 201 -30.72 -51.30 3.93
C SER F 201 -30.00 -52.63 4.02
N VAL F 202 -29.51 -53.14 2.90
CA VAL F 202 -28.93 -54.49 2.85
C VAL F 202 -27.47 -54.48 2.42
N GLY F 203 -26.61 -55.09 3.23
CA GLY F 203 -25.19 -55.25 2.91
C GLY F 203 -24.84 -56.60 2.31
N SER F 204 -23.56 -56.81 2.04
CA SER F 204 -23.06 -57.99 1.33
C SER F 204 -22.00 -58.78 2.10
N ASN F 205 -22.22 -60.08 2.25
CA ASN F 205 -21.21 -60.94 2.82
C ASN F 205 -20.61 -61.83 1.74
N MET F 206 -19.54 -62.50 2.11
CA MET F 206 -18.82 -63.41 1.21
C MET F 206 -19.18 -64.86 1.44
N LYS F 207 -18.60 -65.72 0.62
CA LYS F 207 -18.81 -67.16 0.71
C LYS F 207 -18.44 -67.68 2.10
N SER F 208 -17.46 -67.03 2.72
CA SER F 208 -17.02 -67.44 4.06
C SER F 208 -17.96 -66.94 5.18
N ASN F 209 -18.94 -66.13 4.80
CA ASN F 209 -19.94 -65.49 5.70
C ASN F 209 -19.38 -64.26 6.39
N ASN F 210 -18.09 -64.00 6.21
CA ASN F 210 -17.50 -62.71 6.58
C ASN F 210 -18.05 -61.60 5.66
N ILE F 211 -18.08 -60.37 6.15
CA ILE F 211 -18.57 -59.25 5.38
C ILE F 211 -17.63 -58.92 4.21
N SER F 212 -18.21 -58.49 3.10
CA SER F 212 -17.45 -57.98 1.96
C SER F 212 -16.77 -56.67 2.35
N PRO F 213 -15.50 -56.53 1.94
CA PRO F 213 -14.74 -55.32 2.26
C PRO F 213 -15.44 -54.08 1.74
N TYR F 214 -16.18 -54.21 0.63
CA TYR F 214 -16.86 -53.04 0.06
C TYR F 214 -18.18 -52.68 0.76
N SER F 215 -18.74 -53.60 1.54
CA SER F 215 -20.08 -53.39 2.08
C SER F 215 -20.09 -52.28 3.15
N ASN F 216 -20.90 -51.26 2.93
CA ASN F 216 -21.07 -50.19 3.91
C ASN F 216 -21.59 -50.72 5.24
N GLN F 217 -21.17 -50.06 6.29
CA GLN F 217 -21.60 -50.46 7.63
C GLN F 217 -22.26 -49.24 8.27
N GLY F 218 -22.97 -49.46 9.36
CA GLY F 218 -23.64 -48.38 10.07
C GLY F 218 -24.87 -48.92 10.77
N ARG F 219 -25.50 -48.10 11.61
CA ARG F 219 -26.68 -48.54 12.35
C ARG F 219 -27.83 -48.89 11.40
N GLU F 220 -27.84 -48.27 10.22
CA GLU F 220 -28.94 -48.48 9.28
C GLU F 220 -28.97 -49.89 8.69
N ILE F 221 -27.84 -50.62 8.72
CA ILE F 221 -27.77 -51.97 8.14
C ILE F 221 -28.75 -52.91 8.84
N GLU F 222 -29.63 -53.56 8.07
CA GLU F 222 -30.62 -54.44 8.68
C GLU F 222 -30.39 -55.90 8.36
N PHE F 223 -29.93 -56.17 7.15
CA PHE F 223 -29.65 -57.54 6.73
C PHE F 223 -28.44 -57.58 5.79
N THR F 224 -27.99 -58.79 5.55
CA THR F 224 -26.89 -59.07 4.66
C THR F 224 -27.27 -60.23 3.74
N ALA F 225 -26.68 -60.28 2.56
CA ALA F 225 -26.88 -61.43 1.69
C ALA F 225 -25.58 -61.65 0.94
N PRO F 226 -25.33 -62.87 0.47
CA PRO F 226 -24.05 -63.13 -0.19
C PRO F 226 -23.93 -62.42 -1.53
N GLY F 227 -23.19 -61.32 -1.60
CA GLY F 227 -23.00 -60.68 -2.88
C GLY F 227 -21.62 -60.91 -3.50
N GLY F 228 -20.71 -61.58 -2.77
CA GLY F 228 -19.42 -61.98 -3.31
C GLY F 228 -18.34 -60.92 -3.49
N TYR F 229 -17.12 -61.39 -3.74
CA TYR F 229 -15.98 -60.51 -4.01
C TYR F 229 -14.89 -61.35 -4.67
N LEU F 230 -13.93 -60.69 -5.30
CA LEU F 230 -12.81 -61.38 -5.91
C LEU F 230 -11.78 -61.61 -4.80
N GLY F 231 -11.82 -62.78 -4.17
CA GLY F 231 -10.88 -63.00 -3.07
C GLY F 231 -11.48 -62.41 -1.80
N GLU F 232 -10.92 -62.73 -0.65
CA GLU F 232 -11.44 -62.16 0.58
C GLU F 232 -10.99 -60.72 0.88
N THR F 233 -10.11 -60.10 0.08
CA THR F 233 -9.64 -58.74 0.41
C THR F 233 -9.36 -57.75 -0.71
N TYR F 234 -9.38 -56.47 -0.34
CA TYR F 234 -8.91 -55.37 -1.20
C TYR F 234 -7.54 -55.57 -1.91
N ASP F 235 -6.59 -56.18 -1.22
CA ASP F 235 -5.22 -56.38 -1.73
C ASP F 235 -4.93 -57.15 -3.00
N GLN F 236 -5.75 -58.16 -3.28
CA GLN F 236 -5.41 -59.14 -4.33
C GLN F 236 -4.13 -59.87 -3.93
N ASP F 237 -4.00 -60.13 -2.64
CA ASP F 237 -2.78 -60.71 -2.11
C ASP F 237 -3.02 -62.18 -1.75
N GLY F 238 -2.13 -63.03 -2.22
CA GLY F 238 -2.23 -64.45 -1.94
C GLY F 238 -3.23 -65.16 -2.81
N MET F 239 -4.08 -65.96 -2.17
CA MET F 239 -4.99 -66.81 -2.90
C MET F 239 -6.24 -66.04 -3.26
N VAL F 240 -6.55 -66.02 -4.55
CA VAL F 240 -7.70 -65.30 -5.05
C VAL F 240 -8.43 -66.23 -6.02
N ARG F 241 -9.71 -66.47 -5.75
CA ARG F 241 -10.57 -67.32 -6.58
C ARG F 241 -11.78 -66.67 -7.20
N VAL F 242 -11.97 -66.94 -8.47
CA VAL F 242 -13.03 -66.34 -9.22
C VAL F 242 -14.38 -67.02 -8.81
N THR F 243 -14.31 -68.20 -8.19
CA THR F 243 -15.51 -68.86 -7.69
C THR F 243 -16.06 -68.23 -6.39
N ASP F 244 -15.43 -67.16 -5.91
CA ASP F 244 -15.97 -66.39 -4.79
C ASP F 244 -16.92 -65.30 -5.29
N LEU F 245 -16.99 -65.11 -6.61
CA LEU F 245 -17.93 -64.15 -7.21
C LEU F 245 -19.27 -64.83 -7.42
N VAL F 246 -20.30 -64.08 -7.77
CA VAL F 246 -21.63 -64.63 -7.94
C VAL F 246 -22.12 -64.51 -9.40
N LEU F 247 -22.81 -65.54 -9.87
CA LEU F 247 -23.36 -65.55 -11.21
C LEU F 247 -24.60 -64.66 -11.25
N THR F 248 -24.81 -63.97 -12.35
CA THR F 248 -26.02 -63.20 -12.54
C THR F 248 -26.59 -63.50 -13.92
N THR F 249 -27.88 -63.26 -14.08
CA THR F 249 -28.46 -63.25 -15.43
C THR F 249 -28.11 -61.94 -16.11
N TYR F 250 -27.71 -62.03 -17.36
CA TYR F 250 -27.23 -60.86 -18.08
C TYR F 250 -27.95 -60.81 -19.43
N PRO F 251 -28.30 -59.61 -19.95
CA PRO F 251 -29.13 -59.58 -21.19
C PRO F 251 -28.60 -60.51 -22.29
N LYS F 252 -29.47 -61.39 -22.73
CA LYS F 252 -29.10 -62.53 -23.57
C LYS F 252 -28.51 -62.15 -24.94
N GLY F 253 -28.93 -61.03 -25.51
CA GLY F 253 -28.36 -60.64 -26.78
C GLY F 253 -27.17 -59.69 -26.62
N LYS F 254 -26.64 -59.59 -25.41
CA LYS F 254 -25.56 -58.66 -25.17
C LYS F 254 -24.26 -59.38 -24.91
N ASP F 255 -23.16 -58.85 -25.42
CA ASP F 255 -21.85 -59.40 -25.12
C ASP F 255 -21.60 -59.21 -23.63
N ASN F 256 -21.17 -60.28 -22.96
CA ASN F 256 -20.79 -60.20 -21.55
C ASN F 256 -19.29 -59.82 -21.44
N THR F 257 -18.76 -59.83 -20.22
CA THR F 257 -17.47 -59.20 -19.92
C THR F 257 -16.25 -60.05 -20.30
N ALA F 258 -15.08 -59.40 -20.34
CA ALA F 258 -13.82 -60.09 -20.63
C ALA F 258 -13.55 -61.21 -19.63
N LEU F 259 -13.87 -60.97 -18.36
CA LEU F 259 -13.69 -62.00 -17.35
C LEU F 259 -14.63 -63.16 -17.66
N ASP F 260 -15.86 -62.85 -18.07
CA ASP F 260 -16.86 -63.88 -18.42
C ASP F 260 -16.32 -64.73 -19.57
N GLN F 261 -15.74 -64.05 -20.57
CA GLN F 261 -15.20 -64.73 -21.75
C GLN F 261 -14.09 -65.69 -21.35
N MET F 262 -13.15 -65.21 -20.54
CA MET F 262 -12.04 -66.06 -20.10
C MET F 262 -12.51 -67.25 -19.31
N LEU F 263 -13.65 -67.13 -18.64
CA LEU F 263 -14.15 -68.21 -17.83
C LEU F 263 -15.18 -69.04 -18.58
N ASN F 264 -15.34 -68.73 -19.87
CA ASN F 264 -16.30 -69.42 -20.72
C ASN F 264 -17.73 -69.35 -20.19
N ILE F 265 -18.07 -68.23 -19.55
CA ILE F 265 -19.45 -67.95 -19.21
C ILE F 265 -20.13 -67.48 -20.50
N PRO F 266 -21.16 -68.20 -20.96
CA PRO F 266 -21.89 -67.89 -22.20
C PRO F 266 -22.75 -66.67 -22.05
N LYS F 267 -23.21 -66.11 -23.17
CA LYS F 267 -24.15 -65.00 -23.08
C LYS F 267 -25.44 -65.37 -22.36
N GLY F 268 -25.99 -64.38 -21.65
CA GLY F 268 -27.15 -64.57 -20.80
C GLY F 268 -26.75 -64.57 -19.34
N TYR F 269 -25.45 -64.75 -19.09
CA TYR F 269 -24.90 -64.78 -17.73
C TYR F 269 -23.64 -63.94 -17.65
N SER F 270 -23.37 -63.45 -16.45
CA SER F 270 -22.17 -62.66 -16.19
C SER F 270 -21.76 -62.79 -14.72
N LEU F 271 -20.46 -62.77 -14.46
CA LEU F 271 -19.98 -62.80 -13.09
C LEU F 271 -19.90 -61.39 -12.53
N SER F 272 -20.39 -61.21 -11.30
CA SER F 272 -20.46 -59.88 -10.72
C SER F 272 -20.39 -59.95 -9.20
N TYR F 273 -20.70 -58.83 -8.57
CA TYR F 273 -20.56 -58.69 -7.12
C TYR F 273 -21.35 -57.46 -6.74
N GLY F 274 -21.53 -57.28 -5.45
CA GLY F 274 -22.06 -56.02 -5.03
C GLY F 274 -23.24 -56.12 -4.09
N THR F 275 -23.39 -55.03 -3.36
CA THR F 275 -24.50 -54.78 -2.47
C THR F 275 -25.85 -54.65 -3.26
N SER F 276 -25.78 -54.26 -4.54
CA SER F 276 -26.97 -54.27 -5.39
C SER F 276 -27.40 -55.69 -5.73
N LEU F 277 -26.55 -56.68 -5.50
CA LEU F 277 -26.91 -58.05 -5.77
C LEU F 277 -27.35 -58.75 -4.50
N ALA F 278 -27.13 -58.09 -3.36
CA ALA F 278 -27.53 -58.66 -2.06
C ALA F 278 -28.98 -58.33 -1.74
N ALA F 279 -29.33 -57.06 -1.90
CA ALA F 279 -30.70 -56.59 -1.65
C ALA F 279 -31.80 -57.43 -2.34
N PRO F 280 -31.63 -57.76 -3.66
CA PRO F 280 -32.69 -58.53 -4.31
C PRO F 280 -32.86 -59.95 -3.77
N GLN F 281 -31.82 -60.47 -3.15
CA GLN F 281 -31.93 -61.77 -2.49
C GLN F 281 -32.86 -61.73 -1.28
N VAL F 282 -32.79 -60.64 -0.54
CA VAL F 282 -33.67 -60.40 0.58
C VAL F 282 -35.08 -60.08 0.05
N ALA F 283 -35.15 -59.27 -1.00
CA ALA F 283 -36.44 -58.97 -1.63
C ALA F 283 -37.14 -60.23 -2.15
N GLY F 284 -36.40 -61.10 -2.81
CA GLY F 284 -36.97 -62.35 -3.28
C GLY F 284 -37.45 -63.20 -2.10
N THR F 285 -36.65 -63.22 -1.03
CA THR F 285 -36.99 -63.99 0.16
C THR F 285 -38.27 -63.47 0.79
N ALA F 286 -38.41 -62.14 0.84
CA ALA F 286 -39.62 -61.54 1.37
C ALA F 286 -40.84 -61.99 0.55
N ALA F 287 -40.67 -62.03 -0.77
CA ALA F 287 -41.72 -62.46 -1.67
C ALA F 287 -42.13 -63.91 -1.38
N LEU F 288 -41.14 -64.73 -1.01
CA LEU F 288 -41.41 -66.11 -0.65
C LEU F 288 -42.24 -66.13 0.65
N VAL F 289 -41.86 -65.29 1.60
CA VAL F 289 -42.55 -65.19 2.88
C VAL F 289 -43.99 -64.71 2.72
N ILE F 290 -44.18 -63.70 1.89
CA ILE F 290 -45.52 -63.20 1.63
C ILE F 290 -46.38 -64.33 1.04
N SER F 291 -45.82 -65.07 0.08
CA SER F 291 -46.50 -66.16 -0.61
C SER F 291 -46.91 -67.31 0.28
N GLU F 292 -45.96 -67.76 1.09
CA GLU F 292 -46.18 -68.88 1.97
C GLU F 292 -47.29 -68.54 2.97
N TYR F 293 -47.20 -67.33 3.54
CA TYR F 293 -48.12 -66.84 4.55
C TYR F 293 -49.56 -66.71 4.03
N ARG F 294 -49.68 -66.32 2.76
CA ARG F 294 -50.98 -66.10 2.14
C ARG F 294 -51.65 -67.44 1.96
N GLU F 295 -50.84 -68.47 1.69
CA GLU F 295 -51.35 -69.82 1.50
C GLU F 295 -51.94 -70.37 2.80
N ARG F 296 -51.34 -70.01 3.92
CA ARG F 296 -51.78 -70.58 5.18
C ARG F 296 -52.88 -69.79 5.87
N HIS F 297 -52.90 -68.46 5.72
CA HIS F 297 -53.81 -67.62 6.49
C HIS F 297 -54.88 -66.95 5.62
N HIS F 298 -54.76 -67.13 4.32
CA HIS F 298 -55.67 -66.58 3.32
C HIS F 298 -55.82 -65.07 3.33
N ARG F 299 -54.79 -64.40 3.83
CA ARG F 299 -54.62 -62.95 3.78
C ARG F 299 -53.14 -62.62 3.64
N LYS F 300 -52.82 -61.41 3.20
CA LYS F 300 -51.42 -61.03 3.14
C LYS F 300 -50.93 -60.68 4.52
N PRO F 301 -49.66 -61.02 4.79
CA PRO F 301 -49.06 -60.62 6.06
C PRO F 301 -48.80 -59.12 6.04
N SER F 302 -48.69 -58.49 7.19
CA SER F 302 -48.31 -57.09 7.27
C SER F 302 -46.83 -56.95 6.89
N ALA F 303 -46.41 -55.73 6.56
CA ALA F 303 -44.98 -55.50 6.27
C ALA F 303 -44.10 -55.91 7.47
N LYS F 304 -44.53 -55.58 8.68
CA LYS F 304 -43.72 -55.85 9.88
C LYS F 304 -43.73 -57.35 10.22
N GLN F 305 -44.81 -58.04 9.89
CA GLN F 305 -44.82 -59.49 10.03
C GLN F 305 -43.74 -60.16 9.15
N VAL F 306 -43.59 -59.69 7.91
CA VAL F 306 -42.59 -60.26 7.03
C VAL F 306 -41.19 -59.95 7.58
N HIS F 307 -40.99 -58.70 8.00
CA HIS F 307 -39.71 -58.26 8.57
C HIS F 307 -39.32 -59.08 9.80
N HIS F 308 -40.32 -59.43 10.62
CA HIS F 308 -40.10 -60.25 11.79
C HIS F 308 -39.60 -61.64 11.42
N ILE F 309 -40.21 -62.27 10.41
CA ILE F 309 -39.78 -63.59 9.98
C ILE F 309 -38.35 -63.54 9.41
N LEU F 310 -38.06 -62.49 8.64
CA LEU F 310 -36.71 -62.36 8.04
C LEU F 310 -35.65 -62.31 9.13
N ARG F 311 -35.94 -61.51 10.17
CA ARG F 311 -35.06 -61.30 11.32
C ARG F 311 -34.86 -62.58 12.12
N LYS F 312 -35.93 -63.33 12.43
CA LYS F 312 -35.77 -64.53 13.26
C LYS F 312 -35.14 -65.67 12.53
N SER F 313 -35.21 -65.66 11.20
CA SER F 313 -34.57 -66.72 10.42
C SER F 313 -33.14 -66.36 9.97
N ALA F 314 -32.73 -65.12 10.19
CA ALA F 314 -31.42 -64.68 9.70
C ALA F 314 -30.31 -65.42 10.45
N LEU F 315 -29.19 -65.70 9.77
CA LEU F 315 -28.03 -66.25 10.46
C LEU F 315 -27.46 -65.11 11.27
N ASP F 316 -27.56 -65.25 12.59
CA ASP F 316 -27.28 -64.14 13.47
C ASP F 316 -25.77 -63.94 13.59
N LEU F 317 -25.21 -63.08 12.76
CA LEU F 317 -23.78 -62.83 12.74
C LEU F 317 -23.52 -61.51 13.43
N GLY F 318 -22.29 -61.33 13.91
CA GLY F 318 -21.90 -60.20 14.76
C GLY F 318 -22.63 -60.15 16.10
N LYS F 319 -22.81 -58.96 16.66
CA LYS F 319 -23.54 -58.84 17.92
C LYS F 319 -25.02 -59.20 17.76
N PRO F 320 -25.57 -59.87 18.79
CA PRO F 320 -26.98 -60.26 18.86
C PRO F 320 -27.81 -58.99 18.70
N GLY F 321 -28.77 -58.95 17.80
CA GLY F 321 -29.51 -57.72 17.65
C GLY F 321 -29.23 -57.13 16.29
N LYS F 322 -29.40 -55.82 16.18
CA LYS F 322 -29.08 -55.19 14.93
C LYS F 322 -27.58 -54.85 14.93
N ASP F 323 -26.75 -55.71 14.35
CA ASP F 323 -25.30 -55.49 14.46
C ASP F 323 -24.86 -54.53 13.38
N VAL F 324 -23.80 -53.76 13.62
CA VAL F 324 -23.40 -52.64 12.75
C VAL F 324 -22.81 -53.11 11.42
N ILE F 325 -22.40 -54.37 11.37
CA ILE F 325 -21.85 -54.95 10.16
C ILE F 325 -22.89 -55.69 9.35
N TYR F 326 -23.62 -56.58 10.02
CA TYR F 326 -24.56 -57.51 9.38
C TYR F 326 -26.04 -57.16 9.62
N GLY F 327 -26.31 -56.18 10.47
CA GLY F 327 -27.68 -55.95 10.91
C GLY F 327 -28.14 -57.15 11.72
N TYR F 328 -29.34 -57.62 11.44
CA TYR F 328 -29.86 -58.80 12.13
C TYR F 328 -29.13 -60.06 11.66
N GLY F 329 -28.42 -59.95 10.54
CA GLY F 329 -27.65 -61.06 10.03
C GLY F 329 -27.95 -61.42 8.59
N GLU F 330 -27.47 -62.58 8.18
CA GLU F 330 -27.60 -63.03 6.81
C GLU F 330 -28.91 -63.76 6.54
N VAL F 331 -29.69 -63.19 5.62
CA VAL F 331 -30.97 -63.76 5.24
C VAL F 331 -30.77 -65.18 4.71
N ARG F 332 -31.66 -66.06 5.12
CA ARG F 332 -31.65 -67.45 4.70
C ARG F 332 -33.08 -67.83 4.32
N ALA F 333 -33.36 -67.97 3.03
CA ALA F 333 -34.74 -68.23 2.59
C ALA F 333 -35.23 -69.54 3.16
N TYR F 334 -34.36 -70.54 3.13
CA TYR F 334 -34.75 -71.88 3.58
C TYR F 334 -35.10 -71.85 5.09
N GLN F 335 -34.38 -71.05 5.88
CA GLN F 335 -34.71 -70.95 7.30
C GLN F 335 -36.00 -70.20 7.51
N ALA F 336 -36.23 -69.20 6.67
CA ALA F 336 -37.49 -68.45 6.70
C ALA F 336 -38.70 -69.38 6.51
N LEU F 337 -38.61 -70.29 5.54
CA LEU F 337 -39.69 -71.20 5.26
C LEU F 337 -39.82 -72.25 6.36
N LYS F 338 -38.69 -72.70 6.89
CA LYS F 338 -38.70 -73.74 7.90
C LYS F 338 -39.31 -73.23 9.20
N MET F 339 -39.15 -71.93 9.48
CA MET F 339 -39.69 -71.41 10.72
C MET F 339 -41.16 -71.06 10.53
N MET F 340 -41.63 -71.16 9.29
CA MET F 340 -43.03 -71.01 8.97
C MET F 340 -43.60 -72.42 8.82
N GLU G 30 20.33 3.64 1.71
CA GLU G 30 19.65 2.58 0.97
C GLU G 30 20.01 1.17 1.44
N GLN G 31 19.40 0.73 2.54
CA GLN G 31 19.53 -0.67 2.96
C GLN G 31 18.21 -1.30 3.40
N TYR G 32 18.27 -2.57 3.78
CA TYR G 32 17.08 -3.33 4.12
C TYR G 32 17.31 -4.10 5.41
N LEU G 33 16.25 -4.26 6.18
CA LEU G 33 16.34 -4.93 7.46
C LEU G 33 15.27 -5.99 7.61
N LEU G 34 15.66 -7.13 8.16
CA LEU G 34 14.66 -8.13 8.46
C LEU G 34 14.73 -8.41 9.95
N LEU G 35 13.72 -7.92 10.67
CA LEU G 35 13.61 -8.16 12.09
C LEU G 35 13.32 -9.63 12.28
N GLU G 36 13.80 -10.25 13.36
CA GLU G 36 13.48 -11.65 13.51
C GLU G 36 12.24 -11.77 14.41
N HIS G 37 11.75 -10.63 14.91
CA HIS G 37 10.43 -10.60 15.54
C HIS G 37 9.65 -9.37 15.08
N VAL G 38 8.41 -9.60 14.67
CA VAL G 38 7.57 -8.62 14.00
C VAL G 38 7.09 -7.45 14.87
N LYS G 39 6.79 -7.74 16.14
CA LYS G 39 6.33 -6.71 17.08
C LYS G 39 7.38 -5.64 17.47
N ASP G 40 8.64 -5.82 17.06
CA ASP G 40 9.67 -4.80 17.32
C ASP G 40 9.64 -3.68 16.29
N LYS G 41 8.48 -3.48 15.65
CA LYS G 41 8.37 -2.44 14.63
C LYS G 41 8.56 -1.08 15.29
N SER G 42 7.89 -0.89 16.42
CA SER G 42 7.96 0.36 17.18
C SER G 42 9.39 0.75 17.58
N LYS G 43 10.22 -0.25 17.85
CA LYS G 43 11.53 0.02 18.44
C LYS G 43 12.60 0.23 17.39
N LEU G 44 12.29 -0.14 16.15
CA LEU G 44 13.15 0.20 15.02
C LEU G 44 12.76 1.59 14.62
N LEU G 45 11.48 1.93 14.75
CA LEU G 45 11.00 3.23 14.29
C LEU G 45 11.42 4.43 15.12
N ASP G 46 11.78 4.20 16.40
CA ASP G 46 12.37 5.28 17.20
C ASP G 46 13.90 5.24 17.25
N THR G 47 14.49 4.08 17.01
CA THR G 47 15.91 4.00 16.70
C THR G 47 16.08 4.81 15.38
N ALA G 48 15.01 4.79 14.59
CA ALA G 48 14.96 5.41 13.29
C ALA G 48 15.03 6.93 13.28
N GLU G 49 14.02 7.57 13.86
CA GLU G 49 13.95 9.04 13.84
C GLU G 49 14.92 9.67 14.83
N GLN G 50 15.50 8.86 15.70
CA GLN G 50 16.43 9.48 16.63
C GLN G 50 17.81 9.69 15.97
N PHE G 51 17.95 9.22 14.72
CA PHE G 51 19.13 9.47 13.89
C PHE G 51 18.70 10.08 12.55
N HIS G 52 17.41 10.42 12.50
CA HIS G 52 16.73 10.98 11.31
C HIS G 52 16.98 10.25 9.98
N ILE G 53 16.72 8.94 9.99
CA ILE G 53 16.74 8.07 8.81
C ILE G 53 15.29 7.68 8.55
N HIS G 54 14.89 7.52 7.27
CA HIS G 54 13.52 7.11 6.97
C HIS G 54 13.43 5.59 6.95
N ALA G 55 12.60 5.06 7.84
CA ALA G 55 12.39 3.63 7.93
C ALA G 55 10.99 3.26 7.46
N ASP G 56 10.92 2.49 6.38
CA ASP G 56 9.66 2.07 5.79
C ASP G 56 9.45 0.61 6.07
N VAL G 57 8.48 0.30 6.91
CA VAL G 57 8.32 -1.06 7.34
C VAL G 57 7.06 -1.70 6.80
N ILE G 58 7.21 -2.90 6.26
CA ILE G 58 6.06 -3.76 6.02
C ILE G 58 5.85 -4.55 7.32
N GLU G 59 4.98 -4.05 8.21
CA GLU G 59 4.95 -4.54 9.61
C GLU G 59 4.64 -6.02 9.75
N GLU G 60 3.72 -6.55 8.94
CA GLU G 60 3.29 -7.95 9.12
C GLU G 60 4.43 -8.93 8.85
N ILE G 61 5.45 -8.52 8.11
CA ILE G 61 6.55 -9.45 7.84
C ILE G 61 7.83 -8.97 8.50
N GLY G 62 7.79 -7.74 9.02
CA GLY G 62 8.92 -7.18 9.75
C GLY G 62 10.10 -6.89 8.84
N PHE G 63 9.79 -6.37 7.66
CA PHE G 63 10.81 -6.13 6.66
C PHE G 63 10.82 -4.65 6.35
N ALA G 64 11.99 -4.02 6.46
CA ALA G 64 12.06 -2.57 6.40
C ALA G 64 13.12 -2.09 5.43
N LYS G 65 12.81 -0.99 4.76
CA LYS G 65 13.74 -0.30 3.89
C LYS G 65 14.16 1.02 4.53
N VAL G 66 15.47 1.17 4.73
CA VAL G 66 16.04 2.30 5.45
C VAL G 66 16.90 3.22 4.55
N THR G 67 16.65 4.53 4.60
CA THR G 67 17.40 5.49 3.78
C THR G 67 17.90 6.70 4.56
N GLY G 68 19.06 7.19 4.14
CA GLY G 68 19.79 8.30 4.75
C GLY G 68 21.05 8.25 3.91
N GLU G 69 22.24 8.55 4.43
CA GLU G 69 23.44 8.28 3.60
C GLU G 69 24.26 7.09 4.16
N LYS G 70 24.94 6.36 3.27
CA LYS G 70 25.46 5.00 3.49
C LYS G 70 26.42 4.76 4.65
N GLN G 71 26.85 5.79 5.36
CA GLN G 71 27.59 5.54 6.59
C GLN G 71 26.78 5.80 7.87
N LYS G 72 25.87 6.78 7.88
CA LYS G 72 25.16 7.05 9.13
C LYS G 72 24.12 5.93 9.29
N LEU G 73 24.05 5.10 8.26
CA LEU G 73 23.27 3.88 8.31
C LEU G 73 24.10 2.82 9.04
N ALA G 74 25.43 2.95 8.98
CA ALA G 74 26.34 1.96 9.59
C ALA G 74 26.32 1.89 11.12
N PRO G 75 26.32 3.04 11.83
CA PRO G 75 26.11 2.75 13.25
C PRO G 75 24.67 2.34 13.58
N PHE G 76 23.70 2.95 12.89
CA PHE G 76 22.27 2.65 13.10
C PHE G 76 22.01 1.15 13.00
N THR G 77 22.80 0.42 12.21
CA THR G 77 22.61 -1.01 12.10
C THR G 77 22.77 -1.75 13.44
N LYS G 78 23.95 -1.70 14.07
CA LYS G 78 24.13 -2.48 15.30
C LYS G 78 23.78 -1.79 16.65
N LYS G 79 23.45 -0.50 16.67
CA LYS G 79 22.98 -0.02 17.94
C LYS G 79 21.43 -0.11 17.87
N LEU G 80 20.93 -0.65 16.75
CA LEU G 80 19.71 -1.43 16.79
C LEU G 80 19.98 -2.90 17.15
N ALA G 81 21.14 -3.43 16.75
CA ALA G 81 21.45 -4.86 16.97
C ALA G 81 21.79 -5.27 18.40
N GLU G 82 22.20 -4.34 19.24
CA GLU G 82 22.36 -4.69 20.66
C GLU G 82 21.04 -4.51 21.41
N LYS G 83 20.01 -4.09 20.68
CA LYS G 83 18.67 -4.00 21.23
C LYS G 83 17.79 -5.09 20.60
N VAL G 84 17.75 -5.17 19.26
CA VAL G 84 16.99 -6.25 18.60
C VAL G 84 17.81 -6.96 17.51
N GLY G 85 17.53 -8.25 17.30
CA GLY G 85 18.23 -9.02 16.28
C GLY G 85 17.58 -8.92 14.90
N ALA G 86 18.36 -8.46 13.94
CA ALA G 86 17.91 -8.32 12.57
C ALA G 86 19.02 -8.65 11.58
N ASP G 87 18.65 -9.07 10.37
CA ASP G 87 19.65 -9.29 9.32
C ASP G 87 19.59 -8.11 8.37
N VAL G 88 20.73 -7.73 7.81
CA VAL G 88 20.77 -6.51 7.01
C VAL G 88 21.20 -6.78 5.56
N ILE G 89 20.61 -6.04 4.64
CA ILE G 89 20.94 -6.14 3.23
C ILE G 89 21.36 -4.79 2.67
N VAL H 4 -29.16 -20.95 -31.10
CA VAL H 4 -28.81 -22.00 -32.04
C VAL H 4 -27.25 -22.02 -32.04
N ILE H 5 -26.58 -20.88 -32.23
CA ILE H 5 -25.11 -20.79 -32.01
C ILE H 5 -24.79 -20.40 -30.54
N SER H 6 -23.73 -20.99 -29.95
CA SER H 6 -23.16 -20.59 -28.64
C SER H 6 -22.39 -19.26 -28.57
N GLY H 7 -21.80 -19.02 -27.39
CA GLY H 7 -20.99 -17.83 -27.08
C GLY H 7 -19.78 -17.40 -27.91
N SER H 8 -19.42 -16.13 -27.71
CA SER H 8 -18.30 -15.45 -28.38
C SER H 8 -17.58 -14.56 -27.33
N PRO H 9 -16.30 -14.21 -27.55
CA PRO H 9 -15.43 -13.54 -26.56
C PRO H 9 -15.92 -12.22 -25.96
N ALA H 10 -15.53 -11.97 -24.70
CA ALA H 10 -15.90 -10.75 -23.98
C ALA H 10 -15.34 -9.50 -24.61
N TRP H 11 -14.16 -9.61 -25.23
CA TRP H 11 -13.49 -8.48 -25.83
C TRP H 11 -14.23 -7.99 -27.07
N GLY H 12 -14.21 -6.68 -27.29
CA GLY H 12 -14.84 -6.06 -28.45
C GLY H 12 -14.18 -6.31 -29.79
N LEU H 13 -12.85 -6.44 -29.79
CA LEU H 13 -12.09 -6.77 -31.00
C LEU H 13 -12.19 -5.77 -32.18
N ASP H 14 -12.62 -4.54 -31.88
CA ASP H 14 -12.93 -3.50 -32.88
C ASP H 14 -13.84 -4.05 -33.95
N GLY H 15 -14.62 -5.06 -33.59
CA GLY H 15 -15.53 -5.70 -34.51
C GLY H 15 -14.92 -6.67 -35.51
N ILE H 16 -13.59 -6.79 -35.53
CA ILE H 16 -12.93 -7.67 -36.51
C ILE H 16 -13.05 -9.14 -36.04
N LEU H 17 -13.90 -9.96 -36.66
CA LEU H 17 -14.21 -11.25 -36.04
C LEU H 17 -13.10 -12.32 -36.04
N GLU H 18 -12.19 -12.35 -37.01
CA GLU H 18 -11.24 -13.43 -36.83
C GLU H 18 -9.88 -12.92 -36.40
N LEU H 19 -9.95 -12.00 -35.44
CA LEU H 19 -8.99 -11.92 -34.35
C LEU H 19 -9.25 -13.08 -33.39
N LYS H 20 -10.43 -13.72 -33.51
CA LYS H 20 -10.78 -14.88 -32.68
C LYS H 20 -9.76 -16.02 -32.82
N GLU H 21 -9.02 -16.02 -33.93
CA GLU H 21 -7.99 -17.02 -34.14
C GLU H 21 -6.95 -16.97 -33.02
N TYR H 22 -6.68 -15.77 -32.53
CA TYR H 22 -5.66 -15.57 -31.53
C TYR H 22 -6.15 -15.76 -30.12
N LEU H 23 -7.45 -16.09 -29.99
CA LEU H 23 -8.06 -16.35 -28.69
C LEU H 23 -8.35 -17.83 -28.49
N TRP H 24 -7.66 -18.67 -29.25
CA TRP H 24 -7.78 -20.12 -29.13
C TRP H 24 -7.62 -20.60 -27.68
N PHE H 25 -6.70 -19.96 -26.97
CA PHE H 25 -6.42 -20.31 -25.58
C PHE H 25 -7.66 -20.08 -24.72
N ALA H 26 -8.35 -18.97 -25.04
CA ALA H 26 -9.53 -18.52 -24.32
C ALA H 26 -10.74 -19.42 -24.62
N ALA H 27 -10.89 -19.76 -25.90
CA ALA H 27 -11.94 -20.69 -26.34
C ALA H 27 -11.73 -22.09 -25.74
N LYS H 28 -10.48 -22.54 -25.68
CA LYS H 28 -10.19 -23.82 -25.08
C LYS H 28 -10.59 -23.74 -23.61
N GLN H 29 -10.15 -22.67 -22.94
CA GLN H 29 -10.47 -22.47 -21.52
C GLN H 29 -11.98 -22.40 -21.24
N THR H 30 -12.70 -21.62 -22.04
CA THR H 30 -14.10 -21.33 -21.75
C THR H 30 -15.08 -22.20 -22.55
N ASP H 31 -14.57 -23.22 -23.25
CA ASP H 31 -15.40 -24.08 -24.09
C ASP H 31 -16.19 -23.24 -25.10
N SER H 32 -15.46 -22.54 -25.96
CA SER H 32 -16.03 -21.59 -26.93
C SER H 32 -16.95 -20.57 -26.25
N TYR H 33 -16.50 -20.06 -25.11
CA TYR H 33 -17.16 -18.97 -24.38
C TYR H 33 -18.49 -19.40 -23.78
N ARG H 34 -18.69 -20.70 -23.66
CA ARG H 34 -19.89 -21.21 -23.02
C ARG H 34 -19.90 -20.95 -21.52
N THR H 35 -18.74 -20.90 -20.89
CA THR H 35 -18.72 -20.69 -19.45
C THR H 35 -19.32 -19.32 -19.04
N TYR H 36 -19.39 -18.37 -19.97
CA TYR H 36 -19.97 -17.07 -19.68
C TYR H 36 -21.44 -17.21 -19.23
N GLN H 37 -22.09 -18.29 -19.67
CA GLN H 37 -23.49 -18.53 -19.35
C GLN H 37 -23.57 -19.34 -18.06
N ILE H 38 -22.43 -19.84 -17.59
CA ILE H 38 -22.40 -20.55 -16.30
C ILE H 38 -21.89 -19.65 -15.18
N GLU H 39 -20.77 -18.96 -15.45
CA GLU H 39 -20.17 -18.10 -14.44
C GLU H 39 -19.22 -17.07 -15.07
N ARG H 40 -19.51 -15.79 -14.88
CA ARG H 40 -18.65 -14.72 -15.38
C ARG H 40 -17.70 -14.18 -14.30
N GLY H 41 -17.86 -14.71 -13.09
CA GLY H 41 -17.14 -14.22 -11.92
C GLY H 41 -17.98 -13.19 -11.19
N HIS H 42 -17.79 -13.08 -9.88
CA HIS H 42 -18.52 -12.07 -9.10
C HIS H 42 -17.75 -10.76 -8.96
N PRO H 43 -18.44 -9.64 -9.23
CA PRO H 43 -17.93 -8.27 -9.10
C PRO H 43 -17.34 -7.96 -7.73
N ASP H 44 -17.80 -8.62 -6.68
CA ASP H 44 -17.26 -8.33 -5.37
C ASP H 44 -16.20 -9.34 -4.96
N VAL H 45 -15.86 -10.23 -5.87
CA VAL H 45 -14.67 -11.05 -5.72
C VAL H 45 -13.51 -10.32 -6.38
N LYS H 46 -12.39 -10.20 -5.69
CA LYS H 46 -11.29 -9.35 -6.16
C LYS H 46 -9.97 -10.06 -6.43
N VAL H 47 -9.40 -9.77 -7.59
CA VAL H 47 -8.09 -10.31 -7.94
C VAL H 47 -7.05 -9.19 -7.92
N ALA H 48 -6.02 -9.35 -7.10
CA ALA H 48 -4.94 -8.38 -7.04
C ALA H 48 -3.94 -8.65 -8.17
N LEU H 49 -3.68 -7.60 -8.94
CA LEU H 49 -2.77 -7.65 -10.07
C LEU H 49 -1.44 -6.96 -9.83
N ILE H 50 -0.45 -7.69 -9.34
CA ILE H 50 0.86 -7.10 -9.03
C ILE H 50 1.74 -7.06 -10.29
N ASP H 51 1.83 -5.89 -10.90
CA ASP H 51 2.37 -5.77 -12.24
C ASP H 51 2.79 -4.33 -12.57
N SER H 52 2.66 -3.95 -13.85
CA SER H 52 3.14 -2.65 -14.31
C SER H 52 2.04 -1.57 -14.34
N GLY H 53 0.94 -1.81 -13.63
CA GLY H 53 -0.18 -0.89 -13.70
C GLY H 53 -1.27 -1.41 -14.60
N LEU H 54 -2.07 -0.50 -15.17
CA LEU H 54 -3.23 -0.93 -15.95
C LEU H 54 -3.76 0.21 -16.82
N ASP H 55 -4.21 -0.12 -18.03
CA ASP H 55 -4.87 0.85 -18.90
C ASP H 55 -6.30 1.06 -18.34
N LEU H 56 -6.46 2.05 -17.47
CA LEU H 56 -7.70 2.13 -16.67
C LEU H 56 -8.97 2.32 -17.50
N ASP H 57 -8.83 2.92 -18.69
CA ASP H 57 -10.00 3.15 -19.52
C ASP H 57 -10.02 2.27 -20.74
N HIS H 58 -9.27 1.16 -20.69
CA HIS H 58 -9.35 0.18 -21.76
C HIS H 58 -10.79 -0.34 -21.83
N PRO H 59 -11.40 -0.28 -23.04
CA PRO H 59 -12.81 -0.63 -23.25
C PRO H 59 -13.21 -1.99 -22.73
N ASP H 60 -12.34 -2.99 -22.81
CA ASP H 60 -12.70 -4.33 -22.37
C ASP H 60 -12.54 -4.48 -20.88
N LEU H 61 -11.70 -3.65 -20.28
CA LEU H 61 -11.31 -3.85 -18.89
C LEU H 61 -11.90 -2.83 -17.92
N LYS H 62 -12.32 -1.69 -18.43
CA LYS H 62 -12.74 -0.56 -17.60
C LYS H 62 -13.86 -0.85 -16.62
N ALA H 63 -14.85 -1.64 -17.06
CA ALA H 63 -15.98 -1.99 -16.21
C ALA H 63 -15.60 -2.83 -15.01
N SER H 64 -14.47 -3.52 -15.12
CA SER H 64 -14.02 -4.51 -14.15
C SER H 64 -13.00 -3.96 -13.19
N VAL H 65 -12.45 -2.80 -13.53
CA VAL H 65 -11.43 -2.18 -12.74
C VAL H 65 -12.03 -1.73 -11.41
N ASN H 66 -11.34 -2.07 -10.33
CA ASN H 66 -11.63 -1.58 -9.01
C ASN H 66 -11.96 -0.10 -9.07
N THR H 67 -13.11 0.29 -8.52
CA THR H 67 -13.58 1.67 -8.50
C THR H 67 -12.64 2.57 -7.72
N ASN H 68 -11.91 1.98 -6.78
CA ASN H 68 -10.89 2.68 -6.00
C ASN H 68 -9.55 2.79 -6.73
N GLY H 69 -9.50 2.34 -7.99
CA GLY H 69 -8.28 2.32 -8.77
C GLY H 69 -7.25 1.42 -8.12
N GLY H 70 -5.97 1.79 -8.21
CA GLY H 70 -4.94 1.02 -7.54
C GLY H 70 -3.76 1.91 -7.17
N TRP H 71 -2.78 1.33 -6.48
CA TRP H 71 -1.65 2.10 -6.00
C TRP H 71 -0.38 1.85 -6.80
N ASN H 72 0.35 2.92 -7.13
CA ASN H 72 1.68 2.84 -7.74
C ASN H 72 2.78 2.85 -6.68
N TYR H 73 3.46 1.73 -6.45
CA TYR H 73 4.43 1.72 -5.36
C TYR H 73 5.79 2.34 -5.76
N ILE H 74 5.96 2.64 -7.05
CA ILE H 74 7.21 3.24 -7.51
C ILE H 74 7.25 4.74 -7.22
N ASP H 75 6.12 5.41 -7.45
CA ASP H 75 6.00 6.87 -7.26
C ASP H 75 5.20 7.37 -6.04
N GLY H 76 4.81 6.49 -5.13
CA GLY H 76 3.79 6.86 -4.15
C GLY H 76 2.59 6.98 -5.07
N LYS H 77 1.62 7.83 -4.77
CA LYS H 77 0.43 8.08 -5.65
C LYS H 77 -0.34 6.88 -6.27
N PRO H 78 -1.62 7.12 -6.66
CA PRO H 78 -2.49 6.19 -7.41
C PRO H 78 -2.02 5.83 -8.82
N VAL H 79 -2.39 4.62 -9.27
CA VAL H 79 -2.11 4.18 -10.62
C VAL H 79 -2.84 5.09 -11.58
N SER H 80 -2.14 5.58 -12.60
CA SER H 80 -2.76 6.49 -13.56
C SER H 80 -2.73 5.87 -14.94
N GLY H 81 -1.98 4.79 -15.09
CA GLY H 81 -1.90 4.08 -16.37
C GLY H 81 -0.93 2.91 -16.40
N ASP H 82 -0.51 2.56 -17.61
CA ASP H 82 0.37 1.43 -17.83
C ASP H 82 1.43 1.77 -18.87
N PRO H 83 2.61 2.19 -18.39
CA PRO H 83 3.65 2.64 -19.31
C PRO H 83 4.16 1.51 -20.22
N THR H 84 4.43 0.33 -19.70
CA THR H 84 5.02 -0.74 -20.52
C THR H 84 3.96 -1.61 -21.21
N GLY H 85 2.76 -1.66 -20.63
CA GLY H 85 1.66 -2.45 -21.18
C GLY H 85 1.52 -3.85 -20.59
N HIS H 86 2.49 -4.26 -19.79
CA HIS H 86 2.57 -5.63 -19.28
C HIS H 86 1.39 -6.02 -18.37
N GLY H 87 1.01 -5.11 -17.48
CA GLY H 87 -0.09 -5.35 -16.56
C GLY H 87 -1.43 -5.40 -17.26
N THR H 88 -1.58 -4.59 -18.31
CA THR H 88 -2.83 -4.63 -19.04
C THR H 88 -2.98 -6.00 -19.71
N GLN H 89 -1.88 -6.51 -20.25
CA GLN H 89 -1.93 -7.79 -20.95
C GLN H 89 -2.27 -8.89 -19.97
N THR H 90 -1.66 -8.83 -18.79
CA THR H 90 -1.98 -9.78 -17.73
C THR H 90 -3.46 -9.68 -17.32
N ALA H 91 -3.93 -8.45 -17.11
CA ALA H 91 -5.30 -8.23 -16.70
C ALA H 91 -6.29 -8.89 -17.66
N GLY H 92 -6.03 -8.73 -18.96
CA GLY H 92 -6.89 -9.27 -19.99
C GLY H 92 -7.05 -10.77 -19.90
N MET H 93 -6.04 -11.48 -19.39
CA MET H 93 -6.10 -12.94 -19.26
C MET H 93 -7.01 -13.35 -18.12
N ILE H 94 -7.04 -12.55 -17.06
CA ILE H 94 -8.03 -12.73 -16.01
C ILE H 94 -9.43 -12.50 -16.58
N ASN H 95 -9.56 -11.40 -17.30
CA ASN H 95 -10.84 -10.96 -17.86
C ASN H 95 -11.46 -11.84 -18.93
N ILE H 96 -10.64 -12.37 -19.85
CA ILE H 96 -11.22 -13.15 -20.94
C ILE H 96 -11.83 -14.41 -20.36
N ILE H 97 -11.28 -14.88 -19.25
CA ILE H 97 -11.84 -16.04 -18.57
C ILE H 97 -12.93 -15.70 -17.51
N ALA H 98 -12.81 -14.56 -16.84
CA ALA H 98 -13.79 -14.14 -15.82
C ALA H 98 -14.11 -12.66 -15.99
N PRO H 99 -14.94 -12.33 -16.99
CA PRO H 99 -15.13 -10.93 -17.40
C PRO H 99 -15.79 -10.04 -16.35
N ASP H 100 -16.41 -10.61 -15.34
CA ASP H 100 -17.10 -9.75 -14.37
C ASP H 100 -16.39 -9.64 -13.02
N VAL H 101 -15.33 -10.42 -12.81
CA VAL H 101 -14.57 -10.29 -11.56
C VAL H 101 -13.83 -8.96 -11.54
N THR H 102 -13.63 -8.41 -10.35
CA THR H 102 -12.96 -7.12 -10.21
C THR H 102 -11.45 -7.35 -10.13
N ILE H 103 -10.73 -6.45 -10.78
CA ILE H 103 -9.28 -6.52 -10.88
C ILE H 103 -8.66 -5.28 -10.27
N THR H 104 -7.72 -5.46 -9.35
CA THR H 104 -7.09 -4.28 -8.75
C THR H 104 -5.62 -4.21 -9.09
N PRO H 105 -5.19 -3.09 -9.71
CA PRO H 105 -3.78 -2.95 -10.09
C PRO H 105 -2.92 -2.52 -8.92
N TYR H 106 -1.88 -3.30 -8.66
CA TYR H 106 -0.83 -2.89 -7.74
C TYR H 106 0.45 -2.68 -8.56
N GLN H 107 0.70 -1.43 -8.93
CA GLN H 107 1.83 -1.12 -9.80
C GLN H 107 3.18 -1.19 -9.08
N VAL H 108 3.98 -2.21 -9.39
CA VAL H 108 5.33 -2.35 -8.82
C VAL H 108 6.42 -2.36 -9.90
N LEU H 109 6.01 -2.21 -11.15
CA LEU H 109 6.92 -2.21 -12.27
C LEU H 109 6.71 -0.99 -13.16
N ASP H 110 7.79 -0.47 -13.73
CA ASP H 110 7.67 0.46 -14.84
C ASP H 110 8.75 0.10 -15.86
N GLU H 111 8.96 1.00 -16.82
CA GLU H 111 9.97 0.86 -17.86
C GLU H 111 11.31 0.39 -17.28
N LYS H 112 11.74 1.03 -16.18
CA LYS H 112 13.05 0.76 -15.58
C LYS H 112 13.09 -0.58 -14.83
N GLY H 113 11.93 -1.12 -14.51
CA GLY H 113 11.87 -2.44 -13.89
C GLY H 113 11.06 -2.45 -12.61
N GLY H 114 11.45 -3.32 -11.68
CA GLY H 114 10.83 -3.34 -10.37
C GLY H 114 11.63 -3.96 -9.23
N ASP H 115 11.15 -3.70 -8.01
CA ASP H 115 11.81 -4.08 -6.77
C ASP H 115 11.01 -5.15 -5.99
N SER H 116 11.74 -6.10 -5.42
CA SER H 116 11.15 -7.20 -4.65
C SER H 116 10.38 -6.72 -3.43
N TYR H 117 10.90 -5.64 -2.85
CA TYR H 117 10.34 -5.05 -1.65
C TYR H 117 8.93 -4.59 -1.94
N ASN H 118 8.79 -3.88 -3.04
CA ASN H 118 7.49 -3.43 -3.48
C ASN H 118 6.54 -4.58 -3.86
N ILE H 119 7.09 -5.70 -4.32
CA ILE H 119 6.25 -6.87 -4.56
C ILE H 119 5.73 -7.44 -3.22
N MET H 120 6.60 -7.56 -2.23
CA MET H 120 6.15 -8.03 -0.93
C MET H 120 5.13 -7.08 -0.32
N LYS H 121 5.37 -5.77 -0.46
CA LYS H 121 4.48 -4.78 0.14
C LYS H 121 3.10 -4.87 -0.47
N ALA H 122 3.07 -5.00 -1.79
CA ALA H 122 1.83 -5.14 -2.52
C ALA H 122 1.13 -6.46 -2.17
N MET H 123 1.89 -7.52 -1.93
CA MET H 123 1.30 -8.80 -1.51
C MET H 123 0.55 -8.62 -0.19
N VAL H 124 1.21 -8.01 0.78
CA VAL H 124 0.62 -7.75 2.07
C VAL H 124 -0.56 -6.76 1.97
N ASP H 125 -0.40 -5.68 1.21
CA ASP H 125 -1.50 -4.75 1.01
C ASP H 125 -2.73 -5.43 0.39
N ALA H 126 -2.50 -6.21 -0.64
CA ALA H 126 -3.58 -6.85 -1.38
C ALA H 126 -4.42 -7.73 -0.45
N VAL H 127 -3.75 -8.43 0.46
CA VAL H 127 -4.41 -9.22 1.48
C VAL H 127 -5.28 -8.35 2.36
N ASN H 128 -4.65 -7.30 2.90
CA ASN H 128 -5.35 -6.36 3.78
C ASN H 128 -6.49 -5.59 3.07
N ASP H 129 -6.49 -5.52 1.74
CA ASP H 129 -7.62 -4.90 1.04
C ASP H 129 -8.74 -5.91 0.69
N GLY H 130 -8.62 -7.15 1.18
CA GLY H 130 -9.68 -8.14 1.00
C GLY H 130 -9.68 -8.88 -0.34
N HIS H 131 -8.51 -9.03 -0.97
CA HIS H 131 -8.42 -9.81 -2.21
C HIS H 131 -8.41 -11.31 -1.96
N GLU H 132 -9.19 -12.05 -2.74
CA GLU H 132 -9.19 -13.50 -2.57
C GLU H 132 -8.11 -14.18 -3.43
N VAL H 133 -7.67 -13.49 -4.49
CA VAL H 133 -6.64 -14.03 -5.36
C VAL H 133 -5.56 -13.00 -5.69
N ILE H 134 -4.31 -13.42 -5.63
CA ILE H 134 -3.21 -12.56 -6.07
C ILE H 134 -2.49 -13.21 -7.26
N ASN H 135 -2.27 -12.41 -8.29
CA ASN H 135 -1.47 -12.81 -9.43
C ASN H 135 -0.16 -12.02 -9.53
N ILE H 136 0.96 -12.72 -9.63
CA ILE H 136 2.27 -12.06 -9.79
C ILE H 136 2.98 -12.59 -11.03
N SER H 137 2.80 -11.89 -12.15
CA SER H 137 3.34 -12.33 -13.42
C SER H 137 4.70 -11.72 -13.66
N THR H 138 5.57 -11.89 -12.68
CA THR H 138 6.91 -11.31 -12.77
C THR H 138 7.72 -12.07 -11.79
N GLY H 139 9.02 -11.94 -11.88
CA GLY H 139 9.87 -12.66 -10.96
C GLY H 139 11.31 -12.22 -11.04
N SER H 140 12.11 -12.71 -10.12
CA SER H 140 13.53 -12.44 -10.10
C SER H 140 14.31 -13.73 -9.94
N TYR H 141 15.51 -13.78 -10.52
CA TYR H 141 16.41 -14.88 -10.24
C TYR H 141 17.42 -14.37 -9.20
N THR H 142 17.26 -14.82 -7.97
CA THR H 142 18.07 -14.30 -6.87
C THR H 142 18.99 -15.38 -6.36
N SER H 143 20.29 -15.03 -6.25
CA SER H 143 21.31 -15.93 -5.69
C SER H 143 21.17 -16.09 -4.18
N LEU H 144 21.22 -17.33 -3.71
CA LEU H 144 21.05 -17.59 -2.28
C LEU H 144 22.36 -17.51 -1.48
N ASP H 145 23.04 -16.36 -1.57
CA ASP H 145 24.10 -16.01 -0.61
C ASP H 145 23.42 -15.55 0.70
N ARG H 146 24.15 -14.90 1.60
CA ARG H 146 23.53 -14.43 2.85
C ARG H 146 22.39 -13.45 2.56
N GLU H 147 22.62 -12.40 1.77
CA GLU H 147 21.52 -11.46 1.53
C GLU H 147 20.44 -12.03 0.64
N GLY H 148 20.80 -12.99 -0.21
CA GLY H 148 19.80 -13.67 -1.00
C GLY H 148 18.84 -14.39 -0.09
N LYS H 149 19.36 -15.15 0.87
CA LYS H 149 18.49 -15.89 1.80
C LYS H 149 17.68 -14.98 2.69
N VAL H 150 18.18 -13.79 2.98
CA VAL H 150 17.40 -12.87 3.79
C VAL H 150 16.21 -12.38 2.97
N LEU H 151 16.47 -12.02 1.71
CA LEU H 151 15.39 -11.60 0.81
C LEU H 151 14.33 -12.68 0.66
N MET H 152 14.77 -13.92 0.49
CA MET H 152 13.83 -15.01 0.30
C MET H 152 13.01 -15.28 1.57
N LYS H 153 13.65 -15.17 2.73
CA LYS H 153 12.96 -15.39 3.99
C LYS H 153 11.82 -14.35 4.19
N ALA H 154 12.09 -13.09 3.80
CA ALA H 154 11.08 -12.03 3.83
C ALA H 154 9.92 -12.35 2.90
N TYR H 155 10.22 -12.88 1.71
CA TYR H 155 9.20 -13.18 0.71
C TYR H 155 8.30 -14.30 1.19
N GLN H 156 8.93 -15.25 1.88
CA GLN H 156 8.21 -16.40 2.40
C GLN H 156 7.25 -15.97 3.51
N ARG H 157 7.61 -14.90 4.23
CA ARG H 157 6.77 -14.40 5.29
C ARG H 157 5.55 -13.73 4.71
N ALA H 158 5.77 -13.03 3.60
CA ALA H 158 4.71 -12.45 2.81
C ALA H 158 3.80 -13.52 2.23
N ALA H 159 4.41 -14.59 1.70
CA ALA H 159 3.62 -15.68 1.13
C ALA H 159 2.81 -16.37 2.24
N ASN H 160 3.42 -16.56 3.42
CA ASN H 160 2.74 -17.12 4.60
C ASN H 160 1.56 -16.25 5.06
N TYR H 161 1.71 -14.94 4.95
CA TYR H 161 0.66 -14.03 5.37
C TYR H 161 -0.58 -14.19 4.51
N ALA H 162 -0.38 -14.31 3.20
CA ALA H 162 -1.48 -14.52 2.27
C ALA H 162 -2.15 -15.88 2.53
N ALA H 163 -1.35 -16.92 2.72
CA ALA H 163 -1.94 -18.24 2.90
C ALA H 163 -2.79 -18.30 4.18
N LYS H 164 -2.28 -17.64 5.21
CA LYS H 164 -2.91 -17.64 6.52
C LYS H 164 -4.28 -16.98 6.45
N HIS H 165 -4.45 -16.13 5.45
CA HIS H 165 -5.72 -15.46 5.27
C HIS H 165 -6.51 -16.02 4.07
N GLN H 166 -6.17 -17.25 3.67
CA GLN H 166 -6.86 -17.96 2.59
C GLN H 166 -6.80 -17.22 1.26
N VAL H 167 -5.72 -16.49 1.03
CA VAL H 167 -5.60 -15.78 -0.22
C VAL H 167 -4.70 -16.54 -1.16
N LEU H 168 -5.23 -16.85 -2.34
CA LEU H 168 -4.45 -17.58 -3.34
C LEU H 168 -3.44 -16.69 -4.05
N VAL H 169 -2.24 -17.20 -4.25
CA VAL H 169 -1.19 -16.47 -4.95
C VAL H 169 -0.69 -17.29 -6.15
N PHE H 170 -0.87 -16.74 -7.35
CA PHE H 170 -0.42 -17.42 -8.56
C PHE H 170 0.77 -16.67 -9.18
N SER H 171 1.79 -17.39 -9.60
CA SER H 171 2.98 -16.75 -10.13
C SER H 171 3.50 -17.40 -11.41
N SER H 172 4.07 -16.60 -12.29
CA SER H 172 4.66 -17.15 -13.49
C SER H 172 5.95 -17.87 -13.12
N ALA H 173 6.16 -19.04 -13.72
CA ALA H 173 7.31 -19.89 -13.43
C ALA H 173 8.60 -19.36 -14.06
N GLY H 174 8.47 -18.48 -15.06
CA GLY H 174 9.62 -17.89 -15.72
C GLY H 174 9.86 -18.47 -17.11
N ASN H 175 10.58 -17.71 -17.92
CA ASN H 175 10.77 -17.98 -19.35
C ASN H 175 12.17 -18.38 -19.84
N LYS H 176 13.01 -18.89 -18.94
CA LYS H 176 14.41 -19.18 -19.29
C LYS H 176 14.61 -20.57 -19.87
N GLY H 177 13.55 -21.37 -19.90
CA GLY H 177 13.61 -22.71 -20.46
C GLY H 177 14.56 -23.62 -19.71
N VAL H 178 14.79 -23.34 -18.44
CA VAL H 178 15.71 -24.12 -17.62
C VAL H 178 14.93 -24.95 -16.63
N ASN H 179 15.60 -25.96 -16.09
CA ASN H 179 15.07 -26.74 -14.98
C ASN H 179 15.45 -26.06 -13.68
N LEU H 180 14.45 -25.64 -12.90
CA LEU H 180 14.67 -24.81 -11.75
C LEU H 180 15.36 -25.54 -10.59
N ASP H 181 15.18 -26.85 -10.54
CA ASP H 181 15.86 -27.65 -9.52
C ASP H 181 17.35 -27.72 -9.83
N GLU H 182 17.72 -27.88 -11.11
CA GLU H 182 19.14 -27.83 -11.49
C GLU H 182 19.76 -26.44 -11.28
N MET H 183 18.95 -25.41 -11.47
CA MET H 183 19.41 -24.03 -11.35
C MET H 183 19.80 -23.75 -9.90
N ARG H 184 19.15 -24.45 -8.97
CA ARG H 184 19.46 -24.25 -7.57
C ARG H 184 20.73 -24.99 -7.16
N LYS H 185 20.94 -26.19 -7.72
CA LYS H 185 22.11 -26.99 -7.35
C LYS H 185 23.37 -26.41 -7.96
N THR H 186 23.24 -25.91 -9.18
CA THR H 186 24.38 -25.38 -9.91
C THR H 186 24.72 -23.94 -9.59
N GLU H 187 23.72 -23.07 -9.69
CA GLU H 187 23.96 -21.64 -9.67
C GLU H 187 23.57 -21.00 -8.35
N ASN H 188 23.04 -21.81 -7.44
CA ASN H 188 22.52 -21.33 -6.17
C ASN H 188 21.51 -20.18 -6.36
N LYS H 189 20.71 -20.25 -7.41
CA LYS H 189 19.68 -19.23 -7.65
C LYS H 189 18.27 -19.80 -7.55
N VAL H 190 17.33 -18.91 -7.28
CA VAL H 190 15.95 -19.32 -7.09
C VAL H 190 15.03 -18.30 -7.78
N HIS H 191 13.90 -18.76 -8.32
CA HIS H 191 12.99 -17.85 -9.02
C HIS H 191 11.92 -17.39 -8.03
N LEU H 192 11.87 -16.09 -7.78
CA LEU H 192 10.97 -15.56 -6.76
C LEU H 192 9.95 -14.58 -7.34
N PRO H 193 8.70 -14.71 -6.88
CA PRO H 193 8.21 -15.53 -5.77
C PRO H 193 7.76 -16.96 -6.10
N SER H 194 7.99 -17.42 -7.33
CA SER H 194 7.40 -18.67 -7.79
C SER H 194 7.79 -19.90 -6.95
N ALA H 195 9.02 -19.90 -6.44
CA ALA H 195 9.54 -21.02 -5.66
C ALA H 195 9.02 -21.04 -4.23
N LEU H 196 8.39 -19.97 -3.79
CA LEU H 196 7.91 -19.88 -2.41
C LEU H 196 6.80 -20.87 -2.14
N LYS H 197 6.74 -21.36 -0.91
CA LYS H 197 5.63 -22.18 -0.46
C LYS H 197 4.37 -21.32 -0.41
N HIS H 198 3.22 -21.90 -0.74
CA HIS H 198 1.94 -21.21 -0.80
C HIS H 198 1.84 -20.28 -1.99
N VAL H 199 2.86 -20.32 -2.83
CA VAL H 199 2.76 -19.66 -4.11
C VAL H 199 2.66 -20.74 -5.18
N VAL H 200 1.64 -20.63 -6.01
CA VAL H 200 1.39 -21.58 -7.05
C VAL H 200 2.15 -21.14 -8.29
N SER H 201 3.16 -21.91 -8.65
CA SER H 201 3.97 -21.64 -9.82
C SER H 201 3.30 -22.24 -11.07
N VAL H 202 3.10 -21.40 -12.09
CA VAL H 202 2.38 -21.79 -13.30
C VAL H 202 3.27 -21.75 -14.53
N GLY H 203 3.30 -22.85 -15.28
CA GLY H 203 4.04 -22.89 -16.53
C GLY H 203 3.15 -22.66 -17.74
N SER H 204 3.76 -22.64 -18.92
CA SER H 204 3.05 -22.35 -20.17
C SER H 204 3.17 -23.48 -21.24
N ASN H 205 2.03 -23.97 -21.72
CA ASN H 205 2.04 -24.93 -22.80
C ASN H 205 1.56 -24.29 -24.08
N MET H 206 1.74 -25.00 -25.20
CA MET H 206 1.37 -24.52 -26.53
C MET H 206 -0.01 -25.04 -26.95
N LYS H 207 -0.52 -24.57 -28.09
CA LYS H 207 -1.86 -24.98 -28.55
C LYS H 207 -2.03 -26.49 -28.60
N SER H 208 -0.94 -27.18 -28.91
CA SER H 208 -0.95 -28.62 -29.00
C SER H 208 -0.96 -29.28 -27.63
N ASN H 209 -0.87 -28.46 -26.58
CA ASN H 209 -0.82 -28.90 -25.17
C ASN H 209 0.57 -29.36 -24.77
N ASN H 210 1.49 -29.37 -25.75
CA ASN H 210 2.91 -29.61 -25.45
C ASN H 210 3.47 -28.42 -24.69
N ILE H 211 4.49 -28.65 -23.86
CA ILE H 211 5.06 -27.52 -23.12
C ILE H 211 5.78 -26.59 -24.07
N SER H 212 5.70 -25.29 -23.77
CA SER H 212 6.47 -24.26 -24.45
C SER H 212 7.94 -24.45 -24.16
N PRO H 213 8.78 -24.26 -25.19
CA PRO H 213 10.22 -24.44 -25.00
C PRO H 213 10.77 -23.49 -23.94
N TYR H 214 10.21 -22.29 -23.81
CA TYR H 214 10.72 -21.27 -22.87
C TYR H 214 10.27 -21.53 -21.43
N SER H 215 9.27 -22.37 -21.26
CA SER H 215 8.69 -22.55 -19.93
C SER H 215 9.66 -23.24 -18.98
N ASN H 216 9.97 -22.58 -17.88
CA ASN H 216 10.79 -23.16 -16.82
C ASN H 216 10.16 -24.42 -16.28
N GLN H 217 11.00 -25.36 -15.87
CA GLN H 217 10.57 -26.66 -15.34
C GLN H 217 11.17 -26.93 -13.97
N GLY H 218 10.58 -27.87 -13.25
CA GLY H 218 11.05 -28.23 -11.92
C GLY H 218 9.90 -28.68 -11.05
N ARG H 219 10.22 -29.15 -9.85
CA ARG H 219 9.23 -29.62 -8.91
C ARG H 219 8.26 -28.54 -8.43
N GLU H 220 8.65 -27.28 -8.51
CA GLU H 220 7.78 -26.21 -8.04
C GLU H 220 6.53 -26.03 -8.93
N ILE H 221 6.60 -26.50 -10.18
CA ILE H 221 5.48 -26.35 -11.13
C ILE H 221 4.22 -27.04 -10.63
N GLU H 222 3.13 -26.30 -10.50
CA GLU H 222 1.87 -26.87 -10.02
C GLU H 222 0.83 -26.98 -11.11
N PHE H 223 0.85 -26.03 -12.03
CA PHE H 223 -0.12 -26.02 -13.13
C PHE H 223 0.53 -25.44 -14.35
N THR H 224 -0.17 -25.63 -15.46
CA THR H 224 0.22 -25.03 -16.73
C THR H 224 -1.03 -24.40 -17.38
N ALA H 225 -0.81 -23.43 -18.26
CA ALA H 225 -1.92 -22.87 -19.03
C ALA H 225 -1.40 -22.40 -20.37
N PRO H 226 -2.29 -22.33 -21.38
CA PRO H 226 -1.82 -22.01 -22.72
C PRO H 226 -1.27 -20.62 -22.87
N GLY H 227 0.05 -20.49 -22.90
CA GLY H 227 0.70 -19.21 -23.07
C GLY H 227 1.30 -19.03 -24.45
N GLY H 228 1.20 -20.07 -25.30
CA GLY H 228 1.59 -19.96 -26.71
C GLY H 228 3.07 -19.87 -27.06
N TYR H 229 3.38 -19.95 -28.35
CA TYR H 229 4.76 -19.78 -28.79
C TYR H 229 4.74 -19.41 -30.28
N LEU H 230 5.90 -19.38 -30.93
CA LEU H 230 5.98 -19.05 -32.35
C LEU H 230 5.60 -20.21 -33.26
N GLY H 231 5.27 -21.37 -32.67
CA GLY H 231 4.89 -22.56 -33.43
C GLY H 231 5.45 -23.83 -32.82
N GLU H 232 4.89 -24.98 -33.17
CA GLU H 232 5.38 -26.26 -32.65
C GLU H 232 6.78 -26.59 -33.08
N THR H 233 7.10 -26.29 -34.33
CA THR H 233 8.40 -26.65 -34.85
C THR H 233 9.31 -25.45 -35.10
N TYR H 234 8.89 -24.26 -34.67
CA TYR H 234 9.68 -23.04 -34.91
C TYR H 234 11.16 -23.17 -34.53
N ASP H 235 11.42 -23.77 -33.38
CA ASP H 235 12.79 -23.97 -32.91
C ASP H 235 13.58 -24.85 -33.86
N GLN H 236 12.91 -25.80 -34.48
CA GLN H 236 13.56 -26.66 -35.44
C GLN H 236 13.77 -25.94 -36.79
N ASP H 237 12.73 -25.33 -37.36
CA ASP H 237 12.88 -24.83 -38.73
C ASP H 237 12.71 -23.33 -39.01
N GLY H 238 12.62 -22.47 -38.01
CA GLY H 238 12.47 -21.06 -38.35
C GLY H 238 11.07 -20.57 -38.71
N MET H 239 10.17 -21.49 -39.05
CA MET H 239 8.85 -21.09 -39.54
C MET H 239 7.92 -20.75 -38.40
N VAL H 240 7.28 -19.59 -38.50
CA VAL H 240 6.43 -19.09 -37.44
C VAL H 240 4.94 -19.26 -37.80
N ARG H 241 4.18 -19.81 -36.88
CA ARG H 241 2.76 -19.87 -37.06
C ARG H 241 2.17 -18.87 -36.08
N VAL H 242 1.61 -17.77 -36.59
CA VAL H 242 1.25 -16.65 -35.72
C VAL H 242 0.01 -16.92 -34.90
N THR H 243 -0.81 -17.86 -35.34
CA THR H 243 -2.00 -18.25 -34.59
C THR H 243 -1.68 -19.19 -33.43
N ASP H 244 -0.39 -19.53 -33.26
CA ASP H 244 -0.02 -20.29 -32.08
C ASP H 244 0.31 -19.33 -30.96
N LEU H 245 0.36 -18.04 -31.29
CA LEU H 245 0.54 -17.00 -30.29
C LEU H 245 -0.83 -16.65 -29.67
N VAL H 246 -0.82 -15.82 -28.62
CA VAL H 246 -2.07 -15.45 -27.97
C VAL H 246 -2.32 -13.94 -28.00
N LEU H 247 -3.59 -13.59 -28.22
CA LEU H 247 -4.02 -12.20 -28.19
C LEU H 247 -4.01 -11.67 -26.75
N THR H 248 -3.67 -10.42 -26.60
CA THR H 248 -3.76 -9.77 -25.30
C THR H 248 -4.41 -8.41 -25.44
N THR H 249 -5.00 -7.93 -24.35
CA THR H 249 -5.38 -6.53 -24.27
C THR H 249 -4.14 -5.70 -24.03
N TYR H 250 -4.05 -4.60 -24.76
CA TYR H 250 -2.88 -3.75 -24.78
C TYR H 250 -3.41 -2.31 -24.63
N PRO H 251 -2.66 -1.41 -23.95
CA PRO H 251 -3.17 -0.05 -23.75
C PRO H 251 -3.67 0.61 -25.05
N LYS H 252 -4.92 1.08 -25.00
CA LYS H 252 -5.62 1.54 -26.17
C LYS H 252 -4.96 2.75 -26.84
N GLY H 253 -4.25 3.56 -26.05
CA GLY H 253 -3.60 4.73 -26.58
C GLY H 253 -2.13 4.51 -26.90
N LYS H 254 -1.72 3.25 -26.88
CA LYS H 254 -0.34 2.95 -27.11
C LYS H 254 -0.23 2.19 -28.42
N ASP H 255 0.81 2.50 -29.19
CA ASP H 255 1.02 1.79 -30.46
C ASP H 255 1.38 0.35 -30.15
N ASN H 256 0.76 -0.58 -30.83
CA ASN H 256 1.12 -1.97 -30.66
C ASN H 256 2.32 -2.30 -31.56
N THR H 257 2.69 -3.57 -31.63
CA THR H 257 4.00 -3.90 -32.18
C THR H 257 4.10 -3.92 -33.70
N ALA H 258 5.34 -3.86 -34.18
CA ALA H 258 5.64 -3.94 -35.60
C ALA H 258 5.00 -5.21 -36.19
N LEU H 259 4.99 -6.28 -35.43
CA LEU H 259 4.27 -7.52 -35.79
C LEU H 259 2.77 -7.32 -35.85
N ASP H 260 2.21 -6.60 -34.87
CA ASP H 260 0.77 -6.35 -34.78
C ASP H 260 0.24 -5.62 -35.98
N GLN H 261 1.01 -4.61 -36.41
CA GLN H 261 0.63 -3.77 -37.54
C GLN H 261 0.49 -4.61 -38.79
N MET H 262 1.54 -5.40 -39.07
CA MET H 262 1.58 -6.26 -40.25
C MET H 262 0.48 -7.30 -40.25
N LEU H 263 -0.07 -7.58 -39.08
CA LEU H 263 -1.11 -8.59 -38.98
C LEU H 263 -2.53 -8.05 -38.92
N ASN H 264 -2.65 -6.73 -39.10
CA ASN H 264 -3.94 -6.03 -39.00
C ASN H 264 -4.60 -6.23 -37.62
N ILE H 265 -3.74 -6.25 -36.59
CA ILE H 265 -4.18 -6.15 -35.19
C ILE H 265 -4.35 -4.68 -34.81
N PRO H 266 -5.58 -4.26 -34.48
CA PRO H 266 -5.83 -2.85 -34.15
C PRO H 266 -5.30 -2.44 -32.77
N LYS H 267 -5.14 -1.14 -32.51
CA LYS H 267 -4.72 -0.67 -31.19
C LYS H 267 -5.70 -1.11 -30.12
N GLY H 268 -5.16 -1.42 -28.95
CA GLY H 268 -5.94 -2.01 -27.87
C GLY H 268 -5.62 -3.50 -27.71
N TYR H 269 -4.98 -4.07 -28.73
CA TYR H 269 -4.59 -5.48 -28.71
C TYR H 269 -3.18 -5.70 -29.23
N SER H 270 -2.55 -6.76 -28.75
CA SER H 270 -1.19 -7.11 -29.11
C SER H 270 -1.05 -8.60 -29.02
N LEU H 271 -0.26 -9.16 -29.93
CA LEU H 271 0.05 -10.58 -29.93
C LEU H 271 1.24 -10.84 -29.05
N SER H 272 1.20 -11.87 -28.21
CA SER H 272 2.31 -12.07 -27.29
C SER H 272 2.43 -13.53 -26.89
N TYR H 273 3.25 -13.77 -25.87
CA TYR H 273 3.53 -15.13 -25.42
C TYR H 273 4.03 -15.03 -23.98
N GLY H 274 4.10 -16.13 -23.27
CA GLY H 274 4.82 -16.07 -22.02
C GLY H 274 4.11 -16.68 -20.84
N THR H 275 4.95 -17.12 -19.91
CA THR H 275 4.49 -17.75 -18.69
C THR H 275 3.68 -16.73 -17.84
N SER H 276 3.99 -15.44 -18.02
CA SER H 276 3.25 -14.36 -17.35
C SER H 276 1.82 -14.20 -17.89
N LEU H 277 1.51 -14.87 -19.00
CA LEU H 277 0.15 -14.88 -19.54
C LEU H 277 -0.54 -16.19 -19.12
N ALA H 278 0.25 -17.15 -18.62
CA ALA H 278 -0.31 -18.41 -18.15
C ALA H 278 -0.83 -18.33 -16.72
N ALA H 279 -0.04 -17.76 -15.81
CA ALA H 279 -0.47 -17.58 -14.42
C ALA H 279 -1.83 -16.86 -14.27
N PRO H 280 -2.03 -15.73 -14.98
CA PRO H 280 -3.31 -15.03 -14.75
C PRO H 280 -4.54 -15.80 -15.26
N GLN H 281 -4.33 -16.72 -16.19
CA GLN H 281 -5.41 -17.58 -16.63
C GLN H 281 -5.83 -18.50 -15.48
N VAL H 282 -4.84 -19.02 -14.74
CA VAL H 282 -5.17 -19.84 -13.58
C VAL H 282 -5.79 -18.96 -12.46
N ALA H 283 -5.23 -17.78 -12.23
CA ALA H 283 -5.80 -16.86 -11.25
C ALA H 283 -7.23 -16.52 -11.64
N GLY H 284 -7.47 -16.31 -12.93
CA GLY H 284 -8.80 -16.04 -13.41
C GLY H 284 -9.77 -17.20 -13.15
N THR H 285 -9.30 -18.42 -13.37
CA THR H 285 -10.12 -19.60 -13.12
C THR H 285 -10.45 -19.73 -11.65
N ALA H 286 -9.47 -19.42 -10.80
CA ALA H 286 -9.69 -19.52 -9.36
C ALA H 286 -10.84 -18.60 -8.97
N ALA H 287 -10.85 -17.41 -9.54
CA ALA H 287 -11.90 -16.43 -9.29
C ALA H 287 -13.29 -16.94 -9.72
N LEU H 288 -13.31 -17.66 -10.84
CA LEU H 288 -14.51 -18.27 -11.39
C LEU H 288 -15.04 -19.33 -10.45
N VAL H 289 -14.10 -20.10 -9.90
CA VAL H 289 -14.43 -21.17 -8.99
C VAL H 289 -15.00 -20.63 -7.69
N ILE H 290 -14.35 -19.60 -7.14
CA ILE H 290 -14.83 -18.96 -5.93
C ILE H 290 -16.24 -18.42 -6.16
N SER H 291 -16.45 -17.74 -7.27
CA SER H 291 -17.77 -17.19 -7.62
C SER H 291 -18.84 -18.28 -7.77
N GLU H 292 -18.54 -19.34 -8.53
CA GLU H 292 -19.49 -20.43 -8.72
C GLU H 292 -19.83 -21.08 -7.40
N TYR H 293 -18.81 -21.32 -6.58
CA TYR H 293 -19.02 -21.99 -5.33
C TYR H 293 -19.96 -21.19 -4.38
N ARG H 294 -19.83 -19.87 -4.36
CA ARG H 294 -20.64 -19.08 -3.43
C ARG H 294 -22.09 -19.04 -3.87
N GLU H 295 -22.32 -19.12 -5.18
CA GLU H 295 -23.67 -19.14 -5.72
C GLU H 295 -24.37 -20.42 -5.24
N ARG H 296 -23.58 -21.47 -5.07
CA ARG H 296 -24.13 -22.76 -4.67
C ARG H 296 -24.19 -23.02 -3.17
N HIS H 297 -23.16 -22.59 -2.45
CA HIS H 297 -23.06 -22.93 -1.03
C HIS H 297 -23.12 -21.71 -0.12
N HIS H 298 -23.82 -20.68 -0.59
CA HIS H 298 -23.91 -19.33 0.01
C HIS H 298 -22.82 -18.95 1.03
N ARG H 299 -21.63 -19.49 0.78
CA ARG H 299 -20.37 -19.13 1.40
C ARG H 299 -19.29 -19.25 0.30
N LYS H 300 -18.16 -18.55 0.42
CA LYS H 300 -17.03 -18.74 -0.50
C LYS H 300 -16.18 -19.95 -0.03
N PRO H 301 -15.60 -20.70 -0.99
CA PRO H 301 -14.75 -21.86 -0.65
C PRO H 301 -13.41 -21.42 -0.10
N SER H 302 -12.76 -22.28 0.68
CA SER H 302 -11.40 -22.00 1.16
C SER H 302 -10.41 -22.18 0.03
N ALA H 303 -9.20 -21.66 0.22
CA ALA H 303 -8.10 -21.80 -0.76
C ALA H 303 -7.79 -23.27 -1.13
N LYS H 304 -7.84 -24.19 -0.17
CA LYS H 304 -7.58 -25.59 -0.51
C LYS H 304 -8.71 -26.16 -1.37
N GLN H 305 -9.94 -25.74 -1.09
CA GLN H 305 -11.06 -26.19 -1.92
C GLN H 305 -10.88 -25.72 -3.35
N VAL H 306 -10.43 -24.48 -3.52
CA VAL H 306 -10.18 -23.94 -4.84
C VAL H 306 -9.02 -24.69 -5.48
N HIS H 307 -7.95 -24.90 -4.73
CA HIS H 307 -6.80 -25.64 -5.25
C HIS H 307 -7.19 -27.05 -5.72
N HIS H 308 -8.00 -27.72 -4.91
CA HIS H 308 -8.45 -29.08 -5.20
C HIS H 308 -9.24 -29.15 -6.50
N ILE H 309 -10.16 -28.22 -6.68
CA ILE H 309 -10.97 -28.15 -7.89
C ILE H 309 -10.13 -27.91 -9.14
N LEU H 310 -9.14 -27.02 -9.05
CA LEU H 310 -8.25 -26.74 -10.18
C LEU H 310 -7.53 -28.00 -10.61
N ARG H 311 -6.98 -28.70 -9.63
CA ARG H 311 -6.18 -29.90 -9.84
C ARG H 311 -6.98 -31.06 -10.45
N LYS H 312 -8.16 -31.32 -9.91
CA LYS H 312 -8.94 -32.47 -10.37
C LYS H 312 -9.56 -32.20 -11.74
N SER H 313 -9.70 -30.93 -12.09
CA SER H 313 -10.21 -30.58 -13.40
C SER H 313 -9.09 -30.36 -14.41
N ALA H 314 -7.84 -30.41 -13.96
CA ALA H 314 -6.70 -30.17 -14.84
C ALA H 314 -6.56 -31.29 -15.89
N LEU H 315 -6.16 -30.89 -17.09
CA LEU H 315 -5.84 -31.85 -18.14
C LEU H 315 -4.53 -32.53 -17.79
N ASP H 316 -4.61 -33.84 -17.61
CA ASP H 316 -3.49 -34.63 -17.15
C ASP H 316 -2.51 -34.81 -18.32
N LEU H 317 -1.43 -34.02 -18.32
CA LEU H 317 -0.41 -34.03 -19.35
C LEU H 317 0.94 -34.61 -18.94
N GLY H 318 1.78 -34.85 -19.95
CA GLY H 318 3.12 -35.37 -19.71
C GLY H 318 3.13 -36.68 -18.99
N LYS H 319 4.12 -36.82 -18.11
CA LYS H 319 4.26 -38.01 -17.30
C LYS H 319 3.04 -38.16 -16.42
N PRO H 320 2.60 -39.42 -16.23
CA PRO H 320 1.42 -39.74 -15.42
C PRO H 320 1.50 -39.26 -13.98
N GLY H 321 0.75 -38.22 -13.64
CA GLY H 321 0.77 -37.72 -12.28
C GLY H 321 1.24 -36.27 -12.26
N LYS H 322 1.72 -35.86 -11.09
CA LYS H 322 2.32 -34.54 -10.95
C LYS H 322 3.77 -34.59 -11.41
N ASP H 323 4.06 -34.07 -12.60
CA ASP H 323 5.42 -34.06 -13.15
C ASP H 323 6.05 -32.67 -13.15
N VAL H 324 7.38 -32.62 -13.32
CA VAL H 324 8.13 -31.36 -13.29
C VAL H 324 7.88 -30.51 -14.54
N ILE H 325 7.22 -31.07 -15.53
CA ILE H 325 6.94 -30.25 -16.70
C ILE H 325 5.58 -29.55 -16.59
N TYR H 326 4.53 -30.30 -16.27
CA TYR H 326 3.17 -29.77 -16.29
C TYR H 326 2.56 -29.57 -14.91
N GLY H 327 3.27 -29.99 -13.86
CA GLY H 327 2.69 -30.01 -12.53
C GLY H 327 1.53 -30.98 -12.54
N TYR H 328 0.42 -30.59 -11.93
CA TYR H 328 -0.78 -31.42 -11.96
C TYR H 328 -1.42 -31.43 -13.36
N GLY H 329 -1.01 -30.49 -14.21
CA GLY H 329 -1.50 -30.42 -15.58
C GLY H 329 -2.05 -29.08 -16.03
N GLU H 330 -2.71 -29.07 -17.18
CA GLU H 330 -3.24 -27.84 -17.73
C GLU H 330 -4.60 -27.55 -17.11
N VAL H 331 -4.73 -26.38 -16.49
CA VAL H 331 -6.00 -25.94 -15.92
C VAL H 331 -7.05 -25.73 -17.01
N ARG H 332 -8.27 -26.20 -16.75
CA ARG H 332 -9.37 -25.99 -17.66
C ARG H 332 -10.57 -25.44 -16.89
N ALA H 333 -10.86 -24.17 -17.13
CA ALA H 333 -11.91 -23.49 -16.40
C ALA H 333 -13.28 -24.18 -16.58
N TYR H 334 -13.60 -24.57 -17.82
CA TYR H 334 -14.89 -25.17 -18.12
C TYR H 334 -15.03 -26.50 -17.39
N GLN H 335 -13.90 -27.17 -17.26
CA GLN H 335 -13.85 -28.46 -16.58
C GLN H 335 -14.01 -28.31 -15.08
N ALA H 336 -13.39 -27.26 -14.54
CA ALA H 336 -13.56 -26.89 -13.15
C ALA H 336 -15.04 -26.63 -12.85
N LEU H 337 -15.70 -25.89 -13.73
CA LEU H 337 -17.11 -25.56 -13.51
C LEU H 337 -18.00 -26.79 -13.66
N LYS H 338 -17.68 -27.63 -14.63
CA LYS H 338 -18.51 -28.79 -14.87
C LYS H 338 -18.34 -29.80 -13.75
N MET H 339 -17.19 -29.77 -13.10
CA MET H 339 -16.97 -30.73 -12.00
C MET H 339 -17.53 -30.20 -10.69
N MET H 340 -18.12 -29.01 -10.72
CA MET H 340 -18.76 -28.45 -9.53
C MET H 340 -20.30 -28.64 -9.51
N GLU I 30 -1.36 30.67 -33.90
CA GLU I 30 -1.74 29.35 -34.37
C GLU I 30 -1.68 29.30 -35.89
N GLN I 31 -1.35 30.40 -36.55
CA GLN I 31 -1.42 30.43 -38.01
C GLN I 31 -0.03 30.48 -38.69
N TYR I 32 -0.01 30.41 -40.02
CA TYR I 32 1.23 30.35 -40.82
C TYR I 32 1.14 31.27 -42.04
N LEU I 33 2.26 31.86 -42.48
CA LEU I 33 2.24 32.81 -43.59
C LEU I 33 3.28 32.58 -44.67
N LEU I 34 2.90 32.74 -45.94
CA LEU I 34 3.87 32.64 -47.03
C LEU I 34 3.97 33.91 -47.82
N LEU I 35 5.08 34.60 -47.58
CA LEU I 35 5.39 35.80 -48.30
C LEU I 35 5.63 35.39 -49.75
N GLU I 36 5.26 36.23 -50.72
CA GLU I 36 5.44 35.85 -52.12
C GLU I 36 6.71 36.36 -52.80
N HIS I 37 7.44 37.25 -52.14
CA HIS I 37 8.78 37.65 -52.59
C HIS I 37 9.63 37.66 -51.35
N VAL I 38 10.78 36.99 -51.37
CA VAL I 38 11.46 36.62 -50.12
C VAL I 38 12.04 37.79 -49.30
N LYS I 39 12.22 38.95 -49.94
CA LYS I 39 12.83 40.10 -49.27
C LYS I 39 12.04 40.70 -48.09
N ASP I 40 10.76 40.37 -47.98
CA ASP I 40 9.92 41.03 -47.00
C ASP I 40 9.90 40.45 -45.62
N LYS I 41 10.98 39.78 -45.22
CA LYS I 41 10.96 39.35 -43.84
C LYS I 41 10.91 40.71 -43.15
N SER I 42 11.77 41.63 -43.59
CA SER I 42 11.79 43.05 -43.18
C SER I 42 10.78 43.43 -42.09
N LYS I 43 9.56 43.77 -42.52
CA LYS I 43 8.54 44.29 -41.63
C LYS I 43 7.40 43.37 -41.20
N LEU I 44 7.42 42.12 -41.64
CA LEU I 44 6.40 41.22 -41.16
C LEU I 44 6.75 40.84 -39.71
N LEU I 45 8.05 40.78 -39.35
CA LEU I 45 8.42 40.39 -37.98
C LEU I 45 7.70 41.18 -36.89
N ASP I 46 7.62 42.50 -37.05
CA ASP I 46 6.74 43.19 -36.13
C ASP I 46 5.98 44.32 -36.82
N THR I 47 5.18 43.91 -37.79
CA THR I 47 3.78 44.25 -37.82
C THR I 47 3.12 43.47 -36.67
N ALA I 48 3.81 42.43 -36.24
CA ALA I 48 3.38 41.50 -35.18
C ALA I 48 3.35 42.00 -33.73
N GLU I 49 4.46 42.52 -33.20
CA GLU I 49 4.49 43.03 -31.81
C GLU I 49 3.87 44.45 -31.76
N GLN I 50 3.57 45.00 -32.93
CA GLN I 50 2.73 46.21 -32.96
C GLN I 50 1.29 45.73 -32.81
N PHE I 51 1.09 44.41 -32.77
CA PHE I 51 -0.19 43.82 -32.39
C PHE I 51 0.12 42.85 -31.23
N HIS I 52 1.32 43.08 -30.66
CA HIS I 52 2.12 42.38 -29.61
C HIS I 52 2.06 40.83 -29.61
N ILE I 53 2.25 40.23 -30.79
CA ILE I 53 2.25 38.76 -30.98
C ILE I 53 3.52 38.21 -31.67
N HIS I 54 3.92 36.99 -31.26
CA HIS I 54 5.09 36.21 -31.70
C HIS I 54 5.13 35.80 -33.20
N ALA I 55 6.14 36.26 -33.95
CA ALA I 55 6.33 35.82 -35.35
C ALA I 55 7.65 35.04 -35.53
N ASP I 56 7.57 33.76 -35.89
CA ASP I 56 8.77 32.91 -36.05
C ASP I 56 8.99 32.56 -37.53
N VAL I 57 10.04 33.12 -38.13
CA VAL I 57 10.22 33.02 -39.59
C VAL I 57 11.41 32.17 -40.09
N ILE I 58 11.14 31.32 -41.08
CA ILE I 58 12.19 30.67 -41.87
C ILE I 58 12.56 31.56 -43.05
N GLU I 59 13.61 32.35 -42.86
CA GLU I 59 13.91 33.48 -43.72
C GLU I 59 14.11 33.17 -45.20
N GLU I 60 14.85 32.10 -45.49
CA GLU I 60 15.30 31.81 -46.85
C GLU I 60 14.17 31.43 -47.79
N ILE I 61 13.08 30.92 -47.22
CA ILE I 61 11.95 30.45 -48.01
C ILE I 61 10.76 31.36 -47.80
N GLY I 62 10.88 32.26 -46.81
CA GLY I 62 9.87 33.26 -46.59
C GLY I 62 8.56 32.74 -46.04
N PHE I 63 8.63 31.81 -45.08
CA PHE I 63 7.42 31.23 -44.51
C PHE I 63 7.44 31.46 -43.00
N ALA I 64 6.36 31.99 -42.43
CA ALA I 64 6.37 32.41 -41.03
C ALA I 64 5.19 31.84 -40.23
N LYS I 65 5.46 31.52 -38.96
CA LYS I 65 4.43 31.05 -38.03
C LYS I 65 4.12 32.01 -36.86
N VAL I 66 2.86 32.38 -36.71
CA VAL I 66 2.41 33.37 -35.72
C VAL I 66 1.49 32.78 -34.61
N THR I 67 1.81 33.01 -33.32
CA THR I 67 1.00 32.43 -32.23
C THR I 67 0.62 33.41 -31.11
N GLY I 68 -0.54 33.22 -30.51
CA GLY I 68 -1.03 34.08 -29.44
C GLY I 68 -2.47 33.71 -29.09
N GLU I 69 -3.30 34.70 -28.78
CA GLU I 69 -4.74 34.45 -28.57
C GLU I 69 -5.64 34.86 -29.76
N LYS I 70 -6.73 34.12 -29.96
CA LYS I 70 -7.62 34.29 -31.11
C LYS I 70 -8.32 35.65 -31.03
N GLN I 71 -8.17 36.28 -29.87
CA GLN I 71 -8.55 37.66 -29.61
C GLN I 71 -7.64 38.57 -30.42
N LYS I 72 -6.40 38.12 -30.57
CA LYS I 72 -5.36 38.94 -31.19
C LYS I 72 -4.76 38.41 -32.50
N LEU I 73 -5.11 37.21 -32.96
CA LEU I 73 -4.56 36.79 -34.24
C LEU I 73 -5.49 36.93 -35.42
N ALA I 74 -6.78 37.06 -35.14
CA ALA I 74 -7.75 37.34 -36.19
C ALA I 74 -7.50 38.80 -36.62
N PRO I 75 -7.36 39.74 -35.65
CA PRO I 75 -7.01 41.09 -36.11
C PRO I 75 -5.61 41.26 -36.68
N PHE I 76 -4.65 40.36 -36.44
CA PHE I 76 -3.34 40.64 -36.96
C PHE I 76 -3.10 40.26 -38.41
N THR I 77 -3.62 39.13 -38.88
CA THR I 77 -3.31 38.70 -40.24
C THR I 77 -3.74 39.61 -41.39
N LYS I 78 -4.88 40.27 -41.23
CA LYS I 78 -5.75 40.52 -42.38
C LYS I 78 -5.18 41.38 -43.52
N LYS I 79 -4.11 42.11 -43.29
CA LYS I 79 -3.49 42.82 -44.41
C LYS I 79 -2.02 43.16 -44.06
N LEU I 80 -1.31 42.10 -43.68
CA LEU I 80 0.13 41.95 -43.94
C LEU I 80 0.19 41.52 -45.37
N ALA I 81 -1.01 41.15 -45.82
CA ALA I 81 -1.31 40.90 -47.21
C ALA I 81 -1.15 42.28 -47.83
N GLU I 82 -1.19 43.28 -46.91
CA GLU I 82 -0.70 44.66 -47.04
C GLU I 82 -0.58 45.06 -48.50
N LYS I 83 0.56 45.63 -48.89
CA LYS I 83 0.81 45.84 -50.30
C LYS I 83 2.11 45.09 -50.64
N VAL I 84 2.40 44.07 -49.83
CA VAL I 84 2.95 42.83 -50.36
C VAL I 84 2.02 41.67 -49.95
N GLY I 85 1.93 40.68 -50.82
CA GLY I 85 1.07 39.52 -50.66
C GLY I 85 1.61 38.36 -49.86
N ALA I 86 0.80 37.88 -48.92
CA ALA I 86 1.13 36.71 -48.12
C ALA I 86 -0.10 35.82 -47.98
N ASP I 87 0.11 34.50 -47.93
CA ASP I 87 -1.00 33.57 -47.76
C ASP I 87 -1.02 32.97 -46.35
N VAL I 88 -2.20 32.68 -45.86
CA VAL I 88 -2.40 32.32 -44.46
C VAL I 88 -2.96 30.90 -44.26
N ILE I 89 -2.60 30.25 -43.16
CA ILE I 89 -3.17 28.95 -42.81
C ILE I 89 -3.86 29.09 -41.47
N GLU I 90 -5.04 28.52 -41.33
CA GLU I 90 -5.80 28.65 -40.10
C GLU I 90 -5.65 27.42 -39.21
N VAL J 4 41.12 -13.72 -46.93
CA VAL J 4 41.69 -13.60 -45.61
C VAL J 4 40.51 -13.53 -44.59
N ILE J 5 40.24 -12.40 -43.91
CA ILE J 5 39.08 -12.27 -43.00
C ILE J 5 37.80 -11.81 -43.71
N SER J 6 36.67 -12.31 -43.20
CA SER J 6 35.27 -11.91 -43.45
C SER J 6 34.90 -10.61 -44.20
N GLY J 7 33.62 -10.31 -44.22
CA GLY J 7 33.21 -8.97 -43.87
C GLY J 7 32.19 -9.22 -42.76
N SER J 8 32.04 -8.30 -41.82
CA SER J 8 31.03 -8.47 -40.79
C SER J 8 30.38 -7.13 -40.39
N PRO J 9 29.13 -7.19 -39.93
CA PRO J 9 28.38 -5.95 -39.63
C PRO J 9 29.07 -5.09 -38.59
N ALA J 10 28.95 -3.78 -38.73
CA ALA J 10 29.61 -2.89 -37.79
C ALA J 10 29.04 -2.95 -36.38
N TRP J 11 27.75 -3.27 -36.26
CA TRP J 11 27.11 -3.28 -34.94
C TRP J 11 27.72 -4.38 -34.06
N GLY J 12 27.83 -4.13 -32.76
CA GLY J 12 28.40 -5.11 -31.84
C GLY J 12 27.51 -6.33 -31.59
N LEU J 13 26.20 -6.12 -31.56
CA LEU J 13 25.21 -7.21 -31.43
C LEU J 13 25.34 -8.04 -30.15
N ASP J 14 25.98 -7.48 -29.11
CA ASP J 14 26.30 -8.22 -27.89
C ASP J 14 27.02 -9.54 -28.18
N GLY J 15 27.73 -9.63 -29.30
CA GLY J 15 28.45 -10.86 -29.60
C GLY J 15 27.59 -12.01 -30.11
N ILE J 16 26.28 -11.80 -30.17
CA ILE J 16 25.32 -12.82 -30.60
C ILE J 16 25.28 -12.99 -32.13
N LEU J 17 25.84 -14.10 -32.61
CA LEU J 17 26.03 -14.32 -34.04
C LEU J 17 24.74 -14.55 -34.82
N GLU J 18 23.67 -14.95 -34.12
CA GLU J 18 22.47 -15.31 -34.85
C GLU J 18 21.69 -14.06 -35.24
N LEU J 19 22.06 -12.92 -34.70
CA LEU J 19 21.39 -11.67 -35.07
C LEU J 19 21.76 -11.19 -36.46
N LYS J 20 22.88 -11.70 -36.98
CA LYS J 20 23.37 -11.35 -38.33
C LYS J 20 22.31 -11.72 -39.38
N GLU J 21 21.47 -12.67 -39.03
CA GLU J 21 20.35 -13.12 -39.86
C GLU J 21 19.37 -12.02 -40.17
N TYR J 22 19.20 -11.12 -39.21
CA TYR J 22 18.25 -10.04 -39.34
C TYR J 22 18.90 -8.85 -40.03
N LEU J 23 20.18 -8.99 -40.33
CA LEU J 23 20.95 -7.95 -41.04
C LEU J 23 21.17 -8.38 -42.49
N TRP J 24 20.32 -9.26 -42.98
CA TRP J 24 20.37 -9.68 -44.38
C TRP J 24 20.37 -8.49 -45.33
N PHE J 25 19.58 -7.47 -44.98
CA PHE J 25 19.47 -6.27 -45.81
C PHE J 25 20.81 -5.54 -45.87
N ALA J 26 21.53 -5.50 -44.76
CA ALA J 26 22.79 -4.77 -44.76
C ALA J 26 23.86 -5.58 -45.52
N ALA J 27 23.83 -6.90 -45.38
CA ALA J 27 24.78 -7.75 -46.13
C ALA J 27 24.60 -7.63 -47.65
N LYS J 28 23.36 -7.57 -48.09
CA LYS J 28 23.06 -7.42 -49.51
C LYS J 28 23.62 -6.10 -50.06
N GLN J 29 23.30 -4.98 -49.38
CA GLN J 29 23.71 -3.63 -49.75
C GLN J 29 25.22 -3.46 -49.88
N THR J 30 25.93 -4.02 -48.92
CA THR J 30 27.37 -3.81 -48.74
C THR J 30 28.23 -4.95 -49.31
N ASP J 31 27.59 -5.87 -50.03
CA ASP J 31 28.27 -7.04 -50.59
C ASP J 31 28.98 -7.83 -49.48
N SER J 32 28.20 -8.31 -48.51
CA SER J 32 28.77 -8.97 -47.33
C SER J 32 29.81 -8.12 -46.60
N TYR J 33 29.52 -6.83 -46.44
CA TYR J 33 30.31 -5.90 -45.66
C TYR J 33 31.65 -5.63 -46.33
N ARG J 34 31.77 -5.97 -47.60
CA ARG J 34 33.01 -5.67 -48.34
C ARG J 34 33.19 -4.17 -48.58
N THR J 35 32.09 -3.42 -48.69
CA THR J 35 32.19 -1.97 -48.91
C THR J 35 32.90 -1.30 -47.73
N TYR J 36 32.95 -1.96 -46.57
CA TYR J 36 33.68 -1.43 -45.43
C TYR J 36 35.19 -1.24 -45.65
N GLN J 37 35.80 -2.03 -46.51
CA GLN J 37 37.23 -1.85 -46.76
C GLN J 37 37.42 -0.94 -47.97
N ILE J 38 36.32 -0.56 -48.62
CA ILE J 38 36.38 0.40 -49.72
C ILE J 38 36.06 1.79 -49.20
N GLU J 39 34.96 1.93 -48.45
CA GLU J 39 34.59 3.22 -47.88
C GLU J 39 33.56 3.08 -46.77
N ARG J 40 33.92 3.49 -45.56
CA ARG J 40 32.98 3.44 -44.42
C ARG J 40 32.37 4.79 -44.19
N GLY J 41 32.76 5.75 -45.01
CA GLY J 41 32.33 7.13 -44.80
C GLY J 41 33.36 8.01 -44.11
N HIS J 42 33.28 9.30 -44.39
CA HIS J 42 34.15 10.28 -43.76
C HIS J 42 33.41 10.97 -42.66
N PRO J 43 34.02 11.08 -41.47
CA PRO J 43 33.46 11.88 -40.36
C PRO J 43 33.13 13.33 -40.73
N ASP J 44 33.80 13.88 -41.74
CA ASP J 44 33.55 15.28 -42.10
C ASP J 44 32.47 15.39 -43.19
N VAL J 45 31.90 14.26 -43.57
CA VAL J 45 30.63 14.24 -44.30
C VAL J 45 29.52 14.07 -43.27
N LYS J 46 28.51 14.94 -43.30
CA LYS J 46 27.48 14.99 -42.26
C LYS J 46 26.09 14.71 -42.80
N VAL J 47 25.37 13.82 -42.13
CA VAL J 47 24.00 13.52 -42.52
C VAL J 47 23.01 14.04 -41.49
N ALA J 48 22.07 14.85 -41.96
CA ALA J 48 21.03 15.41 -41.10
C ALA J 48 19.86 14.43 -40.88
N LEU J 49 19.57 14.15 -39.63
CA LEU J 49 18.55 13.20 -39.23
C LEU J 49 17.29 13.89 -38.72
N ILE J 50 16.36 14.20 -39.62
CA ILE J 50 15.13 14.90 -39.21
C ILE J 50 14.09 13.89 -38.74
N ASP J 51 13.99 13.69 -37.44
CA ASP J 51 13.28 12.56 -36.88
C ASP J 51 12.94 12.82 -35.42
N SER J 52 12.87 11.75 -34.65
CA SER J 52 12.40 11.83 -33.29
C SER J 52 13.54 11.97 -32.29
N GLY J 53 14.69 12.44 -32.75
CA GLY J 53 15.83 12.52 -31.85
C GLY J 53 16.78 11.36 -32.06
N LEU J 54 17.56 11.03 -31.02
CA LEU J 54 18.61 10.03 -31.17
C LEU J 54 19.13 9.55 -29.82
N ASP J 55 19.40 8.25 -29.73
CA ASP J 55 20.04 7.69 -28.54
C ASP J 55 21.56 7.99 -28.59
N LEU J 56 21.96 9.10 -28.00
CA LEU J 56 23.30 9.67 -28.18
C LEU J 56 24.43 8.76 -27.73
N ASP J 57 24.15 7.88 -26.79
CA ASP J 57 25.22 7.02 -26.29
C ASP J 57 25.01 5.58 -26.70
N HIS J 58 24.27 5.34 -27.78
CA HIS J 58 24.12 3.97 -28.28
C HIS J 58 25.50 3.43 -28.69
N PRO J 59 25.85 2.24 -28.19
CA PRO J 59 27.18 1.66 -28.40
C PRO J 59 27.56 1.62 -29.89
N ASP J 60 26.59 1.35 -30.76
CA ASP J 60 26.87 1.30 -32.19
C ASP J 60 26.89 2.71 -32.78
N LEU J 61 26.22 3.66 -32.13
CA LEU J 61 26.06 4.97 -32.75
C LEU J 61 26.93 6.11 -32.19
N LYS J 62 27.40 5.99 -30.95
CA LYS J 62 28.12 7.09 -30.28
C LYS J 62 29.35 7.63 -31.02
N ALA J 63 30.12 6.78 -31.70
CA ALA J 63 31.27 7.26 -32.47
C ALA J 63 30.90 8.19 -33.66
N SER J 64 29.70 8.03 -34.21
CA SER J 64 29.30 8.78 -35.41
C SER J 64 28.43 9.98 -35.09
N VAL J 65 27.92 10.03 -33.88
CA VAL J 65 27.02 11.11 -33.50
C VAL J 65 27.81 12.42 -33.45
N ASN J 66 27.27 13.45 -34.10
CA ASN J 66 27.83 14.79 -33.98
C ASN J 66 28.13 15.06 -32.52
N THR J 67 29.39 15.38 -32.21
CA THR J 67 29.77 15.56 -30.80
C THR J 67 29.01 16.73 -30.18
N ASN J 68 28.70 17.73 -31.01
CA ASN J 68 27.94 18.88 -30.54
C ASN J 68 26.43 18.62 -30.54
N GLY J 69 26.07 17.37 -30.82
CA GLY J 69 24.68 16.94 -30.86
C GLY J 69 23.84 17.67 -31.90
N GLY J 70 22.57 17.89 -31.56
CA GLY J 70 21.67 18.55 -32.48
C GLY J 70 20.52 19.27 -31.80
N TRP J 71 19.66 19.87 -32.61
CA TRP J 71 18.58 20.69 -32.11
C TRP J 71 17.23 19.98 -32.04
N ASN J 72 16.59 20.10 -30.87
CA ASN J 72 15.22 19.66 -30.63
C ASN J 72 14.28 20.83 -30.95
N TYR J 73 13.55 20.78 -32.06
CA TYR J 73 12.74 21.93 -32.41
C TYR J 73 11.43 21.99 -31.66
N ILE J 74 11.09 20.89 -31.00
CA ILE J 74 9.82 20.81 -30.29
C ILE J 74 9.90 21.60 -28.98
N ASP J 75 11.02 21.47 -28.28
CA ASP J 75 11.22 22.14 -27.00
C ASP J 75 12.23 23.29 -27.07
N GLY J 76 12.73 23.61 -28.25
CA GLY J 76 13.91 24.46 -28.34
C GLY J 76 14.99 23.56 -27.75
N LYS J 77 15.97 24.08 -27.02
CA LYS J 77 16.96 23.19 -26.35
C LYS J 77 17.76 22.22 -27.24
N PRO J 78 18.89 21.71 -26.72
CA PRO J 78 19.63 20.59 -27.32
C PRO J 78 18.92 19.24 -27.25
N VAL J 79 19.16 18.37 -28.23
CA VAL J 79 18.66 16.99 -28.19
C VAL J 79 19.31 16.21 -27.06
N SER J 80 18.52 15.47 -26.30
CA SER J 80 19.03 14.68 -25.19
C SER J 80 18.80 13.17 -25.35
N GLY J 81 17.93 12.81 -26.29
CA GLY J 81 17.63 11.40 -26.48
C GLY J 81 16.54 11.10 -27.49
N ASP J 82 15.96 9.93 -27.35
CA ASP J 82 14.95 9.47 -28.30
C ASP J 82 13.87 8.75 -27.51
N PRO J 83 12.77 9.47 -27.25
CA PRO J 83 11.67 8.94 -26.46
C PRO J 83 11.01 7.74 -27.14
N THR J 84 10.73 7.85 -28.43
CA THR J 84 9.99 6.80 -29.14
C THR J 84 10.83 5.70 -29.77
N GLY J 85 12.09 6.00 -30.08
CA GLY J 85 13.00 5.03 -30.71
C GLY J 85 13.08 5.17 -32.23
N HIS J 86 12.18 5.95 -32.81
CA HIS J 86 12.08 6.07 -34.25
C HIS J 86 13.35 6.66 -34.89
N GLY J 87 13.89 7.71 -34.26
CA GLY J 87 15.07 8.38 -34.79
C GLY J 87 16.31 7.52 -34.72
N THR J 88 16.41 6.71 -33.67
CA THR J 88 17.53 5.78 -33.49
C THR J 88 17.53 4.63 -34.52
N GLN J 89 16.34 4.13 -34.82
CA GLN J 89 16.22 3.04 -35.76
C GLN J 89 16.63 3.54 -37.13
N THR J 90 16.19 4.76 -37.45
CA THR J 90 16.56 5.42 -38.70
C THR J 90 18.06 5.65 -38.81
N ALA J 91 18.65 6.19 -37.75
CA ALA J 91 20.08 6.46 -37.68
C ALA J 91 20.86 5.16 -37.90
N GLY J 92 20.40 4.08 -37.27
CA GLY J 92 21.08 2.81 -37.42
C GLY J 92 21.16 2.36 -38.87
N MET J 93 20.17 2.69 -39.68
CA MET J 93 20.20 2.25 -41.07
C MET J 93 21.24 3.03 -41.89
N ILE J 94 21.43 4.29 -41.53
CA ILE J 94 22.52 5.09 -42.07
C ILE J 94 23.86 4.49 -41.63
N ASN J 95 23.97 4.19 -40.35
CA ASN J 95 25.20 3.67 -39.77
C ASN J 95 25.63 2.33 -40.32
N ILE J 96 24.67 1.39 -40.51
CA ILE J 96 25.06 0.04 -40.89
C ILE J 96 25.65 0.06 -42.31
N ILE J 97 25.23 1.00 -43.13
CA ILE J 97 25.80 1.10 -44.47
C ILE J 97 27.03 2.00 -44.47
N ALA J 98 26.99 3.03 -43.64
CA ALA J 98 28.08 3.99 -43.59
C ALA J 98 28.46 4.31 -42.14
N PRO J 99 29.26 3.42 -41.50
CA PRO J 99 29.51 3.48 -40.05
C PRO J 99 30.35 4.68 -39.57
N ASP J 100 31.09 5.33 -40.45
CA ASP J 100 31.95 6.42 -39.98
C ASP J 100 31.42 7.80 -40.35
N VAL J 101 30.37 7.88 -41.17
CA VAL J 101 29.79 9.19 -41.50
C VAL J 101 29.14 9.80 -40.25
N THR J 102 29.14 11.14 -40.16
CA THR J 102 28.61 11.77 -38.95
C THR J 102 27.08 11.93 -39.03
N ILE J 103 26.40 11.70 -37.91
CA ILE J 103 24.94 11.80 -37.90
C ILE J 103 24.46 12.85 -36.92
N THR J 104 23.69 13.82 -37.42
CA THR J 104 23.19 14.92 -36.60
C THR J 104 21.67 14.88 -36.46
N PRO J 105 21.18 14.78 -35.22
CA PRO J 105 19.73 14.73 -34.97
C PRO J 105 19.08 16.10 -34.97
N TYR J 106 18.07 16.29 -35.82
CA TYR J 106 17.16 17.42 -35.80
C TYR J 106 15.80 16.89 -35.36
N GLN J 107 15.52 17.00 -34.08
CA GLN J 107 14.32 16.39 -33.52
C GLN J 107 13.06 17.21 -33.77
N VAL J 108 12.22 16.73 -34.70
CA VAL J 108 10.96 17.40 -35.01
C VAL J 108 9.77 16.48 -34.78
N LEU J 109 10.00 15.28 -34.25
CA LEU J 109 8.92 14.31 -34.01
C LEU J 109 8.86 13.90 -32.57
N ASP J 110 7.67 13.57 -32.08
CA ASP J 110 7.52 12.95 -30.78
C ASP J 110 6.46 11.83 -30.83
N GLU J 111 6.07 11.30 -29.67
CA GLU J 111 4.99 10.29 -29.60
C GLU J 111 3.75 10.75 -30.36
N LYS J 112 3.44 12.02 -30.18
CA LYS J 112 2.24 12.59 -30.75
C LYS J 112 2.37 12.78 -32.25
N GLY J 113 3.60 12.85 -32.74
CA GLY J 113 3.83 13.02 -34.16
C GLY J 113 4.77 14.20 -34.34
N GLY J 114 4.62 14.95 -35.43
CA GLY J 114 5.46 16.11 -35.67
C GLY J 114 4.82 17.17 -36.57
N ASP J 115 5.44 18.34 -36.65
CA ASP J 115 4.81 19.45 -37.37
C ASP J 115 5.58 19.76 -38.65
N SER J 116 4.85 20.04 -39.72
CA SER J 116 5.45 20.31 -41.03
C SER J 116 6.37 21.53 -41.02
N TYR J 117 6.04 22.50 -40.18
CA TYR J 117 6.83 23.73 -40.08
C TYR J 117 8.25 23.40 -39.61
N ASN J 118 8.34 22.56 -38.58
CA ASN J 118 9.63 22.13 -38.03
C ASN J 118 10.50 21.35 -39.01
N ILE J 119 9.87 20.60 -39.91
CA ILE J 119 10.58 19.86 -40.95
C ILE J 119 11.23 20.83 -41.95
N MET J 120 10.49 21.83 -42.40
CA MET J 120 11.03 22.81 -43.33
C MET J 120 12.17 23.58 -42.66
N LYS J 121 11.98 23.92 -41.38
CA LYS J 121 12.97 24.69 -40.64
C LYS J 121 14.27 23.92 -40.49
N ALA J 122 14.11 22.65 -40.11
CA ALA J 122 15.25 21.76 -39.90
C ALA J 122 15.98 21.57 -41.22
N MET J 123 15.24 21.49 -42.31
CA MET J 123 15.85 21.37 -43.62
C MET J 123 16.76 22.53 -43.94
N VAL J 124 16.26 23.75 -43.72
CA VAL J 124 17.03 24.96 -44.02
C VAL J 124 18.23 25.07 -43.08
N ASP J 125 18.03 24.80 -41.80
CA ASP J 125 19.14 24.82 -40.86
C ASP J 125 20.22 23.85 -41.28
N ALA J 126 19.81 22.62 -41.58
CA ALA J 126 20.75 21.56 -41.90
C ALA J 126 21.60 21.93 -43.08
N VAL J 127 21.00 22.59 -44.09
CA VAL J 127 21.74 23.08 -45.24
C VAL J 127 22.77 24.12 -44.82
N ASN J 128 22.31 25.09 -44.05
CA ASN J 128 23.20 26.15 -43.57
C ASN J 128 24.30 25.60 -42.66
N ASP J 129 24.06 24.44 -42.03
CA ASP J 129 25.07 23.81 -41.17
C ASP J 129 26.03 22.91 -41.93
N GLY J 130 25.91 22.90 -43.25
CA GLY J 130 26.86 22.20 -44.10
C GLY J 130 26.65 20.69 -44.21
N HIS J 131 25.42 20.23 -43.98
CA HIS J 131 25.12 18.82 -44.17
C HIS J 131 25.00 18.61 -45.63
N GLU J 132 25.60 17.54 -46.13
CA GLU J 132 25.51 17.23 -47.55
C GLU J 132 24.30 16.35 -47.87
N VAL J 133 23.76 15.67 -46.87
CA VAL J 133 22.62 14.76 -47.04
C VAL J 133 21.57 14.99 -45.95
N ILE J 134 20.30 15.06 -46.35
CA ILE J 134 19.20 15.15 -45.40
C ILE J 134 18.24 13.94 -45.47
N ASN J 135 17.92 13.36 -44.31
CA ASN J 135 16.98 12.25 -44.31
C ASN J 135 15.73 12.56 -43.51
N ILE J 136 14.58 12.43 -44.16
CA ILE J 136 13.30 12.67 -43.52
C ILE J 136 12.42 11.42 -43.59
N SER J 137 12.49 10.59 -42.54
CA SER J 137 11.78 9.33 -42.48
C SER J 137 10.40 9.46 -41.84
N THR J 138 9.62 10.36 -42.41
CA THR J 138 8.28 10.65 -41.97
C THR J 138 7.56 11.41 -43.08
N GLY J 139 6.26 11.53 -42.96
CA GLY J 139 5.53 12.24 -44.00
C GLY J 139 4.15 12.57 -43.53
N SER J 140 3.47 13.38 -44.33
CA SER J 140 2.08 13.70 -44.05
C SER J 140 1.28 13.52 -45.34
N TYR J 141 0.03 13.10 -45.19
CA TYR J 141 -0.91 13.04 -46.32
C TYR J 141 -1.77 14.29 -46.29
N THR J 142 -1.48 15.19 -47.22
CA THR J 142 -2.01 16.54 -47.22
C THR J 142 -3.02 16.80 -48.33
N SER J 143 -4.19 17.33 -47.93
CA SER J 143 -5.23 17.74 -48.87
C SER J 143 -4.79 18.96 -49.63
N LEU J 144 -4.96 18.96 -50.94
CA LEU J 144 -4.57 20.13 -51.70
C LEU J 144 -5.73 21.13 -51.82
N ASP J 145 -6.32 21.50 -50.69
CA ASP J 145 -7.19 22.66 -50.69
C ASP J 145 -6.30 23.90 -50.69
N ARG J 146 -6.89 25.07 -50.44
CA ARG J 146 -6.12 26.31 -50.43
C ARG J 146 -4.95 26.32 -49.44
N GLU J 147 -5.20 25.98 -48.17
CA GLU J 147 -4.11 26.04 -47.21
C GLU J 147 -3.09 24.95 -47.51
N GLY J 148 -3.57 23.87 -48.11
CA GLY J 148 -2.71 22.81 -48.58
C GLY J 148 -1.73 23.17 -49.68
N LYS J 149 -2.20 23.84 -50.73
CA LYS J 149 -1.32 24.20 -51.84
C LYS J 149 -0.27 25.19 -51.38
N VAL J 150 -0.61 25.98 -50.37
CA VAL J 150 0.33 26.92 -49.79
C VAL J 150 1.37 26.18 -48.94
N LEU J 151 0.90 25.20 -48.17
CA LEU J 151 1.80 24.37 -47.39
C LEU J 151 2.83 23.69 -48.32
N MET J 152 2.36 23.16 -49.44
CA MET J 152 3.20 22.48 -50.43
C MET J 152 4.15 23.45 -51.14
N LYS J 153 3.63 24.62 -51.45
CA LYS J 153 4.41 25.67 -52.09
C LYS J 153 5.58 26.09 -51.16
N ALA J 154 5.32 26.12 -49.86
CA ALA J 154 6.34 26.40 -48.85
C ALA J 154 7.41 25.30 -48.83
N TYR J 155 6.95 24.03 -48.87
CA TYR J 155 7.82 22.88 -48.80
C TYR J 155 8.71 22.81 -50.01
N GLN J 156 8.18 23.21 -51.16
CA GLN J 156 8.93 23.19 -52.41
C GLN J 156 10.05 24.23 -52.41
N ARG J 157 9.86 25.30 -51.65
CA ARG J 157 10.90 26.33 -51.58
C ARG J 157 12.07 25.80 -50.77
N ALA J 158 11.75 25.10 -49.69
CA ALA J 158 12.73 24.40 -48.86
C ALA J 158 13.52 23.35 -49.66
N ALA J 159 12.82 22.59 -50.50
CA ALA J 159 13.50 21.63 -51.35
C ALA J 159 14.38 22.35 -52.38
N ASN J 160 13.89 23.44 -52.96
CA ASN J 160 14.67 24.22 -53.91
C ASN J 160 15.92 24.80 -53.27
N TYR J 161 15.81 25.16 -51.99
CA TYR J 161 16.95 25.71 -51.26
C TYR J 161 18.05 24.66 -51.08
N ALA J 162 17.66 23.44 -50.68
CA ALA J 162 18.60 22.36 -50.50
C ALA J 162 19.26 22.01 -51.83
N ALA J 163 18.45 21.90 -52.88
CA ALA J 163 18.97 21.55 -54.21
C ALA J 163 19.95 22.59 -54.71
N LYS J 164 19.64 23.85 -54.43
CA LYS J 164 20.48 24.97 -54.86
C LYS J 164 21.84 24.93 -54.17
N HIS J 165 21.87 24.41 -52.94
CA HIS J 165 23.12 24.31 -52.20
C HIS J 165 23.72 22.92 -52.21
N GLN J 166 23.31 22.16 -53.22
CA GLN J 166 23.86 20.84 -53.52
C GLN J 166 23.70 19.84 -52.37
N VAL J 167 22.63 20.00 -51.60
CA VAL J 167 22.30 19.10 -50.50
C VAL J 167 21.23 18.11 -50.97
N LEU J 168 21.50 16.81 -50.86
CA LEU J 168 20.54 15.78 -51.22
C LEU J 168 19.52 15.58 -50.10
N VAL J 169 18.25 15.43 -50.46
CA VAL J 169 17.20 15.21 -49.48
C VAL J 169 16.46 13.88 -49.75
N PHE J 170 16.48 12.99 -48.77
CA PHE J 170 15.84 11.70 -48.94
C PHE J 170 14.62 11.54 -48.05
N SER J 171 13.55 11.00 -48.63
CA SER J 171 12.32 10.85 -47.87
C SER J 171 11.65 9.50 -48.10
N SER J 172 10.97 9.00 -47.08
CA SER J 172 10.19 7.78 -47.21
C SER J 172 8.89 7.99 -48.04
N ALA J 173 8.60 7.05 -48.93
CA ALA J 173 7.45 7.19 -49.81
C ALA J 173 6.12 6.94 -49.09
N GLY J 174 6.16 6.31 -47.92
CA GLY J 174 4.93 6.05 -47.18
C GLY J 174 4.47 4.60 -47.22
N ASN J 175 3.67 4.19 -46.24
CA ASN J 175 3.33 2.78 -46.05
C ASN J 175 1.87 2.40 -46.31
N LYS J 176 1.13 3.16 -47.11
CA LYS J 176 -0.30 2.89 -47.31
C LYS J 176 -0.63 1.92 -48.44
N GLY J 177 0.40 1.48 -49.16
CA GLY J 177 0.25 0.53 -50.25
C GLY J 177 -0.59 1.06 -51.41
N VAL J 178 -0.68 2.38 -51.56
CA VAL J 178 -1.48 2.99 -52.63
C VAL J 178 -0.64 3.62 -53.75
N ASN J 179 -1.25 3.82 -54.90
CA ASN J 179 -0.63 4.60 -55.95
C ASN J 179 -0.90 6.07 -55.70
N LEU J 180 0.18 6.84 -55.52
CA LEU J 180 0.08 8.23 -55.09
C LEU J 180 -0.48 9.14 -56.17
N ASP J 181 -0.35 8.76 -57.43
CA ASP J 181 -0.96 9.53 -58.51
C ASP J 181 -2.49 9.35 -58.48
N GLU J 182 -2.91 8.10 -58.27
CA GLU J 182 -4.30 7.75 -58.09
C GLU J 182 -4.85 8.39 -56.82
N MET J 183 -3.99 8.52 -55.81
CA MET J 183 -4.40 9.15 -54.56
C MET J 183 -4.66 10.64 -54.76
N ARG J 184 -3.90 11.25 -55.66
CA ARG J 184 -4.05 12.68 -55.90
C ARG J 184 -5.28 13.00 -56.74
N LYS J 185 -5.58 12.19 -57.75
CA LYS J 185 -6.72 12.48 -58.60
C LYS J 185 -8.03 12.15 -57.90
N THR J 186 -8.02 11.08 -57.11
CA THR J 186 -9.21 10.62 -56.39
C THR J 186 -9.46 11.40 -55.10
N GLU J 187 -8.43 11.53 -54.27
CA GLU J 187 -8.62 12.07 -52.94
C GLU J 187 -8.08 13.51 -52.80
N ASN J 188 -7.46 14.00 -53.87
CA ASN J 188 -6.78 15.30 -53.85
C ASN J 188 -5.79 15.40 -52.67
N LYS J 189 -5.14 14.30 -52.33
CA LYS J 189 -4.14 14.34 -51.28
C LYS J 189 -2.74 14.11 -51.85
N VAL J 190 -1.75 14.50 -51.07
CA VAL J 190 -0.36 14.43 -51.47
C VAL J 190 0.47 13.99 -50.28
N HIS J 191 1.51 13.20 -50.53
CA HIS J 191 2.39 12.75 -49.45
C HIS J 191 3.60 13.68 -49.39
N LEU J 192 3.77 14.36 -48.25
CA LEU J 192 4.82 15.39 -48.11
C LEU J 192 5.81 15.07 -46.99
N PRO J 193 7.12 15.24 -47.25
CA PRO J 193 7.73 15.87 -48.43
C PRO J 193 8.07 14.98 -49.63
N SER J 194 7.68 13.71 -49.63
CA SER J 194 8.18 12.80 -50.68
C SER J 194 7.74 13.24 -52.06
N ALA J 195 6.59 13.90 -52.15
CA ALA J 195 6.06 14.33 -53.44
C ALA J 195 6.78 15.55 -53.99
N LEU J 196 7.56 16.24 -53.17
CA LEU J 196 8.25 17.46 -53.62
C LEU J 196 9.30 17.18 -54.67
N LYS J 197 9.50 18.13 -55.58
CA LYS J 197 10.64 18.04 -56.48
C LYS J 197 11.90 18.27 -55.63
N HIS J 198 12.99 17.59 -56.00
CA HIS J 198 14.28 17.61 -55.27
C HIS J 198 14.25 16.86 -53.94
N VAL J 199 13.14 16.19 -53.64
CA VAL J 199 13.15 15.28 -52.51
C VAL J 199 13.09 13.88 -53.09
N VAL J 200 14.03 13.02 -52.70
CA VAL J 200 14.13 11.67 -53.26
C VAL J 200 13.20 10.75 -52.47
N SER J 201 12.12 10.35 -53.13
CA SER J 201 11.11 9.52 -52.49
C SER J 201 11.53 8.05 -52.56
N VAL J 202 11.57 7.37 -51.42
CA VAL J 202 12.13 6.03 -51.35
C VAL J 202 11.12 4.98 -50.89
N GLY J 203 10.93 3.97 -51.72
CA GLY J 203 10.05 2.87 -51.39
C GLY J 203 10.79 1.68 -50.80
N SER J 204 10.03 0.66 -50.45
CA SER J 204 10.58 -0.50 -49.77
C SER J 204 10.37 -1.79 -50.55
N ASN J 205 11.47 -2.51 -50.76
CA ASN J 205 11.37 -3.84 -51.33
C ASN J 205 11.65 -4.91 -50.26
N MET J 206 11.37 -6.14 -50.62
CA MET J 206 11.52 -7.31 -49.76
C MET J 206 12.84 -7.99 -50.01
N LYS J 207 13.10 -9.04 -49.24
CA LYS J 207 14.32 -9.85 -49.41
C LYS J 207 14.42 -10.45 -50.82
N SER J 208 13.29 -10.79 -51.40
CA SER J 208 13.28 -11.37 -52.74
C SER J 208 13.54 -10.32 -53.83
N ASN J 209 13.56 -9.04 -53.44
CA ASN J 209 13.71 -7.86 -54.30
C ASN J 209 12.42 -7.42 -54.98
N ASN J 210 11.36 -8.21 -54.83
CA ASN J 210 10.06 -7.73 -55.23
C ASN J 210 9.60 -6.66 -54.21
N ILE J 211 8.75 -5.73 -54.63
CA ILE J 211 8.33 -4.65 -53.72
C ILE J 211 7.48 -5.11 -52.49
N SER J 212 7.67 -4.42 -51.38
CA SER J 212 6.83 -4.59 -50.19
C SER J 212 5.42 -4.16 -50.54
N PRO J 213 4.41 -4.92 -50.07
CA PRO J 213 2.99 -4.59 -50.34
C PRO J 213 2.59 -3.21 -49.78
N TYR J 214 3.19 -2.83 -48.66
CA TYR J 214 2.83 -1.58 -48.01
C TYR J 214 3.46 -0.36 -48.67
N SER J 215 4.46 -0.57 -49.53
CA SER J 215 5.18 0.56 -50.15
C SER J 215 4.32 1.33 -51.16
N ASN J 216 4.18 2.63 -50.92
CA ASN J 216 3.49 3.50 -51.85
C ASN J 216 4.15 3.51 -53.23
N GLN J 217 3.35 3.62 -54.29
CA GLN J 217 3.86 3.61 -55.65
C GLN J 217 3.39 4.88 -56.34
N GLY J 218 4.00 5.23 -57.48
CA GLY J 218 3.63 6.44 -58.18
C GLY J 218 4.79 6.99 -58.96
N ARG J 219 4.56 8.06 -59.73
CA ARG J 219 5.61 8.71 -60.53
C ARG J 219 6.72 9.35 -59.70
N GLU J 220 6.41 9.72 -58.47
CA GLU J 220 7.39 10.37 -57.61
C GLU J 220 8.52 9.44 -57.14
N ILE J 221 8.26 8.13 -57.16
CA ILE J 221 9.22 7.14 -56.65
C ILE J 221 10.55 7.19 -57.38
N GLU J 222 11.63 7.39 -56.64
CA GLU J 222 12.95 7.47 -57.28
C GLU J 222 13.85 6.27 -56.99
N PHE J 223 13.79 5.74 -55.77
CA PHE J 223 14.57 4.55 -55.40
C PHE J 223 13.79 3.67 -54.43
N THR J 224 14.28 2.45 -54.29
CA THR J 224 13.74 1.54 -53.32
C THR J 224 14.94 0.99 -52.54
N ALA J 225 14.68 0.56 -51.31
CA ALA J 225 15.68 -0.10 -50.48
C ALA J 225 14.96 -1.17 -49.63
N PRO J 226 15.69 -2.19 -49.19
CA PRO J 226 15.05 -3.29 -48.46
C PRO J 226 14.57 -2.93 -47.05
N GLY J 227 13.27 -2.67 -46.88
CA GLY J 227 12.77 -2.36 -45.55
C GLY J 227 12.05 -3.55 -44.92
N GLY J 228 11.94 -4.64 -45.68
CA GLY J 228 11.40 -5.88 -45.15
C GLY J 228 9.90 -5.92 -44.91
N TYR J 229 9.38 -7.13 -44.74
CA TYR J 229 7.98 -7.41 -44.52
C TYR J 229 7.86 -8.78 -43.84
N LEU J 230 6.74 -9.04 -43.17
CA LEU J 230 6.57 -10.28 -42.40
C LEU J 230 5.67 -11.34 -43.03
N GLY J 231 5.46 -11.21 -44.32
CA GLY J 231 4.79 -12.20 -45.11
C GLY J 231 5.71 -12.14 -46.31
N GLU J 232 5.70 -13.11 -47.23
CA GLU J 232 6.32 -12.67 -48.45
C GLU J 232 5.28 -11.75 -49.11
N THR J 233 4.05 -11.73 -48.56
CA THR J 233 2.95 -10.79 -48.91
C THR J 233 1.73 -10.96 -48.00
N TYR J 234 0.63 -10.31 -48.37
CA TYR J 234 -0.64 -10.45 -47.64
C TYR J 234 -0.59 -10.04 -46.17
N VAL J 240 6.10 -18.53 -42.95
CA VAL J 240 6.48 -17.17 -42.59
C VAL J 240 7.69 -17.10 -41.66
N ARG J 241 8.71 -16.38 -42.14
CA ARG J 241 9.97 -16.21 -41.44
C ARG J 241 10.17 -14.79 -40.88
N VAL J 242 10.48 -14.66 -39.59
CA VAL J 242 10.73 -13.36 -38.97
C VAL J 242 12.10 -12.84 -39.46
N THR J 243 12.88 -13.70 -40.09
CA THR J 243 14.14 -13.29 -40.70
C THR J 243 13.94 -12.49 -42.02
N ASP J 244 12.68 -12.25 -42.38
CA ASP J 244 12.35 -11.41 -43.52
C ASP J 244 12.23 -9.96 -43.11
N LEU J 245 12.18 -9.73 -41.81
CA LEU J 245 12.15 -8.37 -41.27
C LEU J 245 13.57 -7.86 -41.11
N VAL J 246 13.73 -6.59 -40.73
CA VAL J 246 15.07 -6.06 -40.58
C VAL J 246 15.44 -5.62 -39.16
N LEU J 247 16.68 -5.88 -38.75
CA LEU J 247 17.13 -5.45 -37.45
C LEU J 247 17.38 -3.94 -37.45
N THR J 248 17.08 -3.30 -36.33
CA THR J 248 17.34 -1.87 -36.15
C THR J 248 18.08 -1.61 -34.84
N THR J 249 18.82 -0.50 -34.78
CA THR J 249 19.34 -0.01 -33.51
C THR J 249 18.20 0.66 -32.78
N TYR J 250 18.10 0.36 -31.50
CA TYR J 250 17.01 0.83 -30.66
C TYR J 250 17.63 1.32 -29.35
N PRO J 251 17.09 2.41 -28.75
CA PRO J 251 17.68 3.00 -27.54
C PRO J 251 18.03 1.95 -26.50
N LYS J 252 19.28 1.91 -26.04
CA LYS J 252 19.76 0.81 -25.21
C LYS J 252 19.03 0.79 -23.88
N GLY J 253 18.59 1.97 -23.43
CA GLY J 253 17.87 2.13 -22.18
C GLY J 253 16.35 2.08 -22.29
N LYS J 254 15.86 1.61 -23.44
CA LYS J 254 14.42 1.47 -23.70
C LYS J 254 14.15 -0.01 -23.90
N ASP J 255 13.08 -0.58 -23.36
CA ASP J 255 12.85 -2.01 -23.62
C ASP J 255 12.36 -2.30 -25.03
N ASN J 256 12.91 -3.34 -25.67
CA ASN J 256 12.43 -3.73 -27.00
C ASN J 256 11.18 -4.61 -26.88
N THR J 257 10.62 -5.00 -28.02
CA THR J 257 9.28 -5.58 -28.12
C THR J 257 9.12 -7.07 -27.77
N ALA J 258 7.86 -7.49 -27.61
CA ALA J 258 7.51 -8.89 -27.34
C ALA J 258 8.06 -9.83 -28.40
N LEU J 259 7.99 -9.39 -29.66
CA LEU J 259 8.56 -10.19 -30.71
C LEU J 259 10.07 -10.20 -30.50
N ASP J 260 10.62 -9.03 -30.15
CA ASP J 260 12.04 -8.90 -29.85
C ASP J 260 12.43 -9.78 -28.66
N GLN J 261 11.63 -9.72 -27.61
CA GLN J 261 11.91 -10.56 -26.43
C GLN J 261 11.83 -12.04 -26.78
N MET J 262 10.75 -12.41 -27.47
CA MET J 262 10.54 -13.80 -27.86
C MET J 262 11.62 -14.33 -28.82
N LEU J 263 12.25 -13.42 -29.56
CA LEU J 263 13.30 -13.84 -30.48
C LEU J 263 14.67 -13.69 -29.81
N ASN J 264 14.64 -13.32 -28.54
CA ASN J 264 15.85 -13.10 -27.75
C ASN J 264 16.75 -12.06 -28.40
N ILE J 265 16.10 -11.01 -28.91
CA ILE J 265 16.77 -9.81 -29.36
C ILE J 265 17.12 -8.99 -28.13
N PRO J 266 18.41 -8.79 -27.85
CA PRO J 266 18.77 -8.05 -26.63
C PRO J 266 18.45 -6.59 -26.74
N LYS J 267 18.42 -5.89 -25.62
CA LYS J 267 18.20 -4.45 -25.62
C LYS J 267 19.30 -3.74 -26.41
N GLY J 268 18.91 -2.67 -27.08
CA GLY J 268 19.80 -1.97 -27.99
C GLY J 268 19.46 -2.27 -29.45
N TYR J 269 18.66 -3.31 -29.65
CA TYR J 269 18.20 -3.69 -30.97
C TYR J 269 16.72 -4.02 -30.98
N SER J 270 16.10 -3.83 -32.15
CA SER J 270 14.70 -4.17 -32.35
C SER J 270 14.46 -4.57 -33.79
N LEU J 271 13.56 -5.54 -33.98
CA LEU J 271 13.14 -5.99 -35.29
C LEU J 271 12.01 -5.10 -35.81
N SER J 272 12.11 -4.64 -37.04
CA SER J 272 11.09 -3.74 -37.56
C SER J 272 11.00 -3.77 -39.09
N TYR J 273 10.30 -2.80 -39.65
CA TYR J 273 10.06 -2.73 -41.10
C TYR J 273 9.57 -1.33 -41.48
N GLY J 274 9.57 -1.00 -42.77
CA GLY J 274 8.91 0.21 -43.24
C GLY J 274 9.73 1.05 -44.21
N THR J 275 9.06 1.85 -45.04
CA THR J 275 9.74 2.77 -45.96
C THR J 275 10.60 3.76 -45.20
N SER J 276 10.26 3.99 -43.94
CA SER J 276 11.04 4.90 -43.12
C SER J 276 12.41 4.33 -42.79
N LEU J 277 12.58 3.03 -43.03
CA LEU J 277 13.85 2.37 -42.83
C LEU J 277 14.58 2.17 -44.15
N ALA J 278 13.87 2.38 -45.25
CA ALA J 278 14.47 2.26 -46.58
C ALA J 278 15.14 3.57 -46.95
N ALA J 279 14.47 4.68 -46.65
CA ALA J 279 15.02 6.00 -46.95
C ALA J 279 16.45 6.20 -46.40
N PRO J 280 16.69 5.89 -45.11
CA PRO J 280 18.06 6.15 -44.60
C PRO J 280 19.18 5.27 -45.18
N GLN J 281 18.84 4.14 -45.78
CA GLN J 281 19.80 3.29 -46.46
C GLN J 281 20.34 3.98 -47.69
N VAL J 282 19.44 4.68 -48.38
CA VAL J 282 19.81 5.41 -49.57
C VAL J 282 20.60 6.64 -49.18
N ALA J 283 20.16 7.31 -48.11
CA ALA J 283 20.86 8.46 -47.58
C ALA J 283 22.29 8.05 -47.18
N GLY J 284 22.37 6.91 -46.48
CA GLY J 284 23.62 6.30 -46.09
C GLY J 284 24.45 5.95 -47.32
N THR J 285 23.81 5.46 -48.37
CA THR J 285 24.54 5.13 -49.59
C THR J 285 25.11 6.41 -50.24
N ALA J 286 24.33 7.49 -50.20
CA ALA J 286 24.75 8.80 -50.72
C ALA J 286 25.98 9.36 -49.96
N ALA J 287 25.96 9.23 -48.63
CA ALA J 287 27.11 9.66 -47.82
C ALA J 287 28.39 8.93 -48.24
N LEU J 288 28.27 7.64 -48.56
CA LEU J 288 29.40 6.85 -49.01
C LEU J 288 29.93 7.33 -50.32
N VAL J 289 29.02 7.63 -51.24
CA VAL J 289 29.39 8.07 -52.59
C VAL J 289 30.11 9.40 -52.48
N ILE J 290 29.56 10.30 -51.67
CA ILE J 290 30.18 11.59 -51.44
C ILE J 290 31.58 11.43 -50.82
N SER J 291 31.71 10.55 -49.82
CA SER J 291 33.00 10.32 -49.15
C SER J 291 34.05 9.84 -50.14
N GLU J 292 33.65 8.88 -50.95
CA GLU J 292 34.47 8.28 -51.95
C GLU J 292 34.90 9.31 -53.01
N TYR J 293 33.96 10.13 -53.44
CA TYR J 293 34.26 11.13 -54.47
C TYR J 293 35.28 12.14 -53.93
N ARG J 294 35.12 12.48 -52.66
CA ARG J 294 35.97 13.48 -52.05
C ARG J 294 37.39 12.92 -51.84
N GLU J 295 37.45 11.64 -51.60
CA GLU J 295 38.71 10.95 -51.42
C GLU J 295 39.42 10.93 -52.75
N ARG J 296 38.66 10.82 -53.83
CA ARG J 296 39.29 10.69 -55.13
C ARG J 296 39.68 12.00 -55.79
N HIS J 297 38.92 13.06 -55.55
CA HIS J 297 39.20 14.30 -56.26
C HIS J 297 39.61 15.43 -55.35
N HIS J 298 39.49 15.20 -54.05
CA HIS J 298 39.74 16.23 -53.05
C HIS J 298 38.94 17.50 -53.37
N ARG J 299 37.78 17.31 -54.00
CA ARG J 299 36.79 18.36 -54.19
C ARG J 299 35.39 17.75 -53.93
N LYS J 300 34.41 18.58 -53.56
CA LYS J 300 33.08 18.04 -53.30
C LYS J 300 32.30 17.85 -54.60
N PRO J 301 31.55 16.74 -54.69
CA PRO J 301 30.70 16.45 -55.84
C PRO J 301 29.43 17.27 -55.78
N SER J 302 28.78 17.52 -56.92
CA SER J 302 27.45 18.11 -56.86
C SER J 302 26.41 17.04 -56.49
N ALA J 303 25.27 17.50 -55.99
CA ALA J 303 24.14 16.62 -55.66
C ALA J 303 23.71 15.80 -56.89
N LYS J 304 23.77 16.40 -58.06
CA LYS J 304 23.36 15.69 -59.25
C LYS J 304 24.36 14.63 -59.67
N GLN J 305 25.64 14.88 -59.36
CA GLN J 305 26.68 13.89 -59.62
C GLN J 305 26.42 12.64 -58.78
N VAL J 306 26.09 12.86 -57.53
CA VAL J 306 25.77 11.78 -56.61
C VAL J 306 24.50 11.04 -57.02
N HIS J 307 23.48 11.81 -57.34
CA HIS J 307 22.20 11.27 -57.77
C HIS J 307 22.37 10.40 -59.02
N HIS J 308 23.23 10.86 -59.91
CA HIS J 308 23.57 10.17 -61.15
C HIS J 308 24.20 8.81 -60.80
N ILE J 309 25.12 8.84 -59.84
CA ILE J 309 25.79 7.61 -59.37
C ILE J 309 24.80 6.62 -58.74
N LEU J 310 23.89 7.11 -57.89
CA LEU J 310 22.87 6.25 -57.28
C LEU J 310 22.00 5.61 -58.35
N ARG J 311 21.58 6.43 -59.32
CA ARG J 311 20.69 5.95 -60.36
C ARG J 311 21.33 4.90 -61.28
N LYS J 312 22.55 5.19 -61.71
CA LYS J 312 23.21 4.34 -62.66
C LYS J 312 23.66 3.04 -61.99
N SER J 313 23.83 3.05 -60.67
CA SER J 313 24.23 1.81 -59.97
C SER J 313 23.03 1.01 -59.40
N ALA J 314 21.84 1.58 -59.45
CA ALA J 314 20.68 0.93 -58.85
C ALA J 314 20.38 -0.38 -59.57
N LEU J 315 19.86 -1.35 -58.84
CA LEU J 315 19.38 -2.55 -59.49
C LEU J 315 18.10 -2.13 -60.27
N ASP J 316 18.20 -2.12 -61.60
CA ASP J 316 17.22 -1.49 -62.48
C ASP J 316 15.95 -2.33 -62.61
N LEU J 317 15.05 -2.22 -61.64
CA LEU J 317 13.87 -3.09 -61.65
C LEU J 317 12.65 -2.39 -62.26
N GLY J 318 11.69 -3.19 -62.71
CA GLY J 318 10.55 -2.69 -63.45
C GLY J 318 10.92 -2.07 -64.79
N LYS J 319 10.13 -1.09 -65.25
CA LYS J 319 10.44 -0.48 -66.53
C LYS J 319 11.74 0.31 -66.45
N PRO J 320 12.58 0.17 -67.48
CA PRO J 320 13.88 0.84 -67.64
C PRO J 320 13.62 2.32 -67.57
N GLY J 321 14.18 3.00 -66.59
CA GLY J 321 13.89 4.42 -66.47
C GLY J 321 13.34 4.59 -65.07
N LYS J 322 12.56 5.63 -64.87
CA LYS J 322 11.93 5.84 -63.58
C LYS J 322 10.62 5.00 -63.55
N ASP J 323 10.61 3.90 -62.79
CA ASP J 323 9.47 2.99 -62.85
C ASP J 323 8.52 3.28 -61.74
N VAL J 324 7.24 3.00 -61.96
CA VAL J 324 6.20 3.42 -61.03
C VAL J 324 6.23 2.65 -59.70
N ILE J 325 6.89 1.49 -59.69
CA ILE J 325 7.02 0.69 -58.49
C ILE J 325 8.35 0.95 -57.80
N TYR J 326 9.41 0.89 -58.59
CA TYR J 326 10.76 0.91 -58.05
C TYR J 326 11.55 2.19 -58.26
N GLY J 327 11.00 3.11 -59.05
CA GLY J 327 11.77 4.27 -59.47
C GLY J 327 12.91 3.82 -60.34
N TYR J 328 14.09 4.39 -60.11
CA TYR J 328 15.27 3.98 -60.88
C TYR J 328 15.72 2.58 -60.45
N GLY J 329 15.25 2.15 -59.30
CA GLY J 329 15.53 0.82 -58.80
C GLY J 329 16.04 0.78 -57.37
N GLU J 330 16.55 -0.38 -57.02
CA GLU J 330 17.00 -0.66 -55.66
C GLU J 330 18.42 -0.19 -55.50
N VAL J 331 18.63 0.69 -54.53
CA VAL J 331 19.94 1.25 -54.29
C VAL J 331 20.92 0.14 -53.90
N ARG J 332 22.13 0.19 -54.45
CA ARG J 332 23.16 -0.78 -54.11
C ARG J 332 24.46 -0.05 -53.81
N ALA J 333 24.83 0.01 -52.53
CA ALA J 333 26.03 0.72 -52.14
C ALA J 333 27.28 0.10 -52.81
N TYR J 334 27.34 -1.23 -52.86
CA TYR J 334 28.50 -1.86 -53.48
C TYR J 334 28.60 -1.55 -54.97
N GLN J 335 27.48 -1.51 -55.68
CA GLN J 335 27.51 -1.18 -57.11
C GLN J 335 27.89 0.26 -57.29
N ALA J 336 27.39 1.12 -56.40
CA ALA J 336 27.75 2.54 -56.42
C ALA J 336 29.25 2.81 -56.32
N LEU J 337 29.91 2.17 -55.35
CA LEU J 337 31.34 2.36 -55.13
C LEU J 337 32.10 1.74 -56.28
N LYS J 338 31.58 0.64 -56.79
CA LYS J 338 32.21 -0.11 -57.86
C LYS J 338 32.22 0.68 -59.18
N MET J 339 31.24 1.55 -59.38
CA MET J 339 31.20 2.33 -60.61
C MET J 339 32.04 3.60 -60.55
N MET J 340 32.23 4.19 -59.38
CA MET J 340 33.20 5.29 -59.24
C MET J 340 34.65 4.79 -59.36
N ASN J 341 34.84 3.49 -59.15
CA ASN J 341 36.17 2.89 -59.18
C ASN J 341 36.38 2.05 -60.44
N GLU K 30 -65.20 2.96 -47.56
CA GLU K 30 -63.82 3.29 -47.22
C GLU K 30 -62.88 2.13 -47.48
N GLN K 31 -62.23 2.12 -48.63
CA GLN K 31 -61.20 1.11 -48.87
C GLN K 31 -59.93 1.79 -49.40
N TYR K 32 -58.95 0.97 -49.76
CA TYR K 32 -57.65 1.48 -50.15
C TYR K 32 -57.28 0.84 -51.46
N LEU K 33 -56.59 1.60 -52.29
CA LEU K 33 -56.28 1.16 -53.64
C LEU K 33 -54.81 1.39 -53.91
N LEU K 34 -54.15 0.43 -54.56
CA LEU K 34 -52.77 0.61 -54.96
C LEU K 34 -52.56 0.43 -56.46
N LEU K 35 -52.36 1.53 -57.17
CA LEU K 35 -52.10 1.47 -58.59
C LEU K 35 -50.73 0.83 -58.78
N GLU K 36 -50.51 0.09 -59.87
CA GLU K 36 -49.17 -0.44 -60.10
C GLU K 36 -48.44 0.49 -61.06
N HIS K 37 -49.14 1.51 -61.54
CA HIS K 37 -48.51 2.62 -62.24
C HIS K 37 -49.05 3.92 -61.71
N VAL K 38 -48.11 4.79 -61.37
CA VAL K 38 -48.36 5.97 -60.57
C VAL K 38 -49.14 7.04 -61.28
N LYS K 39 -48.68 7.37 -62.50
CA LYS K 39 -49.31 8.44 -63.26
C LYS K 39 -50.74 8.18 -63.72
N ASP K 40 -51.30 7.03 -63.33
CA ASP K 40 -52.70 6.74 -63.62
C ASP K 40 -53.57 7.36 -62.53
N LYS K 41 -53.03 8.37 -61.86
CA LYS K 41 -53.75 9.09 -60.81
C LYS K 41 -54.90 9.83 -61.47
N SER K 42 -54.59 10.43 -62.62
CA SER K 42 -55.55 11.15 -63.45
C SER K 42 -56.72 10.27 -63.89
N LYS K 43 -56.48 8.98 -64.02
CA LYS K 43 -57.44 8.06 -64.61
C LYS K 43 -58.32 7.51 -63.49
N LEU K 44 -57.82 7.66 -62.27
CA LEU K 44 -58.49 7.29 -61.03
C LEU K 44 -59.44 8.37 -60.49
N LEU K 45 -59.04 9.64 -60.65
CA LEU K 45 -59.83 10.77 -60.13
C LEU K 45 -61.08 11.09 -60.94
N ASP K 46 -61.13 10.62 -62.19
CA ASP K 46 -62.29 10.84 -63.03
C ASP K 46 -63.20 9.66 -62.98
N THR K 47 -62.62 8.48 -62.80
CA THR K 47 -63.45 7.32 -62.65
C THR K 47 -64.12 7.47 -61.28
N ALA K 48 -63.40 8.13 -60.38
CA ALA K 48 -63.88 8.38 -59.05
C ALA K 48 -65.00 9.40 -59.10
N GLU K 49 -64.90 10.34 -60.02
CA GLU K 49 -65.92 11.36 -60.12
C GLU K 49 -67.14 10.90 -60.94
N GLN K 50 -67.02 9.81 -61.70
CA GLN K 50 -68.19 9.29 -62.41
C GLN K 50 -68.96 8.24 -61.59
N PHE K 51 -68.47 7.89 -60.41
CA PHE K 51 -69.23 7.07 -59.46
C PHE K 51 -69.35 7.85 -58.16
N HIS K 52 -69.17 9.17 -58.24
CA HIS K 52 -69.23 10.04 -57.06
C HIS K 52 -68.39 9.53 -55.88
N ILE K 53 -67.12 9.28 -56.13
CA ILE K 53 -66.27 8.84 -55.04
C ILE K 53 -65.10 9.78 -54.80
N HIS K 54 -64.78 9.95 -53.52
CA HIS K 54 -63.66 10.75 -53.10
C HIS K 54 -62.39 9.90 -53.06
N ALA K 55 -61.43 10.29 -53.88
CA ALA K 55 -60.16 9.59 -53.89
C ALA K 55 -59.10 10.52 -53.33
N ASP K 56 -58.50 10.09 -52.23
CA ASP K 56 -57.42 10.84 -51.61
C ASP K 56 -56.17 10.07 -51.93
N VAL K 57 -55.36 10.65 -52.80
CA VAL K 57 -54.25 9.88 -53.32
C VAL K 57 -52.91 10.40 -52.82
N ILE K 58 -52.11 9.47 -52.33
CA ILE K 58 -50.71 9.75 -52.12
C ILE K 58 -50.11 9.44 -53.48
N GLU K 59 -50.05 10.47 -54.30
CA GLU K 59 -49.84 10.27 -55.72
C GLU K 59 -48.48 9.63 -55.98
N GLU K 60 -47.45 10.01 -55.24
CA GLU K 60 -46.09 9.53 -55.56
C GLU K 60 -45.94 8.01 -55.38
N ILE K 61 -46.80 7.39 -54.57
CA ILE K 61 -46.68 5.96 -54.35
C ILE K 61 -47.90 5.26 -54.90
N GLY K 62 -48.89 6.04 -55.30
CA GLY K 62 -50.07 5.51 -55.95
C GLY K 62 -50.95 4.72 -55.01
N PHE K 63 -51.06 5.20 -53.78
CA PHE K 63 -51.83 4.54 -52.74
C PHE K 63 -52.91 5.51 -52.39
N ALA K 64 -54.16 5.06 -52.46
CA ALA K 64 -55.28 5.98 -52.39
C ALA K 64 -56.29 5.51 -51.37
N LYS K 65 -56.92 6.46 -50.69
CA LYS K 65 -58.02 6.15 -49.77
C LYS K 65 -59.31 6.67 -50.39
N VAL K 66 -60.28 5.76 -50.54
CA VAL K 66 -61.52 6.05 -51.24
C VAL K 66 -62.73 6.11 -50.31
N THR K 67 -63.52 7.17 -50.45
CA THR K 67 -64.69 7.39 -49.61
C THR K 67 -65.95 7.72 -50.42
N GLY K 68 -67.10 7.35 -49.86
CA GLY K 68 -68.40 7.58 -50.46
C GLY K 68 -69.41 6.85 -49.59
N GLU K 69 -69.52 5.53 -49.82
CA GLU K 69 -70.24 4.54 -48.99
C GLU K 69 -70.29 3.17 -49.67
N LYS K 70 -70.53 2.11 -48.89
CA LYS K 70 -70.26 0.74 -49.31
C LYS K 70 -71.00 0.25 -50.56
N GLN K 71 -71.94 1.02 -51.06
CA GLN K 71 -72.64 0.65 -52.28
C GLN K 71 -71.87 0.72 -53.60
N LYS K 72 -71.53 1.96 -53.94
CA LYS K 72 -71.02 2.35 -55.24
C LYS K 72 -69.57 2.06 -55.50
N LEU K 73 -68.86 1.53 -54.51
CA LEU K 73 -67.47 1.25 -54.78
C LEU K 73 -67.18 -0.22 -55.08
N ALA K 74 -68.21 -1.06 -55.01
CA ALA K 74 -68.09 -2.41 -55.54
C ALA K 74 -68.11 -2.42 -57.09
N PRO K 75 -69.12 -1.76 -57.74
CA PRO K 75 -69.06 -1.59 -59.20
C PRO K 75 -68.00 -0.55 -59.61
N PHE K 76 -67.55 0.20 -58.63
CA PHE K 76 -66.53 1.22 -58.81
C PHE K 76 -65.31 0.39 -59.04
N THR K 77 -64.83 -0.34 -58.04
CA THR K 77 -63.62 -1.13 -58.19
C THR K 77 -63.65 -2.14 -59.35
N LYS K 78 -64.76 -2.19 -60.07
CA LYS K 78 -64.78 -2.97 -61.30
C LYS K 78 -64.23 -1.97 -62.34
N LYS K 79 -64.07 -0.71 -61.91
CA LYS K 79 -63.48 0.41 -62.66
C LYS K 79 -62.23 0.12 -63.46
N LEU K 80 -61.10 0.32 -62.80
CA LEU K 80 -59.77 0.22 -63.32
C LEU K 80 -59.48 -1.15 -63.88
N ALA K 81 -60.22 -2.16 -63.42
CA ALA K 81 -59.95 -3.51 -63.83
C ALA K 81 -60.13 -3.68 -65.33
N GLU K 82 -60.86 -2.74 -65.94
CA GLU K 82 -60.91 -2.65 -67.38
C GLU K 82 -59.80 -1.76 -67.92
N LYS K 83 -59.21 -0.93 -67.08
CA LYS K 83 -58.18 -0.02 -67.60
C LYS K 83 -56.78 -0.17 -66.98
N VAL K 84 -56.66 0.13 -65.69
CA VAL K 84 -55.37 0.05 -65.01
C VAL K 84 -55.42 -0.88 -63.80
N GLY K 85 -54.27 -1.47 -63.47
CA GLY K 85 -54.21 -2.43 -62.38
C GLY K 85 -54.04 -1.86 -61.00
N ALA K 86 -54.98 -2.20 -60.12
CA ALA K 86 -54.91 -1.78 -58.73
C ALA K 86 -55.40 -2.87 -57.77
N ASP K 87 -54.84 -2.91 -56.56
CA ASP K 87 -55.31 -3.82 -55.51
C ASP K 87 -56.07 -3.05 -54.46
N VAL K 88 -57.06 -3.73 -53.87
CA VAL K 88 -58.09 -3.15 -52.98
C VAL K 88 -58.15 -3.76 -51.63
N ILE K 89 -58.28 -3.03 -50.56
CA ILE K 89 -58.40 -3.89 -49.40
C ILE K 89 -59.63 -3.51 -48.47
N GLU K 90 -60.23 -4.53 -47.85
CA GLU K 90 -61.55 -4.41 -47.18
C GLU K 90 -61.63 -3.80 -45.71
N LYS K 91 -60.84 -4.33 -44.77
CA LYS K 91 -60.79 -3.87 -43.39
C LYS K 91 -59.58 -2.97 -43.17
N SER L 6 -16.87 20.04 -17.81
CA SER L 6 -17.86 19.42 -18.70
C SER L 6 -19.08 20.30 -18.96
N GLY L 7 -20.05 19.76 -19.68
CA GLY L 7 -21.27 20.49 -19.94
C GLY L 7 -22.47 20.06 -19.10
N SER L 8 -23.61 20.64 -19.41
CA SER L 8 -24.85 20.30 -18.74
C SER L 8 -25.97 20.22 -19.79
N PRO L 9 -27.01 19.42 -19.51
CA PRO L 9 -28.07 19.22 -20.48
C PRO L 9 -28.74 20.51 -20.92
N ALA L 10 -29.24 20.53 -22.15
CA ALA L 10 -29.98 21.66 -22.70
C ALA L 10 -31.28 21.91 -21.95
N TRP L 11 -31.84 20.85 -21.38
CA TRP L 11 -33.13 20.96 -20.69
C TRP L 11 -33.04 21.80 -19.42
N GLY L 12 -34.08 22.58 -19.17
CA GLY L 12 -34.17 23.42 -18.00
C GLY L 12 -34.34 22.65 -16.71
N LEU L 13 -35.05 21.53 -16.78
CA LEU L 13 -35.25 20.64 -15.64
C LEU L 13 -35.96 21.28 -14.44
N ASP L 14 -36.60 22.43 -14.68
CA ASP L 14 -37.26 23.22 -13.63
C ASP L 14 -36.31 23.46 -12.45
N GLY L 15 -35.02 23.50 -12.72
CA GLY L 15 -34.02 23.70 -11.70
C GLY L 15 -33.67 22.49 -10.85
N ILE L 16 -34.40 21.39 -11.02
CA ILE L 16 -34.12 20.21 -10.21
C ILE L 16 -32.94 19.40 -10.74
N LEU L 17 -31.84 19.53 -10.00
CA LEU L 17 -30.54 19.05 -10.42
C LEU L 17 -30.46 17.52 -10.36
N GLU L 18 -31.35 16.92 -9.58
CA GLU L 18 -31.31 15.47 -9.40
C GLU L 18 -31.94 14.72 -10.60
N LEU L 19 -32.60 15.47 -11.48
CA LEU L 19 -33.20 14.87 -12.69
C LEU L 19 -32.10 14.38 -13.65
N LYS L 20 -30.87 14.84 -13.43
CA LYS L 20 -29.72 14.42 -14.22
C LYS L 20 -29.48 12.92 -14.11
N GLU L 21 -29.93 12.33 -13.01
CA GLU L 21 -29.85 10.87 -12.83
C GLU L 21 -30.60 10.12 -13.93
N TYR L 22 -31.67 10.72 -14.41
CA TYR L 22 -32.47 10.11 -15.43
C TYR L 22 -31.95 10.46 -16.81
N LEU L 23 -30.90 11.27 -16.89
CA LEU L 23 -30.33 11.65 -18.18
C LEU L 23 -29.03 10.94 -18.46
N TRP L 24 -28.81 9.81 -17.80
CA TRP L 24 -27.61 9.02 -18.06
C TRP L 24 -27.41 8.69 -19.56
N PHE L 25 -28.51 8.40 -20.26
CA PHE L 25 -28.43 8.04 -21.68
C PHE L 25 -27.89 9.18 -22.51
N ALA L 26 -28.31 10.39 -22.17
CA ALA L 26 -27.94 11.56 -22.93
C ALA L 26 -26.51 11.95 -22.64
N ALA L 27 -26.13 11.91 -21.37
CA ALA L 27 -24.77 12.23 -20.95
C ALA L 27 -23.80 11.27 -21.62
N LYS L 28 -24.22 10.02 -21.72
CA LYS L 28 -23.44 9.00 -22.41
C LYS L 28 -23.28 9.32 -23.92
N GLN L 29 -24.40 9.66 -24.57
CA GLN L 29 -24.41 9.97 -25.99
C GLN L 29 -23.53 11.16 -26.33
N THR L 30 -23.62 12.17 -25.48
CA THR L 30 -23.02 13.46 -25.75
C THR L 30 -21.67 13.64 -25.03
N ASP L 31 -21.17 12.55 -24.44
CA ASP L 31 -19.90 12.59 -23.70
C ASP L 31 -19.95 13.68 -22.62
N SER L 32 -20.88 13.54 -21.69
CA SER L 32 -21.14 14.54 -20.67
C SER L 32 -21.41 15.91 -21.29
N TYR L 33 -22.17 15.92 -22.39
CA TYR L 33 -22.63 17.14 -23.07
C TYR L 33 -21.50 17.94 -23.70
N ARG L 34 -20.34 17.29 -23.89
CA ARG L 34 -19.21 17.96 -24.54
C ARG L 34 -19.48 18.21 -26.02
N THR L 35 -20.31 17.35 -26.63
CA THR L 35 -20.64 17.46 -28.05
C THR L 35 -21.39 18.75 -28.35
N TYR L 36 -21.97 19.38 -27.33
CA TYR L 36 -22.62 20.65 -27.55
C TYR L 36 -21.62 21.65 -28.09
N GLN L 37 -20.35 21.45 -27.77
CA GLN L 37 -19.27 22.32 -28.23
C GLN L 37 -18.62 21.83 -29.53
N ILE L 38 -18.98 20.63 -29.98
CA ILE L 38 -18.51 20.11 -31.26
C ILE L 38 -19.59 20.36 -32.32
N GLU L 39 -20.84 19.99 -32.04
CA GLU L 39 -21.94 20.15 -32.99
C GLU L 39 -23.32 20.15 -32.33
N ARG L 40 -24.06 21.26 -32.42
CA ARG L 40 -25.41 21.32 -31.86
C ARG L 40 -26.52 21.12 -32.88
N GLY L 41 -26.17 21.06 -34.15
CA GLY L 41 -27.17 20.98 -35.19
C GLY L 41 -27.51 22.34 -35.80
N HIS L 42 -27.86 22.26 -37.07
CA HIS L 42 -28.19 23.37 -37.93
C HIS L 42 -29.67 23.63 -37.93
N PRO L 43 -30.07 24.85 -37.60
CA PRO L 43 -31.49 25.25 -37.65
C PRO L 43 -32.13 25.05 -39.01
N ASP L 44 -31.36 25.10 -40.08
CA ASP L 44 -31.95 24.91 -41.40
C ASP L 44 -31.81 23.44 -41.87
N VAL L 45 -31.32 22.58 -40.98
CA VAL L 45 -31.49 21.12 -41.12
C VAL L 45 -32.76 20.61 -40.38
N LYS L 46 -33.60 19.82 -41.06
CA LYS L 46 -34.93 19.48 -40.53
C LYS L 46 -35.16 18.00 -40.27
N VAL L 47 -35.69 17.70 -39.08
CA VAL L 47 -36.06 16.34 -38.74
C VAL L 47 -37.58 16.26 -38.69
N ALA L 48 -38.17 15.35 -39.47
CA ALA L 48 -39.62 15.14 -39.46
C ALA L 48 -40.05 14.16 -38.34
N LEU L 49 -40.99 14.59 -37.51
CA LEU L 49 -41.43 13.81 -36.35
C LEU L 49 -42.79 13.18 -36.64
N ILE L 50 -42.82 11.96 -37.17
CA ILE L 50 -44.09 11.32 -37.52
C ILE L 50 -44.62 10.60 -36.29
N ASP L 51 -45.54 11.26 -35.60
CA ASP L 51 -45.89 10.91 -34.24
C ASP L 51 -47.26 11.48 -33.82
N SER L 52 -47.42 11.76 -32.53
CA SER L 52 -48.74 12.16 -32.01
C SER L 52 -48.94 13.67 -31.90
N GLY L 53 -48.16 14.44 -32.65
CA GLY L 53 -48.19 15.90 -32.53
C GLY L 53 -47.03 16.39 -31.70
N LEU L 54 -47.15 17.57 -31.10
CA LEU L 54 -46.02 18.12 -30.37
C LEU L 54 -46.49 19.24 -29.47
N ASP L 55 -45.93 19.31 -28.28
CA ASP L 55 -46.20 20.44 -27.39
C ASP L 55 -45.42 21.69 -27.85
N LEU L 56 -46.06 22.53 -28.66
CA LEU L 56 -45.41 23.61 -29.41
C LEU L 56 -44.68 24.66 -28.56
N ASP L 57 -45.15 24.90 -27.34
CA ASP L 57 -44.52 25.93 -26.54
C ASP L 57 -43.74 25.33 -25.40
N HIS L 58 -43.35 24.08 -25.53
CA HIS L 58 -42.52 23.50 -24.48
C HIS L 58 -41.24 24.31 -24.39
N PRO L 59 -40.93 24.79 -23.18
CA PRO L 59 -39.78 25.63 -22.91
C PRO L 59 -38.47 25.06 -23.45
N ASP L 60 -38.30 23.74 -23.44
CA ASP L 60 -37.08 23.14 -23.96
C ASP L 60 -37.12 22.96 -25.49
N LEU L 61 -38.31 22.88 -26.05
CA LEU L 61 -38.43 22.50 -27.46
C LEU L 61 -38.82 23.63 -28.42
N LYS L 62 -39.44 24.69 -27.92
CA LYS L 62 -39.97 25.77 -28.77
C LYS L 62 -38.89 26.41 -29.68
N ALA L 63 -37.65 26.50 -29.19
CA ALA L 63 -36.58 27.08 -29.99
C ALA L 63 -36.28 26.29 -31.26
N SER L 64 -36.57 24.99 -31.26
CA SER L 64 -36.22 24.15 -32.39
C SER L 64 -37.39 23.86 -33.33
N VAL L 65 -38.61 24.14 -32.88
CA VAL L 65 -39.77 23.78 -33.67
C VAL L 65 -39.87 24.61 -34.95
N ASN L 66 -40.11 23.90 -36.06
CA ASN L 66 -40.41 24.51 -37.36
C ASN L 66 -41.34 25.71 -37.22
N THR L 67 -40.93 26.86 -37.75
CA THR L 67 -41.70 28.10 -37.55
C THR L 67 -43.07 27.95 -38.20
N ASN L 68 -43.14 27.11 -39.23
CA ASN L 68 -44.42 26.85 -39.90
C ASN L 68 -45.27 25.79 -39.21
N GLY L 69 -44.86 25.36 -38.01
CA GLY L 69 -45.56 24.30 -37.31
C GLY L 69 -45.56 22.97 -38.06
N GLY L 70 -46.64 22.22 -37.95
CA GLY L 70 -46.72 20.94 -38.63
C GLY L 70 -48.16 20.58 -38.92
N TRP L 71 -48.38 19.43 -39.55
CA TRP L 71 -49.72 19.04 -39.96
C TRP L 71 -50.37 17.89 -39.16
N ASN L 72 -51.63 18.10 -38.78
CA ASN L 72 -52.43 17.04 -38.18
C ASN L 72 -53.26 16.33 -39.27
N TYR L 73 -52.86 15.12 -39.63
CA TYR L 73 -53.51 14.42 -40.72
C TYR L 73 -54.84 13.78 -40.29
N ILE L 74 -55.05 13.68 -38.98
CA ILE L 74 -56.24 13.05 -38.42
C ILE L 74 -57.42 14.02 -38.56
N ASP L 75 -57.18 15.30 -38.29
CA ASP L 75 -58.22 16.29 -38.39
C ASP L 75 -58.11 17.23 -39.62
N GLY L 76 -57.10 17.04 -40.47
CA GLY L 76 -56.90 17.89 -41.62
C GLY L 76 -56.70 19.33 -41.25
N LYS L 77 -55.79 19.60 -40.33
CA LYS L 77 -55.54 20.99 -39.92
C LYS L 77 -54.18 21.05 -39.22
N PRO L 78 -53.68 22.27 -38.96
CA PRO L 78 -52.40 22.32 -38.24
C PRO L 78 -52.39 21.68 -36.85
N VAL L 79 -51.21 21.16 -36.51
CA VAL L 79 -50.96 20.64 -35.18
C VAL L 79 -51.11 21.79 -34.21
N SER L 80 -51.85 21.56 -33.14
CA SER L 80 -52.07 22.60 -32.13
C SER L 80 -51.51 22.18 -30.78
N GLY L 81 -51.12 20.91 -30.67
CA GLY L 81 -50.57 20.38 -29.45
C GLY L 81 -50.30 18.90 -29.55
N ASP L 82 -50.25 18.23 -28.41
CA ASP L 82 -49.92 16.81 -28.30
C ASP L 82 -50.82 16.18 -27.25
N PRO L 83 -51.90 15.53 -27.68
CA PRO L 83 -52.90 15.02 -26.75
C PRO L 83 -52.31 13.94 -25.84
N THR L 84 -51.53 13.03 -26.41
CA THR L 84 -51.03 11.92 -25.63
C THR L 84 -49.68 12.18 -24.97
N GLY L 85 -48.88 13.09 -25.53
CA GLY L 85 -47.55 13.33 -24.99
C GLY L 85 -46.46 12.52 -25.70
N HIS L 86 -46.85 11.55 -26.51
CA HIS L 86 -45.86 10.63 -27.09
C HIS L 86 -44.85 11.35 -28.00
N GLY L 87 -45.36 12.23 -28.87
CA GLY L 87 -44.55 12.98 -29.83
C GLY L 87 -43.63 13.99 -29.17
N THR L 88 -44.09 14.57 -28.05
CA THR L 88 -43.25 15.49 -27.30
C THR L 88 -42.06 14.77 -26.71
N GLN L 89 -42.28 13.54 -26.25
CA GLN L 89 -41.23 12.69 -25.73
C GLN L 89 -40.25 12.31 -26.83
N THR L 90 -40.75 12.00 -28.02
CA THR L 90 -39.88 11.72 -29.17
C THR L 90 -39.00 12.93 -29.50
N ALA L 91 -39.59 14.11 -29.54
CA ALA L 91 -38.87 15.35 -29.83
C ALA L 91 -37.71 15.57 -28.88
N GLY L 92 -37.96 15.33 -27.58
CA GLY L 92 -36.94 15.53 -26.58
C GLY L 92 -35.72 14.66 -26.82
N MET L 93 -35.90 13.49 -27.41
CA MET L 93 -34.75 12.63 -27.66
C MET L 93 -33.85 13.15 -28.79
N ILE L 94 -34.47 13.75 -29.81
CA ILE L 94 -33.76 14.46 -30.86
C ILE L 94 -33.07 15.69 -30.29
N ASN L 95 -33.82 16.44 -29.50
CA ASN L 95 -33.34 17.69 -28.96
C ASN L 95 -32.14 17.56 -28.01
N ILE L 96 -32.15 16.57 -27.10
CA ILE L 96 -31.12 16.50 -26.08
C ILE L 96 -29.74 16.20 -26.70
N ILE L 97 -29.75 15.50 -27.84
CA ILE L 97 -28.54 15.18 -28.59
C ILE L 97 -28.19 16.23 -29.67
N ALA L 98 -29.21 16.85 -30.22
CA ALA L 98 -29.00 17.85 -31.25
C ALA L 98 -29.91 19.03 -30.97
N PRO L 99 -29.50 19.89 -30.03
CA PRO L 99 -30.41 20.92 -29.51
C PRO L 99 -30.83 22.02 -30.46
N ASP L 100 -30.11 22.23 -31.54
CA ASP L 100 -30.44 23.35 -32.43
C ASP L 100 -31.03 22.91 -33.79
N VAL L 101 -31.07 21.60 -34.06
CA VAL L 101 -31.67 21.16 -35.30
C VAL L 101 -33.18 21.47 -35.23
N THR L 102 -33.81 21.69 -36.38
CA THR L 102 -35.23 22.01 -36.42
C THR L 102 -36.09 20.74 -36.47
N ILE L 103 -37.21 20.77 -35.75
CA ILE L 103 -38.14 19.64 -35.62
C ILE L 103 -39.55 19.95 -36.14
N THR L 104 -40.06 19.08 -37.00
CA THR L 104 -41.39 19.29 -37.58
C THR L 104 -42.33 18.17 -37.20
N PRO L 105 -43.46 18.50 -36.55
CA PRO L 105 -44.39 17.45 -36.18
C PRO L 105 -45.32 17.05 -37.32
N TYR L 106 -45.35 15.78 -37.66
CA TYR L 106 -46.39 15.31 -38.57
C TYR L 106 -47.32 14.46 -37.74
N GLN L 107 -48.44 15.03 -37.29
CA GLN L 107 -49.33 14.30 -36.39
C GLN L 107 -50.18 13.24 -37.09
N VAL L 108 -49.83 11.98 -36.87
CA VAL L 108 -50.59 10.88 -37.45
C VAL L 108 -51.20 9.99 -36.35
N LEU L 109 -51.01 10.38 -35.09
CA LEU L 109 -51.55 9.63 -33.97
C LEU L 109 -52.37 10.54 -33.04
N ASP L 110 -53.44 10.00 -32.47
CA ASP L 110 -54.08 10.66 -31.35
C ASP L 110 -54.40 9.62 -30.26
N GLU L 111 -55.25 10.01 -29.32
CA GLU L 111 -55.70 9.14 -28.23
C GLU L 111 -56.12 7.78 -28.75
N LYS L 112 -56.86 7.80 -29.86
CA LYS L 112 -57.44 6.59 -30.43
C LYS L 112 -56.41 5.73 -31.16
N GLY L 113 -55.31 6.36 -31.61
CA GLY L 113 -54.23 5.64 -32.27
C GLY L 113 -53.96 6.28 -33.63
N GLY L 114 -53.52 5.48 -34.61
CA GLY L 114 -53.30 5.99 -35.95
C GLY L 114 -53.31 4.97 -37.11
N ASP L 115 -53.33 5.49 -38.33
CA ASP L 115 -53.44 4.67 -39.54
C ASP L 115 -52.12 4.64 -40.30
N SER L 116 -51.81 3.50 -40.87
CA SER L 116 -50.63 3.33 -41.68
C SER L 116 -50.66 4.25 -42.92
N TYR L 117 -51.87 4.51 -43.40
CA TYR L 117 -52.04 5.34 -44.57
C TYR L 117 -51.44 6.71 -44.33
N ASN L 118 -51.85 7.32 -43.23
CA ASN L 118 -51.37 8.64 -42.83
C ASN L 118 -49.88 8.64 -42.51
N ILE L 119 -49.35 7.53 -42.04
CA ILE L 119 -47.92 7.43 -41.83
C ILE L 119 -47.21 7.52 -43.19
N MET L 120 -47.70 6.79 -44.19
CA MET L 120 -47.11 6.83 -45.51
C MET L 120 -47.21 8.22 -46.09
N LYS L 121 -48.36 8.86 -45.90
CA LYS L 121 -48.58 10.19 -46.42
C LYS L 121 -47.64 11.21 -45.78
N ALA L 122 -47.45 11.10 -44.48
CA ALA L 122 -46.54 11.99 -43.75
C ALA L 122 -45.11 11.78 -44.24
N MET L 123 -44.78 10.54 -44.56
CA MET L 123 -43.46 10.21 -45.09
C MET L 123 -43.17 10.94 -46.38
N VAL L 124 -44.11 10.84 -47.32
CA VAL L 124 -43.97 11.52 -48.61
C VAL L 124 -43.99 13.04 -48.44
N ASP L 125 -44.91 13.54 -47.63
CA ASP L 125 -44.98 14.97 -47.36
C ASP L 125 -43.66 15.48 -46.77
N ALA L 126 -43.11 14.74 -45.80
CA ALA L 126 -41.88 15.15 -45.14
C ALA L 126 -40.69 15.29 -46.12
N VAL L 127 -40.59 14.33 -47.03
CA VAL L 127 -39.59 14.35 -48.11
C VAL L 127 -39.78 15.58 -49.00
N ASN L 128 -41.00 15.75 -49.49
CA ASN L 128 -41.37 16.87 -50.36
C ASN L 128 -41.24 18.22 -49.66
N ASP L 129 -41.29 18.24 -48.33
CA ASP L 129 -41.09 19.49 -47.59
C ASP L 129 -39.62 19.75 -47.28
N GLY L 130 -38.72 18.89 -47.77
CA GLY L 130 -37.29 19.10 -47.62
C GLY L 130 -36.62 18.64 -46.33
N HIS L 131 -37.17 17.61 -45.71
CA HIS L 131 -36.54 17.04 -44.51
C HIS L 131 -35.38 16.13 -44.85
N GLU L 132 -34.29 16.27 -44.08
CA GLU L 132 -33.13 15.40 -44.26
C GLU L 132 -33.25 14.12 -43.46
N VAL L 133 -34.04 14.13 -42.39
CA VAL L 133 -34.21 12.92 -41.57
C VAL L 133 -35.68 12.74 -41.19
N ILE L 134 -36.15 11.50 -41.23
CA ILE L 134 -37.50 11.16 -40.77
C ILE L 134 -37.42 10.19 -39.61
N ASN L 135 -38.17 10.45 -38.55
CA ASN L 135 -38.26 9.52 -37.40
C ASN L 135 -39.69 9.00 -37.25
N ILE L 136 -39.84 7.69 -37.19
CA ILE L 136 -41.17 7.09 -36.99
C ILE L 136 -41.12 6.20 -35.75
N SER L 137 -41.51 6.77 -34.61
CA SER L 137 -41.40 6.02 -33.35
C SER L 137 -42.68 5.28 -33.08
N THR L 138 -43.11 4.51 -34.05
CA THR L 138 -44.33 3.76 -33.95
C THR L 138 -44.28 2.67 -35.01
N GLY L 139 -45.15 1.69 -34.90
CA GLY L 139 -45.16 0.60 -35.86
C GLY L 139 -46.42 -0.22 -35.75
N SER L 140 -46.64 -1.09 -36.73
CA SER L 140 -47.79 -1.99 -36.66
C SER L 140 -47.34 -3.41 -36.95
N TYR L 141 -48.03 -4.36 -36.34
CA TYR L 141 -47.82 -5.76 -36.67
C TYR L 141 -48.91 -6.22 -37.65
N THR L 142 -48.53 -6.41 -38.90
CA THR L 142 -49.51 -6.75 -39.93
C THR L 142 -49.32 -8.18 -40.47
N SER L 143 -50.41 -8.94 -40.49
CA SER L 143 -50.38 -10.28 -41.05
C SER L 143 -50.20 -10.18 -42.55
N LEU L 144 -49.24 -10.94 -43.08
CA LEU L 144 -48.91 -10.86 -44.49
C LEU L 144 -49.75 -11.83 -45.33
N ASP L 145 -51.08 -11.72 -45.19
CA ASP L 145 -51.99 -12.37 -46.11
C ASP L 145 -51.99 -11.58 -47.39
N ARG L 146 -52.97 -11.81 -48.27
CA ARG L 146 -53.01 -11.14 -49.58
C ARG L 146 -52.62 -9.67 -49.58
N GLU L 147 -53.26 -8.92 -48.70
CA GLU L 147 -53.12 -7.48 -48.77
C GLU L 147 -52.39 -6.85 -47.61
N GLY L 148 -51.96 -7.72 -46.70
CA GLY L 148 -50.98 -7.34 -45.71
C GLY L 148 -49.83 -7.01 -46.63
N LYS L 149 -49.59 -7.88 -47.63
CA LYS L 149 -48.52 -7.64 -48.61
C LYS L 149 -48.82 -6.41 -49.49
N VAL L 150 -50.08 -6.08 -49.66
CA VAL L 150 -50.43 -4.89 -50.43
C VAL L 150 -50.04 -3.63 -49.66
N LEU L 151 -50.43 -3.60 -48.38
CA LEU L 151 -50.09 -2.50 -47.47
C LEU L 151 -48.58 -2.33 -47.40
N MET L 152 -47.87 -3.46 -47.32
CA MET L 152 -46.42 -3.45 -47.24
C MET L 152 -45.79 -2.93 -48.52
N LYS L 153 -46.38 -3.31 -49.66
CA LYS L 153 -45.91 -2.84 -50.96
C LYS L 153 -46.04 -1.32 -51.06
N ALA L 154 -47.14 -0.79 -50.54
CA ALA L 154 -47.34 0.65 -50.49
C ALA L 154 -46.30 1.26 -49.57
N TYR L 155 -46.06 0.64 -48.42
CA TYR L 155 -45.14 1.20 -47.47
C TYR L 155 -43.77 1.19 -48.07
N GLN L 156 -43.50 0.15 -48.84
CA GLN L 156 -42.19 0.04 -49.45
C GLN L 156 -42.02 1.15 -50.49
N ARG L 157 -43.11 1.57 -51.10
CA ARG L 157 -43.04 2.65 -52.08
C ARG L 157 -42.74 3.97 -51.40
N ALA L 158 -43.36 4.17 -50.22
CA ALA L 158 -43.02 5.33 -49.41
C ALA L 158 -41.56 5.32 -48.97
N ALA L 159 -41.09 4.15 -48.52
CA ALA L 159 -39.69 4.04 -48.11
C ALA L 159 -38.74 4.22 -49.30
N ASN L 160 -39.08 3.63 -50.45
CA ASN L 160 -38.27 3.81 -51.66
C ASN L 160 -38.22 5.28 -52.06
N TYR L 161 -39.36 5.94 -51.89
CA TYR L 161 -39.49 7.34 -52.23
C TYR L 161 -38.58 8.21 -51.37
N ALA L 162 -38.50 7.93 -50.07
CA ALA L 162 -37.62 8.69 -49.19
C ALA L 162 -36.14 8.47 -49.55
N ALA L 163 -35.77 7.22 -49.82
CA ALA L 163 -34.40 6.88 -50.18
C ALA L 163 -33.97 7.54 -51.49
N LYS L 164 -34.91 7.62 -52.42
CA LYS L 164 -34.61 8.17 -53.73
C LYS L 164 -34.18 9.63 -53.62
N HIS L 165 -34.62 10.35 -52.57
CA HIS L 165 -34.20 11.76 -52.39
C HIS L 165 -33.18 11.96 -51.25
N GLN L 166 -32.45 10.91 -50.91
CA GLN L 166 -31.41 10.98 -49.87
C GLN L 166 -31.98 11.34 -48.48
N VAL L 167 -33.20 10.88 -48.19
CA VAL L 167 -33.79 11.12 -46.87
C VAL L 167 -33.71 9.89 -45.98
N LEU L 168 -33.05 10.03 -44.84
CA LEU L 168 -32.94 8.93 -43.89
C LEU L 168 -34.22 8.72 -43.09
N VAL L 169 -34.59 7.46 -42.92
CA VAL L 169 -35.76 7.11 -42.16
C VAL L 169 -35.41 6.16 -41.03
N PHE L 170 -35.65 6.60 -39.80
CA PHE L 170 -35.37 5.79 -38.62
C PHE L 170 -36.68 5.35 -37.97
N SER L 171 -36.71 4.11 -37.53
CA SER L 171 -37.92 3.58 -36.91
C SER L 171 -37.63 2.69 -35.71
N SER L 172 -38.59 2.64 -34.79
CA SER L 172 -38.50 1.74 -33.65
C SER L 172 -38.78 0.27 -34.00
N ALA L 173 -37.96 -0.63 -33.48
CA ALA L 173 -38.06 -2.04 -33.81
C ALA L 173 -39.21 -2.71 -33.09
N GLY L 174 -39.70 -2.07 -32.03
CA GLY L 174 -40.83 -2.61 -31.30
C GLY L 174 -40.45 -3.22 -29.95
N ASN L 175 -41.42 -3.31 -29.05
CA ASN L 175 -41.18 -3.65 -27.66
C ASN L 175 -41.74 -5.02 -27.24
N LYS L 176 -41.89 -5.97 -28.17
CA LYS L 176 -42.51 -7.27 -27.87
C LYS L 176 -41.51 -8.35 -27.41
N GLY L 177 -40.23 -8.03 -27.46
CA GLY L 177 -39.20 -8.94 -27.00
C GLY L 177 -39.15 -10.24 -27.79
N VAL L 178 -39.60 -10.20 -29.04
CA VAL L 178 -39.64 -11.38 -29.89
C VAL L 178 -38.54 -11.29 -30.93
N ASN L 179 -38.20 -12.42 -31.53
CA ASN L 179 -37.35 -12.38 -32.69
C ASN L 179 -38.28 -12.18 -33.89
N LEU L 180 -38.04 -11.08 -34.62
CA LEU L 180 -38.94 -10.68 -35.71
C LEU L 180 -38.85 -11.66 -36.89
N ASP L 181 -37.72 -12.33 -37.04
CA ASP L 181 -37.59 -13.34 -38.08
C ASP L 181 -38.40 -14.59 -37.78
N GLU L 182 -38.40 -15.10 -36.55
CA GLU L 182 -39.26 -16.25 -36.25
C GLU L 182 -40.72 -15.85 -36.39
N MET L 183 -41.02 -14.59 -36.09
CA MET L 183 -42.38 -14.10 -36.21
C MET L 183 -42.77 -14.08 -37.69
N ARG L 184 -41.79 -13.90 -38.57
CA ARG L 184 -42.10 -13.80 -39.98
C ARG L 184 -42.41 -15.18 -40.53
N LYS L 185 -41.66 -16.17 -40.07
CA LYS L 185 -41.81 -17.57 -40.47
C LYS L 185 -42.97 -18.28 -39.77
N THR L 186 -43.18 -18.02 -38.48
CA THR L 186 -44.25 -18.69 -37.73
C THR L 186 -45.63 -18.06 -37.93
N GLU L 187 -45.73 -16.76 -37.72
CA GLU L 187 -47.04 -16.12 -37.62
C GLU L 187 -47.40 -15.32 -38.87
N ASN L 188 -46.46 -15.28 -39.82
CA ASN L 188 -46.64 -14.51 -41.04
C ASN L 188 -47.00 -13.05 -40.77
N LYS L 189 -46.42 -12.49 -39.72
CA LYS L 189 -46.63 -11.09 -39.43
C LYS L 189 -45.32 -10.36 -39.61
N VAL L 190 -45.41 -9.06 -39.84
CA VAL L 190 -44.24 -8.24 -40.08
C VAL L 190 -44.42 -6.93 -39.30
N HIS L 191 -43.34 -6.36 -38.79
CA HIS L 191 -43.44 -5.10 -38.07
C HIS L 191 -43.13 -3.94 -39.03
N LEU L 192 -44.12 -3.07 -39.22
CA LEU L 192 -44.00 -1.96 -40.17
C LEU L 192 -44.17 -0.58 -39.52
N PRO L 193 -43.35 0.39 -39.95
CA PRO L 193 -42.46 0.36 -41.12
C PRO L 193 -41.04 -0.13 -40.84
N SER L 194 -40.73 -0.64 -39.65
CA SER L 194 -39.34 -0.92 -39.32
C SER L 194 -38.68 -1.99 -40.22
N ALA L 195 -39.47 -2.94 -40.70
CA ALA L 195 -38.93 -4.06 -41.49
C ALA L 195 -38.58 -3.69 -42.93
N LEU L 196 -39.08 -2.56 -43.40
CA LEU L 196 -38.86 -2.17 -44.80
C LEU L 196 -37.41 -1.87 -45.08
N LYS L 197 -37.00 -2.17 -46.31
CA LYS L 197 -35.70 -1.77 -46.80
C LYS L 197 -35.71 -0.26 -46.85
N HIS L 198 -34.54 0.33 -46.61
CA HIS L 198 -34.36 1.77 -46.53
C HIS L 198 -34.95 2.40 -45.26
N VAL L 199 -35.49 1.58 -44.38
CA VAL L 199 -35.87 2.04 -43.04
C VAL L 199 -34.90 1.42 -42.03
N VAL L 200 -34.30 2.28 -41.22
CA VAL L 200 -33.31 1.85 -40.25
C VAL L 200 -34.01 1.45 -38.95
N SER L 201 -34.03 0.15 -38.67
CA SER L 201 -34.72 -0.38 -37.49
C SER L 201 -33.81 -0.25 -36.28
N VAL L 202 -34.33 0.39 -35.23
CA VAL L 202 -33.51 0.69 -34.05
C VAL L 202 -34.04 0.00 -32.79
N GLY L 203 -33.15 -0.72 -32.14
CA GLY L 203 -33.48 -1.41 -30.91
C GLY L 203 -33.09 -0.62 -29.68
N SER L 204 -33.41 -1.20 -28.53
CA SER L 204 -33.22 -0.51 -27.26
C SER L 204 -32.34 -1.25 -26.28
N ASN L 205 -31.26 -0.64 -25.82
CA ASN L 205 -30.44 -1.29 -24.80
C ASN L 205 -30.54 -0.62 -23.41
N MET L 206 -30.02 -1.29 -22.39
CA MET L 206 -30.14 -0.76 -21.04
C MET L 206 -28.90 0.06 -20.63
N LYS L 207 -28.92 0.62 -19.42
CA LYS L 207 -27.80 1.44 -18.93
C LYS L 207 -26.47 0.69 -18.99
N SER L 208 -26.51 -0.63 -18.82
CA SER L 208 -25.33 -1.48 -18.85
C SER L 208 -24.82 -1.83 -20.25
N ASN L 209 -25.58 -1.40 -21.25
CA ASN L 209 -25.36 -1.63 -22.69
C ASN L 209 -25.87 -2.98 -23.15
N ASN L 210 -26.27 -3.82 -22.21
CA ASN L 210 -26.96 -5.07 -22.53
C ASN L 210 -28.32 -4.71 -23.13
N ILE L 211 -28.84 -5.58 -23.96
CA ILE L 211 -30.11 -5.31 -24.60
C ILE L 211 -31.27 -5.37 -23.59
N SER L 212 -32.26 -4.51 -23.80
CA SER L 212 -33.49 -4.52 -23.05
C SER L 212 -34.26 -5.78 -23.41
N PRO L 213 -34.86 -6.44 -22.40
CA PRO L 213 -35.60 -7.70 -22.61
C PRO L 213 -36.74 -7.54 -23.60
N TYR L 214 -37.36 -6.37 -23.61
CA TYR L 214 -38.52 -6.08 -24.45
C TYR L 214 -38.12 -5.76 -25.89
N SER L 215 -36.85 -5.51 -26.13
CA SER L 215 -36.45 -5.06 -27.46
C SER L 215 -36.61 -6.19 -28.50
N ASN L 216 -37.43 -5.96 -29.53
CA ASN L 216 -37.54 -6.90 -30.64
C ASN L 216 -36.17 -7.16 -31.29
N GLN L 217 -35.95 -8.39 -31.77
CA GLN L 217 -34.69 -8.76 -32.40
C GLN L 217 -34.92 -9.33 -33.80
N GLY L 218 -33.87 -9.39 -34.62
CA GLY L 218 -33.96 -9.90 -35.98
C GLY L 218 -32.88 -9.27 -36.82
N ARG L 219 -32.71 -9.71 -38.07
CA ARG L 219 -31.67 -9.11 -38.91
C ARG L 219 -31.98 -7.66 -39.29
N GLU L 220 -33.23 -7.25 -39.14
CA GLU L 220 -33.58 -5.89 -39.52
C GLU L 220 -32.92 -4.86 -38.58
N ILE L 221 -32.57 -5.29 -37.37
CA ILE L 221 -31.98 -4.37 -36.41
C ILE L 221 -30.66 -3.87 -36.98
N GLU L 222 -30.51 -2.56 -37.14
CA GLU L 222 -29.28 -1.99 -37.68
C GLU L 222 -28.48 -1.27 -36.62
N PHE L 223 -29.21 -0.67 -35.70
CA PHE L 223 -28.58 0.06 -34.63
C PHE L 223 -29.38 -0.10 -33.36
N THR L 224 -28.75 0.25 -32.25
CA THR L 224 -29.42 0.22 -30.99
C THR L 224 -29.09 1.53 -30.26
N ALA L 225 -29.96 1.93 -29.34
CA ALA L 225 -29.71 3.12 -28.52
C ALA L 225 -30.39 2.88 -27.18
N PRO L 226 -29.93 3.56 -26.12
CA PRO L 226 -30.41 3.33 -24.75
C PRO L 226 -31.84 3.77 -24.52
N GLY L 227 -32.77 2.83 -24.45
CA GLY L 227 -34.17 3.14 -24.19
C GLY L 227 -34.63 2.78 -22.80
N GLY L 228 -33.77 2.17 -21.99
CA GLY L 228 -34.07 1.93 -20.58
C GLY L 228 -35.04 0.81 -20.17
N TYR L 229 -35.03 0.49 -18.89
CA TYR L 229 -35.92 -0.55 -18.36
C TYR L 229 -35.97 -0.38 -16.82
N LEU L 230 -36.62 -1.30 -16.12
CA LEU L 230 -36.74 -1.19 -14.65
C LEU L 230 -35.53 -1.67 -13.81
N GLY L 231 -34.57 -2.33 -14.44
CA GLY L 231 -33.40 -2.74 -13.71
C GLY L 231 -32.66 -3.73 -14.56
N GLU L 232 -31.38 -3.93 -14.28
CA GLU L 232 -30.60 -4.88 -15.05
C GLU L 232 -31.03 -6.29 -14.71
N THR L 233 -31.35 -6.54 -13.45
CA THR L 233 -31.75 -7.87 -12.99
C THR L 233 -33.22 -7.87 -12.59
N TYR L 234 -33.90 -6.77 -12.86
CA TYR L 234 -35.31 -6.61 -12.51
C TYR L 234 -36.12 -7.88 -12.86
N ASP L 235 -35.86 -8.46 -14.04
CA ASP L 235 -36.63 -9.65 -14.45
C ASP L 235 -36.41 -10.84 -13.51
N GLN L 236 -35.21 -10.98 -12.92
CA GLN L 236 -34.96 -12.04 -11.96
C GLN L 236 -35.58 -11.74 -10.58
N ASP L 237 -35.54 -10.48 -10.15
CA ASP L 237 -35.83 -10.22 -8.75
C ASP L 237 -37.06 -9.36 -8.46
N GLY L 238 -37.53 -8.64 -9.47
CA GLY L 238 -38.67 -7.76 -9.23
C GLY L 238 -38.26 -6.46 -8.53
N MET L 239 -36.96 -6.24 -8.36
CA MET L 239 -36.51 -5.04 -7.67
C MET L 239 -36.45 -3.94 -8.71
N VAL L 240 -37.10 -2.82 -8.42
CA VAL L 240 -37.23 -1.77 -9.41
C VAL L 240 -36.15 -0.76 -9.21
N ARG L 241 -35.39 -0.48 -10.26
CA ARG L 241 -34.39 0.57 -10.18
C ARG L 241 -34.79 1.64 -11.16
N VAL L 242 -35.28 2.72 -10.60
CA VAL L 242 -36.00 3.67 -11.40
C VAL L 242 -35.09 4.59 -12.22
N THR L 243 -33.83 4.70 -11.80
CA THR L 243 -32.86 5.49 -12.55
C THR L 243 -32.32 4.76 -13.78
N ASP L 244 -32.80 3.53 -14.03
CA ASP L 244 -32.48 2.84 -15.28
C ASP L 244 -33.48 3.20 -16.39
N LEU L 245 -34.54 3.91 -16.02
CA LEU L 245 -35.50 4.44 -17.00
C LEU L 245 -34.90 5.76 -17.53
N VAL L 246 -35.52 6.37 -18.55
CA VAL L 246 -34.99 7.62 -19.12
C VAL L 246 -35.98 8.79 -18.99
N LEU L 247 -35.44 9.99 -18.71
CA LEU L 247 -36.24 11.19 -18.64
C LEU L 247 -36.68 11.63 -20.04
N THR L 248 -37.90 12.15 -20.16
CA THR L 248 -38.37 12.74 -21.41
C THR L 248 -39.04 14.11 -21.21
N THR L 249 -39.11 14.88 -22.28
CA THR L 249 -39.95 16.06 -22.32
C THR L 249 -41.40 15.63 -22.49
N TYR L 250 -42.27 16.25 -21.71
CA TYR L 250 -43.67 15.89 -21.66
C TYR L 250 -44.48 17.18 -21.72
N PRO L 251 -45.65 17.17 -22.39
CA PRO L 251 -46.42 18.43 -22.53
C PRO L 251 -46.59 19.10 -21.17
N LYS L 252 -46.14 20.36 -21.06
CA LYS L 252 -46.01 21.06 -19.79
C LYS L 252 -47.33 21.36 -19.08
N GLY L 253 -48.40 21.56 -19.84
CA GLY L 253 -49.68 21.88 -19.28
C GLY L 253 -50.49 20.63 -19.04
N LYS L 254 -49.81 19.49 -19.09
CA LYS L 254 -50.44 18.20 -18.90
C LYS L 254 -49.93 17.56 -17.60
N ASP L 255 -50.81 16.91 -16.84
CA ASP L 255 -50.35 16.19 -15.65
C ASP L 255 -49.54 14.99 -16.11
N ASN L 256 -48.36 14.81 -15.52
CA ASN L 256 -47.58 13.64 -15.87
C ASN L 256 -48.08 12.45 -15.03
N THR L 257 -47.40 11.33 -15.17
CA THR L 257 -47.92 10.04 -14.76
C THR L 257 -47.84 9.76 -13.26
N ALA L 258 -48.59 8.75 -12.83
CA ALA L 258 -48.55 8.32 -11.43
C ALA L 258 -47.11 7.98 -11.03
N LEU L 259 -46.36 7.33 -11.90
CA LEU L 259 -44.97 7.04 -11.58
C LEU L 259 -44.13 8.32 -11.42
N ASP L 260 -44.38 9.32 -12.28
CA ASP L 260 -43.68 10.62 -12.19
C ASP L 260 -43.96 11.35 -10.91
N GLN L 261 -45.24 11.40 -10.55
CA GLN L 261 -45.72 12.08 -9.35
C GLN L 261 -45.10 11.46 -8.12
N MET L 262 -45.07 10.13 -8.06
CA MET L 262 -44.44 9.45 -6.92
C MET L 262 -42.95 9.74 -6.82
N LEU L 263 -42.35 10.12 -7.94
CA LEU L 263 -40.92 10.42 -7.99
C LEU L 263 -40.59 11.91 -7.96
N ASN L 264 -41.58 12.76 -7.73
CA ASN L 264 -41.33 14.21 -7.75
C ASN L 264 -40.71 14.72 -9.07
N ILE L 265 -41.06 14.09 -10.18
CA ILE L 265 -40.69 14.59 -11.53
C ILE L 265 -41.65 15.74 -11.87
N PRO L 266 -41.13 16.96 -12.08
CA PRO L 266 -42.00 18.12 -12.30
C PRO L 266 -42.70 18.09 -13.66
N LYS L 267 -43.75 18.90 -13.85
CA LYS L 267 -44.41 18.97 -15.16
C LYS L 267 -43.47 19.46 -16.25
N GLY L 268 -43.65 18.93 -17.45
CA GLY L 268 -42.73 19.19 -18.53
C GLY L 268 -41.83 18.00 -18.76
N TYR L 269 -41.80 17.10 -17.80
CA TYR L 269 -40.97 15.90 -17.90
C TYR L 269 -41.75 14.65 -17.51
N SER L 270 -41.31 13.52 -18.02
CA SER L 270 -41.91 12.25 -17.70
C SER L 270 -40.87 11.19 -17.86
N LEU L 271 -40.97 10.16 -17.02
CA LEU L 271 -40.12 9.00 -17.08
C LEU L 271 -40.70 7.97 -18.08
N SER L 272 -39.85 7.38 -18.90
CA SER L 272 -40.39 6.47 -19.90
C SER L 272 -39.35 5.42 -20.30
N TYR L 273 -39.63 4.73 -21.39
CA TYR L 273 -38.75 3.68 -21.87
C TYR L 273 -39.15 3.35 -23.29
N GLY L 274 -38.32 2.61 -24.00
CA GLY L 274 -38.78 2.05 -25.25
C GLY L 274 -37.92 2.20 -26.51
N THR L 275 -38.15 1.32 -27.48
CA THR L 275 -37.52 1.44 -28.79
C THR L 275 -37.99 2.74 -29.44
N SER L 276 -39.16 3.24 -29.03
CA SER L 276 -39.63 4.51 -29.56
C SER L 276 -38.80 5.69 -29.06
N LEU L 277 -38.00 5.48 -28.01
CA LEU L 277 -37.10 6.54 -27.54
C LEU L 277 -35.67 6.30 -27.99
N ALA L 278 -35.39 5.10 -28.49
CA ALA L 278 -34.06 4.79 -29.00
C ALA L 278 -33.92 5.32 -30.42
N ALA L 279 -34.90 5.08 -31.28
CA ALA L 279 -34.85 5.59 -32.66
C ALA L 279 -34.56 7.12 -32.79
N PRO L 280 -35.25 7.98 -32.02
CA PRO L 280 -34.95 9.41 -32.22
C PRO L 280 -33.56 9.82 -31.71
N GLN L 281 -32.96 9.04 -30.82
CA GLN L 281 -31.59 9.33 -30.41
C GLN L 281 -30.65 9.12 -31.60
N VAL L 282 -30.93 8.08 -32.37
CA VAL L 282 -30.19 7.80 -33.59
C VAL L 282 -30.50 8.83 -34.67
N ALA L 283 -31.77 9.20 -34.80
CA ALA L 283 -32.19 10.22 -35.75
C ALA L 283 -31.50 11.55 -35.46
N GLY L 284 -31.42 11.90 -34.18
CA GLY L 284 -30.70 13.09 -33.73
C GLY L 284 -29.21 13.06 -34.03
N THR L 285 -28.58 11.90 -33.85
CA THR L 285 -27.15 11.76 -34.13
C THR L 285 -26.94 11.89 -35.65
N ALA L 286 -27.88 11.36 -36.43
CA ALA L 286 -27.85 11.55 -37.88
C ALA L 286 -27.92 13.04 -38.22
N ALA L 287 -28.78 13.77 -37.53
CA ALA L 287 -28.88 15.19 -37.76
C ALA L 287 -27.55 15.90 -37.43
N LEU L 288 -26.85 15.40 -36.41
CA LEU L 288 -25.55 15.95 -36.01
C LEU L 288 -24.49 15.71 -37.06
N VAL L 289 -24.48 14.52 -37.63
CA VAL L 289 -23.49 14.19 -38.63
C VAL L 289 -23.67 15.09 -39.84
N ILE L 290 -24.91 15.17 -40.28
CA ILE L 290 -25.26 15.96 -41.43
C ILE L 290 -24.87 17.39 -41.22
N SER L 291 -25.14 17.92 -40.04
CA SER L 291 -24.76 19.30 -39.75
C SER L 291 -23.24 19.48 -39.82
N GLU L 292 -22.51 18.58 -39.16
CA GLU L 292 -21.05 18.63 -39.15
C GLU L 292 -20.47 18.38 -40.54
N TYR L 293 -20.98 17.37 -41.24
CA TYR L 293 -20.45 17.03 -42.56
C TYR L 293 -20.54 18.18 -43.55
N ARG L 294 -21.61 18.95 -43.48
CA ARG L 294 -21.76 20.18 -44.28
C ARG L 294 -20.91 21.34 -43.77
N GLU L 295 -20.64 21.35 -42.47
CA GLU L 295 -19.89 22.46 -41.88
C GLU L 295 -18.47 22.48 -42.42
N ARG L 296 -17.96 21.29 -42.71
CA ARG L 296 -16.60 21.13 -43.18
C ARG L 296 -16.50 21.15 -44.69
N HIS L 297 -17.51 20.58 -45.33
CA HIS L 297 -17.49 20.37 -46.79
C HIS L 297 -18.48 21.13 -47.63
N HIS L 298 -19.43 21.82 -47.01
CA HIS L 298 -20.53 22.48 -47.70
C HIS L 298 -21.16 21.61 -48.81
N ARG L 299 -21.18 20.30 -48.62
CA ARG L 299 -21.98 19.41 -49.45
C ARG L 299 -22.64 18.44 -48.47
N LYS L 300 -23.85 17.97 -48.77
CA LYS L 300 -24.54 17.10 -47.82
C LYS L 300 -24.23 15.62 -47.98
N PRO L 301 -24.17 14.91 -46.86
CA PRO L 301 -23.86 13.48 -47.02
C PRO L 301 -25.02 12.69 -47.60
N SER L 302 -24.69 11.61 -48.26
CA SER L 302 -25.68 10.69 -48.76
C SER L 302 -26.26 9.85 -47.62
N ALA L 303 -27.38 9.19 -47.87
CA ALA L 303 -27.95 8.25 -46.92
C ALA L 303 -26.89 7.20 -46.57
N LYS L 304 -26.07 6.86 -47.55
CA LYS L 304 -24.99 5.89 -47.32
C LYS L 304 -23.80 6.44 -46.55
N GLN L 305 -23.44 7.69 -46.78
CA GLN L 305 -22.31 8.26 -46.03
C GLN L 305 -22.57 8.37 -44.54
N VAL L 306 -23.77 8.83 -44.18
CA VAL L 306 -24.15 8.96 -42.78
C VAL L 306 -24.20 7.57 -42.15
N HIS L 307 -24.80 6.64 -42.86
CA HIS L 307 -24.94 5.29 -42.38
C HIS L 307 -23.56 4.70 -42.01
N HIS L 308 -22.56 5.03 -42.80
CA HIS L 308 -21.18 4.62 -42.55
C HIS L 308 -20.59 5.22 -41.26
N ILE L 309 -20.76 6.53 -41.09
CA ILE L 309 -20.27 7.20 -39.91
C ILE L 309 -20.91 6.69 -38.62
N LEU L 310 -22.24 6.54 -38.66
CA LEU L 310 -23.01 5.99 -37.55
C LEU L 310 -22.55 4.58 -37.26
N ARG L 311 -22.34 3.81 -38.32
CA ARG L 311 -21.99 2.42 -38.16
C ARG L 311 -20.65 2.14 -37.45
N LYS L 312 -19.58 2.77 -37.91
CA LYS L 312 -18.27 2.47 -37.34
C LYS L 312 -18.02 3.22 -36.02
N SER L 313 -18.83 4.25 -35.74
CA SER L 313 -18.66 4.95 -34.49
C SER L 313 -19.49 4.26 -33.40
N ALA L 314 -20.28 3.27 -33.82
CA ALA L 314 -21.12 2.54 -32.89
C ALA L 314 -20.27 1.70 -31.97
N LEU L 315 -20.74 1.55 -30.74
CA LEU L 315 -20.14 0.62 -29.79
C LEU L 315 -20.53 -0.79 -30.19
N ASP L 316 -19.55 -1.61 -30.55
CA ASP L 316 -19.84 -2.96 -31.00
C ASP L 316 -20.16 -3.89 -29.83
N LEU L 317 -21.43 -4.20 -29.65
CA LEU L 317 -21.87 -5.06 -28.55
C LEU L 317 -22.21 -6.43 -29.10
N GLY L 318 -22.33 -7.40 -28.20
CA GLY L 318 -22.63 -8.77 -28.60
C GLY L 318 -21.57 -9.40 -29.49
N LYS L 319 -22.02 -10.20 -30.44
CA LYS L 319 -21.14 -10.82 -31.40
C LYS L 319 -20.33 -9.73 -32.11
N PRO L 320 -19.05 -10.02 -32.41
CA PRO L 320 -18.10 -9.07 -33.00
C PRO L 320 -18.60 -8.45 -34.31
N GLY L 321 -19.67 -8.97 -34.86
CA GLY L 321 -20.19 -8.44 -36.09
C GLY L 321 -21.53 -7.80 -35.89
N LYS L 322 -22.29 -7.74 -36.98
CA LYS L 322 -23.64 -7.23 -36.97
C LYS L 322 -24.48 -8.41 -36.54
N ASP L 323 -24.97 -8.38 -35.31
CA ASP L 323 -25.74 -9.49 -34.79
C ASP L 323 -27.23 -9.14 -34.72
N VAL L 324 -28.06 -10.17 -34.57
CA VAL L 324 -29.50 -10.05 -34.58
C VAL L 324 -30.02 -9.30 -33.32
N ILE L 325 -29.15 -9.05 -32.35
CA ILE L 325 -29.54 -8.35 -31.12
C ILE L 325 -29.32 -6.84 -31.23
N TYR L 326 -28.10 -6.46 -31.61
CA TYR L 326 -27.66 -5.06 -31.61
C TYR L 326 -27.46 -4.44 -32.99
N GLY L 327 -27.53 -5.24 -34.05
CA GLY L 327 -27.16 -4.73 -35.37
C GLY L 327 -25.69 -4.31 -35.39
N TYR L 328 -25.40 -3.13 -35.94
CA TYR L 328 -24.02 -2.65 -35.92
C TYR L 328 -23.57 -2.25 -34.51
N GLY L 329 -24.51 -2.11 -33.58
CA GLY L 329 -24.17 -1.78 -32.22
C GLY L 329 -24.89 -0.54 -31.73
N GLU L 330 -24.42 -0.01 -30.60
CA GLU L 330 -25.01 1.18 -29.97
C GLU L 330 -24.44 2.48 -30.50
N VAL L 331 -25.33 3.29 -31.05
CA VAL L 331 -24.95 4.60 -31.55
C VAL L 331 -24.42 5.50 -30.45
N ARG L 332 -23.32 6.18 -30.75
CA ARG L 332 -22.70 7.12 -29.82
C ARG L 332 -22.45 8.42 -30.56
N ALA L 333 -23.20 9.45 -30.19
CA ALA L 333 -23.12 10.73 -30.90
C ALA L 333 -21.71 11.30 -30.87
N TYR L 334 -21.09 11.27 -29.69
CA TYR L 334 -19.76 11.86 -29.50
C TYR L 334 -18.71 11.08 -30.32
N GLN L 335 -18.89 9.78 -30.47
CA GLN L 335 -17.96 9.04 -31.33
C GLN L 335 -18.16 9.35 -32.81
N ALA L 336 -19.42 9.54 -33.23
CA ALA L 336 -19.69 9.83 -34.63
C ALA L 336 -18.90 11.06 -35.04
N LEU L 337 -18.93 12.09 -34.20
CA LEU L 337 -18.27 13.36 -34.51
C LEU L 337 -16.74 13.31 -34.50
N LYS L 338 -16.18 12.63 -33.52
CA LYS L 338 -14.72 12.60 -33.40
C LYS L 338 -14.06 11.69 -34.44
N MET L 339 -14.79 10.67 -34.89
CA MET L 339 -14.29 9.74 -35.91
C MET L 339 -14.42 10.33 -37.29
N MET L 340 -14.94 11.54 -37.35
CA MET L 340 -15.01 12.29 -38.59
C MET L 340 -13.80 13.20 -38.59
N GLU M 30 25.73 14.05 36.76
CA GLU M 30 25.68 15.49 36.60
C GLU M 30 26.90 16.14 37.24
N GLN M 31 28.03 16.15 36.52
CA GLN M 31 29.21 16.87 37.02
C GLN M 31 29.90 17.74 35.97
N TYR M 32 30.95 18.44 36.36
CA TYR M 32 31.56 19.44 35.49
C TYR M 32 33.08 19.33 35.49
N LEU M 33 33.71 19.58 34.34
CA LEU M 33 35.14 19.42 34.27
C LEU M 33 35.86 20.58 33.55
N LEU M 34 36.99 21.01 34.11
CA LEU M 34 37.82 22.06 33.52
C LEU M 34 39.23 21.59 33.21
N LEU M 35 39.50 21.45 31.92
CA LEU M 35 40.80 21.06 31.37
C LEU M 35 41.90 22.14 31.55
N GLU M 36 43.19 21.72 31.57
CA GLU M 36 44.32 22.66 31.81
C GLU M 36 44.85 23.40 30.58
N HIS M 37 44.78 22.76 29.41
CA HIS M 37 44.98 23.47 28.13
C HIS M 37 43.92 22.86 27.24
N VAL M 38 43.07 23.68 26.62
CA VAL M 38 41.86 23.12 26.02
C VAL M 38 42.19 22.31 24.76
N LYS M 39 43.37 22.56 24.20
CA LYS M 39 44.03 21.73 23.18
C LYS M 39 43.49 20.28 23.12
N ASP M 40 43.26 19.78 24.32
CA ASP M 40 42.87 18.41 24.62
C ASP M 40 41.37 18.21 24.57
N LYS M 41 40.69 19.06 23.81
CA LYS M 41 39.23 18.99 23.72
C LYS M 41 38.77 17.64 23.18
N SER M 42 39.28 17.29 22.00
CA SER M 42 38.99 16.04 21.33
C SER M 42 39.47 14.89 22.16
N LYS M 43 40.51 15.17 22.93
CA LYS M 43 41.22 14.13 23.63
C LYS M 43 40.41 13.86 24.88
N LEU M 44 39.49 14.79 25.18
CA LEU M 44 38.49 14.63 26.23
C LEU M 44 37.32 13.82 25.67
N LEU M 45 36.95 14.07 24.41
CA LEU M 45 35.80 13.40 23.83
C LEU M 45 35.95 11.94 23.34
N ASP M 46 37.16 11.48 23.02
CA ASP M 46 37.34 10.06 22.69
C ASP M 46 36.95 9.25 23.91
N THR M 47 37.62 9.58 25.01
CA THR M 47 37.37 9.02 26.34
C THR M 47 35.96 9.25 26.88
N ALA M 48 35.29 10.30 26.38
CA ALA M 48 33.98 10.65 26.90
C ALA M 48 32.95 9.55 26.65
N GLU M 49 32.36 9.53 25.46
CA GLU M 49 31.34 8.52 25.11
C GLU M 49 32.01 7.19 24.77
N GLN M 50 33.22 6.99 25.30
CA GLN M 50 33.94 5.72 25.16
C GLN M 50 33.42 4.86 26.30
N PHE M 51 32.57 5.49 27.10
CA PHE M 51 31.96 4.88 28.28
C PHE M 51 30.48 5.08 28.38
N HIS M 52 29.78 5.19 27.25
CA HIS M 52 28.36 5.50 27.33
C HIS M 52 28.14 6.78 28.16
N ILE M 53 28.85 7.85 27.79
CA ILE M 53 28.79 9.15 28.46
C ILE M 53 28.33 10.29 27.56
N HIS M 54 27.52 11.20 28.08
CA HIS M 54 27.29 12.46 27.38
C HIS M 54 28.21 13.54 27.92
N ALA M 55 29.09 14.04 27.05
CA ALA M 55 29.98 15.17 27.40
C ALA M 55 29.62 16.37 26.54
N ASP M 56 29.23 17.47 27.18
CA ASP M 56 28.88 18.69 26.48
C ASP M 56 29.94 19.77 26.78
N VAL M 57 30.70 20.17 25.75
CA VAL M 57 31.86 21.06 25.95
C VAL M 57 31.76 22.49 25.41
N ILE M 58 32.13 23.47 26.24
CA ILE M 58 32.33 24.81 25.74
C ILE M 58 33.75 24.86 25.25
N GLU M 59 33.91 24.63 23.95
CA GLU M 59 35.22 24.36 23.39
C GLU M 59 36.21 25.47 23.67
N GLU M 60 35.76 26.70 23.58
CA GLU M 60 36.64 27.85 23.61
C GLU M 60 37.34 28.02 24.96
N ILE M 61 36.70 27.53 26.03
CA ILE M 61 37.23 27.65 27.39
C ILE M 61 37.52 26.29 28.00
N GLY M 62 37.06 25.23 27.33
CA GLY M 62 37.36 23.88 27.77
C GLY M 62 36.63 23.49 29.03
N PHE M 63 35.35 23.82 29.12
CA PHE M 63 34.58 23.53 30.32
C PHE M 63 33.41 22.63 29.94
N ALA M 64 33.26 21.50 30.61
CA ALA M 64 32.29 20.52 30.15
C ALA M 64 31.36 20.02 31.25
N LYS M 65 30.12 19.74 30.86
CA LYS M 65 29.15 19.15 31.76
C LYS M 65 28.86 17.71 31.34
N VAL M 66 29.05 16.77 32.28
CA VAL M 66 28.93 15.34 31.98
C VAL M 66 27.70 14.74 32.67
N THR M 67 26.83 14.09 31.91
CA THR M 67 25.63 13.52 32.51
C THR M 67 25.28 12.11 32.03
N GLY M 68 24.63 11.37 32.93
CA GLY M 68 24.18 10.00 32.76
C GLY M 68 23.71 9.60 34.15
N GLU M 69 23.94 8.35 34.53
CA GLU M 69 23.71 7.90 35.91
C GLU M 69 25.10 7.79 36.62
N LYS M 70 25.15 7.99 37.94
CA LYS M 70 26.44 8.25 38.65
C LYS M 70 27.51 7.15 38.63
N GLN M 71 27.17 5.96 38.15
CA GLN M 71 28.19 4.93 37.94
C GLN M 71 29.26 5.39 37.00
N LYS M 72 28.79 5.81 35.83
CA LYS M 72 29.25 5.24 34.59
C LYS M 72 30.67 5.62 34.36
N LEU M 73 31.14 6.60 35.14
CA LEU M 73 32.56 6.75 35.40
C LEU M 73 32.95 8.00 36.15
N ALA M 74 33.05 7.74 37.45
CA ALA M 74 33.89 8.44 38.38
C ALA M 74 35.38 8.11 38.08
N PRO M 75 35.70 6.90 37.65
CA PRO M 75 37.13 6.90 37.27
C PRO M 75 37.47 7.66 35.94
N PHE M 76 36.48 8.28 35.26
CA PHE M 76 36.74 9.02 34.00
C PHE M 76 37.41 10.34 34.26
N THR M 77 37.04 10.89 35.41
CA THR M 77 37.56 12.17 35.85
C THR M 77 39.05 12.06 36.03
N LYS M 78 39.45 10.92 36.57
CA LYS M 78 40.84 10.61 36.74
C LYS M 78 41.39 9.77 35.63
N LYS M 79 40.56 9.22 34.74
CA LYS M 79 41.14 8.52 33.61
C LYS M 79 41.12 9.47 32.38
N LEU M 80 40.76 10.73 32.60
CA LEU M 80 41.21 11.69 31.61
C LEU M 80 42.65 12.04 31.96
N ALA M 81 42.94 12.04 33.26
CA ALA M 81 44.23 12.47 33.79
C ALA M 81 45.43 11.54 33.51
N GLU M 82 45.32 10.74 32.45
CA GLU M 82 46.38 9.86 31.91
C GLU M 82 47.14 10.62 30.88
N LYS M 83 46.35 11.56 30.34
CA LYS M 83 46.64 12.33 29.13
C LYS M 83 46.91 13.77 29.51
N VAL M 84 46.11 14.31 30.44
CA VAL M 84 46.12 15.72 30.85
C VAL M 84 45.80 16.09 32.32
N GLY M 85 45.74 17.41 32.45
CA GLY M 85 45.18 18.08 33.62
C GLY M 85 43.71 18.43 33.46
N ALA M 86 42.92 17.94 34.40
CA ALA M 86 41.50 18.24 34.44
C ALA M 86 41.04 18.39 35.90
N ASP M 87 40.16 19.34 36.19
CA ASP M 87 39.58 19.47 37.53
C ASP M 87 38.10 19.15 37.51
N VAL M 88 37.59 18.51 38.56
CA VAL M 88 36.19 18.06 38.52
C VAL M 88 35.30 18.65 39.61
N ILE M 89 34.05 18.95 39.26
CA ILE M 89 33.10 19.50 40.21
C ILE M 89 31.85 18.63 40.32
N GLU M 90 31.30 18.53 41.54
CA GLU M 90 30.11 17.71 41.78
C GLU M 90 28.83 18.56 41.84
N LYS M 91 28.85 19.61 42.66
CA LYS M 91 27.70 20.50 42.84
C LYS M 91 27.84 21.78 42.01
N SER N 6 14.02 69.78 23.08
CA SER N 6 14.31 68.55 23.82
C SER N 6 13.80 67.33 23.03
N GLY N 7 13.03 66.46 23.70
CA GLY N 7 12.41 65.31 23.07
C GLY N 7 11.56 64.52 24.04
N SER N 8 11.19 63.30 23.64
CA SER N 8 10.37 62.45 24.49
C SER N 8 10.89 61.02 24.39
N PRO N 9 10.62 60.20 25.42
CA PRO N 9 11.13 58.82 25.46
C PRO N 9 10.70 58.00 24.26
N ALA N 10 11.51 57.01 23.89
CA ALA N 10 11.15 56.14 22.78
C ALA N 10 9.89 55.32 23.12
N TRP N 11 9.66 55.03 24.39
CA TRP N 11 8.53 54.18 24.78
C TRP N 11 7.20 54.87 24.53
N GLY N 12 6.20 54.08 24.15
CA GLY N 12 4.88 54.61 23.89
C GLY N 12 4.15 55.05 25.14
N LEU N 13 4.31 54.31 26.23
CA LEU N 13 3.72 54.68 27.51
C LEU N 13 2.18 54.79 27.47
N ASP N 14 1.56 54.15 26.47
CA ASP N 14 0.12 54.23 26.21
C ASP N 14 -0.41 55.67 26.17
N GLY N 15 0.46 56.62 25.85
CA GLY N 15 0.07 58.02 25.80
C GLY N 15 -0.08 58.69 27.16
N ILE N 16 0.10 57.93 28.22
CA ILE N 16 -0.06 58.46 29.57
C ILE N 16 1.16 59.30 29.94
N LEU N 17 0.96 60.61 30.04
CA LEU N 17 2.04 61.56 30.21
C LEU N 17 2.72 61.47 31.57
N GLU N 18 2.03 60.93 32.56
CA GLU N 18 2.53 60.93 33.92
C GLU N 18 3.56 59.81 34.17
N LEU N 19 3.62 58.84 33.25
CA LEU N 19 4.60 57.77 33.38
C LEU N 19 6.01 58.32 33.09
N LYS N 20 6.11 59.47 32.44
CA LYS N 20 7.42 60.07 32.17
C LYS N 20 8.16 60.39 33.49
N GLU N 21 7.39 60.58 34.57
CA GLU N 21 7.95 60.86 35.89
C GLU N 21 8.88 59.78 36.34
N TYR N 22 8.54 58.56 35.94
CA TYR N 22 9.28 57.36 36.30
C TYR N 22 10.39 57.07 35.30
N LEU N 23 10.53 57.91 34.28
CA LEU N 23 11.60 57.76 33.30
C LEU N 23 12.64 58.86 33.51
N TRP N 24 12.65 59.42 34.73
CA TRP N 24 13.61 60.46 35.15
C TRP N 24 15.07 60.05 34.91
N PHE N 25 15.38 58.79 35.18
CA PHE N 25 16.75 58.29 35.02
C PHE N 25 17.19 58.40 33.57
N ALA N 26 16.23 58.10 32.69
CA ALA N 26 16.49 58.07 31.25
C ALA N 26 16.59 59.51 30.75
N ALA N 27 15.75 60.40 31.31
CA ALA N 27 15.81 61.82 30.98
C ALA N 27 17.19 62.38 31.31
N LYS N 28 17.75 61.93 32.43
CA LYS N 28 19.11 62.30 32.81
C LYS N 28 20.15 61.75 31.83
N GLN N 29 20.06 60.44 31.52
CA GLN N 29 21.03 59.77 30.64
C GLN N 29 21.14 60.40 29.28
N THR N 30 19.98 60.77 28.72
CA THR N 30 19.86 61.22 27.35
C THR N 30 19.72 62.73 27.18
N ASP N 31 19.86 63.48 28.27
CA ASP N 31 19.66 64.95 28.28
C ASP N 31 18.28 65.36 27.73
N SER N 32 17.23 64.87 28.38
CA SER N 32 15.87 65.02 27.91
C SER N 32 15.74 64.54 26.47
N TYR N 33 16.36 63.39 26.22
CA TYR N 33 16.21 62.67 24.96
C TYR N 33 16.84 63.38 23.76
N ARG N 34 17.75 64.32 24.03
CA ARG N 34 18.50 64.99 22.96
C ARG N 34 19.45 64.04 22.24
N THR N 35 19.91 63.00 22.93
CA THR N 35 20.82 62.05 22.29
C THR N 35 20.16 61.32 21.12
N TYR N 36 18.82 61.29 21.10
CA TYR N 36 18.12 60.72 19.96
C TYR N 36 18.41 61.54 18.67
N GLN N 37 18.73 62.83 18.82
CA GLN N 37 19.03 63.65 17.65
C GLN N 37 20.51 63.63 17.29
N ILE N 38 21.30 63.02 18.17
CA ILE N 38 22.71 62.82 17.91
C ILE N 38 23.01 61.39 17.47
N GLU N 39 22.49 60.43 18.23
CA GLU N 39 22.79 59.02 18.03
C GLU N 39 21.76 58.06 18.61
N ARG N 40 21.09 57.29 17.77
CA ARG N 40 20.14 56.31 18.29
C ARG N 40 20.73 54.90 18.32
N GLY N 41 21.96 54.74 17.82
CA GLY N 41 22.52 53.41 17.70
C GLY N 41 22.34 52.79 16.32
N HIS N 42 23.21 51.83 15.99
CA HIS N 42 23.14 51.05 14.74
C HIS N 42 22.52 49.70 14.91
N PRO N 43 21.60 49.32 14.03
CA PRO N 43 21.08 47.95 14.04
C PRO N 43 22.19 46.89 13.96
N ASP N 44 23.35 47.23 13.37
CA ASP N 44 24.40 46.23 13.25
C ASP N 44 25.38 46.29 14.44
N VAL N 45 25.09 47.16 15.40
CA VAL N 45 25.72 47.07 16.71
C VAL N 45 24.79 46.22 17.56
N LYS N 46 25.29 45.12 18.11
CA LYS N 46 24.39 44.17 18.76
C LYS N 46 24.67 43.98 20.24
N VAL N 47 23.61 44.05 21.04
CA VAL N 47 23.81 43.82 22.46
C VAL N 47 23.23 42.47 22.87
N ALA N 48 24.12 41.66 23.45
CA ALA N 48 23.74 40.36 23.96
C ALA N 48 23.17 40.48 25.38
N LEU N 49 21.96 39.96 25.56
CA LEU N 49 21.26 40.04 26.85
C LEU N 49 21.24 38.72 27.59
N ILE N 50 22.22 38.49 28.46
CA ILE N 50 22.27 37.21 29.16
C ILE N 50 21.39 37.25 30.40
N ASP N 51 20.20 36.69 30.26
CA ASP N 51 19.13 36.95 31.20
C ASP N 51 18.01 35.90 31.18
N SER N 52 16.77 36.35 31.46
CA SER N 52 15.64 35.43 31.62
C SER N 52 14.81 35.29 30.35
N GLY N 53 15.39 35.68 29.24
CA GLY N 53 14.66 35.71 27.98
C GLY N 53 14.15 37.10 27.67
N LEU N 54 13.13 37.15 26.82
CA LEU N 54 12.63 38.43 26.33
C LEU N 54 11.25 38.29 25.71
N ASP N 55 10.39 39.27 25.97
CA ASP N 55 9.09 39.40 25.34
C ASP N 55 9.31 39.89 23.89
N LEU N 56 9.41 38.98 22.93
CA LEU N 56 9.93 39.33 21.61
C LEU N 56 9.14 40.39 20.85
N ASP N 57 7.82 40.44 21.03
CA ASP N 57 7.04 41.41 20.28
C ASP N 57 6.47 42.55 21.16
N HIS N 58 7.16 42.86 22.25
CA HIS N 58 6.82 44.05 23.03
C HIS N 58 6.94 45.28 22.12
N PRO N 59 5.86 46.06 22.05
CA PRO N 59 5.70 47.21 21.14
C PRO N 59 6.88 48.18 21.18
N ASP N 60 7.52 48.36 22.33
CA ASP N 60 8.70 49.23 22.34
C ASP N 60 9.94 48.49 21.87
N LEU N 61 9.96 47.16 21.99
CA LEU N 61 11.25 46.51 21.80
C LEU N 61 11.34 45.78 20.49
N LYS N 62 10.20 45.48 19.88
CA LYS N 62 10.13 44.58 18.74
C LYS N 62 11.00 45.04 17.57
N ALA N 63 11.03 46.34 17.30
CA ALA N 63 11.82 46.87 16.19
C ALA N 63 13.32 46.65 16.43
N SER N 64 13.72 46.51 17.69
CA SER N 64 15.14 46.35 18.02
C SER N 64 15.55 44.91 18.22
N VAL N 65 14.57 44.04 18.45
CA VAL N 65 14.85 42.64 18.74
C VAL N 65 15.43 41.98 17.50
N ASN N 66 16.53 41.27 17.69
CA ASN N 66 17.10 40.41 16.65
C ASN N 66 15.98 39.64 15.94
N THR N 67 15.92 39.74 14.60
CA THR N 67 14.85 39.07 13.85
C THR N 67 14.89 37.55 13.98
N ASN N 68 16.07 36.98 14.23
CA ASN N 68 16.18 35.55 14.49
C ASN N 68 15.91 35.17 15.95
N GLY N 69 15.45 36.13 16.77
CA GLY N 69 15.20 35.84 18.17
C GLY N 69 16.47 35.40 18.92
N GLY N 70 16.31 34.44 19.84
CA GLY N 70 17.46 33.99 20.61
C GLY N 70 17.37 32.59 21.15
N TRP N 71 18.41 32.20 21.88
CA TRP N 71 18.49 30.84 22.39
C TRP N 71 18.11 30.72 23.88
N ASN N 72 17.22 29.79 24.18
CA ASN N 72 16.88 29.39 25.55
C ASN N 72 17.75 28.19 25.95
N TYR N 73 18.77 28.41 26.79
CA TYR N 73 19.69 27.35 27.17
C TYR N 73 19.14 26.41 28.24
N ILE N 74 18.04 26.80 28.85
CA ILE N 74 17.44 25.98 29.90
C ILE N 74 16.70 24.81 29.28
N ASP N 75 15.96 25.09 28.21
CA ASP N 75 15.16 24.07 27.54
C ASP N 75 15.77 23.59 26.21
N GLY N 76 16.97 24.08 25.88
CA GLY N 76 17.64 23.75 24.64
C GLY N 76 16.83 24.14 23.41
N LYS N 77 16.01 25.18 23.55
CA LYS N 77 15.08 25.61 22.51
C LYS N 77 15.27 27.11 22.21
N PRO N 78 14.79 27.59 21.04
CA PRO N 78 14.79 29.04 20.88
C PRO N 78 13.85 29.74 21.87
N VAL N 79 14.17 30.98 22.20
CA VAL N 79 13.35 31.82 23.06
C VAL N 79 11.96 32.12 22.51
N SER N 80 10.95 31.93 23.35
CA SER N 80 9.57 32.20 22.97
C SER N 80 8.94 33.32 23.82
N GLY N 81 9.62 33.73 24.89
CA GLY N 81 9.10 34.77 25.76
C GLY N 81 9.93 35.01 27.01
N ASP N 82 9.30 35.60 28.03
CA ASP N 82 9.97 35.96 29.27
C ASP N 82 9.04 35.76 30.48
N PRO N 83 9.16 34.61 31.15
CA PRO N 83 8.24 34.23 32.24
C PRO N 83 8.35 35.16 33.46
N THR N 84 9.57 35.48 33.85
CA THR N 84 9.79 36.28 35.05
C THR N 84 9.73 37.77 34.75
N GLY N 85 10.01 38.11 33.49
CA GLY N 85 9.93 39.48 33.04
C GLY N 85 11.27 40.18 33.20
N HIS N 86 12.19 39.52 33.89
CA HIS N 86 13.46 40.12 34.26
C HIS N 86 14.28 40.56 33.03
N GLY N 87 14.31 39.72 32.00
CA GLY N 87 15.09 40.01 30.80
C GLY N 87 14.55 41.17 29.99
N THR N 88 13.22 41.28 29.94
CA THR N 88 12.54 42.38 29.25
C THR N 88 12.82 43.71 29.93
N GLN N 89 12.97 43.68 31.25
CA GLN N 89 13.29 44.90 31.97
C GLN N 89 14.72 45.33 31.61
N THR N 90 15.65 44.37 31.55
CA THR N 90 17.04 44.64 31.19
C THR N 90 17.08 45.26 29.78
N ALA N 91 16.30 44.65 28.87
CA ALA N 91 16.20 45.13 27.50
C ALA N 91 15.80 46.61 27.37
N GLY N 92 14.75 47.00 28.10
CA GLY N 92 14.23 48.35 28.06
C GLY N 92 15.25 49.38 28.47
N MET N 93 16.18 49.00 29.32
CA MET N 93 17.22 49.93 29.79
C MET N 93 18.22 50.24 28.70
N ILE N 94 18.52 49.24 27.89
CA ILE N 94 19.33 49.40 26.70
C ILE N 94 18.63 50.24 25.65
N ASN N 95 17.39 49.88 25.41
CA ASN N 95 16.55 50.51 24.42
C ASN N 95 16.29 52.00 24.71
N ILE N 96 16.06 52.34 25.99
CA ILE N 96 15.68 53.69 26.27
C ILE N 96 16.86 54.61 25.96
N ILE N 97 18.07 54.07 26.08
CA ILE N 97 19.31 54.81 25.80
C ILE N 97 19.76 54.63 24.34
N ALA N 98 19.51 53.45 23.78
CA ALA N 98 19.93 53.12 22.43
C ALA N 98 18.81 52.43 21.66
N PRO N 99 17.83 53.20 21.18
CA PRO N 99 16.61 52.58 20.65
C PRO N 99 16.81 51.86 19.34
N ASP N 100 17.89 52.14 18.60
CA ASP N 100 18.04 51.50 17.29
C ASP N 100 19.11 50.42 17.25
N VAL N 101 19.81 50.27 18.36
CA VAL N 101 20.79 49.22 18.53
C VAL N 101 20.00 47.89 18.54
N THR N 102 20.60 46.80 18.06
CA THR N 102 19.90 45.51 18.02
C THR N 102 20.09 44.76 19.35
N ILE N 103 19.05 44.07 19.79
CA ILE N 103 19.06 43.34 21.07
C ILE N 103 18.81 41.84 20.91
N THR N 104 19.70 41.02 21.48
CA THR N 104 19.58 39.57 21.40
C THR N 104 19.43 38.89 22.76
N PRO N 105 18.33 38.16 22.96
CA PRO N 105 18.11 37.45 24.23
C PRO N 105 18.84 36.10 24.27
N TYR N 106 19.69 35.90 25.30
CA TYR N 106 20.27 34.61 25.63
C TYR N 106 19.70 34.16 26.97
N GLN N 107 18.66 33.34 26.94
CA GLN N 107 17.95 32.95 28.14
C GLN N 107 18.62 31.84 28.99
N VAL N 108 19.21 32.25 30.12
CA VAL N 108 19.84 31.31 31.07
C VAL N 108 19.12 31.33 32.43
N LEU N 109 18.01 32.08 32.54
CA LEU N 109 17.27 32.17 33.81
C LEU N 109 15.78 31.85 33.64
N ASP N 110 15.20 31.22 34.67
CA ASP N 110 13.74 31.15 34.79
C ASP N 110 13.37 31.40 36.26
N GLU N 111 12.15 31.08 36.68
CA GLU N 111 11.77 31.27 38.09
C GLU N 111 12.80 30.75 39.10
N LYS N 112 13.27 29.53 38.88
CA LYS N 112 14.09 28.86 39.90
C LYS N 112 15.49 29.43 39.92
N GLY N 113 15.88 30.06 38.83
CA GLY N 113 17.16 30.76 38.79
C GLY N 113 17.90 30.37 37.55
N GLY N 114 19.23 30.38 37.66
CA GLY N 114 20.10 30.00 36.57
C GLY N 114 21.42 29.38 37.01
N ASP N 115 22.15 28.85 36.02
CA ASP N 115 23.37 28.09 36.24
C ASP N 115 24.62 28.84 35.69
N SER N 116 25.75 28.79 36.41
CA SER N 116 26.99 29.47 35.98
C SER N 116 27.54 28.98 34.65
N TYR N 117 27.35 27.69 34.39
CA TYR N 117 27.78 27.04 33.16
C TYR N 117 27.10 27.65 31.93
N ASN N 118 25.78 27.75 31.99
CA ASN N 118 25.02 28.33 30.89
C ASN N 118 25.36 29.80 30.64
N ILE N 119 25.68 30.52 31.70
CA ILE N 119 26.11 31.89 31.54
C ILE N 119 27.44 31.96 30.81
N MET N 120 28.37 31.09 31.18
CA MET N 120 29.64 31.04 30.46
C MET N 120 29.41 30.63 29.00
N LYS N 121 28.53 29.66 28.79
CA LYS N 121 28.24 29.21 27.42
C LYS N 121 27.64 30.33 26.60
N ALA N 122 26.67 31.02 27.19
CA ALA N 122 26.01 32.14 26.52
C ALA N 122 26.99 33.27 26.28
N MET N 123 27.93 33.48 27.21
CA MET N 123 28.94 34.50 26.99
C MET N 123 29.77 34.19 25.75
N VAL N 124 30.23 32.95 25.67
CA VAL N 124 31.08 32.52 24.57
C VAL N 124 30.29 32.55 23.27
N ASP N 125 29.06 32.04 23.32
CA ASP N 125 28.21 32.08 22.14
C ASP N 125 27.96 33.51 21.68
N ALA N 126 27.68 34.41 22.62
CA ALA N 126 27.37 35.77 22.26
C ALA N 126 28.52 36.41 21.49
N VAL N 127 29.75 36.12 21.93
CA VAL N 127 30.93 36.58 21.20
C VAL N 127 30.91 35.96 19.78
N ASN N 128 30.69 34.65 19.69
CA ASN N 128 30.71 34.00 18.39
C ASN N 128 29.67 34.52 17.44
N ASP N 129 28.57 35.06 17.97
CA ASP N 129 27.50 35.59 17.14
C ASP N 129 27.69 37.07 16.81
N GLY N 130 28.83 37.61 17.17
CA GLY N 130 29.17 38.95 16.76
C GLY N 130 28.54 40.07 17.59
N HIS N 131 28.21 39.81 18.85
CA HIS N 131 27.78 40.89 19.73
C HIS N 131 29.01 41.58 20.27
N GLU N 132 29.00 42.89 20.24
CA GLU N 132 30.09 43.70 20.75
C GLU N 132 29.90 44.07 22.21
N VAL N 133 28.66 43.94 22.68
CA VAL N 133 28.35 44.21 24.08
C VAL N 133 27.55 43.03 24.60
N ILE N 134 27.95 42.58 25.79
CA ILE N 134 27.24 41.57 26.55
C ILE N 134 26.82 42.16 27.91
N ASN N 135 25.56 41.97 28.25
CA ASN N 135 25.09 42.41 29.56
C ASN N 135 24.67 41.21 30.38
N ILE N 136 25.20 41.11 31.59
CA ILE N 136 24.81 40.05 32.50
C ILE N 136 24.25 40.64 33.80
N SER N 137 22.93 40.76 33.84
CA SER N 137 22.26 41.40 34.96
C SER N 137 21.94 40.37 36.02
N THR N 138 22.98 39.66 36.43
CA THR N 138 22.86 38.62 37.42
C THR N 138 24.24 38.26 37.94
N GLY N 139 24.26 37.54 39.04
CA GLY N 139 25.51 37.18 39.66
C GLY N 139 25.31 36.09 40.67
N SER N 140 26.40 35.56 41.19
CA SER N 140 26.33 34.58 42.24
C SER N 140 27.36 34.95 43.31
N TYR N 141 27.04 34.61 44.55
CA TYR N 141 28.00 34.75 45.63
C TYR N 141 28.65 33.38 45.83
N THR N 142 29.90 33.30 45.43
CA THR N 142 30.61 32.02 45.39
C THR N 142 31.74 31.93 46.41
N SER N 143 31.70 30.94 47.29
CA SER N 143 32.84 30.66 48.18
C SER N 143 33.95 30.09 47.34
N LEU N 144 35.15 30.60 47.54
CA LEU N 144 36.32 30.15 46.82
C LEU N 144 36.90 28.91 47.52
N ASP N 145 36.08 27.87 47.70
CA ASP N 145 36.57 26.57 48.14
C ASP N 145 37.27 25.86 46.98
N ARG N 146 37.49 24.55 47.11
CA ARG N 146 38.13 23.80 46.04
C ARG N 146 37.42 23.97 44.69
N GLU N 147 36.14 23.66 44.66
CA GLU N 147 35.33 23.70 43.44
C GLU N 147 34.98 25.13 43.00
N GLY N 148 34.95 26.03 43.98
CA GLY N 148 34.76 27.44 43.74
C GLY N 148 35.86 28.09 42.93
N LYS N 149 37.13 27.82 43.27
CA LYS N 149 38.25 28.40 42.54
C LYS N 149 38.28 27.91 41.10
N VAL N 150 37.77 26.70 40.88
CA VAL N 150 37.71 26.11 39.55
C VAL N 150 36.65 26.79 38.68
N LEU N 151 35.46 26.99 39.26
CA LEU N 151 34.38 27.71 38.58
C LEU N 151 34.83 29.12 38.21
N MET N 152 35.49 29.79 39.14
CA MET N 152 35.97 31.16 38.88
C MET N 152 37.04 31.19 37.79
N LYS N 153 37.95 30.23 37.82
CA LYS N 153 39.00 30.16 36.81
C LYS N 153 38.40 29.98 35.42
N ALA N 154 37.37 29.14 35.32
CA ALA N 154 36.63 28.91 34.08
C ALA N 154 35.96 30.20 33.61
N TYR N 155 35.35 30.93 34.54
CA TYR N 155 34.62 32.14 34.22
C TYR N 155 35.57 33.17 33.67
N GLN N 156 36.81 33.15 34.16
CA GLN N 156 37.76 34.14 33.71
C GLN N 156 38.21 33.94 32.25
N ARG N 157 38.29 32.71 31.79
CA ARG N 157 38.73 32.46 30.43
C ARG N 157 37.56 32.79 29.47
N ALA N 158 36.33 32.57 29.93
CA ALA N 158 35.17 33.09 29.22
C ALA N 158 35.29 34.63 29.10
N ALA N 159 35.68 35.28 30.20
CA ALA N 159 35.91 36.71 30.20
C ALA N 159 37.14 37.03 29.33
N ASN N 160 38.16 36.19 29.40
CA ASN N 160 39.32 36.37 28.51
C ASN N 160 38.95 36.19 27.04
N TYR N 161 38.06 35.24 26.76
CA TYR N 161 37.60 35.00 25.39
C TYR N 161 36.91 36.23 24.79
N ALA N 162 36.06 36.86 25.60
CA ALA N 162 35.38 38.08 25.18
C ALA N 162 36.34 39.23 24.98
N ALA N 163 37.29 39.38 25.92
CA ALA N 163 38.25 40.48 25.82
C ALA N 163 39.12 40.39 24.56
N LYS N 164 39.54 39.17 24.21
CA LYS N 164 40.37 38.98 23.02
C LYS N 164 39.63 39.27 21.71
N HIS N 165 38.31 39.13 21.73
CA HIS N 165 37.53 39.47 20.54
C HIS N 165 36.89 40.86 20.67
N GLN N 166 37.45 41.69 21.54
CA GLN N 166 37.04 43.09 21.71
C GLN N 166 35.56 43.24 22.07
N VAL N 167 35.03 42.28 22.82
CA VAL N 167 33.64 42.34 23.25
C VAL N 167 33.54 42.85 24.68
N LEU N 168 32.83 43.97 24.87
CA LEU N 168 32.62 44.52 26.20
C LEU N 168 31.59 43.75 27.01
N VAL N 169 31.93 43.53 28.28
CA VAL N 169 31.05 42.80 29.20
C VAL N 169 30.68 43.61 30.41
N PHE N 170 29.37 43.83 30.58
CA PHE N 170 28.87 44.58 31.71
C PHE N 170 28.07 43.66 32.63
N SER N 171 28.29 43.83 33.93
CA SER N 171 27.64 42.98 34.91
C SER N 171 27.16 43.77 36.12
N SER N 172 26.06 43.31 36.68
CA SER N 172 25.52 43.91 37.89
C SER N 172 26.41 43.58 39.11
N ALA N 173 26.69 44.59 39.95
CA ALA N 173 27.60 44.45 41.08
C ALA N 173 27.00 43.69 42.28
N GLY N 174 25.66 43.57 42.29
CA GLY N 174 24.94 42.84 43.32
C GLY N 174 24.22 43.74 44.33
N ASN N 175 23.21 43.20 45.00
CA ASN N 175 22.32 44.03 45.83
C ASN N 175 22.39 43.82 47.35
N LYS N 176 23.51 43.31 47.85
CA LYS N 176 23.64 43.04 49.28
C LYS N 176 24.24 44.20 50.09
N GLY N 177 24.66 45.26 49.42
CA GLY N 177 25.16 46.43 50.12
C GLY N 177 26.40 46.25 50.98
N VAL N 178 27.24 45.29 50.63
CA VAL N 178 28.47 44.95 51.37
C VAL N 178 29.73 45.46 50.65
N ASN N 179 30.85 45.56 51.35
CA ASN N 179 32.12 45.82 50.64
C ASN N 179 32.67 44.49 50.17
N LEU N 180 32.82 44.34 48.86
CA LEU N 180 33.20 43.05 48.25
C LEU N 180 34.66 42.65 48.52
N ASP N 181 35.52 43.65 48.73
CA ASP N 181 36.91 43.38 49.08
C ASP N 181 36.96 42.82 50.51
N GLU N 182 36.19 43.43 51.40
CA GLU N 182 36.03 42.91 52.76
C GLU N 182 35.25 41.59 52.76
N MET N 183 34.37 41.39 51.80
CA MET N 183 33.60 40.14 51.78
C MET N 183 34.55 38.98 51.50
N ARG N 184 35.59 39.23 50.71
CA ARG N 184 36.51 38.14 50.40
C ARG N 184 37.43 37.83 51.57
N LYS N 185 37.91 38.87 52.25
CA LYS N 185 38.82 38.64 53.37
C LYS N 185 38.08 37.99 54.53
N THR N 186 36.82 38.38 54.73
CA THR N 186 36.02 37.87 55.84
C THR N 186 35.38 36.51 55.55
N GLU N 187 34.71 36.37 54.41
CA GLU N 187 33.97 35.16 54.09
C GLU N 187 34.59 34.29 53.01
N ASN N 188 35.68 34.78 52.41
CA ASN N 188 36.27 34.12 51.24
C ASN N 188 35.24 33.86 50.13
N LYS N 189 34.29 34.78 49.96
CA LYS N 189 33.32 34.68 48.88
C LYS N 189 33.57 35.77 47.86
N VAL N 190 33.09 35.51 46.64
CA VAL N 190 33.31 36.39 45.52
C VAL N 190 32.02 36.46 44.68
N HIS N 191 31.73 37.64 44.12
CA HIS N 191 30.53 37.86 43.30
C HIS N 191 30.88 37.70 41.84
N LEU N 192 30.24 36.72 41.20
CA LEU N 192 30.57 36.37 39.83
C LEU N 192 29.35 36.53 38.94
N PRO N 193 29.52 37.12 37.73
CA PRO N 193 30.82 37.44 37.10
C PRO N 193 31.41 38.83 37.34
N SER N 194 30.83 39.67 38.18
CA SER N 194 31.29 41.06 38.30
C SER N 194 32.77 41.14 38.73
N ALA N 195 33.25 40.16 39.48
CA ALA N 195 34.64 40.18 39.96
C ALA N 195 35.67 39.79 38.91
N LEU N 196 35.23 39.19 37.80
CA LEU N 196 36.17 38.71 36.79
C LEU N 196 36.94 39.86 36.17
N LYS N 197 38.18 39.58 35.77
CA LYS N 197 38.94 40.55 35.00
C LYS N 197 38.25 40.68 33.64
N HIS N 198 38.28 41.89 33.09
CA HIS N 198 37.62 42.22 31.81
C HIS N 198 36.09 42.28 31.89
N VAL N 199 35.52 42.13 33.07
CA VAL N 199 34.10 42.35 33.20
C VAL N 199 33.87 43.65 33.95
N VAL N 200 33.04 44.54 33.38
CA VAL N 200 32.80 45.84 33.99
C VAL N 200 31.68 45.75 35.03
N SER N 201 32.06 45.86 36.31
CA SER N 201 31.11 45.73 37.42
C SER N 201 30.39 47.05 37.68
N VAL N 202 29.06 47.00 37.69
CA VAL N 202 28.27 48.21 37.75
C VAL N 202 27.37 48.34 38.96
N GLY N 203 27.53 49.46 39.67
CA GLY N 203 26.73 49.78 40.83
C GLY N 203 25.53 50.67 40.51
N SER N 204 24.78 50.96 41.56
CA SER N 204 23.54 51.72 41.47
C SER N 204 23.57 52.97 42.34
N ASN N 205 23.36 54.12 41.72
CA ASN N 205 23.20 55.32 42.49
C ASN N 205 21.73 55.71 42.51
N MET N 206 21.41 56.67 43.37
CA MET N 206 20.05 57.16 43.56
C MET N 206 19.79 58.39 42.70
N LYS N 207 18.56 58.88 42.73
CA LYS N 207 18.20 60.07 41.98
C LYS N 207 19.03 61.29 42.40
N SER N 208 19.37 61.33 43.69
CA SER N 208 20.15 62.40 44.29
C SER N 208 21.64 62.28 43.99
N ASN N 209 22.03 61.15 43.38
CA ASN N 209 23.42 60.82 43.00
C ASN N 209 24.29 60.25 44.12
N ASN N 210 23.76 60.20 45.32
CA ASN N 210 24.38 59.40 46.37
C ASN N 210 24.25 57.91 45.98
N ILE N 211 25.11 57.03 46.48
CA ILE N 211 25.00 55.61 46.11
C ILE N 211 23.74 54.93 46.70
N SER N 212 23.11 54.02 45.96
CA SER N 212 22.03 53.27 46.58
C SER N 212 22.61 52.39 47.68
N PRO N 213 21.94 52.36 48.84
CA PRO N 213 22.37 51.57 50.00
C PRO N 213 22.54 50.07 49.69
N TYR N 214 21.75 49.53 48.78
CA TYR N 214 21.82 48.10 48.47
C TYR N 214 23.01 47.79 47.53
N SER N 215 23.59 48.82 46.91
CA SER N 215 24.63 48.61 45.90
C SER N 215 25.92 48.08 46.54
N ASN N 216 26.40 46.92 46.06
CA ASN N 216 27.68 46.40 46.51
C ASN N 216 28.82 47.36 46.19
N GLN N 217 29.81 47.44 47.08
CA GLN N 217 30.93 48.36 46.87
C GLN N 217 32.25 47.63 46.83
N GLY N 218 33.28 48.32 46.35
CA GLY N 218 34.61 47.71 46.26
C GLY N 218 35.48 48.23 45.13
N ARG N 219 36.73 47.80 45.12
CA ARG N 219 37.63 48.23 44.06
C ARG N 219 37.19 47.71 42.69
N GLU N 220 36.41 46.62 42.66
CA GLU N 220 35.94 46.08 41.38
C GLU N 220 34.91 47.02 40.74
N ILE N 221 34.29 47.89 41.52
CA ILE N 221 33.29 48.83 40.99
C ILE N 221 33.94 49.77 40.00
N GLU N 222 33.44 49.79 38.77
CA GLU N 222 34.03 50.64 37.74
C GLU N 222 33.13 51.80 37.40
N PHE N 223 31.82 51.53 37.39
CA PHE N 223 30.81 52.54 37.09
C PHE N 223 29.54 52.35 37.90
N THR N 224 28.74 53.40 37.88
CA THR N 224 27.43 53.33 38.48
C THR N 224 26.44 53.95 37.52
N ALA N 225 25.16 53.61 37.71
CA ALA N 225 24.03 54.20 36.98
C ALA N 225 22.80 54.25 37.90
N PRO N 226 21.86 55.17 37.64
CA PRO N 226 20.69 55.30 38.49
C PRO N 226 19.78 54.05 38.35
N GLY N 227 19.85 53.17 39.33
CA GLY N 227 19.14 51.91 39.34
C GLY N 227 17.90 51.87 40.21
N GLY N 228 17.57 53.01 40.83
CA GLY N 228 16.39 53.18 41.64
C GLY N 228 16.52 52.66 43.07
N TYR N 229 15.77 53.29 43.94
CA TYR N 229 15.76 52.99 45.35
C TYR N 229 14.49 53.50 46.00
N LEU N 230 13.71 52.59 46.58
CA LEU N 230 12.49 52.98 47.26
C LEU N 230 12.88 53.46 48.64
N GLY N 231 12.39 54.62 49.03
CA GLY N 231 12.68 55.17 50.34
C GLY N 231 14.12 55.57 50.63
N GLU N 232 14.53 56.79 50.26
CA GLU N 232 15.89 57.24 50.59
C GLU N 232 15.90 57.35 52.11
N THR N 233 15.98 56.14 52.72
CA THR N 233 15.90 55.89 54.16
C THR N 233 14.79 56.80 54.64
N TYR N 234 13.67 56.74 53.92
CA TYR N 234 12.52 57.59 54.13
C TYR N 234 12.98 58.99 53.73
N ASP N 235 12.56 59.40 52.51
CA ASP N 235 13.09 60.58 51.84
C ASP N 235 13.00 61.87 52.64
N GLN N 236 11.90 62.02 53.38
CA GLN N 236 11.64 63.25 54.11
C GLN N 236 11.40 63.13 55.58
N ASP N 237 10.98 61.94 56.00
CA ASP N 237 10.44 61.62 57.33
C ASP N 237 9.30 60.65 57.25
N GLY N 238 9.58 59.35 57.18
CA GLY N 238 8.48 58.40 57.10
C GLY N 238 7.86 58.20 55.72
N MET N 239 8.05 59.20 54.85
CA MET N 239 7.44 59.28 53.53
C MET N 239 8.19 58.54 52.42
N VAL N 240 7.45 57.80 51.62
CA VAL N 240 8.00 57.07 50.49
C VAL N 240 7.61 57.75 49.17
N ARG N 241 8.57 57.94 48.27
CA ARG N 241 8.24 58.42 46.94
C ARG N 241 8.49 57.30 45.93
N VAL N 242 7.44 56.85 45.24
CA VAL N 242 7.56 55.71 44.31
C VAL N 242 8.26 56.18 43.01
N THR N 243 8.35 57.50 42.87
CA THR N 243 9.04 58.14 41.76
C THR N 243 10.55 58.00 41.91
N ASP N 244 10.97 57.37 42.99
CA ASP N 244 12.40 57.09 43.22
C ASP N 244 12.78 55.76 42.58
N LEU N 245 11.77 55.03 42.11
CA LEU N 245 11.99 53.80 41.36
C LEU N 245 12.15 54.18 39.90
N VAL N 246 12.46 53.18 39.08
CA VAL N 246 12.66 53.40 37.66
C VAL N 246 11.62 52.56 36.86
N LEU N 247 11.10 53.12 35.78
CA LEU N 247 10.17 52.40 34.94
C LEU N 247 10.90 51.36 34.10
N THR N 248 10.28 50.22 33.86
CA THR N 248 10.86 49.22 33.00
C THR N 248 9.87 48.76 31.96
N THR N 249 10.37 48.24 30.85
CA THR N 249 9.50 47.52 29.94
C THR N 249 9.22 46.14 30.56
N TYR N 250 7.98 45.70 30.49
CA TYR N 250 7.57 44.47 31.13
C TYR N 250 6.73 43.70 30.10
N PRO N 251 6.84 42.34 30.07
CA PRO N 251 6.13 41.53 29.05
C PRO N 251 4.68 41.92 28.94
N LYS N 252 4.30 42.31 27.72
CA LYS N 252 3.03 42.99 27.48
C LYS N 252 1.82 42.15 27.83
N GLY N 253 1.95 40.83 27.70
CA GLY N 253 0.82 39.96 28.00
C GLY N 253 0.87 39.45 29.41
N LYS N 254 1.73 40.06 30.22
CA LYS N 254 1.92 39.61 31.59
C LYS N 254 1.37 40.67 32.57
N ASP N 255 0.77 40.18 33.65
CA ASP N 255 0.25 41.07 34.68
C ASP N 255 1.46 41.68 35.36
N ASN N 256 1.49 43.01 35.52
CA ASN N 256 2.60 43.65 36.23
C ASN N 256 2.33 43.62 37.75
N THR N 257 3.16 44.28 38.56
CA THR N 257 3.18 43.99 39.99
C THR N 257 1.99 44.61 40.70
N ALA N 258 1.73 44.18 41.93
CA ALA N 258 0.66 44.76 42.76
C ALA N 258 0.84 46.26 42.93
N LEU N 259 2.10 46.67 43.07
CA LEU N 259 2.44 48.08 43.21
C LEU N 259 2.14 48.85 41.92
N ASP N 260 2.47 48.25 40.76
CA ASP N 260 2.21 48.89 39.48
C ASP N 260 0.72 49.17 39.37
N GLN N 261 -0.09 48.19 39.76
CA GLN N 261 -1.54 48.35 39.70
C GLN N 261 -2.03 49.46 40.63
N MET N 262 -1.50 49.52 41.84
CA MET N 262 -1.86 50.63 42.72
C MET N 262 -1.48 51.98 42.14
N LEU N 263 -0.48 51.98 41.25
CA LEU N 263 0.01 53.21 40.65
C LEU N 263 -0.59 53.47 39.27
N ASN N 264 -1.55 52.62 38.88
CA ASN N 264 -2.15 52.70 37.55
C ASN N 264 -1.12 52.66 36.42
N ILE N 265 -0.06 51.88 36.60
CA ILE N 265 0.89 51.57 35.53
C ILE N 265 0.25 50.50 34.63
N PRO N 266 0.03 50.80 33.36
CA PRO N 266 -0.59 49.82 32.45
C PRO N 266 0.35 48.65 32.11
N LYS N 267 -0.20 47.58 31.54
CA LYS N 267 0.62 46.44 31.12
C LYS N 267 1.64 46.85 30.05
N GLY N 268 2.82 46.20 30.09
CA GLY N 268 3.92 46.58 29.23
C GLY N 268 4.99 47.36 29.99
N TYR N 269 4.63 47.82 31.18
CA TYR N 269 5.55 48.55 32.04
C TYR N 269 5.44 48.09 33.50
N SER N 270 6.53 48.26 34.24
CA SER N 270 6.58 47.91 35.63
C SER N 270 7.59 48.79 36.30
N LEU N 271 7.33 49.13 37.56
CA LEU N 271 8.34 49.85 38.33
C LEU N 271 9.26 48.87 39.05
N SER N 272 10.57 49.12 39.01
CA SER N 272 11.49 48.23 39.69
C SER N 272 12.79 48.94 40.08
N TYR N 273 13.78 48.16 40.49
CA TYR N 273 15.06 48.69 40.94
C TYR N 273 16.12 47.60 40.96
N GLY N 274 17.37 48.00 41.13
CA GLY N 274 18.42 47.03 41.28
C GLY N 274 19.67 47.34 40.47
N THR N 275 20.75 46.73 40.91
CA THR N 275 22.01 46.91 40.24
C THR N 275 21.87 46.33 38.81
N SER N 276 20.96 45.38 38.66
CA SER N 276 20.67 44.78 37.37
C SER N 276 19.96 45.71 36.37
N LEU N 277 19.50 46.86 36.83
CA LEU N 277 18.90 47.85 35.93
C LEU N 277 19.91 48.94 35.68
N ALA N 278 20.97 48.93 36.48
CA ALA N 278 22.04 49.91 36.28
C ALA N 278 22.94 49.42 35.15
N ALA N 279 23.30 48.12 35.24
CA ALA N 279 24.22 47.50 34.28
C ALA N 279 23.81 47.70 32.82
N PRO N 280 22.55 47.45 32.46
CA PRO N 280 22.23 47.65 31.03
C PRO N 280 22.27 49.11 30.57
N GLN N 281 22.19 50.06 31.50
CA GLN N 281 22.32 51.46 31.10
C GLN N 281 23.74 51.76 30.61
N VAL N 282 24.73 51.18 31.27
CA VAL N 282 26.11 51.34 30.86
C VAL N 282 26.33 50.59 29.53
N ALA N 283 25.76 49.40 29.45
CA ALA N 283 25.85 48.60 28.26
C ALA N 283 25.22 49.32 27.07
N GLY N 284 24.05 49.90 27.32
CA GLY N 284 23.37 50.66 26.28
C GLY N 284 24.23 51.83 25.83
N THR N 285 24.84 52.51 26.79
CA THR N 285 25.71 53.65 26.51
C THR N 285 26.94 53.21 25.71
N ALA N 286 27.49 52.05 26.06
CA ALA N 286 28.60 51.48 25.29
C ALA N 286 28.17 51.24 23.85
N ALA N 287 26.98 50.68 23.68
CA ALA N 287 26.43 50.44 22.37
C ALA N 287 26.26 51.76 21.58
N LEU N 288 25.90 52.85 22.27
CA LEU N 288 25.85 54.16 21.63
C LEU N 288 27.22 54.67 21.21
N VAL N 289 28.20 54.49 22.07
CA VAL N 289 29.56 54.94 21.83
C VAL N 289 30.12 54.21 20.62
N ILE N 290 29.90 52.91 20.59
CA ILE N 290 30.29 52.09 19.47
C ILE N 290 29.63 52.56 18.18
N SER N 291 28.34 52.84 18.24
CA SER N 291 27.60 53.29 17.06
C SER N 291 28.18 54.60 16.51
N GLU N 292 28.46 55.55 17.39
CA GLU N 292 29.01 56.83 16.96
C GLU N 292 30.38 56.64 16.31
N TYR N 293 31.19 55.78 16.93
CA TYR N 293 32.56 55.55 16.51
C TYR N 293 32.55 55.01 15.11
N ARG N 294 31.59 54.17 14.80
CA ARG N 294 31.54 53.64 13.46
C ARG N 294 31.05 54.64 12.41
N GLU N 295 30.20 55.56 12.81
CA GLU N 295 29.68 56.59 11.90
C GLU N 295 30.70 57.61 11.45
N ARG N 296 31.65 57.88 12.33
CA ARG N 296 32.67 58.88 12.07
C ARG N 296 33.96 58.26 11.53
N HIS N 297 34.29 57.08 12.06
CA HIS N 297 35.50 56.35 11.71
C HIS N 297 34.93 55.03 11.17
N HIS N 298 35.11 54.69 9.91
CA HIS N 298 34.38 53.49 9.44
C HIS N 298 35.11 52.18 9.78
N ARG N 299 35.57 52.14 11.03
CA ARG N 299 36.23 50.99 11.66
C ARG N 299 35.48 50.56 12.94
N LYS N 300 35.66 49.32 13.37
CA LYS N 300 35.08 48.92 14.66
C LYS N 300 36.07 49.42 15.70
N PRO N 301 35.58 49.99 16.81
CA PRO N 301 36.48 50.46 17.87
C PRO N 301 37.00 49.31 18.74
N SER N 302 38.14 49.50 19.40
CA SER N 302 38.59 48.51 20.39
C SER N 302 37.78 48.64 21.68
N ALA N 303 37.77 47.56 22.45
CA ALA N 303 37.11 47.54 23.75
C ALA N 303 37.66 48.61 24.69
N LYS N 304 38.98 48.82 24.63
CA LYS N 304 39.63 49.80 25.50
C LYS N 304 39.28 51.23 25.12
N GLN N 305 39.08 51.46 23.83
CA GLN N 305 38.66 52.78 23.36
C GLN N 305 37.29 53.18 23.87
N VAL N 306 36.38 52.22 23.88
CA VAL N 306 35.05 52.46 24.40
C VAL N 306 35.12 52.74 25.89
N HIS N 307 35.85 51.87 26.60
CA HIS N 307 35.98 51.94 28.05
C HIS N 307 36.54 53.29 28.45
N HIS N 308 37.49 53.73 27.63
CA HIS N 308 38.17 54.99 27.79
C HIS N 308 37.19 56.15 27.68
N ILE N 309 36.32 56.11 26.67
CA ILE N 309 35.27 57.13 26.54
C ILE N 309 34.29 57.11 27.74
N LEU N 310 33.88 55.91 28.17
CA LEU N 310 32.96 55.80 29.33
C LEU N 310 33.59 56.41 30.59
N ARG N 311 34.86 56.10 30.84
CA ARG N 311 35.58 56.59 32.02
C ARG N 311 35.71 58.13 31.98
N LYS N 312 36.05 58.65 30.81
CA LYS N 312 36.29 60.07 30.66
C LYS N 312 35.00 60.88 30.72
N SER N 313 33.89 60.23 30.42
CA SER N 313 32.60 60.90 30.48
C SER N 313 31.82 60.70 31.78
N ALA N 314 32.31 59.83 32.66
CA ALA N 314 31.57 59.53 33.88
C ALA N 314 31.60 60.73 34.81
N LEU N 315 30.51 60.92 35.55
CA LEU N 315 30.46 61.92 36.59
C LEU N 315 31.23 61.47 37.83
N ASP N 316 32.29 62.20 38.18
CA ASP N 316 33.13 61.83 39.31
C ASP N 316 32.43 62.15 40.63
N LEU N 317 31.91 61.12 41.29
CA LEU N 317 31.21 61.28 42.56
C LEU N 317 32.06 60.81 43.73
N GLY N 318 31.65 61.14 44.96
CA GLY N 318 32.39 60.75 46.15
C GLY N 318 33.81 61.32 46.17
N LYS N 319 34.78 60.55 46.67
CA LYS N 319 36.17 60.99 46.65
C LYS N 319 36.64 61.15 45.21
N PRO N 320 37.46 62.19 44.93
CA PRO N 320 37.95 62.46 43.57
C PRO N 320 38.74 61.26 42.99
N GLY N 321 38.53 60.99 41.70
CA GLY N 321 39.15 59.84 41.06
C GLY N 321 38.31 58.57 41.21
N LYS N 322 38.94 57.42 40.98
CA LYS N 322 38.26 56.13 41.06
C LYS N 322 38.13 55.65 42.49
N ASP N 323 36.94 55.75 43.05
CA ASP N 323 36.73 55.35 44.45
C ASP N 323 35.98 54.01 44.54
N VAL N 324 36.00 53.41 45.72
CA VAL N 324 35.42 52.09 45.97
C VAL N 324 33.87 52.08 45.92
N ILE N 325 33.28 53.27 45.95
CA ILE N 325 31.82 53.39 45.95
C ILE N 325 31.22 53.55 44.56
N TYR N 326 31.75 54.49 43.79
CA TYR N 326 31.17 54.85 42.51
C TYR N 326 32.02 54.39 41.34
N GLY N 327 33.19 53.83 41.65
CA GLY N 327 34.17 53.49 40.63
C GLY N 327 34.65 54.76 39.96
N TYR N 328 34.71 54.75 38.63
CA TYR N 328 35.08 55.98 37.90
C TYR N 328 33.96 56.99 37.96
N GLY N 329 32.76 56.53 38.35
CA GLY N 329 31.63 57.43 38.52
C GLY N 329 30.38 57.04 37.77
N GLU N 330 29.42 57.97 37.71
CA GLU N 330 28.16 57.69 37.08
C GLU N 330 28.23 57.89 35.58
N VAL N 331 27.93 56.83 34.86
CA VAL N 331 27.90 56.87 33.41
C VAL N 331 26.81 57.83 32.92
N ARG N 332 27.15 58.64 31.92
CA ARG N 332 26.20 59.55 31.32
C ARG N 332 26.31 59.45 29.80
N ALA N 333 25.28 58.88 29.17
CA ALA N 333 25.28 58.66 27.73
C ALA N 333 25.42 59.96 26.93
N TYR N 334 24.77 61.04 27.37
CA TYR N 334 24.86 62.29 26.63
C TYR N 334 26.28 62.88 26.70
N GLN N 335 26.94 62.72 27.84
CA GLN N 335 28.34 63.16 27.99
C GLN N 335 29.27 62.30 27.15
N ALA N 336 29.00 61.00 27.12
CA ALA N 336 29.78 60.06 26.33
C ALA N 336 29.81 60.55 24.90
N LEU N 337 28.67 61.02 24.41
CA LEU N 337 28.59 61.57 23.07
C LEU N 337 29.27 62.95 22.95
N LYS N 338 29.17 63.78 23.98
CA LYS N 338 29.76 65.13 23.94
C LYS N 338 31.29 65.11 23.98
N MET N 339 31.87 64.07 24.57
CA MET N 339 33.32 63.97 24.55
C MET N 339 33.87 63.27 23.31
N MET N 340 33.00 62.89 22.36
CA MET N 340 33.48 62.36 21.10
C MET N 340 33.48 63.44 20.03
N GLU O 30 63.34 10.02 -3.82
CA GLU O 30 62.17 10.88 -3.78
C GLU O 30 60.99 10.19 -4.46
N GLN O 31 60.33 9.26 -3.77
CA GLN O 31 59.12 8.69 -4.36
C GLN O 31 57.95 8.60 -3.39
N TYR O 32 56.83 8.10 -3.88
CA TYR O 32 55.59 8.09 -3.12
C TYR O 32 54.93 6.73 -3.24
N LEU O 33 54.29 6.28 -2.17
CA LEU O 33 53.69 4.95 -2.18
C LEU O 33 52.26 5.02 -1.69
N LEU O 34 51.38 4.25 -2.31
CA LEU O 34 50.00 4.18 -1.85
C LEU O 34 49.50 2.79 -1.45
N LEU O 35 49.39 2.59 -0.14
CA LEU O 35 48.77 1.40 0.46
C LEU O 35 47.28 1.34 0.23
N GLU O 36 46.72 0.13 0.13
CA GLU O 36 45.30 0.02 -0.19
C GLU O 36 44.46 -0.98 0.63
N HIS O 37 44.98 -1.29 1.82
CA HIS O 37 44.14 -1.19 3.03
C HIS O 37 45.03 -0.40 3.93
N VAL O 38 44.46 0.56 4.63
CA VAL O 38 45.28 1.46 5.43
C VAL O 38 45.87 0.77 6.67
N LYS O 39 45.41 -0.42 7.06
CA LYS O 39 45.91 -1.06 8.30
C LYS O 39 47.43 -1.31 8.41
N ASP O 40 48.12 -1.37 7.28
CA ASP O 40 49.53 -1.77 7.33
C ASP O 40 50.51 -0.65 7.60
N LYS O 41 50.12 0.37 8.35
CA LYS O 41 51.10 1.39 8.68
C LYS O 41 52.14 0.70 9.55
N SER O 42 51.94 0.68 10.87
CA SER O 42 52.82 -0.02 11.80
C SER O 42 54.26 -0.32 11.35
N LYS O 43 54.42 -1.01 10.22
CA LYS O 43 55.71 -1.56 9.84
C LYS O 43 56.08 -1.49 8.35
N LEU O 44 55.27 -0.79 7.56
CA LEU O 44 55.81 -0.26 6.30
C LEU O 44 56.52 0.98 6.81
N LEU O 45 56.16 1.30 8.06
CA LEU O 45 56.73 2.36 8.89
C LEU O 45 58.12 1.97 9.41
N ASP O 46 58.44 0.75 9.01
CA ASP O 46 59.45 0.57 7.98
C ASP O 46 60.11 -0.76 7.90
N THR O 47 59.49 -1.56 7.05
CA THR O 47 60.16 -2.03 5.87
C THR O 47 61.64 -1.80 5.95
N ALA O 48 61.93 -0.49 5.99
CA ALA O 48 63.23 0.08 5.76
C ALA O 48 63.97 0.63 6.96
N GLU O 49 63.84 0.02 8.13
CA GLU O 49 64.56 0.48 9.30
C GLU O 49 66.02 -0.01 9.13
N GLN O 50 66.21 -0.91 8.16
CA GLN O 50 67.53 -1.40 7.79
C GLN O 50 67.85 -1.07 6.31
N PHE O 51 67.18 -0.07 5.74
CA PHE O 51 67.49 0.38 4.38
C PHE O 51 67.78 1.88 4.44
N HIS O 52 68.09 2.33 5.67
CA HIS O 52 68.40 3.73 6.05
C HIS O 52 67.70 4.79 5.20
N ILE O 53 66.45 5.09 5.57
CA ILE O 53 65.72 6.14 4.90
C ILE O 53 64.82 6.90 5.85
N HIS O 54 64.06 7.80 5.24
CA HIS O 54 63.10 8.67 5.88
C HIS O 54 61.71 8.37 5.33
N ALA O 55 60.82 7.90 6.18
CA ALA O 55 59.46 7.62 5.74
C ALA O 55 58.46 8.55 6.39
N ASP O 56 57.78 9.34 5.56
CA ASP O 56 56.79 10.29 6.06
C ASP O 56 55.40 9.81 5.62
N VAL O 57 54.56 9.37 6.56
CA VAL O 57 53.25 8.80 6.18
C VAL O 57 52.05 9.63 6.65
N ILE O 58 51.12 9.86 5.73
CA ILE O 58 49.78 10.38 6.05
C ILE O 58 48.87 9.19 6.33
N GLU O 59 48.73 8.84 7.61
CA GLU O 59 48.14 7.58 8.04
C GLU O 59 46.70 7.29 7.59
N GLU O 60 45.85 8.32 7.57
CA GLU O 60 44.43 8.14 7.29
C GLU O 60 44.11 7.69 5.86
N ILE O 61 44.98 8.02 4.92
CA ILE O 61 44.72 7.67 3.51
C ILE O 61 45.73 6.67 2.99
N GLY O 62 46.78 6.43 3.80
CA GLY O 62 47.77 5.43 3.49
C GLY O 62 48.68 5.81 2.35
N PHE O 63 49.11 7.07 2.35
CA PHE O 63 49.97 7.60 1.29
C PHE O 63 51.27 8.13 1.88
N ALA O 64 52.40 7.71 1.32
CA ALA O 64 53.71 7.99 1.92
C ALA O 64 54.75 8.57 0.95
N LYS O 65 55.63 9.42 1.47
CA LYS O 65 56.78 10.00 0.76
C LYS O 65 58.14 9.48 1.26
N VAL O 66 58.99 8.99 0.36
CA VAL O 66 60.27 8.39 0.75
C VAL O 66 61.46 9.25 0.29
N THR O 67 62.38 9.61 1.18
CA THR O 67 63.51 10.42 0.75
C THR O 67 64.89 9.97 1.24
N GLY O 68 65.86 10.05 0.33
CA GLY O 68 67.22 9.67 0.64
C GLY O 68 68.08 9.57 -0.59
N GLU O 69 68.93 8.56 -0.53
CA GLU O 69 69.77 8.10 -1.63
C GLU O 69 69.18 7.77 -3.02
N LYS O 70 69.92 8.12 -4.08
CA LYS O 70 69.46 8.06 -5.48
C LYS O 70 69.29 6.62 -5.97
N GLN O 71 70.32 5.90 -5.50
CA GLN O 71 70.60 4.45 -5.29
C GLN O 71 69.81 3.07 -5.50
N LYS O 72 69.56 2.43 -4.35
CA LYS O 72 68.99 1.02 -4.25
C LYS O 72 67.62 0.80 -3.54
N LEU O 73 66.47 1.11 -4.14
CA LEU O 73 65.24 0.84 -3.38
C LEU O 73 64.10 0.34 -4.22
N ALA O 74 64.40 0.33 -5.50
CA ALA O 74 63.50 0.02 -6.60
C ALA O 74 62.94 -1.39 -6.72
N PRO O 75 63.76 -2.44 -6.52
CA PRO O 75 63.01 -3.71 -6.56
C PRO O 75 62.24 -4.03 -5.28
N PHE O 76 62.64 -3.52 -4.12
CA PHE O 76 61.57 -3.35 -3.16
C PHE O 76 60.92 -2.03 -3.57
N THR O 77 60.33 -2.09 -4.75
CA THR O 77 59.31 -1.18 -5.18
C THR O 77 58.25 -1.46 -4.11
N LYS O 78 58.33 -2.68 -3.61
CA LYS O 78 58.25 -2.90 -2.17
C LYS O 78 58.18 -4.45 -2.11
N LYS O 79 58.96 -5.08 -1.23
CA LYS O 79 58.93 -6.55 -0.98
C LYS O 79 57.66 -6.78 -0.22
N LEU O 80 56.83 -5.74 -0.14
CA LEU O 80 55.39 -5.89 0.03
C LEU O 80 54.95 -7.07 -0.87
N ALA O 81 55.42 -7.10 -2.10
CA ALA O 81 54.62 -7.53 -3.17
C ALA O 81 54.01 -8.85 -2.84
N GLU O 82 54.51 -9.52 -1.79
CA GLU O 82 53.93 -10.76 -1.28
C GLU O 82 52.75 -10.57 -0.21
N LYS O 83 52.73 -9.36 0.39
CA LYS O 83 51.55 -8.47 0.84
C LYS O 83 50.02 -8.50 1.25
N VAL O 84 49.57 -7.29 0.86
CA VAL O 84 48.39 -6.46 0.88
C VAL O 84 48.10 -6.00 -0.54
N GLY O 85 48.58 -4.76 -0.78
CA GLY O 85 48.54 -4.05 -2.05
C GLY O 85 48.95 -2.56 -1.98
N ALA O 86 50.01 -2.20 -2.71
CA ALA O 86 50.49 -0.81 -2.77
C ALA O 86 51.06 -0.41 -4.15
N ASP O 87 50.81 0.83 -4.55
CA ASP O 87 51.34 1.37 -5.80
C ASP O 87 52.41 2.41 -5.56
N VAL O 88 53.36 2.48 -6.48
CA VAL O 88 54.53 3.32 -6.30
C VAL O 88 54.55 4.41 -7.37
N ILE O 89 55.10 5.54 -6.98
CA ILE O 89 55.21 6.71 -7.84
C ILE O 89 56.69 7.01 -8.08
N GLU O 90 57.04 7.22 -9.34
CA GLU O 90 58.45 7.35 -9.75
C GLU O 90 58.96 8.79 -9.97
N LYS O 91 58.24 9.58 -10.77
CA LYS O 91 58.61 10.96 -11.02
C LYS O 91 57.79 11.88 -10.13
N VAL P 4 21.82 53.38 10.74
CA VAL P 4 22.15 54.63 10.06
C VAL P 4 23.31 54.47 9.04
N ILE P 5 24.44 53.86 9.41
CA ILE P 5 25.49 53.57 8.40
C ILE P 5 24.97 52.71 7.24
N SER P 6 25.50 53.01 6.06
CA SER P 6 25.32 52.23 4.85
C SER P 6 25.94 50.85 5.04
N GLY P 7 25.98 50.06 3.99
CA GLY P 7 26.72 48.83 4.07
C GLY P 7 28.00 49.24 3.37
N SER P 8 29.13 48.94 4.00
CA SER P 8 30.41 49.27 3.40
C SER P 8 31.40 48.14 3.67
N PRO P 9 32.39 47.99 2.78
CA PRO P 9 33.31 46.85 2.89
C PRO P 9 34.08 46.78 4.19
N ALA P 10 34.35 45.56 4.63
CA ALA P 10 35.12 45.33 5.83
C ALA P 10 36.58 45.80 5.75
N TRP P 11 37.20 45.76 4.57
CA TRP P 11 38.61 46.14 4.41
C TRP P 11 38.81 47.62 4.67
N GLY P 12 39.98 47.98 5.19
CA GLY P 12 40.30 49.36 5.47
C GLY P 12 40.54 50.24 4.25
N LEU P 13 41.16 49.69 3.21
CA LEU P 13 41.39 50.42 1.97
C LEU P 13 42.27 51.66 2.16
N ASP P 14 43.04 51.69 3.25
CA ASP P 14 43.83 52.87 3.63
C ASP P 14 43.01 54.14 3.63
N GLY P 15 41.71 54.03 3.86
CA GLY P 15 40.84 55.18 3.86
C GLY P 15 40.54 55.69 2.46
N ILE P 16 41.16 55.09 1.45
CA ILE P 16 40.95 55.53 0.07
C ILE P 16 39.66 54.99 -0.50
N LEU P 17 38.64 55.83 -0.60
CA LEU P 17 37.32 55.33 -0.99
C LEU P 17 37.14 54.90 -2.45
N GLU P 18 38.00 55.34 -3.37
CA GLU P 18 37.72 55.01 -4.76
C GLU P 18 38.07 53.55 -4.99
N LEU P 19 38.74 52.94 -4.01
CA LEU P 19 39.08 51.54 -4.15
C LEU P 19 37.82 50.68 -4.08
N LYS P 20 36.73 51.24 -3.55
CA LYS P 20 35.45 50.51 -3.48
C LYS P 20 34.91 50.09 -4.84
N GLU P 21 35.33 50.79 -5.90
CA GLU P 21 34.95 50.47 -7.27
C GLU P 21 35.42 49.07 -7.65
N TYR P 22 36.56 48.68 -7.08
CA TYR P 22 37.14 47.39 -7.38
C TYR P 22 36.55 46.27 -6.53
N LEU P 23 35.66 46.66 -5.64
CA LEU P 23 35.00 45.69 -4.76
C LEU P 23 33.57 45.47 -5.17
N TRP P 24 33.26 45.84 -6.41
CA TRP P 24 31.94 45.63 -7.00
C TRP P 24 31.48 44.19 -6.83
N PHE P 25 32.41 43.24 -6.96
CA PHE P 25 32.08 41.82 -6.84
C PHE P 25 31.54 41.49 -5.44
N ALA P 26 32.11 42.11 -4.41
CA ALA P 26 31.73 41.81 -3.04
C ALA P 26 30.39 42.45 -2.73
N ALA P 27 30.20 43.66 -3.25
CA ALA P 27 28.95 44.39 -3.08
C ALA P 27 27.78 43.60 -3.63
N LYS P 28 27.98 42.95 -4.78
CA LYS P 28 26.95 42.07 -5.35
C LYS P 28 26.65 40.91 -4.44
N GLN P 29 27.71 40.27 -3.99
CA GLN P 29 27.61 39.10 -3.12
C GLN P 29 26.82 39.39 -1.85
N THR P 30 27.13 40.52 -1.23
CA THR P 30 26.63 40.84 0.10
C THR P 30 25.47 41.85 0.13
N ASP P 31 24.90 42.17 -1.02
CA ASP P 31 23.79 43.15 -1.12
C ASP P 31 24.17 44.49 -0.50
N SER P 32 25.23 45.08 -1.04
CA SER P 32 25.84 46.29 -0.47
C SER P 32 26.21 46.07 1.00
N TYR P 33 26.75 44.91 1.32
CA TYR P 33 27.28 44.61 2.65
C TYR P 33 26.19 44.55 3.74
N ARG P 34 24.94 44.43 3.31
CA ARG P 34 23.82 44.28 4.22
C ARG P 34 23.88 42.97 4.99
N THR P 35 24.53 41.98 4.40
CA THR P 35 24.63 40.68 5.05
C THR P 35 25.48 40.75 6.31
N TYR P 36 26.33 41.76 6.42
CA TYR P 36 27.14 41.90 7.62
C TYR P 36 26.28 42.05 8.89
N GLN P 37 25.08 42.59 8.75
CA GLN P 37 24.23 42.76 9.92
C GLN P 37 23.40 41.53 10.21
N ILE P 38 23.42 40.59 9.27
CA ILE P 38 22.74 39.32 9.45
C ILE P 38 23.73 38.27 9.96
N GLU P 39 24.87 38.18 9.28
CA GLU P 39 25.87 37.17 9.61
C GLU P 39 27.27 37.49 9.06
N ARG P 40 28.23 37.68 9.96
CA ARG P 40 29.62 37.93 9.57
C ARG P 40 30.45 36.64 9.67
N GLY P 41 29.81 35.55 10.09
CA GLY P 41 30.51 34.30 10.26
C GLY P 41 30.97 34.15 11.70
N HIS P 42 31.11 32.91 12.18
CA HIS P 42 31.56 32.68 13.56
C HIS P 42 33.05 32.42 13.70
N PRO P 43 33.69 33.09 14.67
CA PRO P 43 35.10 32.88 14.97
C PRO P 43 35.45 31.41 15.21
N ASP P 44 34.47 30.62 15.66
CA ASP P 44 34.73 29.22 15.93
C ASP P 44 34.36 28.35 14.71
N VAL P 45 33.94 28.99 13.64
CA VAL P 45 33.90 28.33 12.33
C VAL P 45 35.21 28.58 11.61
N LYS P 46 35.84 27.51 11.17
CA LYS P 46 37.20 27.60 10.66
C LYS P 46 37.30 27.13 9.22
N VAL P 47 37.94 27.98 8.41
CA VAL P 47 38.19 27.73 7.00
C VAL P 47 39.66 27.37 6.82
N ALA P 48 39.90 26.20 6.25
CA ALA P 48 41.27 25.76 5.98
C ALA P 48 41.78 26.39 4.67
N LEU P 49 42.89 27.10 4.77
CA LEU P 49 43.43 27.79 3.62
C LEU P 49 44.67 27.10 3.08
N ILE P 50 44.50 26.18 2.14
CA ILE P 50 45.65 25.47 1.59
C ILE P 50 46.25 26.24 0.41
N ASP P 51 47.33 26.97 0.68
CA ASP P 51 47.84 27.93 -0.28
C ASP P 51 49.32 28.31 0.00
N SER P 52 49.71 29.53 -0.35
CA SER P 52 51.13 29.89 -0.33
C SER P 52 51.52 30.53 1.00
N GLY P 53 50.71 30.26 2.01
CA GLY P 53 50.90 30.89 3.29
C GLY P 53 49.89 32.01 3.46
N LEU P 54 50.25 32.95 4.31
CA LEU P 54 49.36 34.02 4.69
C LEU P 54 50.15 35.13 5.33
N ASP P 55 49.78 36.36 4.99
CA ASP P 55 50.32 37.55 5.62
C ASP P 55 49.59 37.66 6.96
N LEU P 56 50.16 37.06 8.00
CA LEU P 56 49.45 36.85 9.26
C LEU P 56 49.02 38.16 9.90
N ASP P 57 49.78 39.22 9.64
CA ASP P 57 49.46 40.47 10.30
C ASP P 57 48.88 41.47 9.30
N HIS P 58 48.31 40.99 8.21
CA HIS P 58 47.58 41.92 7.34
C HIS P 58 46.41 42.50 8.12
N PRO P 59 46.36 43.83 8.18
CA PRO P 59 45.38 44.58 8.98
C PRO P 59 43.94 44.13 8.78
N ASP P 60 43.60 43.72 7.57
CA ASP P 60 42.23 43.31 7.27
C ASP P 60 41.99 41.88 7.70
N LEU P 61 43.06 41.10 7.79
CA LEU P 61 42.90 39.66 7.98
C LEU P 61 43.17 39.18 9.43
N LYS P 62 43.90 40.00 10.19
CA LYS P 62 44.47 39.66 11.50
C LYS P 62 43.50 39.16 12.55
N ALA P 63 42.35 39.80 12.65
CA ALA P 63 41.37 39.41 13.66
C ALA P 63 40.88 37.99 13.39
N SER P 64 40.93 37.58 12.13
CA SER P 64 40.40 36.28 11.72
C SER P 64 41.46 35.24 11.65
N VAL P 65 42.73 35.65 11.62
CA VAL P 65 43.81 34.67 11.48
C VAL P 65 43.83 33.80 12.74
N ASN P 66 43.81 32.48 12.52
CA ASN P 66 43.99 31.49 13.58
C ASN P 66 45.16 31.89 14.49
N THR P 67 44.90 32.01 15.80
CA THR P 67 45.92 32.46 16.76
C THR P 67 47.08 31.47 16.77
N ASN P 68 46.78 30.22 16.41
CA ASN P 68 47.79 29.17 16.36
C ASN P 68 48.59 29.20 15.08
N GLY P 69 48.27 30.16 14.21
CA GLY P 69 48.88 30.21 12.89
C GLY P 69 48.53 28.92 12.14
N GLY P 70 49.48 28.46 11.33
CA GLY P 70 49.31 27.22 10.59
C GLY P 70 50.67 26.62 10.25
N TRP P 71 50.65 25.47 9.57
CA TRP P 71 51.89 24.76 9.29
C TRP P 71 52.37 25.00 7.85
N ASN P 72 53.66 25.30 7.74
CA ASN P 72 54.33 25.41 6.46
C ASN P 72 54.88 24.03 6.10
N TYR P 73 54.27 23.38 5.14
CA TYR P 73 54.67 22.01 4.85
C TYR P 73 55.93 21.82 3.99
N ILE P 74 56.38 22.87 3.32
CA ILE P 74 57.51 22.69 2.42
C ILE P 74 58.84 22.57 3.18
N ASP P 75 59.04 23.48 4.12
CA ASP P 75 60.27 23.52 4.91
C ASP P 75 60.12 23.19 6.42
N GLY P 76 59.01 22.53 6.81
CA GLY P 76 58.70 22.35 8.22
C GLY P 76 58.34 23.69 8.84
N LYS P 77 58.56 23.85 10.14
CA LYS P 77 58.29 25.11 10.89
C LYS P 77 56.89 25.78 10.73
N PRO P 78 56.53 26.68 11.68
CA PRO P 78 55.30 27.48 11.55
C PRO P 78 55.30 28.48 10.38
N VAL P 79 54.10 28.79 9.87
CA VAL P 79 53.97 29.79 8.82
C VAL P 79 54.37 31.17 9.34
N SER P 80 55.21 31.86 8.58
CA SER P 80 55.71 33.17 8.97
C SER P 80 55.27 34.30 8.02
N GLY P 81 54.72 33.93 6.88
CA GLY P 81 54.28 34.91 5.92
C GLY P 81 53.82 34.29 4.62
N ASP P 82 53.82 35.12 3.59
CA ASP P 82 53.36 34.75 2.26
C ASP P 82 54.27 35.44 1.24
N PRO P 83 55.27 34.69 0.74
CA PRO P 83 56.25 35.31 -0.16
C PRO P 83 55.62 35.75 -1.48
N THR P 84 54.77 34.90 -2.06
CA THR P 84 54.20 35.16 -3.38
C THR P 84 52.90 35.96 -3.30
N GLY P 85 52.21 35.91 -2.16
CA GLY P 85 51.01 36.72 -2.00
C GLY P 85 49.70 36.05 -2.36
N HIS P 86 49.80 34.86 -2.98
CA HIS P 86 48.64 34.17 -3.53
C HIS P 86 47.68 33.75 -2.40
N GLY P 87 48.25 33.25 -1.30
CA GLY P 87 47.45 32.77 -0.19
C GLY P 87 46.73 33.91 0.50
N THR P 88 47.39 35.05 0.60
CA THR P 88 46.80 36.25 1.17
C THR P 88 45.64 36.75 0.32
N GLN P 89 45.77 36.65 -1.00
CA GLN P 89 44.68 37.00 -1.91
C GLN P 89 43.53 36.03 -1.77
N THR P 90 43.84 34.75 -1.61
CA THR P 90 42.75 33.78 -1.40
C THR P 90 41.99 34.12 -0.10
N ALA P 91 42.75 34.38 0.96
CA ALA P 91 42.19 34.69 2.27
C ALA P 91 41.21 35.88 2.23
N GLY P 92 41.57 36.94 1.50
CA GLY P 92 40.73 38.12 1.41
C GLY P 92 39.35 37.89 0.81
N MET P 93 39.21 36.91 -0.09
CA MET P 93 37.92 36.64 -0.73
C MET P 93 36.97 35.96 0.23
N ILE P 94 37.52 35.14 1.12
CA ILE P 94 36.77 34.59 2.22
C ILE P 94 36.38 35.70 3.20
N ASN P 95 37.33 36.55 3.55
CA ASN P 95 37.12 37.60 4.56
C ASN P 95 36.08 38.62 4.14
N ILE P 96 36.12 39.05 2.87
CA ILE P 96 35.24 40.14 2.47
C ILE P 96 33.78 39.70 2.54
N ILE P 97 33.54 38.40 2.36
CA ILE P 97 32.18 37.88 2.47
C ILE P 97 31.82 37.46 3.92
N ALA P 98 32.82 36.94 4.64
CA ALA P 98 32.66 36.43 6.00
C ALA P 98 33.79 36.91 6.91
N PRO P 99 33.72 38.17 7.36
CA PRO P 99 34.86 38.81 8.02
C PRO P 99 35.22 38.27 9.41
N ASP P 100 34.32 37.53 10.06
CA ASP P 100 34.61 37.08 11.42
C ASP P 100 34.93 35.58 11.53
N VAL P 101 34.81 34.86 10.42
CA VAL P 101 35.16 33.46 10.38
C VAL P 101 36.68 33.32 10.57
N THR P 102 37.15 32.23 11.15
CA THR P 102 38.61 32.09 11.35
C THR P 102 39.26 31.49 10.09
N ILE P 103 40.47 31.94 9.78
CA ILE P 103 41.18 31.44 8.64
C ILE P 103 42.52 30.82 9.06
N THR P 104 42.76 29.58 8.65
CA THR P 104 43.99 28.88 8.99
C THR P 104 44.83 28.58 7.75
N PRO P 105 46.08 29.07 7.76
CA PRO P 105 46.94 28.81 6.61
C PRO P 105 47.58 27.43 6.65
N TYR P 106 47.40 26.66 5.58
CA TYR P 106 48.22 25.50 5.37
C TYR P 106 49.15 25.76 4.17
N GLN P 107 50.36 26.24 4.46
CA GLN P 107 51.27 26.67 3.41
C GLN P 107 51.90 25.49 2.72
N VAL P 108 51.42 25.22 1.50
CA VAL P 108 51.92 24.11 0.71
C VAL P 108 52.52 24.59 -0.61
N LEU P 109 52.56 25.90 -0.79
CA LEU P 109 53.02 26.47 -2.05
C LEU P 109 54.13 27.49 -1.82
N ASP P 110 55.02 27.61 -2.81
CA ASP P 110 55.99 28.71 -2.86
C ASP P 110 56.08 29.26 -4.29
N GLU P 111 57.14 30.03 -4.54
CA GLU P 111 57.42 30.58 -5.87
C GLU P 111 57.29 29.55 -6.99
N LYS P 112 57.94 28.42 -6.81
CA LYS P 112 58.06 27.35 -7.80
C LYS P 112 56.81 26.46 -7.89
N GLY P 113 55.98 26.50 -6.85
CA GLY P 113 54.73 25.77 -6.88
C GLY P 113 54.58 24.92 -5.64
N GLY P 114 53.92 23.79 -5.78
CA GLY P 114 53.75 22.89 -4.67
C GLY P 114 53.54 21.45 -5.07
N ASP P 115 53.55 20.59 -4.07
CA ASP P 115 53.45 19.15 -4.25
C ASP P 115 52.07 18.68 -3.83
N SER P 116 51.49 17.76 -4.61
CA SER P 116 50.15 17.24 -4.35
C SER P 116 50.06 16.52 -3.01
N TYR P 117 51.17 15.90 -2.64
CA TYR P 117 51.29 15.19 -1.38
C TYR P 117 51.07 16.14 -0.21
N ASN P 118 51.76 17.29 -0.22
CA ASN P 118 51.57 18.27 0.84
C ASN P 118 50.14 18.82 0.86
N ILE P 119 49.49 18.86 -0.30
CA ILE P 119 48.11 19.26 -0.35
C ILE P 119 47.23 18.25 0.37
N MET P 120 47.48 16.98 0.10
CA MET P 120 46.72 15.90 0.74
C MET P 120 46.91 15.88 2.27
N LYS P 121 48.16 16.03 2.69
CA LYS P 121 48.50 16.02 4.11
C LYS P 121 47.86 17.19 4.83
N ALA P 122 47.87 18.34 4.18
CA ALA P 122 47.22 19.52 4.73
C ALA P 122 45.69 19.33 4.81
N MET P 123 45.09 18.61 3.86
CA MET P 123 43.65 18.34 3.90
C MET P 123 43.32 17.55 5.17
N VAL P 124 44.10 16.49 5.40
CA VAL P 124 43.93 15.64 6.55
C VAL P 124 44.21 16.37 7.85
N ASP P 125 45.30 17.12 7.90
CA ASP P 125 45.59 17.89 9.10
C ASP P 125 44.46 18.87 9.38
N ALA P 126 44.03 19.59 8.35
CA ALA P 126 42.99 20.60 8.54
C ALA P 126 41.69 19.96 9.04
N VAL P 127 41.34 18.80 8.51
CA VAL P 127 40.18 18.05 9.02
C VAL P 127 40.38 17.64 10.49
N ASN P 128 41.53 17.03 10.79
CA ASN P 128 41.80 16.60 12.17
C ASN P 128 41.86 17.77 13.16
N ASP P 129 42.15 18.96 12.65
CA ASP P 129 42.15 20.17 13.49
C ASP P 129 40.76 20.81 13.50
N GLY P 130 39.78 20.12 12.92
CA GLY P 130 38.39 20.54 13.04
C GLY P 130 37.84 21.63 12.13
N HIS P 131 38.39 21.77 10.93
CA HIS P 131 37.86 22.74 9.97
C HIS P 131 36.63 22.19 9.29
N GLU P 132 35.62 23.03 9.14
CA GLU P 132 34.39 22.69 8.47
C GLU P 132 34.41 23.02 6.97
N VAL P 133 35.31 23.91 6.57
CA VAL P 133 35.43 24.26 5.14
C VAL P 133 36.91 24.26 4.76
N ILE P 134 37.21 23.66 3.62
CA ILE P 134 38.56 23.68 3.07
C ILE P 134 38.59 24.41 1.73
N ASN P 135 39.52 25.34 1.57
CA ASN P 135 39.66 25.98 0.26
C ASN P 135 41.02 25.67 -0.34
N ILE P 136 41.00 25.14 -1.56
CA ILE P 136 42.24 24.84 -2.27
C ILE P 136 42.22 25.57 -3.61
N SER P 137 42.83 26.74 -3.66
CA SER P 137 42.84 27.56 -4.87
C SER P 137 44.07 27.30 -5.75
N THR P 138 44.28 26.03 -6.08
CA THR P 138 45.42 25.60 -6.86
C THR P 138 45.12 24.23 -7.42
N GLY P 139 45.91 23.80 -8.38
CA GLY P 139 45.74 22.50 -8.97
C GLY P 139 46.89 22.07 -9.86
N SER P 140 46.87 20.80 -10.25
CA SER P 140 47.82 20.26 -11.20
C SER P 140 47.01 19.55 -12.26
N TYR P 141 47.51 19.54 -13.48
CA TYR P 141 46.87 18.75 -14.54
C TYR P 141 47.63 17.46 -14.66
N THR P 142 47.05 16.35 -14.19
CA THR P 142 47.81 15.10 -14.11
C THR P 142 47.34 14.11 -15.17
N SER P 143 48.31 13.56 -15.90
CA SER P 143 48.04 12.53 -16.91
C SER P 143 47.63 11.24 -16.22
N LEU P 144 46.57 10.61 -16.70
CA LEU P 144 46.08 9.37 -16.08
C LEU P 144 46.75 8.11 -16.61
N ASP P 145 48.07 8.07 -16.52
CA ASP P 145 48.81 6.84 -16.70
C ASP P 145 48.73 6.00 -15.44
N ARG P 146 49.72 5.11 -15.34
CA ARG P 146 49.98 4.19 -14.23
C ARG P 146 49.83 4.89 -12.85
N GLU P 147 50.48 6.03 -12.79
CA GLU P 147 50.87 6.70 -11.57
C GLU P 147 50.05 7.95 -11.39
N GLY P 148 49.52 8.44 -12.51
CA GLY P 148 48.52 9.48 -12.50
C GLY P 148 47.30 8.89 -11.79
N LYS P 149 46.91 7.65 -12.11
CA LYS P 149 45.80 6.99 -11.40
C LYS P 149 46.12 6.71 -9.92
N VAL P 150 47.39 6.47 -9.62
CA VAL P 150 47.80 6.19 -8.25
C VAL P 150 47.65 7.47 -7.43
N LEU P 151 48.09 8.58 -8.02
CA LEU P 151 47.95 9.89 -7.43
C LEU P 151 46.49 10.32 -7.20
N MET P 152 45.63 10.11 -8.20
CA MET P 152 44.23 10.53 -8.14
C MET P 152 43.52 9.78 -7.03
N LYS P 153 43.85 8.51 -6.93
CA LYS P 153 43.31 7.63 -5.94
C LYS P 153 43.66 8.04 -4.52
N ALA P 154 44.92 8.45 -4.34
CA ALA P 154 45.39 8.97 -3.06
C ALA P 154 44.60 10.24 -2.74
N TYR P 155 44.38 11.05 -3.77
CA TYR P 155 43.64 12.28 -3.63
C TYR P 155 42.17 12.03 -3.36
N GLN P 156 41.63 10.97 -3.95
CA GLN P 156 40.22 10.70 -3.73
C GLN P 156 39.93 10.27 -2.29
N ARG P 157 40.88 9.59 -1.65
CA ARG P 157 40.70 9.12 -0.29
C ARG P 157 40.83 10.31 0.67
N ALA P 158 41.72 11.25 0.32
CA ALA P 158 41.82 12.51 1.05
C ALA P 158 40.51 13.28 1.01
N ALA P 159 39.89 13.35 -0.17
CA ALA P 159 38.59 14.00 -0.34
C ALA P 159 37.49 13.23 0.38
N ASN P 160 37.57 11.90 0.32
CA ASN P 160 36.63 11.05 1.03
C ASN P 160 36.74 11.27 2.54
N TYR P 161 37.97 11.45 3.02
CA TYR P 161 38.26 11.65 4.43
C TYR P 161 37.65 12.95 4.96
N ALA P 162 37.72 14.01 4.17
CA ALA P 162 37.08 15.27 4.54
C ALA P 162 35.57 15.10 4.61
N ALA P 163 34.99 14.47 3.60
CA ALA P 163 33.55 14.23 3.52
C ALA P 163 33.06 13.33 4.66
N LYS P 164 33.93 12.39 5.05
CA LYS P 164 33.65 11.43 6.10
C LYS P 164 33.45 12.14 7.42
N HIS P 165 34.13 13.26 7.54
CA HIS P 165 34.04 14.10 8.71
C HIS P 165 33.25 15.38 8.46
N GLN P 166 32.39 15.38 7.44
CA GLN P 166 31.49 16.52 7.15
C GLN P 166 32.21 17.84 6.85
N VAL P 167 33.36 17.77 6.19
CA VAL P 167 34.09 18.97 5.78
C VAL P 167 33.93 19.27 4.30
N LEU P 168 33.39 20.44 3.96
CA LEU P 168 33.26 20.82 2.54
C LEU P 168 34.57 21.27 1.93
N VAL P 169 34.81 20.83 0.68
CA VAL P 169 36.01 21.20 -0.05
C VAL P 169 35.69 21.93 -1.35
N PHE P 170 36.20 23.17 -1.44
CA PHE P 170 36.03 24.02 -2.60
C PHE P 170 37.34 24.23 -3.34
N SER P 171 37.29 24.13 -4.66
CA SER P 171 38.53 24.27 -5.40
C SER P 171 38.30 25.02 -6.69
N SER P 172 39.34 25.73 -7.14
CA SER P 172 39.28 26.46 -8.40
C SER P 172 39.28 25.50 -9.59
N ALA P 173 38.41 25.78 -10.56
CA ALA P 173 38.23 24.89 -11.70
C ALA P 173 39.39 24.96 -12.71
N GLY P 174 40.18 26.04 -12.65
CA GLY P 174 41.33 26.25 -13.52
C GLY P 174 41.08 27.32 -14.57
N ASN P 175 42.19 27.88 -15.07
CA ASN P 175 42.19 29.04 -15.98
C ASN P 175 42.65 28.77 -17.43
N LYS P 176 42.54 27.55 -17.94
CA LYS P 176 43.03 27.25 -19.29
C LYS P 176 41.98 27.45 -20.40
N GLY P 177 40.76 27.83 -20.03
CA GLY P 177 39.69 28.08 -20.98
C GLY P 177 39.29 26.84 -21.79
N VAL P 178 39.53 25.66 -21.23
CA VAL P 178 39.22 24.42 -21.95
C VAL P 178 38.03 23.67 -21.37
N ASN P 179 37.49 22.75 -22.15
CA ASN P 179 36.50 21.83 -21.63
C ASN P 179 37.21 20.64 -21.00
N LEU P 180 36.98 20.46 -19.70
CA LEU P 180 37.68 19.44 -18.93
C LEU P 180 37.25 18.00 -19.27
N ASP P 181 36.02 17.85 -19.79
CA ASP P 181 35.56 16.53 -20.19
C ASP P 181 36.31 16.11 -21.45
N GLU P 182 36.40 17.03 -22.40
CA GLU P 182 37.16 16.78 -23.63
C GLU P 182 38.64 16.60 -23.30
N MET P 183 39.12 17.27 -22.25
CA MET P 183 40.52 17.12 -21.85
C MET P 183 40.82 15.71 -21.38
N ARG P 184 39.86 15.09 -20.71
CA ARG P 184 40.14 13.74 -20.22
C ARG P 184 40.00 12.68 -21.30
N LYS P 185 39.03 12.85 -22.20
CA LYS P 185 38.81 11.85 -23.23
C LYS P 185 39.88 11.96 -24.32
N THR P 186 40.26 13.18 -24.66
CA THR P 186 41.27 13.38 -25.69
C THR P 186 42.70 13.24 -25.13
N GLU P 187 42.99 13.96 -24.05
CA GLU P 187 44.38 14.11 -23.57
C GLU P 187 44.72 13.27 -22.37
N ASN P 188 43.74 12.53 -21.87
CA ASN P 188 43.91 11.72 -20.67
C ASN P 188 44.46 12.50 -19.47
N LYS P 189 44.13 13.78 -19.39
CA LYS P 189 44.53 14.53 -18.21
C LYS P 189 43.34 15.04 -17.43
N VAL P 190 43.57 15.26 -16.14
CA VAL P 190 42.49 15.69 -15.27
C VAL P 190 43.06 16.75 -14.31
N HIS P 191 42.24 17.72 -13.95
CA HIS P 191 42.67 18.79 -13.05
C HIS P 191 42.26 18.46 -11.61
N LEU P 192 43.28 18.33 -10.76
CA LEU P 192 43.16 17.87 -9.38
C LEU P 192 43.59 18.96 -8.40
N PRO P 193 42.85 19.12 -7.29
CA PRO P 193 41.79 18.21 -6.82
C PRO P 193 40.37 18.50 -7.31
N SER P 194 40.19 19.43 -8.23
CA SER P 194 38.85 19.88 -8.59
C SER P 194 37.97 18.78 -9.15
N ALA P 195 38.60 17.78 -9.78
CA ALA P 195 37.87 16.68 -10.44
C ALA P 195 37.35 15.59 -9.49
N LEU P 196 37.91 15.55 -8.28
CA LEU P 196 37.59 14.52 -7.32
C LEU P 196 36.14 14.63 -6.83
N LYS P 197 35.55 13.49 -6.47
CA LYS P 197 34.26 13.53 -5.79
C LYS P 197 34.47 14.02 -4.33
N HIS P 198 33.45 14.76 -3.90
CA HIS P 198 33.28 15.56 -2.66
C HIS P 198 34.17 16.82 -2.68
N VAL P 199 34.76 17.13 -3.83
CA VAL P 199 35.40 18.43 -3.98
C VAL P 199 34.58 19.31 -4.92
N VAL P 200 34.24 20.51 -4.46
CA VAL P 200 33.41 21.42 -5.25
C VAL P 200 34.28 22.29 -6.19
N SER P 201 34.12 22.03 -7.48
CA SER P 201 34.88 22.72 -8.50
C SER P 201 34.19 24.04 -8.89
N VAL P 202 34.93 25.15 -8.78
CA VAL P 202 34.35 26.48 -8.95
C VAL P 202 34.98 27.28 -10.11
N GLY P 203 34.13 27.78 -11.00
CA GLY P 203 34.54 28.59 -12.12
C GLY P 203 34.35 30.08 -11.87
N SER P 204 34.68 30.90 -12.87
CA SER P 204 34.66 32.36 -12.76
C SER P 204 33.78 33.04 -13.80
N ASN P 205 32.84 33.87 -13.35
CA ASN P 205 32.00 34.62 -14.27
C ASN P 205 32.36 36.09 -14.32
N MET P 206 31.75 36.82 -15.26
CA MET P 206 32.04 38.23 -15.43
C MET P 206 31.04 39.07 -14.65
N LYS P 207 31.25 40.38 -14.63
CA LYS P 207 30.37 41.33 -14.00
C LYS P 207 28.98 41.28 -14.64
N SER P 208 28.98 41.04 -15.95
CA SER P 208 27.77 40.98 -16.80
C SER P 208 26.98 39.69 -16.73
N ASN P 209 27.48 38.74 -15.94
CA ASN P 209 26.91 37.41 -15.72
C ASN P 209 27.35 36.38 -16.76
N ASN P 210 28.03 36.83 -17.81
CA ASN P 210 28.68 35.90 -18.71
C ASN P 210 29.86 35.19 -18.07
N ILE P 211 30.18 34.01 -18.56
CA ILE P 211 31.35 33.29 -18.05
C ILE P 211 32.66 34.01 -18.48
N SER P 212 33.67 33.96 -17.62
CA SER P 212 35.00 34.39 -18.02
C SER P 212 35.58 33.40 -19.02
N PRO P 213 36.15 33.90 -20.13
CA PRO P 213 36.77 33.05 -21.17
C PRO P 213 37.88 32.13 -20.65
N TYR P 214 38.63 32.54 -19.63
CA TYR P 214 39.71 31.68 -19.14
C TYR P 214 39.17 30.53 -18.25
N SER P 215 37.92 30.64 -17.80
CA SER P 215 37.37 29.67 -16.83
C SER P 215 37.17 28.29 -17.49
N ASN P 216 37.82 27.28 -16.92
CA ASN P 216 37.65 25.91 -17.39
C ASN P 216 36.20 25.48 -17.26
N GLN P 217 35.76 24.63 -18.19
CA GLN P 217 34.40 24.14 -18.23
C GLN P 217 34.36 22.62 -18.21
N GLY P 218 33.19 22.07 -17.89
CA GLY P 218 33.00 20.63 -17.83
C GLY P 218 31.92 20.29 -16.82
N ARG P 219 31.54 19.01 -16.76
CA ARG P 219 30.49 18.60 -15.82
C ARG P 219 30.88 18.82 -14.36
N GLU P 220 32.18 18.93 -14.06
CA GLU P 220 32.63 19.08 -12.69
C GLU P 220 32.30 20.46 -12.10
N ILE P 221 32.05 21.44 -12.96
CA ILE P 221 31.73 22.78 -12.47
C ILE P 221 30.44 22.76 -11.67
N GLU P 222 30.48 23.21 -10.42
CA GLU P 222 29.27 23.21 -9.61
C GLU P 222 28.73 24.61 -9.37
N PHE P 223 29.64 25.55 -9.19
CA PHE P 223 29.26 26.94 -8.98
C PHE P 223 30.23 27.87 -9.68
N THR P 224 29.82 29.12 -9.79
CA THR P 224 30.69 30.15 -10.30
C THR P 224 30.63 31.41 -9.42
N ALA P 225 31.65 32.25 -9.52
CA ALA P 225 31.68 33.53 -8.81
C ALA P 225 32.46 34.57 -9.61
N PRO P 226 32.16 35.87 -9.40
CA PRO P 226 32.87 36.89 -10.18
C PRO P 226 34.34 36.93 -9.81
N GLY P 227 35.17 36.37 -10.68
CA GLY P 227 36.59 36.25 -10.45
C GLY P 227 37.41 37.26 -11.21
N GLY P 228 36.71 38.18 -11.87
CA GLY P 228 37.30 39.27 -12.63
C GLY P 228 37.84 38.88 -13.99
N TYR P 229 37.80 39.85 -14.89
CA TYR P 229 38.25 39.70 -16.27
C TYR P 229 38.56 41.07 -16.85
N LEU P 230 39.81 41.29 -17.27
CA LEU P 230 40.28 42.62 -17.72
C LEU P 230 39.74 43.00 -19.10
N GLY P 231 39.58 42.00 -19.94
CA GLY P 231 38.86 42.22 -21.18
C GLY P 231 37.49 42.15 -20.58
N GLU P 232 36.45 42.62 -21.26
CA GLU P 232 35.05 42.55 -20.82
C GLU P 232 34.53 43.77 -21.48
N THR P 233 35.02 44.92 -21.03
CA THR P 233 34.65 46.16 -21.69
C THR P 233 35.50 46.29 -22.96
N TYR P 234 36.80 45.99 -22.86
CA TYR P 234 37.72 46.06 -24.02
C TYR P 234 37.17 45.23 -25.18
N ASP P 235 36.61 44.07 -24.86
CA ASP P 235 36.00 43.19 -25.86
C ASP P 235 34.84 43.90 -26.62
N GLN P 236 34.12 44.80 -25.96
CA GLN P 236 33.01 45.50 -26.63
C GLN P 236 33.37 46.87 -27.19
N ASP P 237 34.42 47.47 -26.62
CA ASP P 237 34.80 48.87 -26.85
C ASP P 237 36.17 49.16 -27.47
N GLY P 238 37.15 48.30 -27.24
CA GLY P 238 38.53 48.73 -27.37
C GLY P 238 38.99 49.43 -26.09
N MET P 239 38.03 49.94 -25.32
CA MET P 239 38.29 50.69 -24.10
C MET P 239 38.45 49.72 -22.93
N VAL P 240 39.53 49.84 -22.15
CA VAL P 240 39.77 48.96 -21.02
C VAL P 240 39.36 49.63 -19.72
N ARG P 241 38.56 48.92 -18.95
CA ARG P 241 38.14 49.35 -17.62
C ARG P 241 38.78 48.45 -16.58
N VAL P 242 39.67 49.00 -15.76
CA VAL P 242 40.37 48.16 -14.79
C VAL P 242 39.43 47.79 -13.63
N THR P 243 38.30 48.48 -13.53
CA THR P 243 37.29 48.13 -12.54
C THR P 243 36.57 46.83 -12.92
N ASP P 244 36.97 46.20 -14.02
CA ASP P 244 36.44 44.89 -14.42
C ASP P 244 37.24 43.75 -13.77
N LEU P 245 38.36 44.10 -13.15
CA LEU P 245 39.13 43.20 -12.30
C LEU P 245 38.56 43.26 -10.88
N VAL P 246 39.08 42.43 -9.97
CA VAL P 246 38.62 42.45 -8.59
C VAL P 246 39.77 42.80 -7.63
N LEU P 247 39.46 43.58 -6.61
CA LEU P 247 40.48 43.88 -5.61
C LEU P 247 40.77 42.64 -4.72
N THR P 248 42.02 42.49 -4.30
CA THR P 248 42.43 41.46 -3.37
C THR P 248 43.27 42.05 -2.23
N THR P 249 43.28 41.37 -1.10
CA THR P 249 44.24 41.65 -0.04
C THR P 249 45.55 41.05 -0.48
N TYR P 250 46.62 41.81 -0.30
CA TYR P 250 47.96 41.46 -0.75
C TYR P 250 48.90 41.79 0.42
N PRO P 251 49.98 41.00 0.65
CA PRO P 251 50.84 41.22 1.83
C PRO P 251 51.30 42.68 1.97
N LYS P 252 50.99 43.33 3.09
CA LYS P 252 51.12 44.78 3.20
C LYS P 252 52.55 45.31 3.09
N GLY P 253 53.54 44.50 3.45
CA GLY P 253 54.92 44.94 3.39
C GLY P 253 55.61 44.55 2.09
N LYS P 254 54.78 44.13 1.13
CA LYS P 254 55.25 43.67 -0.17
C LYS P 254 54.84 44.61 -1.30
N ASP P 255 55.71 44.74 -2.30
CA ASP P 255 55.35 45.50 -3.49
C ASP P 255 54.28 44.75 -4.26
N ASN P 256 53.22 45.44 -4.62
CA ASN P 256 52.19 44.87 -5.46
C ASN P 256 52.61 45.07 -6.93
N THR P 257 51.74 44.78 -7.87
CA THR P 257 52.14 44.63 -9.26
C THR P 257 52.38 45.96 -9.96
N ALA P 258 53.11 45.90 -11.08
CA ALA P 258 53.35 47.09 -11.86
C ALA P 258 52.02 47.71 -12.28
N LEU P 259 51.02 46.87 -12.55
CA LEU P 259 49.69 47.38 -12.89
C LEU P 259 49.04 48.08 -11.70
N ASP P 260 49.20 47.52 -10.50
CA ASP P 260 48.65 48.15 -9.29
C ASP P 260 49.29 49.52 -9.09
N GLN P 261 50.61 49.55 -9.25
CA GLN P 261 51.36 50.78 -9.09
C GLN P 261 50.88 51.82 -10.11
N MET P 262 50.66 51.44 -11.36
CA MET P 262 50.10 52.42 -12.31
C MET P 262 48.74 52.97 -11.88
N LEU P 263 47.99 52.20 -11.11
CA LEU P 263 46.66 52.61 -10.68
C LEU P 263 46.68 53.21 -9.32
N ASN P 264 47.87 53.39 -8.75
CA ASN P 264 47.99 53.91 -7.41
C ASN P 264 47.22 53.09 -6.38
N ILE P 265 47.22 51.78 -6.58
CA ILE P 265 46.74 50.82 -5.59
C ILE P 265 47.81 50.69 -4.51
N PRO P 266 47.50 51.06 -3.24
CA PRO P 266 48.50 51.03 -2.16
C PRO P 266 48.90 49.63 -1.73
N LYS P 267 50.02 49.49 -1.02
CA LYS P 267 50.41 48.19 -0.50
C LYS P 267 49.34 47.66 0.43
N GLY P 268 49.18 46.34 0.43
CA GLY P 268 48.12 45.69 1.17
C GLY P 268 47.02 45.20 0.25
N TYR P 269 47.01 45.72 -0.98
CA TYR P 269 46.00 45.35 -1.99
C TYR P 269 46.63 45.17 -3.38
N SER P 270 45.96 44.38 -4.21
CA SER P 270 46.39 44.14 -5.56
C SER P 270 45.17 43.88 -6.42
N LEU P 271 45.20 44.32 -7.66
CA LEU P 271 44.14 44.06 -8.62
C LEU P 271 44.43 42.72 -9.30
N SER P 272 43.45 41.83 -9.39
CA SER P 272 43.76 40.52 -9.98
C SER P 272 42.53 39.84 -10.53
N TYR P 273 42.69 38.57 -10.88
CA TYR P 273 41.62 37.75 -11.45
C TYR P 273 42.02 36.30 -11.34
N GLY P 274 41.07 35.39 -11.55
CA GLY P 274 41.34 33.95 -11.63
C GLY P 274 40.30 33.13 -10.88
N THR P 275 40.12 31.88 -11.30
CA THR P 275 39.13 31.02 -10.64
C THR P 275 39.57 30.77 -9.22
N SER P 276 40.86 30.92 -8.98
CA SER P 276 41.42 30.79 -7.64
C SER P 276 40.89 31.90 -6.72
N LEU P 277 40.25 32.91 -7.30
CA LEU P 277 39.61 33.98 -6.55
C LEU P 277 38.11 33.78 -6.51
N ALA P 278 37.61 32.88 -7.34
CA ALA P 278 36.20 32.60 -7.33
C ALA P 278 35.90 31.56 -6.25
N ALA P 279 36.71 30.51 -6.23
CA ALA P 279 36.50 29.44 -5.28
C ALA P 279 36.40 29.93 -3.83
N PRO P 280 37.32 30.83 -3.38
CA PRO P 280 37.21 31.23 -1.97
C PRO P 280 35.96 32.07 -1.65
N GLN P 281 35.34 32.69 -2.65
CA GLN P 281 34.09 33.41 -2.42
C GLN P 281 33.01 32.43 -2.05
N VAL P 282 33.00 31.31 -2.76
CA VAL P 282 32.04 30.26 -2.47
C VAL P 282 32.36 29.61 -1.12
N ALA P 283 33.63 29.35 -0.86
CA ALA P 283 34.05 28.83 0.44
C ALA P 283 33.62 29.82 1.56
N GLY P 284 33.79 31.11 1.30
CA GLY P 284 33.36 32.12 2.23
C GLY P 284 31.86 32.08 2.45
N THR P 285 31.08 31.91 1.38
CA THR P 285 29.63 31.90 1.53
C THR P 285 29.14 30.72 2.36
N ALA P 286 29.77 29.57 2.12
CA ALA P 286 29.46 28.35 2.85
C ALA P 286 29.67 28.58 4.33
N ALA P 287 30.75 29.29 4.67
CA ALA P 287 31.05 29.65 6.05
C ALA P 287 29.93 30.53 6.64
N LEU P 288 29.34 31.37 5.80
CA LEU P 288 28.21 32.18 6.25
C LEU P 288 26.99 31.32 6.54
N VAL P 289 26.73 30.36 5.66
CA VAL P 289 25.57 29.48 5.84
C VAL P 289 25.73 28.62 7.10
N ILE P 290 26.93 28.07 7.26
CA ILE P 290 27.28 27.27 8.43
C ILE P 290 27.17 28.08 9.72
N SER P 291 27.70 29.30 9.71
CA SER P 291 27.65 30.19 10.85
C SER P 291 26.22 30.53 11.21
N GLU P 292 25.43 30.84 10.19
CA GLU P 292 24.03 31.15 10.39
C GLU P 292 23.26 29.94 10.97
N TYR P 293 23.50 28.78 10.37
CA TYR P 293 22.77 27.57 10.72
C TYR P 293 23.03 27.23 12.17
N ARG P 294 24.26 27.46 12.61
CA ARG P 294 24.58 27.23 14.00
C ARG P 294 23.97 28.27 14.95
N GLU P 295 23.81 29.53 14.52
CA GLU P 295 23.17 30.53 15.39
C GLU P 295 21.73 30.23 15.59
N ARG P 296 21.11 29.69 14.56
CA ARG P 296 19.68 29.55 14.56
C ARG P 296 19.24 28.22 15.19
N HIS P 297 20.05 27.16 15.04
CA HIS P 297 19.67 25.85 15.57
C HIS P 297 20.59 25.28 16.64
N HIS P 298 21.75 25.91 16.85
CA HIS P 298 22.72 25.38 17.81
C HIS P 298 23.07 23.91 17.55
N ARG P 299 23.09 23.55 16.26
CA ARG P 299 23.64 22.28 15.80
C ARG P 299 24.46 22.58 14.56
N LYS P 300 25.44 21.73 14.25
CA LYS P 300 26.22 21.90 13.04
C LYS P 300 25.42 21.30 11.90
N PRO P 301 25.37 21.97 10.73
CA PRO P 301 24.63 21.51 9.56
C PRO P 301 25.38 20.37 8.87
N SER P 302 24.69 19.55 8.08
CA SER P 302 25.40 18.54 7.32
C SER P 302 26.13 19.19 6.14
N ALA P 303 27.19 18.56 5.65
CA ALA P 303 27.86 19.05 4.45
C ALA P 303 26.84 19.10 3.30
N LYS P 304 25.93 18.14 3.26
CA LYS P 304 24.94 18.13 2.20
C LYS P 304 23.92 19.23 2.41
N GLN P 305 23.64 19.51 3.68
CA GLN P 305 22.72 20.58 4.01
C GLN P 305 23.23 21.96 3.54
N VAL P 306 24.52 22.23 3.78
CA VAL P 306 25.12 23.48 3.37
C VAL P 306 25.13 23.58 1.85
N HIS P 307 25.52 22.47 1.23
CA HIS P 307 25.63 22.37 -0.21
C HIS P 307 24.28 22.68 -0.87
N HIS P 308 23.23 22.20 -0.21
CA HIS P 308 21.86 22.38 -0.67
C HIS P 308 21.48 23.86 -0.74
N ILE P 309 21.84 24.58 0.32
CA ILE P 309 21.57 26.02 0.45
C ILE P 309 22.30 26.88 -0.59
N LEU P 310 23.57 26.56 -0.82
CA LEU P 310 24.36 27.23 -1.85
C LEU P 310 23.70 27.04 -3.20
N ARG P 311 23.27 25.80 -3.44
CA ARG P 311 22.65 25.41 -4.72
C ARG P 311 21.32 26.12 -4.98
N LYS P 312 20.46 26.17 -3.97
CA LYS P 312 19.14 26.72 -4.17
C LYS P 312 19.17 28.25 -4.27
N SER P 313 20.22 28.84 -3.69
CA SER P 313 20.39 30.29 -3.73
C SER P 313 21.25 30.79 -4.91
N ALA P 314 21.90 29.87 -5.62
CA ALA P 314 22.76 30.28 -6.73
C ALA P 314 21.93 30.88 -7.88
N LEU P 315 22.46 31.91 -8.53
CA LEU P 315 21.84 32.43 -9.74
C LEU P 315 22.12 31.54 -10.95
N ASP P 316 21.09 30.88 -11.48
CA ASP P 316 21.25 29.95 -12.62
C ASP P 316 21.41 30.68 -13.96
N LEU P 317 22.66 30.71 -14.43
CA LEU P 317 23.01 31.35 -15.70
C LEU P 317 23.18 30.30 -16.82
N GLY P 318 23.35 30.82 -18.02
CA GLY P 318 23.40 30.02 -19.23
C GLY P 318 22.05 29.37 -19.40
N LYS P 319 22.01 28.20 -20.01
CA LYS P 319 20.73 27.51 -20.17
C LYS P 319 20.30 26.78 -18.91
N PRO P 320 18.97 26.80 -18.63
CA PRO P 320 18.30 26.40 -17.39
C PRO P 320 18.66 25.04 -16.81
N GLY P 321 19.34 25.13 -15.66
CA GLY P 321 19.75 23.98 -14.90
C GLY P 321 21.25 23.97 -14.70
N LYS P 322 21.74 22.79 -14.36
CA LYS P 322 23.15 22.57 -14.19
C LYS P 322 23.83 22.34 -15.54
N ASP P 323 24.54 23.35 -16.02
CA ASP P 323 25.26 23.28 -17.30
C ASP P 323 26.76 23.14 -17.03
N VAL P 324 27.51 22.72 -18.04
CA VAL P 324 28.95 22.50 -17.92
C VAL P 324 29.71 23.82 -17.82
N ILE P 325 29.01 24.92 -18.03
CA ILE P 325 29.65 26.24 -17.94
C ILE P 325 29.54 26.86 -16.54
N TYR P 326 28.33 26.90 -15.99
CA TYR P 326 28.11 27.61 -14.72
C TYR P 326 27.86 26.67 -13.55
N GLY P 327 27.72 25.37 -13.83
CA GLY P 327 27.28 24.43 -12.81
C GLY P 327 25.89 24.81 -12.34
N TYR P 328 25.66 24.79 -11.04
CA TYR P 328 24.34 25.18 -10.54
C TYR P 328 24.11 26.68 -10.71
N GLY P 329 25.18 27.43 -10.98
CA GLY P 329 25.08 28.86 -11.23
C GLY P 329 25.98 29.74 -10.38
N GLU P 330 25.69 31.03 -10.38
CA GLU P 330 26.49 32.00 -9.63
C GLU P 330 26.00 32.08 -8.19
N VAL P 331 26.89 31.77 -7.27
CA VAL P 331 26.63 31.81 -5.84
C VAL P 331 26.30 33.25 -5.40
N ARG P 332 25.29 33.40 -4.54
CA ARG P 332 24.91 34.72 -4.00
C ARG P 332 24.75 34.64 -2.48
N ALA P 333 25.69 35.22 -1.74
CA ALA P 333 25.67 35.10 -0.29
C ALA P 333 24.39 35.70 0.30
N TYR P 334 23.95 36.84 -0.21
CA TYR P 334 22.76 37.48 0.32
C TYR P 334 21.51 36.64 0.10
N GLN P 335 21.43 35.93 -1.02
CA GLN P 335 20.29 35.04 -1.22
C GLN P 335 20.38 33.82 -0.31
N ALA P 336 21.59 33.33 -0.08
CA ALA P 336 21.81 32.19 0.83
C ALA P 336 21.25 32.49 2.23
N LEU P 337 21.54 33.68 2.74
CA LEU P 337 21.04 34.05 4.05
C LEU P 337 19.54 34.25 4.01
N LYS P 338 19.04 34.78 2.89
CA LYS P 338 17.60 35.05 2.81
C LYS P 338 16.75 33.79 2.73
N MET P 339 17.29 32.70 2.20
CA MET P 339 16.52 31.46 2.12
C MET P 339 16.62 30.65 3.43
N MET P 340 17.39 31.17 4.39
CA MET P 340 17.50 30.53 5.70
C MET P 340 16.60 31.24 6.73
#